data_7PA6
#
_entry.id   7PA6
#
_cell.length_a   96.090
_cell.length_b   96.110
_cell.length_c   190.410
_cell.angle_alpha   100.913
_cell.angle_beta   93.012
_cell.angle_gamma   113.835
#
_symmetry.space_group_name_H-M   'P 1'
#
loop_
_entity.id
_entity.type
_entity.pdbx_description
1 polymer 'scFv 27C11 antibody heavy chain'
2 polymer 'Major capsid protein VP1'
3 water water
#
loop_
_entity_poly.entity_id
_entity_poly.type
_entity_poly.pdbx_seq_one_letter_code
_entity_poly.pdbx_strand_id
1 'polypeptide(L)'
;MDIQMTQSPSSLSASVGDRVTITCRASQGISSYLNWYQQKPGKAPKLLISATSDLQSGVPSRFSGSGSGTDFTLTISSLQ
PEDFATYYCQQSYSTPYTFGQGTKLEIKGGGGSGGGGSGGGGSQVQLQESGPGLVKPSGTLSLTCAVSGDSISSSNWWSW
VRQPPGKGLEWIGEIYHSGGTKYNPSLKSRVTISVDKSKNHFSLKLRSVTAADTAVYYCARNRWFDNNRGGYYYYGMDVW
GQGTTVTVSSLVP
;
KKK,LLL,MMM,NNN,OOO,PPP,QQQ,RRR,SSS,TTT
2 'polypeptide(L)'
;GSHMGGVEVLEVKTGVDSITEVECFLTPEMGDPDEHLRGFSKSISISDTFESDSPNRDMLPCYSVARIPLPNLNEDLTCG
NILMWEAVTLKTEVIGVTSLMNVHSNGQATHDNGAGKPVQGTSFHFFSVGGEALELQGVLFNYRTKYPDGTIFPKNATVQ
SQVMNTEHKAYLDKNKAYPVECWVPDPTRNENTRYFGTLTGGENVPPVLHITNTATTVLLDEFGVGPLCKGDNLYLSAVD
VCGMFTNRSGSQQWRGLSRYFKVQLRKRRVKN
;
AAA,BBB,CCC,DDD,EEE,FFF,GGG,HHH,III,JJJ
#
# COMPACT_ATOMS: atom_id res chain seq x y z
N MET A 1 -1.14 35.98 -0.55
CA MET A 1 -0.82 34.62 -0.08
C MET A 1 -2.08 34.05 0.58
N ASP A 2 -2.44 32.84 0.20
CA ASP A 2 -3.54 32.09 0.86
C ASP A 2 -2.97 31.26 2.03
N ILE A 3 -3.40 31.67 3.23
CA ILE A 3 -2.89 31.09 4.50
C ILE A 3 -4.08 30.59 5.29
N GLN A 4 -4.16 29.29 5.48
CA GLN A 4 -5.27 28.68 6.26
C GLN A 4 -4.81 28.53 7.72
N MET A 5 -5.64 29.01 8.62
CA MET A 5 -5.39 28.91 10.08
C MET A 5 -6.29 27.81 10.66
N THR A 6 -5.70 26.88 11.40
CA THR A 6 -6.45 25.78 12.04
C THR A 6 -6.24 25.81 13.55
N GLN A 7 -7.34 25.76 14.28
CA GLN A 7 -7.37 25.99 15.73
C GLN A 7 -7.70 24.68 16.45
N SER A 8 -7.15 24.49 17.64
CA SER A 8 -7.33 23.22 18.36
C SER A 8 -7.32 23.45 19.86
N PRO A 9 -8.27 22.87 20.62
CA PRO A 9 -9.37 22.03 20.12
C PRO A 9 -10.51 22.90 19.56
N SER A 10 -11.48 22.28 18.90
CA SER A 10 -12.65 23.03 18.38
C SER A 10 -13.55 23.45 19.54
N SER A 11 -13.57 22.66 20.60
CA SER A 11 -14.40 22.99 21.78
C SER A 11 -13.67 22.49 23.02
N LEU A 12 -13.98 23.14 24.13
CA LEU A 12 -13.25 22.89 25.38
C LEU A 12 -14.15 23.15 26.55
N SER A 13 -14.21 22.18 27.45
CA SER A 13 -14.96 22.31 28.73
C SER A 13 -13.93 22.35 29.86
N ALA A 14 -14.03 23.36 30.70
CA ALA A 14 -13.07 23.52 31.80
C ALA A 14 -13.81 24.13 33.00
N SER A 15 -13.11 24.15 34.13
CA SER A 15 -13.70 24.63 35.40
C SER A 15 -12.97 25.89 35.83
N VAL A 16 -13.68 26.74 36.56
CA VAL A 16 -13.09 28.00 37.09
C VAL A 16 -11.79 27.67 37.81
N GLY A 17 -10.74 28.44 37.48
CA GLY A 17 -9.42 28.23 38.07
C GLY A 17 -8.51 27.36 37.24
N ASP A 18 -9.01 26.73 36.18
CA ASP A 18 -8.15 25.87 35.34
C ASP A 18 -7.19 26.70 34.50
N ARG A 19 -6.06 26.10 34.18
CA ARG A 19 -5.16 26.61 33.13
C ARG A 19 -5.65 26.10 31.79
N VAL A 20 -5.79 27.02 30.84
CA VAL A 20 -6.39 26.74 29.53
C VAL A 20 -5.40 27.17 28.45
N THR A 21 -5.14 26.29 27.50
CA THR A 21 -4.27 26.62 26.36
C THR A 21 -4.96 26.20 25.06
N ILE A 22 -5.14 27.16 24.17
CA ILE A 22 -5.69 26.93 22.81
C ILE A 22 -4.54 27.10 21.82
N THR A 23 -4.50 26.24 20.82
CA THR A 23 -3.41 26.29 19.83
C THR A 23 -3.99 26.64 18.45
N CYS A 24 -3.10 27.14 17.61
CA CYS A 24 -3.48 27.33 16.20
C CYS A 24 -2.23 27.09 15.35
N ARG A 25 -2.46 26.62 14.14
CA ARG A 25 -1.38 26.32 13.20
C ARG A 25 -1.70 27.04 11.89
N ALA A 26 -0.68 27.69 11.34
CA ALA A 26 -0.78 28.34 10.02
C ALA A 26 -0.26 27.40 8.93
N SER A 27 -0.86 27.47 7.76
CA SER A 27 -0.50 26.58 6.62
C SER A 27 0.88 26.94 6.06
N GLN A 28 1.41 28.11 6.41
CA GLN A 28 2.79 28.49 6.06
C GLN A 28 3.25 29.49 7.11
N GLY A 29 4.55 29.76 7.15
CA GLY A 29 5.10 30.62 8.21
C GLY A 29 4.51 32.02 8.12
N ILE A 30 4.17 32.58 9.28
CA ILE A 30 3.61 33.94 9.33
C ILE A 30 4.40 34.75 10.35
N SER A 31 5.59 34.27 10.71
CA SER A 31 6.49 34.99 11.63
C SER A 31 5.71 35.28 12.91
N SER A 32 5.62 36.53 13.35
CA SER A 32 4.91 36.88 14.58
C SER A 32 3.57 37.58 14.28
N TYR A 33 3.07 37.47 13.06
CA TYR A 33 1.92 38.27 12.61
C TYR A 33 0.63 37.51 12.88
N LEU A 34 0.28 37.45 14.16
CA LEU A 34 -0.81 36.58 14.65
C LEU A 34 -1.54 37.31 15.76
N ASN A 35 -2.86 37.41 15.63
CA ASN A 35 -3.72 38.07 16.61
C ASN A 35 -4.70 37.06 17.21
N TRP A 36 -5.21 37.37 18.40
CA TRP A 36 -6.24 36.57 19.07
C TRP A 36 -7.44 37.45 19.41
N TYR A 37 -8.64 36.92 19.21
CA TYR A 37 -9.90 37.65 19.49
C TYR A 37 -10.79 36.80 20.41
N GLN A 38 -11.59 37.50 21.20
CA GLN A 38 -12.60 36.86 22.06
C GLN A 38 -13.97 37.31 21.58
N GLN A 39 -14.88 36.35 21.40
CA GLN A 39 -16.26 36.68 21.01
C GLN A 39 -17.21 36.04 22.01
N LYS A 40 -17.80 36.89 22.81
CA LYS A 40 -18.87 36.43 23.74
C LYS A 40 -20.15 36.25 22.95
N PRO A 41 -21.04 35.34 23.39
CA PRO A 41 -22.25 35.07 22.63
C PRO A 41 -23.06 36.34 22.32
N GLY A 42 -23.40 36.49 21.05
CA GLY A 42 -24.18 37.63 20.54
C GLY A 42 -23.46 38.96 20.51
N LYS A 43 -22.14 38.98 20.76
CA LYS A 43 -21.37 40.25 20.73
C LYS A 43 -20.37 40.19 19.58
N ALA A 44 -19.82 41.35 19.25
CA ALA A 44 -18.73 41.46 18.27
C ALA A 44 -17.46 40.86 18.87
N PRO A 45 -16.54 40.34 18.02
CA PRO A 45 -15.24 39.92 18.52
C PRO A 45 -14.52 41.10 19.17
N LYS A 46 -13.62 40.77 20.09
CA LYS A 46 -12.82 41.76 20.81
C LYS A 46 -11.35 41.34 20.70
N LEU A 47 -10.51 42.28 20.33
CA LEU A 47 -9.06 41.96 20.19
C LEU A 47 -8.47 41.79 21.59
N LEU A 48 -7.87 40.64 21.84
CA LEU A 48 -7.12 40.38 23.10
C LEU A 48 -5.63 40.66 22.91
N ILE A 49 -5.05 40.12 21.85
CA ILE A 49 -3.58 40.08 21.71
C ILE A 49 -3.22 40.40 20.27
N SER A 50 -2.23 41.27 20.09
CA SER A 50 -1.64 41.57 18.77
C SER A 50 -0.21 41.08 18.72
N ALA A 51 0.24 40.71 17.52
CA ALA A 51 1.65 40.42 17.25
C ALA A 51 2.18 39.31 18.18
N THR A 52 1.44 38.22 18.25
CA THR A 52 1.77 36.97 18.97
C THR A 52 1.54 37.13 20.47
N SER A 53 1.96 38.24 21.07
CA SER A 53 1.98 38.28 22.55
C SER A 53 1.70 39.65 23.16
N ASP A 54 1.39 40.68 22.39
CA ASP A 54 1.17 42.03 22.97
C ASP A 54 -0.28 42.14 23.42
N LEU A 55 -0.47 42.27 24.72
CA LEU A 55 -1.83 42.32 25.30
C LEU A 55 -2.46 43.68 25.02
N GLN A 56 -3.70 43.67 24.58
CA GLN A 56 -4.48 44.93 24.46
C GLN A 56 -4.69 45.52 25.84
N SER A 57 -4.76 46.84 25.90
CA SER A 57 -5.14 47.56 27.14
C SER A 57 -6.58 47.21 27.51
N GLY A 58 -6.80 47.01 28.80
CA GLY A 58 -8.14 46.62 29.28
C GLY A 58 -8.34 45.12 29.28
N VAL A 59 -7.48 44.36 28.63
CA VAL A 59 -7.62 42.88 28.65
C VAL A 59 -7.01 42.37 29.95
N PRO A 60 -7.68 41.46 30.66
CA PRO A 60 -7.12 40.93 31.90
C PRO A 60 -5.81 40.19 31.64
N SER A 61 -4.84 40.43 32.51
CA SER A 61 -3.48 39.89 32.35
C SER A 61 -3.41 38.38 32.55
N ARG A 62 -4.53 37.70 32.81
CA ARG A 62 -4.48 36.21 32.79
C ARG A 62 -4.35 35.67 31.36
N PHE A 63 -4.54 36.51 30.34
CA PHE A 63 -4.36 36.09 28.93
C PHE A 63 -2.93 36.34 28.50
N SER A 64 -2.36 35.38 27.79
CA SER A 64 -1.03 35.55 27.18
C SER A 64 -1.00 34.77 25.89
N GLY A 65 -0.04 35.11 25.04
CA GLY A 65 0.16 34.44 23.77
C GLY A 65 1.61 34.16 23.55
N SER A 66 1.87 33.14 22.74
CA SER A 66 3.24 32.77 22.35
C SER A 66 3.17 32.03 21.03
N GLY A 67 4.33 31.79 20.46
CA GLY A 67 4.41 31.04 19.21
C GLY A 67 5.37 31.65 18.22
N SER A 68 5.57 30.93 17.13
CA SER A 68 6.53 31.33 16.09
C SER A 68 6.09 30.69 14.78
N GLY A 69 6.24 31.43 13.70
CA GLY A 69 6.22 30.81 12.36
C GLY A 69 4.89 30.16 12.05
N THR A 70 4.72 28.88 12.45
CA THR A 70 3.49 28.15 12.09
C THR A 70 2.66 27.72 13.29
N ASP A 71 3.18 27.77 14.51
CA ASP A 71 2.48 27.22 15.70
C ASP A 71 2.39 28.30 16.76
N PHE A 72 1.19 28.50 17.31
CA PHE A 72 0.91 29.59 18.26
C PHE A 72 -0.01 29.08 19.36
N THR A 73 0.07 29.70 20.51
CA THR A 73 -0.74 29.34 21.68
C THR A 73 -1.34 30.56 22.35
N LEU A 74 -2.61 30.46 22.71
CA LEU A 74 -3.27 31.41 23.63
C LEU A 74 -3.47 30.68 24.96
N THR A 75 -3.11 31.34 26.04
CA THR A 75 -3.16 30.71 27.38
C THR A 75 -3.95 31.59 28.31
N ILE A 76 -4.84 30.98 29.07
CA ILE A 76 -5.46 31.64 30.25
C ILE A 76 -4.81 31.00 31.46
N SER A 77 -4.22 31.83 32.31
CA SER A 77 -3.43 31.34 33.49
C SER A 77 -4.36 30.62 34.47
N SER A 78 -5.50 31.23 34.76
CA SER A 78 -6.49 30.69 35.72
C SER A 78 -7.86 31.08 35.19
N LEU A 79 -8.63 30.09 34.75
CA LEU A 79 -9.91 30.36 34.08
C LEU A 79 -10.93 30.91 35.07
N GLN A 80 -11.67 31.92 34.62
CA GLN A 80 -12.66 32.62 35.45
C GLN A 80 -13.98 32.70 34.70
N PRO A 81 -15.11 32.86 35.40
CA PRO A 81 -16.42 32.80 34.73
C PRO A 81 -16.62 33.80 33.58
N GLU A 82 -15.94 34.93 33.62
CA GLU A 82 -15.98 35.96 32.56
C GLU A 82 -15.67 35.35 31.18
N ASP A 83 -14.91 34.27 31.13
CA ASP A 83 -14.13 33.90 29.93
C ASP A 83 -14.86 32.92 29.02
N PHE A 84 -16.10 32.57 29.30
CA PHE A 84 -16.86 31.72 28.36
C PHE A 84 -17.08 32.53 27.08
N ALA A 85 -16.61 31.96 25.98
CA ALA A 85 -16.56 32.68 24.71
C ALA A 85 -15.99 31.74 23.67
N THR A 86 -16.04 32.20 22.44
CA THR A 86 -15.33 31.55 21.33
C THR A 86 -14.10 32.42 21.03
N TYR A 87 -12.97 31.77 20.87
CA TYR A 87 -11.68 32.44 20.68
C TYR A 87 -11.20 32.17 19.26
N TYR A 88 -10.80 33.23 18.57
CA TYR A 88 -10.32 33.13 17.18
C TYR A 88 -8.87 33.61 17.12
N CYS A 89 -8.05 32.88 16.41
CA CYS A 89 -6.75 33.39 15.95
C CYS A 89 -6.97 34.06 14.60
N GLN A 90 -6.03 34.94 14.23
CA GLN A 90 -6.13 35.63 12.94
C GLN A 90 -4.71 35.96 12.49
N GLN A 91 -4.32 35.45 11.33
CA GLN A 91 -3.01 35.87 10.77
C GLN A 91 -3.15 37.26 10.17
N SER A 92 -2.17 38.11 10.46
CA SER A 92 -2.09 39.49 9.91
C SER A 92 -0.89 39.60 8.97
N TYR A 93 -0.33 38.47 8.56
CA TYR A 93 0.88 38.46 7.73
C TYR A 93 0.56 38.88 6.30
N SER A 94 -0.58 38.45 5.76
CA SER A 94 -0.83 38.59 4.31
C SER A 94 -2.32 38.75 4.08
N THR A 95 -2.71 39.64 3.17
CA THR A 95 -4.12 39.64 2.74
C THR A 95 -4.33 38.54 1.72
N PRO A 96 -5.52 37.90 1.70
CA PRO A 96 -6.66 38.18 2.58
C PRO A 96 -6.40 37.73 4.01
N TYR A 97 -6.74 38.58 4.96
CA TYR A 97 -6.65 38.19 6.39
C TYR A 97 -7.59 37.01 6.61
N THR A 98 -7.11 36.06 7.38
CA THR A 98 -7.82 34.79 7.60
C THR A 98 -7.84 34.51 9.08
N PHE A 99 -8.96 33.94 9.52
CA PHE A 99 -9.21 33.59 10.93
C PHE A 99 -9.28 32.09 11.06
N GLY A 100 -8.93 31.59 12.24
CA GLY A 100 -9.20 30.19 12.57
C GLY A 100 -10.68 29.93 12.67
N GLN A 101 -11.04 28.67 12.74
CA GLN A 101 -12.47 28.29 12.81
C GLN A 101 -13.07 28.57 14.19
N GLY A 102 -12.24 28.84 15.20
CA GLY A 102 -12.78 29.21 16.53
C GLY A 102 -12.73 28.06 17.53
N THR A 103 -12.51 28.41 18.78
CA THR A 103 -12.50 27.44 19.90
C THR A 103 -13.56 27.94 20.87
N LYS A 104 -14.62 27.17 21.03
CA LYS A 104 -15.70 27.54 21.98
C LYS A 104 -15.32 27.04 23.37
N LEU A 105 -15.20 27.95 24.31
CA LEU A 105 -14.81 27.64 25.70
C LEU A 105 -16.05 27.69 26.58
N GLU A 106 -16.42 26.54 27.14
CA GLU A 106 -17.54 26.43 28.11
C GLU A 106 -16.92 26.15 29.49
N ILE A 107 -17.39 26.87 30.50
CA ILE A 107 -16.92 26.65 31.89
C ILE A 107 -18.01 25.91 32.67
N LYS A 108 -17.60 24.83 33.34
CA LYS A 108 -18.49 24.02 34.20
C LYS A 108 -18.67 24.72 35.55
N GLN A 124 -13.20 57.26 23.21
CA GLN A 124 -13.35 55.92 22.55
C GLN A 124 -14.02 56.08 21.18
N VAL A 125 -13.42 55.44 20.19
CA VAL A 125 -14.02 55.38 18.84
C VAL A 125 -15.23 54.45 18.87
N GLN A 126 -16.28 54.83 18.15
CA GLN A 126 -17.46 53.94 18.00
C GLN A 126 -17.80 53.78 16.52
N LEU A 127 -18.09 52.54 16.15
CA LEU A 127 -18.55 52.20 14.79
C LEU A 127 -19.98 51.66 14.88
N GLN A 128 -20.83 52.06 13.95
CA GLN A 128 -22.23 51.54 13.91
C GLN A 128 -22.59 51.14 12.48
N GLU A 129 -22.92 49.88 12.29
CA GLU A 129 -23.37 49.36 11.00
C GLU A 129 -24.86 49.68 10.83
N SER A 130 -25.26 49.96 9.60
CA SER A 130 -26.70 50.08 9.31
C SER A 130 -26.94 49.69 7.86
N GLY A 131 -28.13 49.16 7.62
CA GLY A 131 -28.58 48.88 6.26
C GLY A 131 -29.73 47.88 6.28
N PRO A 132 -30.32 47.62 5.11
CA PRO A 132 -31.44 46.70 5.01
C PRO A 132 -31.13 45.32 5.62
N GLY A 133 -32.08 44.83 6.42
CA GLY A 133 -32.00 43.50 7.03
C GLY A 133 -32.30 42.39 6.02
N LEU A 134 -32.95 42.68 4.90
CA LEU A 134 -33.33 41.65 3.92
C LEU A 134 -32.87 42.05 2.52
N VAL A 135 -32.49 41.05 1.73
CA VAL A 135 -32.04 41.23 0.32
C VAL A 135 -32.61 40.07 -0.48
N LYS A 136 -33.18 40.36 -1.64
CA LYS A 136 -33.65 39.26 -2.52
C LYS A 136 -32.44 38.54 -3.10
N PRO A 137 -32.59 37.25 -3.42
CA PRO A 137 -31.54 36.55 -4.15
C PRO A 137 -31.27 37.24 -5.50
N SER A 138 -29.97 37.37 -5.82
CA SER A 138 -29.41 38.10 -7.00
C SER A 138 -29.42 39.60 -6.76
N GLY A 139 -29.97 40.09 -5.64
CA GLY A 139 -29.95 41.52 -5.35
C GLY A 139 -28.61 41.97 -4.78
N THR A 140 -28.54 43.23 -4.44
CA THR A 140 -27.31 43.88 -3.97
C THR A 140 -27.47 44.20 -2.49
N LEU A 141 -26.60 43.61 -1.67
CA LEU A 141 -26.54 43.95 -0.22
C LEU A 141 -25.77 45.26 -0.08
N SER A 142 -26.28 46.16 0.72
CA SER A 142 -25.65 47.48 0.92
C SER A 142 -25.69 47.84 2.41
N LEU A 143 -24.54 48.21 2.97
CA LEU A 143 -24.42 48.58 4.40
C LEU A 143 -23.53 49.79 4.54
N THR A 144 -23.74 50.47 5.65
CA THR A 144 -22.96 51.65 5.99
C THR A 144 -22.43 51.47 7.41
N CYS A 145 -21.20 51.94 7.60
CA CYS A 145 -20.55 51.94 8.90
C CYS A 145 -20.31 53.39 9.26
N ALA A 146 -21.01 53.87 10.29
CA ALA A 146 -20.88 55.27 10.75
C ALA A 146 -19.72 55.29 11.75
N VAL A 147 -18.83 56.27 11.59
CA VAL A 147 -17.65 56.40 12.47
C VAL A 147 -17.84 57.65 13.30
N SER A 148 -17.73 57.49 14.62
CA SER A 148 -17.86 58.60 15.59
C SER A 148 -16.70 58.55 16.58
N GLY A 149 -16.31 59.73 17.04
CA GLY A 149 -15.21 59.87 18.01
C GLY A 149 -13.85 59.62 17.38
N ASP A 150 -13.76 59.70 16.06
CA ASP A 150 -12.52 59.48 15.28
C ASP A 150 -12.87 59.88 13.85
N SER A 151 -11.90 60.42 13.17
CA SER A 151 -12.08 60.84 11.77
C SER A 151 -11.81 59.63 10.86
N ILE A 152 -12.56 59.55 9.78
CA ILE A 152 -12.25 58.59 8.70
C ILE A 152 -10.82 58.82 8.23
N SER A 153 -10.34 60.06 8.35
CA SER A 153 -9.01 60.42 7.81
C SER A 153 -7.85 59.89 8.65
N SER A 154 -8.09 59.09 9.66
CA SER A 154 -7.00 58.53 10.47
C SER A 154 -6.15 57.56 9.66
N SER A 155 -4.98 57.24 10.18
CA SER A 155 -4.00 56.40 9.47
C SER A 155 -4.28 54.93 9.73
N ASN A 156 -5.45 54.44 9.29
CA ASN A 156 -5.82 53.04 9.46
C ASN A 156 -6.79 52.62 8.38
N TRP A 157 -6.97 51.31 8.26
CA TRP A 157 -7.93 50.77 7.28
C TRP A 157 -9.30 50.65 7.94
N TRP A 158 -10.32 50.65 7.12
CA TRP A 158 -11.74 50.49 7.56
C TRP A 158 -12.26 49.22 6.91
N SER A 159 -12.56 48.22 7.72
CA SER A 159 -12.75 46.84 7.26
C SER A 159 -14.20 46.40 7.42
N TRP A 160 -14.56 45.44 6.59
CA TRP A 160 -15.82 44.68 6.70
C TRP A 160 -15.47 43.21 6.92
N VAL A 161 -16.10 42.61 7.90
CA VAL A 161 -15.91 41.19 8.29
C VAL A 161 -17.30 40.61 8.47
N ARG A 162 -17.49 39.36 8.07
CA ARG A 162 -18.84 38.78 8.24
C ARG A 162 -18.74 37.40 8.88
N GLN A 163 -19.86 36.99 9.47
CA GLN A 163 -19.92 35.76 10.26
C GLN A 163 -21.21 35.04 9.92
N PRO A 164 -21.15 34.00 9.06
CA PRO A 164 -22.34 33.27 8.69
C PRO A 164 -22.84 32.50 9.92
N PRO A 165 -24.12 32.01 9.90
CA PRO A 165 -24.70 31.40 11.10
C PRO A 165 -23.86 30.28 11.70
N GLY A 166 -23.30 30.57 12.88
CA GLY A 166 -22.40 29.69 13.63
C GLY A 166 -21.26 29.14 12.79
N LYS A 167 -20.53 30.01 12.10
CA LYS A 167 -19.55 29.50 11.11
C LYS A 167 -18.43 30.52 10.90
N GLY A 168 -17.78 30.95 11.97
CA GLY A 168 -16.46 31.61 11.80
C GLY A 168 -16.50 32.97 11.14
N LEU A 169 -15.32 33.51 10.90
CA LEU A 169 -15.16 34.92 10.50
C LEU A 169 -14.47 34.97 9.16
N GLU A 170 -14.96 35.88 8.31
CA GLU A 170 -14.43 36.03 6.94
C GLU A 170 -14.16 37.50 6.70
N TRP A 171 -12.92 37.83 6.36
CA TRP A 171 -12.58 39.22 6.01
C TRP A 171 -13.04 39.47 4.57
N ILE A 172 -13.85 40.50 4.38
CA ILE A 172 -14.36 40.89 3.04
C ILE A 172 -13.38 41.82 2.32
N GLY A 173 -12.93 42.86 3.02
CA GLY A 173 -12.05 43.86 2.45
C GLY A 173 -11.94 45.05 3.35
N GLU A 174 -11.21 46.04 2.88
CA GLU A 174 -10.90 47.25 3.64
C GLU A 174 -10.71 48.41 2.69
N ILE A 175 -10.88 49.60 3.23
CA ILE A 175 -10.68 50.84 2.45
C ILE A 175 -9.89 51.83 3.29
N TYR A 176 -9.10 52.64 2.61
CA TYR A 176 -8.34 53.74 3.23
C TYR A 176 -9.05 55.05 2.94
N HIS A 177 -8.80 56.05 3.79
CA HIS A 177 -9.59 57.31 3.66
C HIS A 177 -9.38 57.93 2.28
N SER A 178 -8.22 57.74 1.68
CA SER A 178 -7.94 58.31 0.33
C SER A 178 -8.55 57.45 -0.79
N GLY A 179 -9.23 56.36 -0.48
CA GLY A 179 -10.04 55.67 -1.49
C GLY A 179 -9.50 54.34 -1.93
N GLY A 180 -8.23 54.03 -1.64
CA GLY A 180 -7.66 52.71 -1.99
C GLY A 180 -8.35 51.57 -1.25
N THR A 181 -8.48 50.43 -1.93
CA THR A 181 -9.20 49.29 -1.35
C THR A 181 -8.37 48.03 -1.44
N LYS A 182 -8.68 47.10 -0.53
CA LYS A 182 -8.12 45.74 -0.60
C LYS A 182 -9.30 44.80 -0.45
N TYR A 183 -9.44 43.84 -1.35
CA TYR A 183 -10.61 42.95 -1.29
C TYR A 183 -10.15 41.50 -1.17
N ASN A 184 -10.97 40.70 -0.51
CA ASN A 184 -10.75 39.24 -0.49
C ASN A 184 -10.90 38.72 -1.93
N PRO A 185 -9.93 37.96 -2.46
CA PRO A 185 -10.03 37.48 -3.83
C PRO A 185 -11.27 36.61 -4.09
N SER A 186 -11.80 35.97 -3.05
CA SER A 186 -13.04 35.18 -3.23
C SER A 186 -14.25 36.08 -3.49
N LEU A 187 -14.16 37.39 -3.25
CA LEU A 187 -15.33 38.31 -3.37
C LEU A 187 -15.08 39.40 -4.38
N LYS A 188 -13.87 39.49 -4.92
CA LYS A 188 -13.42 40.70 -5.65
C LYS A 188 -14.36 41.01 -6.82
N SER A 189 -14.91 40.01 -7.47
CA SER A 189 -15.78 40.27 -8.65
C SER A 189 -17.10 40.96 -8.29
N ARG A 190 -17.56 40.82 -7.06
CA ARG A 190 -18.95 41.23 -6.70
C ARG A 190 -18.97 42.29 -5.59
N VAL A 191 -17.82 42.69 -5.05
CA VAL A 191 -17.79 43.57 -3.85
C VAL A 191 -17.30 44.96 -4.23
N THR A 192 -17.88 45.97 -3.58
CA THR A 192 -17.36 47.34 -3.64
C THR A 192 -17.37 47.89 -2.23
N ILE A 193 -16.26 48.48 -1.82
CA ILE A 193 -16.22 49.26 -0.57
C ILE A 193 -15.93 50.68 -0.99
N SER A 194 -16.61 51.61 -0.34
CA SER A 194 -16.51 53.05 -0.64
C SER A 194 -16.37 53.80 0.67
N VAL A 195 -15.91 55.04 0.56
CA VAL A 195 -15.69 55.90 1.75
C VAL A 195 -16.19 57.29 1.41
N ASP A 196 -16.67 57.98 2.43
CA ASP A 196 -17.21 59.35 2.27
C ASP A 196 -16.75 60.17 3.46
N LYS A 197 -15.70 60.97 3.27
CA LYS A 197 -15.12 61.70 4.41
C LYS A 197 -16.09 62.79 4.91
N SER A 198 -16.87 63.36 4.02
CA SER A 198 -17.83 64.42 4.41
C SER A 198 -18.88 63.86 5.39
N LYS A 199 -19.28 62.61 5.22
CA LYS A 199 -20.25 61.99 6.15
C LYS A 199 -19.56 61.15 7.23
N ASN A 200 -18.24 61.08 7.23
CA ASN A 200 -17.46 60.26 8.19
C ASN A 200 -18.01 58.83 8.29
N HIS A 201 -18.28 58.22 7.13
CA HIS A 201 -18.64 56.79 7.09
C HIS A 201 -17.96 56.08 5.93
N PHE A 202 -18.11 54.77 5.91
CA PHE A 202 -17.67 53.95 4.76
C PHE A 202 -18.73 52.89 4.55
N SER A 203 -18.74 52.31 3.36
CA SER A 203 -19.90 51.50 2.91
C SER A 203 -19.42 50.23 2.24
N LEU A 204 -20.34 49.27 2.21
CA LEU A 204 -20.12 47.95 1.59
C LEU A 204 -21.24 47.72 0.59
N LYS A 205 -20.86 47.27 -0.60
CA LYS A 205 -21.84 46.73 -1.57
C LYS A 205 -21.40 45.33 -1.94
N LEU A 206 -22.34 44.40 -1.91
CA LEU A 206 -22.10 43.01 -2.32
C LEU A 206 -23.19 42.62 -3.30
N ARG A 207 -22.78 42.36 -4.54
CA ARG A 207 -23.74 42.09 -5.63
C ARG A 207 -24.03 40.61 -5.77
N SER A 208 -25.14 40.30 -6.44
CA SER A 208 -25.49 38.91 -6.84
C SER A 208 -25.54 37.98 -5.64
N VAL A 209 -26.22 38.42 -4.57
CA VAL A 209 -26.19 37.63 -3.32
C VAL A 209 -26.95 36.32 -3.49
N THR A 210 -26.50 35.34 -2.72
CA THR A 210 -27.16 34.03 -2.60
C THR A 210 -27.34 33.78 -1.12
N ALA A 211 -27.87 32.61 -0.78
CA ALA A 211 -28.10 32.24 0.63
C ALA A 211 -26.78 32.19 1.39
N ALA A 212 -25.66 31.96 0.71
CA ALA A 212 -24.36 31.94 1.39
C ALA A 212 -24.02 33.31 2.00
N ASP A 213 -24.69 34.38 1.56
CA ASP A 213 -24.39 35.75 2.05
C ASP A 213 -25.18 36.11 3.30
N THR A 214 -26.11 35.28 3.73
CA THR A 214 -26.81 35.46 5.02
C THR A 214 -25.79 35.39 6.15
N ALA A 215 -25.70 36.45 6.94
CA ALA A 215 -24.62 36.53 7.94
C ALA A 215 -24.81 37.76 8.79
N VAL A 216 -24.07 37.80 9.87
CA VAL A 216 -23.86 39.06 10.63
C VAL A 216 -22.67 39.77 10.00
N TYR A 217 -22.87 41.01 9.63
CA TYR A 217 -21.82 41.85 9.01
C TYR A 217 -21.31 42.82 10.07
N TYR A 218 -20.00 42.84 10.25
CA TYR A 218 -19.33 43.77 11.17
C TYR A 218 -18.50 44.73 10.35
N CYS A 219 -18.43 45.97 10.81
CA CYS A 219 -17.32 46.84 10.36
C CYS A 219 -16.34 47.00 11.50
N ALA A 220 -15.13 47.38 11.16
CA ALA A 220 -14.04 47.32 12.16
C ALA A 220 -12.96 48.29 11.72
N ARG A 221 -12.20 48.77 12.70
CA ARG A 221 -10.98 49.56 12.44
C ARG A 221 -9.81 48.60 12.43
N ASN A 222 -9.10 48.54 11.32
CA ASN A 222 -7.89 47.69 11.18
C ASN A 222 -6.71 48.64 11.24
N ARG A 223 -6.10 48.80 12.42
CA ARG A 223 -5.03 49.79 12.61
C ARG A 223 -3.74 49.06 12.92
N TRP A 224 -2.62 49.73 12.73
CA TRP A 224 -1.34 49.05 13.00
C TRP A 224 -0.81 49.53 14.34
N PHE A 225 0.07 48.69 14.89
CA PHE A 225 0.62 48.86 16.25
C PHE A 225 2.08 49.28 16.16
N ASP A 226 2.41 50.39 16.80
CA ASP A 226 3.80 50.89 16.97
C ASP A 226 4.46 50.06 18.07
N ASN A 227 4.89 48.86 17.71
CA ASN A 227 5.44 47.94 18.73
C ASN A 227 6.96 47.84 18.60
N ASN A 228 7.54 48.60 17.68
CA ASN A 228 9.01 48.67 17.47
C ASN A 228 9.62 47.36 17.01
N ARG A 229 8.83 46.39 16.57
CA ARG A 229 9.42 45.13 16.08
C ARG A 229 10.12 45.37 14.72
N GLY A 230 9.66 46.33 13.92
CA GLY A 230 10.23 46.53 12.59
C GLY A 230 9.61 45.65 11.53
N GLY A 231 9.86 46.01 10.28
CA GLY A 231 9.31 45.24 9.15
C GLY A 231 7.89 45.61 8.81
N TYR A 232 7.16 44.68 8.19
CA TYR A 232 5.76 44.96 7.77
C TYR A 232 4.93 45.47 8.94
N TYR A 233 4.07 46.45 8.66
CA TYR A 233 3.14 46.94 9.67
C TYR A 233 2.38 45.78 10.32
N TYR A 234 2.20 45.85 11.63
CA TYR A 234 1.42 44.85 12.38
C TYR A 234 0.01 45.41 12.56
N TYR A 235 -0.97 44.74 11.94
CA TYR A 235 -2.36 45.22 11.97
C TYR A 235 -3.19 44.34 12.89
N GLY A 236 -4.20 44.98 13.49
CA GLY A 236 -5.23 44.25 14.24
C GLY A 236 -6.51 45.02 14.25
N MET A 237 -7.63 44.31 14.33
CA MET A 237 -8.94 45.00 14.32
C MET A 237 -9.32 45.29 15.76
N ASP A 238 -9.05 46.51 16.20
CA ASP A 238 -9.17 46.81 17.65
C ASP A 238 -10.51 47.44 18.00
N VAL A 239 -11.27 47.96 17.05
CA VAL A 239 -12.63 48.50 17.31
C VAL A 239 -13.59 47.86 16.33
N TRP A 240 -14.68 47.32 16.82
CA TRP A 240 -15.70 46.65 15.99
C TRP A 240 -17.04 47.34 16.18
N GLY A 241 -17.84 47.34 15.12
CA GLY A 241 -19.26 47.72 15.26
C GLY A 241 -20.00 46.63 15.99
N GLN A 242 -21.29 46.86 16.23
CA GLN A 242 -22.05 45.85 16.99
C GLN A 242 -22.55 44.72 16.10
N GLY A 243 -22.44 44.86 14.78
CA GLY A 243 -22.88 43.78 13.90
C GLY A 243 -24.32 44.00 13.47
N THR A 244 -24.61 43.71 12.21
CA THR A 244 -25.99 43.83 11.69
C THR A 244 -26.26 42.58 10.88
N THR A 245 -27.39 41.95 11.14
CA THR A 245 -27.77 40.71 10.43
C THR A 245 -28.35 41.10 9.06
N VAL A 246 -27.95 40.36 8.05
CA VAL A 246 -28.55 40.49 6.70
C VAL A 246 -28.99 39.09 6.30
N THR A 247 -30.24 38.97 5.91
CA THR A 247 -30.80 37.68 5.48
C THR A 247 -31.17 37.79 4.00
N VAL A 248 -30.79 36.80 3.22
CA VAL A 248 -31.21 36.73 1.80
C VAL A 248 -32.52 35.94 1.76
N SER A 249 -33.56 36.54 1.21
CA SER A 249 -34.90 35.90 1.22
C SER A 249 -35.69 36.44 0.05
N SER A 250 -36.45 35.55 -0.59
CA SER A 250 -37.33 35.97 -1.71
C SER A 250 -38.58 36.67 -1.21
N LEU A 251 -38.87 36.57 0.09
CA LEU A 251 -40.15 37.10 0.62
C LEU A 251 -39.98 38.54 1.12
N VAL A 252 -40.90 39.39 0.72
CA VAL A 252 -40.86 40.83 1.09
C VAL A 252 -42.00 41.12 2.07
N PRO A 253 -41.74 41.86 3.16
CA PRO A 253 -42.79 42.34 4.07
C PRO A 253 -43.54 43.55 3.50
N MET B 1 12.32 34.40 20.96
CA MET B 1 11.91 33.22 20.18
C MET B 1 11.30 32.20 21.13
N ASP B 2 10.22 31.57 20.68
CA ASP B 2 9.51 30.54 21.46
C ASP B 2 10.19 29.19 21.26
N ILE B 3 10.90 28.75 22.29
CA ILE B 3 11.67 27.47 22.22
C ILE B 3 11.22 26.59 23.35
N GLN B 4 10.58 25.47 23.01
CA GLN B 4 10.15 24.46 23.99
C GLN B 4 11.24 23.39 24.10
N MET B 5 11.59 23.04 25.33
CA MET B 5 12.58 21.99 25.64
C MET B 5 11.84 20.77 26.19
N THR B 6 12.09 19.61 25.60
CA THR B 6 11.44 18.35 26.02
C THR B 6 12.54 17.39 26.47
N GLN B 7 12.34 16.82 27.65
CA GLN B 7 13.39 16.04 28.35
C GLN B 7 12.94 14.59 28.45
N SER B 8 13.88 13.67 28.41
CA SER B 8 13.48 12.24 28.49
C SER B 8 14.56 11.40 29.14
N PRO B 9 14.21 10.45 30.05
CA PRO B 9 12.84 10.20 30.51
C PRO B 9 12.38 11.24 31.52
N SER B 10 11.09 11.23 31.88
CA SER B 10 10.58 12.17 32.90
C SER B 10 10.97 11.69 34.31
N SER B 11 11.36 10.43 34.45
CA SER B 11 11.82 9.90 35.75
C SER B 11 12.60 8.62 35.48
N LEU B 12 13.47 8.26 36.43
CA LEU B 12 14.32 7.08 36.27
C LEU B 12 14.81 6.66 37.65
N SER B 13 14.81 5.35 37.87
CA SER B 13 15.46 4.76 39.07
C SER B 13 16.64 3.92 38.61
N ALA B 14 17.72 3.95 39.38
CA ALA B 14 18.93 3.18 39.04
C ALA B 14 19.68 2.86 40.31
N SER B 15 20.74 2.09 40.16
CA SER B 15 21.57 1.61 41.30
C SER B 15 22.89 2.35 41.29
N VAL B 16 23.47 2.53 42.47
CA VAL B 16 24.80 3.16 42.58
C VAL B 16 25.79 2.42 41.68
N GLY B 17 26.56 3.18 40.92
CA GLY B 17 27.53 2.61 39.98
C GLY B 17 27.02 2.48 38.57
N ASP B 18 25.73 2.72 38.34
CA ASP B 18 25.16 2.60 36.99
C ASP B 18 25.55 3.81 36.12
N ARG B 19 25.43 3.62 34.82
CA ARG B 19 25.59 4.70 33.84
C ARG B 19 24.21 5.16 33.43
N VAL B 20 23.93 6.44 33.64
CA VAL B 20 22.60 7.01 33.30
C VAL B 20 22.82 8.08 32.25
N THR B 21 21.89 8.15 31.31
CA THR B 21 21.88 9.23 30.29
C THR B 21 20.51 9.87 30.29
N ILE B 22 20.48 11.20 30.29
CA ILE B 22 19.24 12.00 30.20
C ILE B 22 19.30 12.78 28.89
N THR B 23 18.19 12.80 28.18
CA THR B 23 18.10 13.41 26.85
C THR B 23 17.17 14.63 26.89
N CYS B 24 17.48 15.60 26.04
CA CYS B 24 16.52 16.69 25.82
C CYS B 24 16.50 17.09 24.35
N ARG B 25 15.36 17.58 23.93
CA ARG B 25 15.11 18.02 22.55
C ARG B 25 14.65 19.48 22.60
N ALA B 26 15.10 20.27 21.65
CA ALA B 26 14.64 21.66 21.50
C ALA B 26 13.72 21.73 20.29
N SER B 27 12.68 22.57 20.38
CA SER B 27 11.68 22.71 19.30
C SER B 27 12.30 23.36 18.05
N GLN B 28 13.42 24.08 18.19
CA GLN B 28 14.20 24.53 17.03
C GLN B 28 15.67 24.45 17.38
N GLY B 29 16.53 24.68 16.40
CA GLY B 29 17.98 24.58 16.65
C GLY B 29 18.43 25.68 17.61
N ILE B 30 19.31 25.31 18.52
CA ILE B 30 19.81 26.26 19.55
C ILE B 30 21.33 26.19 19.56
N SER B 31 21.91 25.59 18.53
CA SER B 31 23.37 25.45 18.38
C SER B 31 23.91 24.81 19.65
N SER B 32 24.88 25.43 20.32
CA SER B 32 25.50 24.88 21.55
C SER B 32 24.99 25.60 22.82
N TYR B 33 23.91 26.36 22.74
CA TYR B 33 23.46 27.20 23.87
C TYR B 33 22.51 26.42 24.77
N LEU B 34 23.09 25.49 25.53
CA LEU B 34 22.26 24.58 26.37
C LEU B 34 22.99 24.37 27.69
N ASN B 35 22.27 24.58 28.79
CA ASN B 35 22.79 24.38 30.16
C ASN B 35 22.06 23.23 30.83
N TRP B 36 22.74 22.59 31.79
CA TRP B 36 22.12 21.56 32.66
C TRP B 36 22.16 21.99 34.12
N TYR B 37 21.10 21.68 34.85
CA TYR B 37 21.00 22.00 36.29
C TYR B 37 20.61 20.75 37.08
N GLN B 38 21.11 20.69 38.30
CA GLN B 38 20.77 19.65 39.29
C GLN B 38 20.02 20.31 40.42
N GLN B 39 18.86 19.76 40.77
CA GLN B 39 18.06 20.29 41.89
C GLN B 39 17.79 19.14 42.86
N LYS B 40 18.41 19.25 44.04
CA LYS B 40 18.12 18.28 45.11
C LYS B 40 16.86 18.70 45.83
N PRO B 41 16.11 17.73 46.41
CA PRO B 41 14.80 18.04 46.96
C PRO B 41 14.85 19.15 48.01
N GLY B 42 13.97 20.13 47.84
CA GLY B 42 13.87 21.30 48.73
C GLY B 42 14.96 22.33 48.60
N LYS B 43 15.88 22.17 47.64
CA LYS B 43 17.00 23.13 47.48
C LYS B 43 16.87 23.83 46.13
N ALA B 44 17.62 24.91 45.98
CA ALA B 44 17.63 25.66 44.71
C ALA B 44 18.38 24.82 43.68
N PRO B 45 18.08 25.03 42.38
CA PRO B 45 18.86 24.37 41.35
C PRO B 45 20.32 24.85 41.38
N LYS B 46 21.19 23.98 40.88
CA LYS B 46 22.64 24.22 40.87
C LYS B 46 23.10 24.01 39.44
N LEU B 47 23.90 24.95 38.94
CA LEU B 47 24.42 24.82 37.55
C LEU B 47 25.49 23.74 37.50
N LEU B 48 25.32 22.80 36.60
CA LEU B 48 26.27 21.70 36.37
C LEU B 48 27.12 21.93 35.12
N ILE B 49 26.49 22.31 34.02
CA ILE B 49 27.16 22.39 32.71
C ILE B 49 26.64 23.62 31.99
N SER B 50 27.56 24.38 31.40
CA SER B 50 27.18 25.51 30.53
C SER B 50 27.64 25.19 29.12
N ALA B 51 26.93 25.72 28.14
CA ALA B 51 27.38 25.68 26.74
C ALA B 51 27.62 24.23 26.29
N THR B 52 26.60 23.40 26.47
CA THR B 52 26.58 21.97 26.07
C THR B 52 27.48 21.11 26.96
N SER B 53 28.73 21.50 27.19
CA SER B 53 29.72 20.54 27.72
C SER B 53 30.72 21.11 28.70
N ASP B 54 30.64 22.38 29.12
CA ASP B 54 31.65 22.96 30.04
C ASP B 54 31.22 22.73 31.48
N LEU B 55 32.03 21.95 32.21
CA LEU B 55 31.70 21.60 33.61
C LEU B 55 32.02 22.77 34.53
N GLN B 56 31.10 23.07 35.43
CA GLN B 56 31.36 24.05 36.50
C GLN B 56 32.41 23.52 37.46
N SER B 57 33.19 24.43 38.02
CA SER B 57 34.17 24.09 39.09
C SER B 57 33.41 23.54 40.29
N GLY B 58 33.90 22.43 40.83
CA GLY B 58 33.22 21.78 41.96
C GLY B 58 32.30 20.66 41.53
N VAL B 59 31.86 20.64 40.27
CA VAL B 59 30.99 19.54 39.81
C VAL B 59 31.87 18.33 39.54
N PRO B 60 31.56 17.17 40.14
CA PRO B 60 32.41 16.00 39.96
C PRO B 60 32.50 15.60 38.49
N SER B 61 33.68 15.12 38.12
CA SER B 61 33.99 14.80 36.71
C SER B 61 33.17 13.63 36.18
N ARG B 62 32.30 13.01 36.96
CA ARG B 62 31.45 11.93 36.39
C ARG B 62 30.32 12.49 35.54
N PHE B 63 30.05 13.79 35.63
CA PHE B 63 29.03 14.47 34.79
C PHE B 63 29.66 14.94 33.48
N SER B 64 28.92 14.75 32.39
CA SER B 64 29.39 15.13 31.05
C SER B 64 28.17 15.51 30.22
N GLY B 65 28.37 16.41 29.28
CA GLY B 65 27.29 16.81 28.38
C GLY B 65 27.76 16.84 26.95
N SER B 66 26.81 16.65 26.04
CA SER B 66 27.10 16.64 24.60
C SER B 66 25.81 16.93 23.82
N GLY B 67 25.97 17.13 22.53
CA GLY B 67 24.85 17.34 21.62
C GLY B 67 25.05 18.54 20.73
N SER B 68 24.06 18.81 19.90
CA SER B 68 24.11 19.99 19.03
C SER B 68 22.70 20.32 18.56
N GLY B 69 22.50 21.57 18.22
CA GLY B 69 21.29 22.00 17.49
C GLY B 69 19.98 21.65 18.19
N THR B 70 19.50 20.41 18.03
CA THR B 70 18.15 20.06 18.53
C THR B 70 18.19 19.03 19.65
N ASP B 71 19.27 18.27 19.80
CA ASP B 71 19.26 17.08 20.67
C ASP B 71 20.51 17.09 21.54
N PHE B 72 20.32 16.89 22.84
CA PHE B 72 21.43 16.98 23.81
C PHE B 72 21.32 15.85 24.82
N THR B 73 22.46 15.53 25.42
CA THR B 73 22.55 14.43 26.38
C THR B 73 23.39 14.84 27.58
N LEU B 74 22.85 14.58 28.77
CA LEU B 74 23.61 14.64 30.03
C LEU B 74 23.93 13.20 30.44
N THR B 75 25.20 12.91 30.65
CA THR B 75 25.64 11.55 31.03
C THR B 75 26.29 11.59 32.42
N ILE B 76 25.91 10.66 33.27
CA ILE B 76 26.64 10.37 34.52
C ILE B 76 27.40 9.06 34.34
N SER B 77 28.69 9.08 34.58
CA SER B 77 29.56 7.93 34.25
C SER B 77 29.25 6.76 35.19
N SER B 78 29.25 7.02 36.50
CA SER B 78 29.07 5.96 37.52
C SER B 78 28.23 6.56 38.64
N LEU B 79 26.97 6.16 38.71
CA LEU B 79 26.01 6.79 39.63
C LEU B 79 26.50 6.65 41.07
N GLN B 80 26.31 7.71 41.84
CA GLN B 80 26.74 7.75 43.25
C GLN B 80 25.59 8.28 44.08
N PRO B 81 25.55 7.94 45.39
CA PRO B 81 24.40 8.32 46.22
C PRO B 81 24.02 9.80 46.19
N GLU B 82 25.00 10.69 46.14
CA GLU B 82 24.72 12.15 46.16
C GLU B 82 23.96 12.62 44.91
N ASP B 83 23.78 11.76 43.90
CA ASP B 83 23.25 12.16 42.59
C ASP B 83 21.73 12.07 42.50
N PHE B 84 21.04 11.65 43.56
CA PHE B 84 19.56 11.60 43.54
C PHE B 84 19.02 13.03 43.50
N ALA B 85 18.29 13.35 42.44
CA ALA B 85 17.97 14.76 42.14
C ALA B 85 17.08 14.82 40.92
N THR B 86 16.49 16.00 40.72
CA THR B 86 15.81 16.33 39.44
C THR B 86 16.79 17.14 38.59
N TYR B 87 16.96 16.73 37.35
CA TYR B 87 17.93 17.35 36.41
C TYR B 87 17.14 18.11 35.37
N TYR B 88 17.52 19.35 35.12
CA TYR B 88 16.80 20.23 34.17
C TYR B 88 17.76 20.67 33.06
N CYS B 89 17.29 20.63 31.83
CA CYS B 89 18.02 21.34 30.76
C CYS B 89 17.43 22.75 30.64
N GLN B 90 18.23 23.64 30.07
CA GLN B 90 17.79 25.04 29.85
C GLN B 90 18.47 25.55 28.58
N GLN B 91 17.68 26.05 27.64
CA GLN B 91 18.28 26.68 26.45
C GLN B 91 18.58 28.13 26.81
N SER B 92 19.77 28.56 26.43
CA SER B 92 20.26 29.94 26.64
C SER B 92 20.36 30.66 25.29
N TYR B 93 19.78 30.10 24.25
CA TYR B 93 19.94 30.66 22.90
C TYR B 93 19.13 31.95 22.76
N SER B 94 17.94 31.99 23.32
CA SER B 94 17.02 33.12 23.08
C SER B 94 16.13 33.31 24.30
N THR B 95 15.83 34.56 24.63
CA THR B 95 14.79 34.85 25.63
C THR B 95 13.43 34.76 25.00
N PRO B 96 12.39 34.32 25.74
CA PRO B 96 12.48 33.92 27.15
C PRO B 96 13.25 32.60 27.33
N TYR B 97 14.20 32.61 28.25
CA TYR B 97 14.90 31.36 28.61
C TYR B 97 13.87 30.35 29.09
N THR B 98 14.04 29.13 28.62
CA THR B 98 13.06 28.06 28.88
C THR B 98 13.80 26.82 29.39
N PHE B 99 13.16 26.15 30.34
CA PHE B 99 13.69 24.90 30.93
C PHE B 99 12.85 23.73 30.42
N GLY B 100 13.47 22.55 30.39
CA GLY B 100 12.73 21.31 30.23
C GLY B 100 11.92 21.00 31.49
N GLN B 101 11.12 19.96 31.41
CA GLN B 101 10.20 19.59 32.51
C GLN B 101 10.94 18.89 33.64
N GLY B 102 12.20 18.50 33.47
CA GLY B 102 12.93 17.87 34.56
C GLY B 102 12.89 16.36 34.49
N THR B 103 13.99 15.72 34.85
CA THR B 103 14.09 14.26 34.96
C THR B 103 14.41 13.95 36.42
N LYS B 104 13.49 13.28 37.10
CA LYS B 104 13.74 12.92 38.51
C LYS B 104 14.50 11.60 38.55
N LEU B 105 15.69 11.64 39.14
CA LEU B 105 16.58 10.46 39.23
C LEU B 105 16.52 9.95 40.66
N GLU B 106 15.87 8.81 40.84
CA GLU B 106 15.77 8.12 42.14
C GLU B 106 16.80 7.00 42.18
N ILE B 107 17.43 6.83 43.33
CA ILE B 107 18.48 5.79 43.48
C ILE B 107 18.01 4.80 44.53
N LYS B 108 18.14 3.52 44.21
CA LYS B 108 17.71 2.43 45.11
C LYS B 108 18.89 2.03 46.00
N GLN B 124 32.53 33.72 47.96
CA GLN B 124 31.34 33.38 47.12
C GLN B 124 30.32 34.53 47.20
N VAL B 125 29.49 34.63 46.17
CA VAL B 125 28.37 35.57 46.16
C VAL B 125 27.19 34.91 46.87
N GLN B 126 26.40 35.72 47.57
CA GLN B 126 25.22 35.19 48.27
C GLN B 126 24.00 36.00 47.83
N LEU B 127 22.92 35.26 47.56
CA LEU B 127 21.61 35.89 47.23
C LEU B 127 20.59 35.46 48.28
N GLN B 128 19.76 36.39 48.71
CA GLN B 128 18.68 36.03 49.66
C GLN B 128 17.39 36.72 49.26
N GLU B 129 16.37 35.93 48.99
CA GLU B 129 15.01 36.41 48.72
C GLU B 129 14.31 36.73 50.04
N SER B 130 13.50 37.75 50.02
CA SER B 130 12.57 37.99 51.13
C SER B 130 11.30 38.65 50.61
N GLY B 131 10.24 38.50 51.38
CA GLY B 131 9.00 39.24 51.14
C GLY B 131 7.85 38.44 51.72
N PRO B 132 6.64 38.99 51.60
CA PRO B 132 5.48 38.33 52.20
C PRO B 132 5.31 36.93 51.61
N GLY B 133 5.01 36.00 52.52
CA GLY B 133 4.66 34.60 52.20
C GLY B 133 3.24 34.45 51.69
N LEU B 134 2.37 35.43 51.87
CA LEU B 134 0.94 35.31 51.52
C LEU B 134 0.53 36.53 50.72
N VAL B 135 -0.25 36.29 49.68
CA VAL B 135 -0.81 37.39 48.84
C VAL B 135 -2.28 37.08 48.58
N LYS B 136 -3.12 38.10 48.69
CA LYS B 136 -4.55 37.90 48.38
C LYS B 136 -4.72 37.77 46.88
N PRO B 137 -5.74 37.02 46.43
CA PRO B 137 -6.05 36.97 45.00
C PRO B 137 -6.30 38.36 44.42
N SER B 138 -5.70 38.59 43.24
CA SER B 138 -5.66 39.85 42.48
C SER B 138 -4.81 40.92 43.18
N GLY B 139 -4.08 40.57 44.23
CA GLY B 139 -3.13 41.51 44.83
C GLY B 139 -1.79 41.47 44.12
N THR B 140 -0.83 42.18 44.68
CA THR B 140 0.50 42.34 44.08
C THR B 140 1.52 41.58 44.92
N LEU B 141 2.15 40.59 44.32
CA LEU B 141 3.29 39.88 44.95
C LEU B 141 4.52 40.75 44.83
N SER B 142 5.28 40.86 45.90
CA SER B 142 6.46 41.75 45.96
C SER B 142 7.59 41.04 46.69
N LEU B 143 8.74 40.94 46.06
CA LEU B 143 9.92 40.27 46.65
C LEU B 143 11.17 41.08 46.40
N THR B 144 12.15 40.85 47.25
CA THR B 144 13.47 41.51 47.17
C THR B 144 14.56 40.42 47.25
N CYS B 145 15.61 40.62 46.48
CA CYS B 145 16.79 39.75 46.50
C CYS B 145 17.98 40.60 46.95
N ALA B 146 18.50 40.34 48.14
CA ALA B 146 19.69 41.05 48.65
C ALA B 146 20.93 40.32 48.11
N VAL B 147 21.83 41.09 47.51
CA VAL B 147 23.08 40.55 46.93
C VAL B 147 24.22 40.84 47.90
N SER B 148 24.88 39.78 48.37
CA SER B 148 26.03 39.89 49.31
C SER B 148 27.28 39.34 48.65
N GLY B 149 28.42 39.91 48.99
CA GLY B 149 29.74 39.44 48.52
C GLY B 149 29.97 39.69 47.05
N ASP B 150 29.29 40.69 46.47
CA ASP B 150 29.36 41.03 45.04
C ASP B 150 28.51 42.26 44.84
N SER B 151 28.88 43.08 43.89
CA SER B 151 28.17 44.34 43.64
C SER B 151 27.06 44.06 42.65
N ILE B 152 25.95 44.78 42.82
CA ILE B 152 24.88 44.83 41.80
C ILE B 152 25.49 45.31 40.48
N SER B 153 26.45 46.21 40.54
CA SER B 153 27.05 46.84 39.35
C SER B 153 27.98 45.90 38.59
N SER B 154 27.95 44.60 38.82
CA SER B 154 28.73 43.65 38.03
C SER B 154 28.13 43.45 36.64
N SER B 155 28.91 42.85 35.76
CA SER B 155 28.53 42.66 34.34
C SER B 155 27.72 41.38 34.16
N ASN B 156 26.58 41.30 34.84
CA ASN B 156 25.67 40.17 34.67
C ASN B 156 24.23 40.63 34.85
N TRP B 157 23.33 39.75 34.50
CA TRP B 157 21.89 40.00 34.72
C TRP B 157 21.50 39.44 36.08
N TRP B 158 20.49 40.06 36.66
CA TRP B 158 19.89 39.64 37.94
C TRP B 158 18.48 39.12 37.65
N SER B 159 18.26 37.84 37.86
CA SER B 159 17.09 37.13 37.32
C SER B 159 16.11 36.71 38.41
N TRP B 160 14.87 36.49 37.99
CA TRP B 160 13.84 35.84 38.83
C TRP B 160 13.31 34.60 38.12
N VAL B 161 13.26 33.50 38.86
CA VAL B 161 12.79 32.20 38.35
C VAL B 161 11.83 31.62 39.40
N ARG B 162 10.75 30.98 38.95
CA ARG B 162 9.78 30.39 39.90
C ARG B 162 9.52 28.92 39.61
N GLN B 163 9.13 28.17 40.65
CA GLN B 163 8.84 26.73 40.50
C GLN B 163 7.51 26.44 41.18
N PRO B 164 6.41 26.29 40.43
CA PRO B 164 5.10 25.95 41.00
C PRO B 164 5.15 24.57 41.68
N PRO B 165 4.23 24.26 42.61
CA PRO B 165 4.25 22.99 43.35
C PRO B 165 4.49 21.73 42.51
N GLY B 166 3.92 21.68 41.30
CA GLY B 166 4.13 20.53 40.40
C GLY B 166 5.50 20.53 39.77
N LYS B 167 6.39 21.41 40.23
CA LYS B 167 7.79 21.48 39.75
C LYS B 167 7.84 22.07 38.34
N GLY B 168 9.03 22.14 37.75
CA GLY B 168 9.16 22.83 36.46
C GLY B 168 9.56 24.27 36.70
N LEU B 169 10.63 24.72 36.04
CA LEU B 169 11.14 26.08 36.31
C LEU B 169 10.67 27.03 35.21
N GLU B 170 10.26 28.25 35.60
CA GLU B 170 9.83 29.27 34.63
C GLU B 170 10.61 30.55 34.87
N TRP B 171 11.30 31.01 33.84
CA TRP B 171 12.07 32.28 33.92
C TRP B 171 11.10 33.44 33.84
N ILE B 172 11.13 34.30 34.84
CA ILE B 172 10.22 35.47 34.87
C ILE B 172 10.82 36.62 34.09
N GLY B 173 12.08 36.91 34.32
CA GLY B 173 12.75 38.07 33.72
C GLY B 173 14.01 38.41 34.47
N GLU B 174 14.64 39.49 34.06
CA GLU B 174 15.92 39.87 34.67
C GLU B 174 16.21 41.34 34.40
N ILE B 175 17.15 41.86 35.17
CA ILE B 175 17.47 43.30 35.16
C ILE B 175 18.98 43.46 35.18
N TYR B 176 19.42 44.55 34.57
CA TYR B 176 20.84 44.95 34.56
C TYR B 176 21.00 46.12 35.52
N HIS B 177 22.23 46.33 35.99
CA HIS B 177 22.44 47.35 37.06
C HIS B 177 22.06 48.74 36.58
N SER B 178 22.17 48.98 35.28
CA SER B 178 21.82 50.31 34.74
C SER B 178 20.31 50.45 34.49
N GLY B 179 19.52 49.41 34.76
CA GLY B 179 18.07 49.56 34.79
C GLY B 179 17.33 48.85 33.68
N GLY B 180 18.00 48.45 32.60
CA GLY B 180 17.31 47.71 31.54
C GLY B 180 16.80 46.36 32.00
N THR B 181 15.67 45.95 31.46
CA THR B 181 14.96 44.72 31.85
C THR B 181 14.68 43.87 30.63
N LYS B 182 14.55 42.56 30.86
CA LYS B 182 13.99 41.62 29.88
C LYS B 182 12.95 40.79 30.62
N TYR B 183 11.75 40.72 30.08
CA TYR B 183 10.63 40.01 30.75
C TYR B 183 10.16 38.86 29.88
N ASN B 184 9.71 37.80 30.52
CA ASN B 184 8.98 36.73 29.80
C ASN B 184 7.73 37.34 29.17
N PRO B 185 7.51 37.14 27.86
CA PRO B 185 6.31 37.71 27.23
C PRO B 185 5.00 37.20 27.83
N SER B 186 5.02 36.07 28.52
CA SER B 186 3.78 35.57 29.17
C SER B 186 3.38 36.43 30.38
N LEU B 187 4.32 37.19 30.94
CA LEU B 187 4.11 37.94 32.20
C LEU B 187 4.29 39.44 32.02
N LYS B 188 4.65 39.89 30.83
CA LYS B 188 5.14 41.28 30.64
C LYS B 188 4.08 42.30 31.04
N SER B 189 2.80 41.98 30.88
CA SER B 189 1.75 42.97 31.20
C SER B 189 1.65 43.20 32.71
N ARG B 190 2.09 42.27 33.54
CA ARG B 190 1.85 42.40 35.00
C ARG B 190 3.13 42.31 35.84
N VAL B 191 4.30 42.28 35.25
CA VAL B 191 5.55 42.15 36.02
C VAL B 191 6.30 43.48 36.00
N THR B 192 7.01 43.75 37.07
CA THR B 192 8.05 44.80 37.12
C THR B 192 9.24 44.24 37.89
N ILE B 193 10.42 44.46 37.37
CA ILE B 193 11.69 44.15 38.08
C ILE B 193 12.42 45.47 38.23
N SER B 194 12.95 45.71 39.41
CA SER B 194 13.65 46.98 39.71
C SER B 194 14.99 46.64 40.34
N VAL B 195 15.86 47.66 40.41
CA VAL B 195 17.18 47.47 41.01
C VAL B 195 17.50 48.73 41.82
N ASP B 196 18.27 48.55 42.88
CA ASP B 196 18.66 49.66 43.77
C ASP B 196 20.13 49.46 44.12
N LYS B 197 21.00 50.17 43.42
CA LYS B 197 22.45 50.01 43.66
C LYS B 197 22.82 50.45 45.07
N SER B 198 22.12 51.43 45.62
CA SER B 198 22.48 51.96 46.95
C SER B 198 22.14 50.95 48.04
N LYS B 199 21.24 50.01 47.78
CA LYS B 199 20.92 48.95 48.76
C LYS B 199 21.46 47.60 48.29
N ASN B 200 22.08 47.56 47.11
CA ASN B 200 22.63 46.30 46.57
C ASN B 200 21.58 45.21 46.53
N HIS B 201 20.39 45.56 46.03
CA HIS B 201 19.36 44.51 45.85
C HIS B 201 18.59 44.78 44.55
N PHE B 202 17.80 43.81 44.16
CA PHE B 202 16.85 43.96 43.03
C PHE B 202 15.54 43.34 43.47
N SER B 203 14.47 43.75 42.82
CA SER B 203 13.11 43.41 43.31
C SER B 203 12.22 42.90 42.19
N LEU B 204 11.15 42.25 42.61
CA LEU B 204 10.13 41.68 41.72
C LEU B 204 8.78 42.15 42.20
N LYS B 205 7.96 42.61 41.26
CA LYS B 205 6.53 42.90 41.51
C LYS B 205 5.73 42.16 40.46
N LEU B 206 4.75 41.39 40.92
CA LEU B 206 3.85 40.64 40.03
C LEU B 206 2.43 41.00 40.42
N ARG B 207 1.74 41.70 39.52
CA ARG B 207 0.37 42.22 39.78
C ARG B 207 -0.68 41.17 39.45
N SER B 208 -1.88 41.40 39.99
CA SER B 208 -3.11 40.65 39.64
C SER B 208 -2.87 39.16 39.80
N VAL B 209 -2.41 38.75 40.97
CA VAL B 209 -1.98 37.35 41.13
C VAL B 209 -3.21 36.44 41.18
N THR B 210 -3.00 35.20 40.78
CA THR B 210 -4.02 34.15 40.91
C THR B 210 -3.36 32.94 41.53
N ALA B 211 -4.12 31.87 41.67
CA ALA B 211 -3.60 30.61 42.27
C ALA B 211 -2.43 30.09 41.46
N ALA B 212 -2.38 30.38 40.16
CA ALA B 212 -1.26 29.89 39.34
C ALA B 212 0.05 30.56 39.74
N ASP B 213 -0.01 31.59 40.56
CA ASP B 213 1.23 32.27 41.00
C ASP B 213 1.79 31.66 42.27
N THR B 214 1.08 30.75 42.91
CA THR B 214 1.64 30.07 44.10
C THR B 214 2.87 29.28 43.67
N ALA B 215 4.01 29.60 44.25
CA ALA B 215 5.27 28.98 43.81
C ALA B 215 6.39 29.30 44.78
N VAL B 216 7.47 28.55 44.61
CA VAL B 216 8.78 28.94 45.15
C VAL B 216 9.41 29.92 44.17
N TYR B 217 9.78 31.09 44.67
CA TYR B 217 10.43 32.13 43.84
C TYR B 217 11.91 32.19 44.14
N TYR B 218 12.73 32.10 43.11
CA TYR B 218 14.20 32.16 43.23
C TYR B 218 14.71 33.43 42.55
N CYS B 219 15.68 34.06 43.18
CA CYS B 219 16.53 35.03 42.47
C CYS B 219 17.84 34.35 42.09
N ALA B 220 18.43 34.80 41.00
CA ALA B 220 19.62 34.15 40.45
C ALA B 220 20.51 35.18 39.75
N ARG B 221 21.78 34.85 39.67
CA ARG B 221 22.74 35.59 38.84
C ARG B 221 22.83 34.88 37.49
N ASN B 222 22.45 35.57 36.42
CA ASN B 222 22.59 35.07 35.04
C ASN B 222 23.82 35.75 34.44
N ARG B 223 24.94 35.04 34.41
CA ARG B 223 26.21 35.63 33.95
C ARG B 223 26.64 34.94 32.67
N TRP B 224 27.51 35.60 31.92
CA TRP B 224 28.01 34.96 30.70
C TRP B 224 29.40 34.39 30.93
N PHE B 225 29.74 33.42 30.10
CA PHE B 225 30.93 32.58 30.25
C PHE B 225 31.90 32.92 29.11
N ASP B 226 33.11 33.29 29.47
CA ASP B 226 34.22 33.54 28.52
C ASP B 226 34.77 32.18 28.08
N ASN B 227 34.10 31.58 27.13
CA ASN B 227 34.51 30.22 26.67
C ASN B 227 35.15 30.25 25.29
N ASN B 228 35.40 31.43 24.73
CA ASN B 228 36.13 31.60 23.45
C ASN B 228 35.39 31.01 22.27
N ARG B 229 34.09 30.72 22.39
CA ARG B 229 33.39 30.10 21.25
C ARG B 229 32.99 31.16 20.22
N GLY B 230 32.81 32.41 20.63
CA GLY B 230 32.38 33.47 19.69
C GLY B 230 30.89 33.55 19.55
N GLY B 231 30.43 34.62 18.92
CA GLY B 231 28.99 34.80 18.73
C GLY B 231 28.29 35.34 19.97
N TYR B 232 27.00 35.09 20.04
CA TYR B 232 26.16 35.56 21.18
C TYR B 232 26.77 35.09 22.50
N TYR B 233 26.72 35.97 23.50
CA TYR B 233 27.16 35.60 24.86
C TYR B 233 26.47 34.32 25.31
N TYR B 234 27.22 33.49 26.02
CA TYR B 234 26.69 32.25 26.63
C TYR B 234 26.40 32.52 28.10
N TYR B 235 25.12 32.48 28.44
CA TYR B 235 24.67 32.81 29.81
C TYR B 235 24.30 31.54 30.55
N GLY B 236 24.56 31.56 31.85
CA GLY B 236 24.09 30.52 32.74
C GLY B 236 23.80 31.12 34.10
N MET B 237 22.84 30.53 34.79
CA MET B 237 22.48 30.96 36.15
C MET B 237 23.34 30.17 37.14
N ASP B 238 24.46 30.76 37.55
CA ASP B 238 25.46 30.02 38.35
C ASP B 238 25.31 30.26 39.85
N VAL B 239 24.60 31.28 40.29
CA VAL B 239 24.36 31.53 41.74
C VAL B 239 22.87 31.72 41.93
N TRP B 240 22.29 30.97 42.87
CA TRP B 240 20.85 31.03 43.19
C TRP B 240 20.62 31.38 44.65
N GLY B 241 19.54 32.10 44.91
CA GLY B 241 19.07 32.28 46.29
C GLY B 241 18.49 30.98 46.81
N GLN B 242 18.03 30.99 48.06
CA GLN B 242 17.51 29.73 48.65
C GLN B 242 16.06 29.47 48.24
N GLY B 243 15.37 30.48 47.71
CA GLY B 243 13.97 30.30 47.33
C GLY B 243 13.05 30.72 48.46
N THR B 244 11.93 31.32 48.11
CA THR B 244 10.90 31.67 49.11
C THR B 244 9.54 31.31 48.54
N THR B 245 8.72 30.69 49.37
CA THR B 245 7.35 30.31 48.98
C THR B 245 6.43 31.53 49.11
N VAL B 246 5.61 31.73 48.10
CA VAL B 246 4.53 32.73 48.16
C VAL B 246 3.26 31.97 47.83
N THR B 247 2.27 32.10 48.69
CA THR B 247 1.00 31.36 48.55
C THR B 247 -0.09 32.39 48.34
N VAL B 248 -0.94 32.13 47.36
CA VAL B 248 -2.10 33.00 47.09
C VAL B 248 -3.25 32.45 47.92
N SER B 249 -3.83 33.30 48.74
CA SER B 249 -4.94 32.85 49.62
C SER B 249 -5.77 34.06 49.99
N SER B 250 -7.09 33.87 50.09
CA SER B 250 -8.01 34.96 50.49
C SER B 250 -7.97 35.18 52.00
N LEU B 251 -7.56 34.18 52.78
CA LEU B 251 -7.57 34.32 54.25
C LEU B 251 -6.33 35.06 54.74
N VAL B 252 -6.56 35.98 55.67
CA VAL B 252 -5.47 36.81 56.26
C VAL B 252 -5.34 36.41 57.72
N PRO B 253 -4.12 36.13 58.20
CA PRO B 253 -3.90 35.76 59.60
C PRO B 253 -4.10 36.94 60.57
N MET C 1 31.39 19.17 17.31
CA MET C 1 30.21 18.73 16.55
C MET C 1 29.95 17.26 16.86
N ASP C 2 28.77 16.96 17.39
CA ASP C 2 28.45 15.57 17.80
C ASP C 2 27.70 14.86 16.68
N ILE C 3 28.38 13.84 16.15
CA ILE C 3 27.88 13.01 15.03
C ILE C 3 27.88 11.57 15.53
N GLN C 4 26.71 10.95 15.47
CA GLN C 4 26.57 9.53 15.88
C GLN C 4 26.55 8.65 14.64
N MET C 5 27.27 7.54 14.73
CA MET C 5 27.47 6.60 13.59
C MET C 5 26.77 5.28 13.91
N THR C 6 25.75 4.96 13.14
CA THR C 6 24.93 3.74 13.31
C THR C 6 25.23 2.78 12.16
N GLN C 7 25.62 1.56 12.48
CA GLN C 7 25.84 0.54 11.43
C GLN C 7 24.67 -0.45 11.39
N SER C 8 24.60 -1.18 10.29
CA SER C 8 23.61 -2.27 10.08
C SER C 8 24.22 -3.29 9.11
N PRO C 9 24.07 -4.60 9.37
CA PRO C 9 23.42 -5.13 10.59
C PRO C 9 24.39 -5.26 11.76
N SER C 10 23.86 -5.57 12.94
CA SER C 10 24.71 -5.79 14.13
C SER C 10 25.64 -6.98 13.89
N SER C 11 25.08 -8.09 13.43
CA SER C 11 25.87 -9.31 13.16
C SER C 11 25.45 -9.86 11.80
N LEU C 12 26.36 -10.59 11.17
CA LEU C 12 26.04 -11.25 9.90
C LEU C 12 26.77 -12.58 9.81
N SER C 13 26.01 -13.63 9.53
CA SER C 13 26.53 -14.97 9.25
C SER C 13 26.42 -15.19 7.74
N ALA C 14 27.55 -15.46 7.09
CA ALA C 14 27.56 -15.72 5.64
C ALA C 14 28.53 -16.85 5.33
N SER C 15 28.45 -17.31 4.09
CA SER C 15 29.26 -18.47 3.63
C SER C 15 30.28 -17.99 2.60
N VAL C 16 31.47 -18.58 2.67
CA VAL C 16 32.60 -18.22 1.77
C VAL C 16 32.12 -18.09 0.33
N GLY C 17 32.56 -17.02 -0.33
CA GLY C 17 32.17 -16.75 -1.72
C GLY C 17 30.97 -15.83 -1.87
N ASP C 18 30.31 -15.46 -0.78
CA ASP C 18 29.13 -14.59 -0.87
C ASP C 18 29.57 -13.12 -0.93
N ARG C 19 28.69 -12.30 -1.46
CA ARG C 19 28.88 -10.83 -1.50
C ARG C 19 28.27 -10.23 -0.24
N VAL C 20 29.12 -9.61 0.57
CA VAL C 20 28.70 -9.01 1.87
C VAL C 20 28.66 -7.49 1.71
N THR C 21 27.62 -6.87 2.24
CA THR C 21 27.50 -5.40 2.27
C THR C 21 27.13 -4.98 3.69
N ILE C 22 27.99 -4.18 4.31
CA ILE C 22 27.68 -3.53 5.61
C ILE C 22 27.42 -2.05 5.30
N THR C 23 26.49 -1.46 6.03
CA THR C 23 26.14 -0.04 5.84
C THR C 23 26.22 0.71 7.15
N CYS C 24 26.29 2.03 7.05
CA CYS C 24 26.25 2.89 8.23
C CYS C 24 25.57 4.21 7.88
N ARG C 25 25.21 4.93 8.92
CA ARG C 25 24.41 6.17 8.78
C ARG C 25 25.02 7.19 9.74
N ALA C 26 25.13 8.43 9.27
CA ALA C 26 25.62 9.54 10.12
C ALA C 26 24.42 10.37 10.58
N SER C 27 24.45 10.78 11.83
CA SER C 27 23.34 11.59 12.39
C SER C 27 23.25 12.95 11.67
N GLN C 28 24.32 13.36 11.00
CA GLN C 28 24.25 14.55 10.12
C GLN C 28 25.25 14.35 9.01
N GLY C 29 25.09 15.13 7.94
CA GLY C 29 25.95 14.95 6.75
C GLY C 29 27.42 15.10 7.11
N ILE C 30 28.25 14.24 6.52
CA ILE C 30 29.70 14.23 6.80
C ILE C 30 30.45 14.14 5.48
N SER C 31 29.77 14.46 4.38
CA SER C 31 30.39 14.52 3.05
C SER C 31 31.07 13.18 2.82
N SER C 32 32.36 13.17 2.51
CA SER C 32 33.08 11.92 2.18
C SER C 32 34.06 11.51 3.27
N TYR C 33 33.94 12.09 4.47
CA TYR C 33 34.95 11.89 5.54
C TYR C 33 34.52 10.68 6.36
N LEU C 34 34.84 9.50 5.85
CA LEU C 34 34.36 8.25 6.49
C LEU C 34 35.41 7.17 6.28
N ASN C 35 35.76 6.48 7.35
CA ASN C 35 36.78 5.40 7.31
C ASN C 35 36.14 4.09 7.77
N TRP C 36 36.70 2.99 7.28
CA TRP C 36 36.32 1.62 7.67
C TRP C 36 37.50 0.90 8.30
N TYR C 37 37.23 0.16 9.37
CA TYR C 37 38.26 -0.65 10.04
C TYR C 37 37.80 -2.10 10.14
N GLN C 38 38.79 -2.98 10.23
CA GLN C 38 38.62 -4.42 10.45
C GLN C 38 39.28 -4.76 11.79
N GLN C 39 38.54 -5.42 12.67
CA GLN C 39 39.11 -5.89 13.95
C GLN C 39 38.93 -7.40 14.03
N LYS C 40 40.04 -8.11 13.99
CA LYS C 40 40.00 -9.57 14.27
C LYS C 40 40.04 -9.75 15.79
N PRO C 41 39.51 -10.88 16.30
CA PRO C 41 39.43 -11.06 17.75
C PRO C 41 40.79 -11.03 18.43
N GLY C 42 40.87 -10.24 19.51
CA GLY C 42 42.10 -10.08 20.29
C GLY C 42 43.11 -9.14 19.64
N LYS C 43 42.86 -8.63 18.44
CA LYS C 43 43.83 -7.78 17.74
C LYS C 43 43.32 -6.34 17.69
N ALA C 44 44.22 -5.44 17.36
CA ALA C 44 43.86 -4.02 17.22
C ALA C 44 43.10 -3.83 15.92
N PRO C 45 42.23 -2.79 15.84
CA PRO C 45 41.56 -2.47 14.59
C PRO C 45 42.58 -2.16 13.49
N LYS C 46 42.22 -2.54 12.26
CA LYS C 46 43.07 -2.33 11.08
C LYS C 46 42.30 -1.47 10.09
N LEU C 47 42.96 -0.41 9.62
CA LEU C 47 42.31 0.51 8.64
C LEU C 47 42.25 -0.18 7.28
N LEU C 48 41.04 -0.27 6.74
CA LEU C 48 40.82 -0.80 5.38
C LEU C 48 40.69 0.31 4.35
N ILE C 49 39.76 1.24 4.60
CA ILE C 49 39.31 2.26 3.62
C ILE C 49 39.36 3.61 4.31
N SER C 50 39.94 4.60 3.63
CA SER C 50 39.86 6.01 4.09
C SER C 50 39.11 6.79 3.04
N ALA C 51 38.48 7.89 3.44
CA ALA C 51 37.84 8.84 2.51
C ALA C 51 36.80 8.14 1.64
N THR C 52 35.90 7.38 2.30
CA THR C 52 34.74 6.71 1.70
C THR C 52 35.16 5.49 0.87
N SER C 53 36.21 5.60 0.05
CA SER C 53 36.46 4.57 -0.97
C SER C 53 37.92 4.33 -1.29
N ASP C 54 38.89 4.95 -0.62
CA ASP C 54 40.31 4.73 -0.94
C ASP C 54 40.79 3.51 -0.17
N LEU C 55 41.10 2.44 -0.89
CA LEU C 55 41.60 1.20 -0.22
C LEU C 55 43.01 1.43 0.29
N GLN C 56 43.29 0.95 1.51
CA GLN C 56 44.64 1.00 2.07
C GLN C 56 45.56 0.05 1.32
N SER C 57 46.86 0.37 1.35
CA SER C 57 47.90 -0.52 0.81
C SER C 57 47.92 -1.83 1.62
N GLY C 58 47.72 -2.95 0.95
CA GLY C 58 47.79 -4.27 1.61
C GLY C 58 46.43 -4.87 1.93
N VAL C 59 45.35 -4.14 1.75
CA VAL C 59 44.00 -4.74 1.98
C VAL C 59 43.52 -5.28 0.65
N PRO C 60 43.01 -6.52 0.61
CA PRO C 60 42.72 -7.16 -0.67
C PRO C 60 41.67 -6.40 -1.50
N SER C 61 41.85 -6.48 -2.81
CA SER C 61 41.01 -5.82 -3.82
C SER C 61 39.53 -6.18 -3.71
N ARG C 62 39.15 -7.15 -2.87
CA ARG C 62 37.72 -7.51 -2.78
C ARG C 62 36.95 -6.54 -1.89
N PHE C 63 37.65 -5.72 -1.12
CA PHE C 63 37.00 -4.70 -0.27
C PHE C 63 36.78 -3.42 -1.07
N SER C 64 35.62 -2.80 -0.87
CA SER C 64 35.31 -1.51 -1.53
C SER C 64 34.33 -0.73 -0.67
N GLY C 65 34.38 0.59 -0.83
CA GLY C 65 33.48 1.48 -0.08
C GLY C 65 32.79 2.45 -0.99
N SER C 66 31.62 2.90 -0.57
CA SER C 66 30.83 3.91 -1.31
C SER C 66 29.96 4.67 -0.32
N GLY C 67 29.28 5.67 -0.85
CA GLY C 67 28.27 6.42 -0.08
C GLY C 67 28.48 7.90 -0.21
N SER C 68 27.59 8.64 0.45
CA SER C 68 27.68 10.11 0.47
C SER C 68 26.98 10.65 1.71
N GLY C 69 27.55 11.71 2.27
CA GLY C 69 26.87 12.55 3.26
C GLY C 69 26.41 11.81 4.50
N THR C 70 25.32 11.07 4.40
CA THR C 70 24.71 10.40 5.56
C THR C 70 24.73 8.87 5.48
N ASP C 71 24.73 8.29 4.28
CA ASP C 71 24.66 6.82 4.10
C ASP C 71 25.92 6.31 3.41
N PHE C 72 26.52 5.25 3.95
CA PHE C 72 27.74 4.65 3.36
C PHE C 72 27.64 3.14 3.35
N THR C 73 28.51 2.53 2.56
CA THR C 73 28.49 1.06 2.37
C THR C 73 29.92 0.54 2.31
N LEU C 74 30.20 -0.50 3.07
CA LEU C 74 31.39 -1.34 2.88
C LEU C 74 30.93 -2.62 2.20
N THR C 75 31.71 -3.08 1.22
CA THR C 75 31.30 -4.24 0.42
C THR C 75 32.49 -5.16 0.23
N ILE C 76 32.28 -6.43 0.50
CA ILE C 76 33.24 -7.50 0.13
C ILE C 76 32.71 -8.17 -1.13
N SER C 77 33.56 -8.32 -2.13
CA SER C 77 33.12 -8.85 -3.45
C SER C 77 32.80 -10.34 -3.35
N SER C 78 33.69 -11.11 -2.75
CA SER C 78 33.49 -12.57 -2.54
C SER C 78 34.13 -12.94 -1.21
N LEU C 79 33.31 -13.30 -0.24
CA LEU C 79 33.82 -13.60 1.13
C LEU C 79 34.81 -14.76 1.08
N GLN C 80 35.81 -14.68 1.94
CA GLN C 80 36.82 -15.75 2.10
C GLN C 80 37.01 -16.01 3.58
N PRO C 81 37.81 -17.05 3.93
CA PRO C 81 37.89 -17.44 5.34
C PRO C 81 38.51 -16.40 6.27
N GLU C 82 39.51 -15.67 5.78
CA GLU C 82 40.26 -14.68 6.59
C GLU C 82 39.39 -13.46 6.94
N ASP C 83 38.21 -13.32 6.37
CA ASP C 83 37.40 -12.10 6.56
C ASP C 83 36.56 -12.13 7.83
N PHE C 84 36.69 -13.15 8.66
CA PHE C 84 35.94 -13.20 9.95
C PHE C 84 36.50 -12.12 10.87
N ALA C 85 35.68 -11.13 11.19
CA ALA C 85 36.12 -9.99 12.01
C ALA C 85 34.92 -9.11 12.32
N THR C 86 35.16 -8.10 13.13
CA THR C 86 34.19 -7.01 13.39
C THR C 86 34.65 -5.80 12.61
N TYR C 87 33.71 -5.17 11.90
CA TYR C 87 34.00 -4.05 10.99
C TYR C 87 33.38 -2.78 11.55
N TYR C 88 34.18 -1.72 11.59
CA TYR C 88 33.76 -0.45 12.21
C TYR C 88 33.84 0.68 11.18
N CYS C 89 32.78 1.47 11.10
CA CYS C 89 32.88 2.76 10.40
C CYS C 89 33.38 3.83 11.39
N GLN C 90 33.94 4.90 10.84
CA GLN C 90 34.44 6.00 11.69
C GLN C 90 34.35 7.30 10.89
N GLN C 91 33.53 8.23 11.35
CA GLN C 91 33.50 9.56 10.71
C GLN C 91 34.79 10.30 11.10
N SER C 92 35.43 10.90 10.11
CA SER C 92 36.63 11.75 10.31
C SER C 92 36.30 13.22 10.03
N TYR C 93 35.02 13.56 9.92
CA TYR C 93 34.62 14.90 9.48
C TYR C 93 34.87 15.94 10.58
N SER C 94 34.71 15.55 11.84
CA SER C 94 34.70 16.53 12.94
C SER C 94 35.11 15.82 14.24
N THR C 95 35.93 16.49 15.01
CA THR C 95 36.19 15.99 16.38
C THR C 95 35.02 16.37 17.28
N PRO C 96 34.67 15.51 18.26
CA PRO C 96 35.36 14.25 18.56
C PRO C 96 35.06 13.15 17.52
N TYR C 97 36.09 12.43 17.09
CA TYR C 97 35.88 11.36 16.10
C TYR C 97 35.03 10.27 16.74
N THR C 98 34.06 9.77 15.97
CA THR C 98 33.12 8.76 16.48
C THR C 98 33.12 7.54 15.56
N PHE C 99 32.97 6.38 16.17
CA PHE C 99 32.86 5.10 15.43
C PHE C 99 31.43 4.57 15.52
N GLY C 100 31.09 3.72 14.55
CA GLY C 100 29.88 2.89 14.70
C GLY C 100 30.07 1.86 15.80
N GLN C 101 28.99 1.16 16.12
CA GLN C 101 29.06 0.14 17.19
C GLN C 101 29.61 -1.19 16.66
N GLY C 102 29.72 -1.35 15.35
CA GLY C 102 30.45 -2.51 14.81
C GLY C 102 29.51 -3.56 14.25
N THR C 103 30.03 -4.33 13.30
CA THR C 103 29.29 -5.43 12.66
C THR C 103 30.14 -6.68 12.79
N LYS C 104 29.61 -7.68 13.48
CA LYS C 104 30.29 -8.99 13.61
C LYS C 104 29.99 -9.81 12.36
N LEU C 105 31.04 -10.33 11.73
CA LEU C 105 30.89 -11.16 10.52
C LEU C 105 31.38 -12.58 10.82
N GLN C 124 57.97 -0.84 8.73
CA GLN C 124 56.61 -0.62 9.29
C GLN C 124 56.72 0.13 10.62
N VAL C 125 55.98 1.22 10.74
CA VAL C 125 55.88 1.94 12.04
C VAL C 125 55.21 1.02 13.05
N GLN C 126 55.69 1.08 14.28
CA GLN C 126 55.16 0.21 15.36
C GLN C 126 54.96 1.02 16.63
N LEU C 127 53.83 0.80 17.28
CA LEU C 127 53.49 1.50 18.55
C LEU C 127 53.26 0.44 19.62
N GLN C 128 53.86 0.65 20.78
CA GLN C 128 53.67 -0.29 21.91
C GLN C 128 53.27 0.51 23.15
N GLU C 129 52.31 -0.02 23.87
CA GLU C 129 51.70 0.66 25.03
C GLU C 129 51.97 -0.12 26.31
N SER C 130 52.26 0.63 27.38
CA SER C 130 52.60 0.01 28.69
C SER C 130 51.98 0.85 29.80
N GLY C 131 51.72 0.19 30.93
CA GLY C 131 51.19 0.89 32.11
C GLY C 131 50.55 -0.09 33.08
N PRO C 132 50.28 0.39 34.32
CA PRO C 132 49.83 -0.49 35.40
C PRO C 132 48.91 -1.67 35.04
N GLY C 133 47.68 -1.40 34.60
CA GLY C 133 46.73 -2.49 34.26
C GLY C 133 45.62 -2.67 35.27
N LEU C 134 45.87 -2.29 36.53
CA LEU C 134 44.82 -2.25 37.57
C LEU C 134 44.92 -0.88 38.26
N VAL C 135 43.80 -0.18 38.33
CA VAL C 135 43.73 1.16 38.97
C VAL C 135 42.61 1.12 40.00
N LYS C 136 42.88 1.72 41.16
CA LYS C 136 41.83 1.80 42.21
C LYS C 136 40.80 2.84 41.80
N PRO C 137 39.50 2.60 42.09
CA PRO C 137 38.47 3.60 41.81
C PRO C 137 38.82 4.96 42.43
N SER C 138 38.59 6.02 41.63
CA SER C 138 38.94 7.44 41.90
C SER C 138 40.43 7.70 41.63
N GLY C 139 41.21 6.68 41.30
CA GLY C 139 42.64 6.86 41.02
C GLY C 139 42.88 7.42 39.63
N THR C 140 44.15 7.42 39.26
CA THR C 140 44.60 8.00 37.97
C THR C 140 45.11 6.88 37.07
N LEU C 141 44.41 6.65 35.97
CA LEU C 141 44.96 5.79 34.89
C LEU C 141 46.13 6.51 34.25
N SER C 142 47.19 5.78 33.97
CA SER C 142 48.39 6.36 33.31
C SER C 142 48.98 5.33 32.36
N LEU C 143 49.14 5.72 31.10
CA LEU C 143 49.68 4.82 30.06
C LEU C 143 50.68 5.58 29.21
N THR C 144 51.52 4.82 28.51
CA THR C 144 52.56 5.39 27.63
C THR C 144 52.63 4.56 26.36
N CYS C 145 52.73 5.27 25.23
CA CYS C 145 52.87 4.63 23.91
C CYS C 145 54.29 4.88 23.41
N ALA C 146 55.01 3.79 23.11
CA ALA C 146 56.37 3.86 22.57
C ALA C 146 56.28 3.81 21.06
N VAL C 147 56.81 4.85 20.40
CA VAL C 147 56.78 4.95 18.92
C VAL C 147 58.11 4.45 18.38
N SER C 148 58.05 3.49 17.48
CA SER C 148 59.25 2.92 16.82
C SER C 148 59.11 3.06 15.30
N GLY C 149 60.24 3.26 14.65
CA GLY C 149 60.31 3.32 13.17
C GLY C 149 59.87 4.65 12.60
N ASP C 150 59.43 5.60 13.41
CA ASP C 150 59.07 6.95 12.92
C ASP C 150 59.34 7.94 14.03
N SER C 151 59.52 9.19 13.63
CA SER C 151 59.76 10.29 14.59
C SER C 151 58.43 10.79 15.14
N ILE C 152 58.43 11.16 16.42
CA ILE C 152 57.23 11.79 17.01
C ILE C 152 56.98 13.14 16.34
N SER C 153 58.05 13.83 15.93
CA SER C 153 57.96 15.15 15.28
C SER C 153 57.52 15.05 13.81
N SER C 154 56.84 13.97 13.42
CA SER C 154 56.26 13.89 12.06
C SER C 154 54.89 14.57 12.05
N SER C 155 54.42 14.90 10.87
CA SER C 155 53.19 15.72 10.70
C SER C 155 51.95 14.84 10.78
N ASN C 156 51.67 14.37 11.99
CA ASN C 156 50.47 13.58 12.26
C ASN C 156 50.08 13.79 13.71
N TRP C 157 48.89 13.32 14.04
CA TRP C 157 48.39 13.31 15.44
C TRP C 157 48.66 11.94 16.04
N TRP C 158 48.93 11.95 17.34
CA TRP C 158 49.17 10.73 18.14
C TRP C 158 48.00 10.55 19.07
N SER C 159 47.27 9.45 18.90
CA SER C 159 45.90 9.31 19.43
C SER C 159 45.82 8.21 20.49
N TRP C 160 44.79 8.35 21.32
CA TRP C 160 44.35 7.30 22.26
C TRP C 160 42.91 6.92 21.94
N VAL C 161 42.67 5.62 21.79
CA VAL C 161 41.31 5.06 21.57
C VAL C 161 41.12 3.94 22.59
N ARG C 162 39.91 3.84 23.12
CA ARG C 162 39.66 2.73 24.08
C ARG C 162 38.42 1.95 23.65
N GLN C 163 38.38 0.70 24.08
CA GLN C 163 37.28 -0.22 23.72
C GLN C 163 36.83 -0.95 24.97
N PRO C 164 35.69 -0.53 25.56
CA PRO C 164 35.19 -1.20 26.75
C PRO C 164 34.83 -2.65 26.43
N PRO C 165 34.69 -3.51 27.46
CA PRO C 165 34.38 -4.91 27.21
C PRO C 165 33.02 -5.06 26.51
N GLY C 166 33.04 -5.81 25.41
CA GLY C 166 31.85 -6.03 24.58
C GLY C 166 31.23 -4.72 24.11
N LYS C 167 32.04 -3.84 23.54
CA LYS C 167 31.53 -2.54 23.09
C LYS C 167 32.39 -2.06 21.92
N GLY C 168 31.99 -0.91 21.37
CA GLY C 168 32.69 -0.30 20.24
C GLY C 168 33.85 0.55 20.68
N LEU C 169 34.32 1.39 19.76
CA LEU C 169 35.54 2.19 20.00
C LEU C 169 35.17 3.62 20.37
N GLU C 170 35.92 4.18 21.31
CA GLU C 170 35.73 5.58 21.75
C GLU C 170 37.05 6.32 21.58
N TRP C 171 37.01 7.41 20.81
CA TRP C 171 38.19 8.28 20.66
C TRP C 171 38.35 9.10 21.93
N ILE C 172 39.55 9.05 22.50
CA ILE C 172 39.83 9.82 23.75
C ILE C 172 40.37 11.21 23.43
N GLY C 173 41.33 11.28 22.50
CA GLY C 173 42.04 12.53 22.27
C GLY C 173 43.31 12.30 21.50
N GLU C 174 44.00 13.39 21.18
CA GLU C 174 45.20 13.35 20.34
C GLU C 174 46.15 14.48 20.74
N ILE C 175 47.44 14.25 20.47
CA ILE C 175 48.48 15.28 20.68
C ILE C 175 49.31 15.41 19.41
N TYR C 176 49.77 16.62 19.18
CA TYR C 176 50.72 16.94 18.10
C TYR C 176 52.11 17.07 18.72
N HIS C 177 53.15 16.82 17.93
CA HIS C 177 54.53 16.87 18.47
C HIS C 177 54.81 18.19 19.16
N SER C 178 54.22 19.28 18.65
CA SER C 178 54.38 20.66 19.20
C SER C 178 53.61 20.86 20.51
N GLY C 179 52.86 19.87 20.96
CA GLY C 179 52.20 19.96 22.28
C GLY C 179 50.71 20.20 22.21
N GLY C 180 50.19 20.72 21.10
CA GLY C 180 48.75 20.94 20.96
C GLY C 180 47.96 19.66 21.17
N THR C 181 46.83 19.76 21.86
CA THR C 181 45.96 18.58 22.09
C THR C 181 44.55 18.86 21.60
N LYS C 182 43.86 17.77 21.28
CA LYS C 182 42.40 17.75 21.07
C LYS C 182 41.83 16.65 21.95
N TYR C 183 40.79 16.98 22.70
CA TYR C 183 40.20 16.03 23.67
C TYR C 183 38.73 15.79 23.36
N ASN C 184 38.27 14.61 23.68
CA ASN C 184 36.82 14.31 23.67
C ASN C 184 36.12 15.15 24.73
N PRO C 185 35.11 15.97 24.37
CA PRO C 185 34.45 16.82 25.36
C PRO C 185 33.85 16.04 26.54
N SER C 186 33.57 14.76 26.34
CA SER C 186 33.10 13.89 27.45
C SER C 186 34.20 13.66 28.49
N LEU C 187 35.47 13.79 28.11
CA LEU C 187 36.60 13.47 29.01
C LEU C 187 37.45 14.71 29.31
N LYS C 188 37.13 15.85 28.70
CA LYS C 188 38.01 17.04 28.78
C LYS C 188 38.34 17.39 30.24
N SER C 189 37.39 17.26 31.15
CA SER C 189 37.61 17.71 32.54
C SER C 189 38.57 16.81 33.31
N ARG C 190 38.94 15.62 32.80
CA ARG C 190 39.79 14.71 33.61
C ARG C 190 40.92 14.05 32.80
N VAL C 191 41.12 14.44 31.54
CA VAL C 191 42.16 13.78 30.71
C VAL C 191 43.30 14.78 30.49
N THR C 192 44.50 14.23 30.45
CA THR C 192 45.69 14.93 29.92
C THR C 192 46.38 13.95 28.97
N ILE C 193 46.81 14.47 27.83
CA ILE C 193 47.73 13.73 26.93
C ILE C 193 48.99 14.56 26.81
N SER C 194 50.13 13.88 26.85
CA SER C 194 51.44 14.56 26.86
C SER C 194 52.34 13.86 25.86
N VAL C 195 53.41 14.55 25.50
CA VAL C 195 54.42 14.00 24.56
C VAL C 195 55.80 14.31 25.13
N ASP C 196 56.73 13.38 24.95
CA ASP C 196 58.14 13.58 25.37
C ASP C 196 59.01 13.21 24.17
N LYS C 197 59.40 14.20 23.39
CA LYS C 197 60.24 13.94 22.20
C LYS C 197 61.59 13.34 22.62
N SER C 198 62.02 13.57 23.86
CA SER C 198 63.25 12.96 24.40
C SER C 198 63.24 11.45 24.22
N LYS C 199 62.17 10.81 24.69
CA LYS C 199 62.01 9.34 24.63
C LYS C 199 61.24 8.89 23.39
N ASN C 200 60.67 9.82 22.61
CA ASN C 200 59.82 9.48 21.45
C ASN C 200 58.60 8.67 21.91
N HIS C 201 58.00 9.14 22.99
CA HIS C 201 56.78 8.49 23.49
C HIS C 201 55.73 9.54 23.81
N PHE C 202 54.46 9.18 23.74
CA PHE C 202 53.35 10.05 24.21
C PHE C 202 52.52 9.27 25.22
N SER C 203 51.82 10.02 26.06
CA SER C 203 51.26 9.49 27.33
C SER C 203 49.79 9.88 27.48
N LEU C 204 49.10 9.11 28.31
CA LEU C 204 47.68 9.33 28.61
C LEU C 204 47.47 9.27 30.11
N LYS C 205 46.90 10.33 30.67
CA LYS C 205 46.52 10.38 32.09
C LYS C 205 45.01 10.64 32.17
N LEU C 206 44.29 9.73 32.83
CA LEU C 206 42.84 9.85 33.02
C LEU C 206 42.54 9.88 34.52
N ARG C 207 42.05 11.00 35.01
CA ARG C 207 41.79 11.22 36.45
C ARG C 207 40.46 10.62 36.88
N SER C 208 40.34 10.35 38.17
CA SER C 208 39.08 9.99 38.84
C SER C 208 38.39 8.82 38.12
N VAL C 209 39.10 7.72 37.96
CA VAL C 209 38.57 6.57 37.20
C VAL C 209 37.37 5.97 37.93
N THR C 210 36.41 5.47 37.17
CA THR C 210 35.32 4.66 37.75
C THR C 210 35.18 3.38 36.93
N ALA C 211 34.14 2.60 37.21
CA ALA C 211 33.94 1.31 36.50
C ALA C 211 33.83 1.51 34.99
N ALA C 212 33.30 2.65 34.56
CA ALA C 212 33.09 2.93 33.12
C ALA C 212 34.42 3.04 32.36
N ASP C 213 35.56 3.07 33.06
CA ASP C 213 36.87 3.25 32.39
C ASP C 213 37.59 1.93 32.13
N THR C 214 37.09 0.81 32.63
CA THR C 214 37.67 -0.51 32.26
C THR C 214 37.55 -0.71 30.75
N ALA C 215 38.67 -0.96 30.09
CA ALA C 215 38.65 -1.14 28.63
C ALA C 215 40.01 -1.61 28.18
N VAL C 216 40.06 -2.08 26.94
CA VAL C 216 41.36 -2.15 26.24
C VAL C 216 41.63 -0.74 25.69
N TYR C 217 42.79 -0.20 26.03
CA TYR C 217 43.21 1.13 25.54
C TYR C 217 44.19 0.90 24.41
N TYR C 218 43.99 1.62 23.31
CA TYR C 218 44.91 1.59 22.15
C TYR C 218 45.55 2.97 21.99
N CYS C 219 46.81 2.96 21.58
CA CYS C 219 47.43 4.17 21.03
C CYS C 219 47.53 4.00 19.52
N ALA C 220 47.56 5.11 18.80
CA ALA C 220 47.39 5.03 17.34
C ALA C 220 47.94 6.28 16.68
N ARG C 221 48.36 6.12 15.43
CA ARG C 221 48.76 7.26 14.59
C ARG C 221 47.55 7.71 13.78
N ASN C 222 47.12 8.95 13.97
CA ASN C 222 46.04 9.55 13.16
C ASN C 222 46.70 10.49 12.16
N ARG C 223 46.91 10.01 10.93
CA ARG C 223 47.64 10.78 9.90
C ARG C 223 46.71 11.21 8.76
N TRP C 224 47.14 12.21 7.98
CA TRP C 224 46.30 12.73 6.87
C TRP C 224 46.71 12.10 5.54
N PHE C 225 45.76 12.01 4.61
CA PHE C 225 46.03 11.34 3.31
C PHE C 225 46.00 12.37 2.18
N ASP C 226 47.08 12.42 1.39
CA ASP C 226 47.11 13.31 0.21
C ASP C 226 46.29 12.65 -0.90
N ASN C 227 44.96 12.80 -0.85
CA ASN C 227 44.08 12.13 -1.84
C ASN C 227 43.68 13.13 -2.91
N ASN C 228 44.15 14.38 -2.79
CA ASN C 228 43.85 15.44 -3.79
C ASN C 228 42.35 15.71 -3.86
N ARG C 229 41.61 15.44 -2.79
CA ARG C 229 40.17 15.80 -2.84
C ARG C 229 39.96 17.28 -2.52
N GLY C 230 40.89 17.93 -1.84
CA GLY C 230 40.67 19.32 -1.40
C GLY C 230 39.83 19.42 -0.13
N GLY C 231 39.83 20.61 0.46
CA GLY C 231 39.07 20.87 1.70
C GLY C 231 39.77 20.36 2.94
N TYR C 232 38.99 20.12 3.99
CA TYR C 232 39.58 19.73 5.29
C TYR C 232 40.42 18.46 5.12
N TYR C 233 41.51 18.38 5.87
CA TYR C 233 42.41 17.19 5.83
C TYR C 233 41.60 15.94 6.11
N TYR C 234 41.86 14.90 5.33
CA TYR C 234 41.26 13.57 5.56
C TYR C 234 42.17 12.77 6.49
N TYR C 235 41.66 12.44 7.66
CA TYR C 235 42.47 11.72 8.66
C TYR C 235 42.00 10.27 8.77
N GLY C 236 42.94 9.41 9.10
CA GLY C 236 42.65 8.02 9.40
C GLY C 236 43.72 7.44 10.29
N MET C 237 43.32 6.59 11.23
CA MET C 237 44.29 5.96 12.14
C MET C 237 44.83 4.69 11.48
N ASP C 238 46.04 4.78 10.94
CA ASP C 238 46.57 3.71 10.06
C ASP C 238 47.55 2.78 10.80
N VAL C 239 47.96 3.12 12.02
CA VAL C 239 48.91 2.27 12.78
C VAL C 239 48.40 2.19 14.21
N TRP C 240 48.27 0.97 14.72
CA TRP C 240 47.72 0.74 16.07
C TRP C 240 48.72 -0.03 16.93
N GLY C 241 48.77 0.33 18.21
CA GLY C 241 49.49 -0.50 19.18
C GLY C 241 48.76 -1.80 19.45
N GLN C 242 49.41 -2.67 20.21
CA GLN C 242 48.80 -3.98 20.53
C GLN C 242 47.53 -3.76 21.36
N GLY C 243 47.57 -2.80 22.27
CA GLY C 243 46.48 -2.59 23.23
C GLY C 243 46.84 -3.13 24.60
N THR C 244 46.35 -2.45 25.63
CA THR C 244 46.54 -2.89 27.03
C THR C 244 45.17 -2.86 27.70
N THR C 245 44.91 -3.87 28.53
CA THR C 245 43.66 -3.88 29.31
C THR C 245 43.90 -3.14 30.62
N VAL C 246 43.00 -2.24 30.95
CA VAL C 246 43.01 -1.55 32.26
C VAL C 246 41.68 -1.88 32.93
N THR C 247 41.77 -2.39 34.15
CA THR C 247 40.58 -2.71 34.97
C THR C 247 40.60 -1.84 36.21
N VAL C 248 39.44 -1.35 36.62
CA VAL C 248 39.35 -0.50 37.82
C VAL C 248 38.73 -1.31 38.97
N MET D 1 29.81 10.82 -7.24
CA MET D 1 28.72 10.67 -6.25
C MET D 1 28.10 9.29 -6.40
N ASP D 2 27.66 8.70 -5.29
CA ASP D 2 26.97 7.39 -5.29
C ASP D 2 25.48 7.65 -5.48
N ILE D 3 25.00 7.36 -6.69
CA ILE D 3 23.56 7.49 -7.00
C ILE D 3 23.00 6.11 -7.32
N GLN D 4 22.12 5.62 -6.46
CA GLN D 4 21.43 4.32 -6.68
C GLN D 4 20.14 4.57 -7.44
N MET D 5 19.91 3.77 -8.47
CA MET D 5 18.71 3.88 -9.32
C MET D 5 17.80 2.68 -9.05
N THR D 6 16.53 2.95 -8.80
CA THR D 6 15.55 1.87 -8.49
C THR D 6 14.42 1.97 -9.49
N GLN D 7 14.06 0.82 -10.05
CA GLN D 7 13.13 0.74 -11.18
C GLN D 7 11.88 -0.05 -10.75
N SER D 8 10.72 0.34 -11.27
CA SER D 8 9.42 -0.29 -10.88
C SER D 8 8.53 -0.43 -12.11
N PRO D 9 7.86 -1.58 -12.31
CA PRO D 9 8.04 -2.83 -11.55
C PRO D 9 9.32 -3.56 -11.96
N SER D 10 9.67 -4.65 -11.30
CA SER D 10 10.83 -5.46 -11.74
C SER D 10 10.45 -6.32 -12.94
N SER D 11 9.18 -6.68 -13.06
CA SER D 11 8.72 -7.51 -14.21
C SER D 11 7.27 -7.14 -14.50
N LEU D 12 6.90 -7.29 -15.76
CA LEU D 12 5.53 -6.93 -16.19
C LEU D 12 5.13 -7.87 -17.32
N SER D 13 3.91 -8.37 -17.23
CA SER D 13 3.26 -9.11 -18.35
C SER D 13 2.14 -8.23 -18.88
N ALA D 14 2.09 -8.06 -20.19
CA ALA D 14 1.05 -7.25 -20.85
C ALA D 14 0.80 -7.84 -22.23
N SER D 15 -0.11 -7.21 -22.97
CA SER D 15 -0.54 -7.74 -24.28
C SER D 15 -0.29 -6.66 -25.34
N VAL D 16 -0.20 -7.13 -26.58
CA VAL D 16 -0.02 -6.21 -27.72
C VAL D 16 -1.13 -5.16 -27.67
N GLY D 17 -0.73 -3.90 -27.81
CA GLY D 17 -1.67 -2.77 -27.80
C GLY D 17 -1.86 -2.14 -26.44
N ASP D 18 -1.29 -2.70 -25.38
CA ASP D 18 -1.42 -2.07 -24.05
C ASP D 18 -0.57 -0.80 -23.96
N ARG D 19 -0.93 0.03 -23.01
CA ARG D 19 -0.08 1.18 -22.62
C ARG D 19 0.78 0.73 -21.44
N VAL D 20 2.08 0.87 -21.59
CA VAL D 20 3.05 0.42 -20.56
C VAL D 20 3.76 1.64 -20.00
N THR D 21 3.92 1.69 -18.70
CA THR D 21 4.77 2.70 -18.03
C THR D 21 5.71 2.04 -17.06
N ILE D 22 6.99 2.35 -17.21
CA ILE D 22 8.07 1.90 -16.29
C ILE D 22 8.60 3.15 -15.61
N THR D 23 8.89 3.06 -14.32
CA THR D 23 9.37 4.23 -13.57
C THR D 23 10.69 3.91 -12.90
N CYS D 24 11.44 4.96 -12.59
CA CYS D 24 12.65 4.78 -11.76
C CYS D 24 12.80 5.97 -10.81
N ARG D 25 13.44 5.72 -9.68
CA ARG D 25 13.78 6.78 -8.73
C ARG D 25 15.30 6.75 -8.49
N ALA D 26 15.88 7.94 -8.45
CA ALA D 26 17.28 8.15 -8.08
C ALA D 26 17.37 8.46 -6.58
N SER D 27 18.42 7.96 -5.96
CA SER D 27 18.68 8.18 -4.51
C SER D 27 18.99 9.64 -4.20
N GLN D 28 19.31 10.46 -5.22
CA GLN D 28 19.48 11.91 -5.03
C GLN D 28 19.11 12.57 -6.34
N GLY D 29 19.05 13.90 -6.33
CA GLY D 29 18.63 14.63 -7.54
C GLY D 29 19.64 14.46 -8.67
N ILE D 30 19.14 14.24 -9.88
CA ILE D 30 20.02 14.10 -11.06
C ILE D 30 19.50 14.96 -12.20
N SER D 31 18.64 15.92 -11.88
CA SER D 31 18.11 16.89 -12.87
C SER D 31 17.55 16.08 -14.04
N SER D 32 17.99 16.33 -15.28
CA SER D 32 17.46 15.66 -16.47
C SER D 32 18.45 14.63 -17.03
N TYR D 33 19.43 14.22 -16.24
CA TYR D 33 20.55 13.38 -16.75
C TYR D 33 20.18 11.90 -16.55
N LEU D 34 19.27 11.45 -17.39
CA LEU D 34 18.69 10.10 -17.24
C LEU D 34 18.51 9.52 -18.63
N ASN D 35 19.03 8.32 -18.84
CA ASN D 35 18.91 7.59 -20.11
C ASN D 35 18.08 6.32 -19.91
N TRP D 36 17.51 5.83 -21.01
CA TRP D 36 16.77 4.55 -21.04
C TRP D 36 17.39 3.65 -22.10
N TYR D 37 17.59 2.38 -21.75
CA TYR D 37 18.04 1.37 -22.72
C TYR D 37 17.06 0.20 -22.81
N GLN D 38 17.08 -0.44 -23.98
CA GLN D 38 16.35 -1.68 -24.27
C GLN D 38 17.37 -2.81 -24.48
N GLN D 39 17.21 -3.90 -23.74
CA GLN D 39 18.06 -5.09 -23.96
C GLN D 39 17.16 -6.28 -24.35
N LYS D 40 17.26 -6.70 -25.59
CA LYS D 40 16.58 -7.95 -25.97
C LYS D 40 17.43 -9.15 -25.57
N PRO D 41 16.79 -10.29 -25.28
CA PRO D 41 17.54 -11.40 -24.68
C PRO D 41 18.72 -11.85 -25.54
N GLY D 42 19.84 -12.07 -24.87
CA GLY D 42 21.11 -12.39 -25.53
C GLY D 42 21.67 -11.31 -26.44
N LYS D 43 21.18 -10.08 -26.35
CA LYS D 43 21.68 -8.97 -27.19
C LYS D 43 22.30 -7.89 -26.32
N ALA D 44 23.03 -6.98 -26.94
CA ALA D 44 23.57 -5.82 -26.21
C ALA D 44 22.46 -4.81 -25.98
N PRO D 45 22.52 -4.05 -24.86
CA PRO D 45 21.60 -2.94 -24.68
C PRO D 45 21.67 -1.98 -25.87
N LYS D 46 20.50 -1.40 -26.16
CA LYS D 46 20.34 -0.36 -27.19
C LYS D 46 19.85 0.92 -26.50
N LEU D 47 20.48 2.03 -26.80
CA LEU D 47 20.04 3.31 -26.21
C LEU D 47 18.74 3.73 -26.87
N LEU D 48 17.72 3.96 -26.06
CA LEU D 48 16.41 4.42 -26.57
C LEU D 48 16.27 5.94 -26.43
N ILE D 49 16.55 6.45 -25.24
CA ILE D 49 16.25 7.85 -24.88
C ILE D 49 17.45 8.40 -24.12
N SER D 50 17.83 9.63 -24.45
CA SER D 50 18.87 10.35 -23.68
C SER D 50 18.25 11.59 -23.06
N ALA D 51 18.85 12.06 -21.98
CA ALA D 51 18.47 13.36 -21.39
C ALA D 51 16.95 13.38 -21.14
N THR D 52 16.45 12.32 -20.53
CA THR D 52 15.05 12.21 -20.04
C THR D 52 14.05 11.93 -21.15
N SER D 53 14.11 12.64 -22.27
CA SER D 53 13.03 12.56 -23.26
C SER D 53 13.48 12.58 -24.71
N ASP D 54 14.78 12.65 -25.01
CA ASP D 54 15.25 12.73 -26.41
C ASP D 54 15.36 11.32 -27.00
N LEU D 55 14.49 11.01 -27.93
CA LEU D 55 14.52 9.69 -28.60
C LEU D 55 15.71 9.61 -29.55
N GLN D 56 16.47 8.53 -29.43
CA GLN D 56 17.50 8.20 -30.44
C GLN D 56 16.89 8.08 -31.82
N SER D 57 17.68 8.35 -32.84
CA SER D 57 17.28 8.03 -34.24
C SER D 57 17.04 6.52 -34.35
N GLY D 58 15.98 6.15 -35.06
CA GLY D 58 15.69 4.73 -35.33
C GLY D 58 14.93 4.05 -34.20
N VAL D 59 14.54 4.76 -33.16
CA VAL D 59 13.70 4.18 -32.09
C VAL D 59 12.27 4.61 -32.37
N PRO D 60 11.31 3.67 -32.39
CA PRO D 60 9.96 4.02 -32.82
C PRO D 60 9.33 5.10 -31.93
N SER D 61 8.48 5.90 -32.56
CA SER D 61 7.79 7.05 -31.94
C SER D 61 6.92 6.64 -30.74
N ARG D 62 6.67 5.36 -30.54
CA ARG D 62 5.80 4.93 -29.41
C ARG D 62 6.56 4.94 -28.08
N PHE D 63 7.87 5.07 -28.08
CA PHE D 63 8.62 5.27 -26.83
C PHE D 63 8.68 6.76 -26.50
N SER D 64 8.55 7.06 -25.22
CA SER D 64 8.75 8.44 -24.74
C SER D 64 9.19 8.37 -23.30
N GLY D 65 9.85 9.44 -22.85
CA GLY D 65 10.36 9.53 -21.49
C GLY D 65 9.94 10.84 -20.86
N SER D 66 9.93 10.85 -19.54
CA SER D 66 9.58 12.09 -18.81
C SER D 66 10.19 11.98 -17.43
N GLY D 67 10.13 13.10 -16.73
CA GLY D 67 10.53 13.12 -15.32
C GLY D 67 11.45 14.26 -15.02
N SER D 68 11.86 14.32 -13.76
CA SER D 68 12.74 15.39 -13.26
C SER D 68 13.39 14.93 -11.97
N GLY D 69 14.62 15.37 -11.76
CA GLY D 69 15.24 15.30 -10.44
C GLY D 69 15.40 13.88 -9.90
N THR D 70 14.35 13.32 -9.30
CA THR D 70 14.49 11.97 -8.71
C THR D 70 13.49 10.95 -9.25
N ASP D 71 12.51 11.36 -10.07
CA ASP D 71 11.48 10.41 -10.51
C ASP D 71 11.30 10.53 -12.02
N PHE D 72 11.37 9.40 -12.72
CA PHE D 72 11.30 9.39 -14.20
C PHE D 72 10.42 8.24 -14.68
N THR D 73 9.96 8.38 -15.90
CA THR D 73 9.04 7.40 -16.50
C THR D 73 9.41 7.14 -17.96
N LEU D 74 9.48 5.87 -18.32
CA LEU D 74 9.48 5.42 -19.72
C LEU D 74 8.06 4.92 -20.04
N THR D 75 7.52 5.40 -21.15
CA THR D 75 6.15 5.04 -21.54
C THR D 75 6.18 4.45 -22.94
N ILE D 76 5.50 3.32 -23.11
CA ILE D 76 5.22 2.79 -24.47
C ILE D 76 3.73 3.01 -24.71
N SER D 77 3.40 3.73 -25.77
CA SER D 77 2.00 4.15 -26.02
C SER D 77 1.14 2.92 -26.31
N SER D 78 1.52 2.15 -27.32
CA SER D 78 0.77 0.94 -27.74
C SER D 78 1.79 -0.16 -27.97
N LEU D 79 1.89 -1.07 -27.01
CA LEU D 79 2.91 -2.14 -27.00
C LEU D 79 2.76 -3.01 -28.24
N GLN D 80 3.89 -3.53 -28.71
CA GLN D 80 3.93 -4.35 -29.93
C GLN D 80 4.90 -5.49 -29.71
N PRO D 81 4.83 -6.57 -30.53
CA PRO D 81 5.62 -7.77 -30.27
C PRO D 81 7.13 -7.56 -30.13
N GLU D 82 7.71 -6.66 -30.93
CA GLU D 82 9.15 -6.36 -30.85
C GLU D 82 9.55 -6.01 -29.41
N ASP D 83 8.66 -5.36 -28.67
CA ASP D 83 9.05 -4.66 -27.43
C ASP D 83 9.34 -5.59 -26.28
N PHE D 84 9.20 -6.90 -26.46
CA PHE D 84 9.57 -7.90 -25.42
C PHE D 84 11.06 -7.78 -25.12
N ALA D 85 11.41 -7.29 -23.94
CA ALA D 85 12.82 -7.02 -23.62
C ALA D 85 12.91 -6.58 -22.18
N THR D 86 14.14 -6.45 -21.70
CA THR D 86 14.42 -5.86 -20.37
C THR D 86 14.82 -4.40 -20.56
N TYR D 87 14.25 -3.51 -19.76
CA TYR D 87 14.49 -2.06 -19.93
C TYR D 87 15.26 -1.54 -18.74
N TYR D 88 16.28 -0.74 -19.02
CA TYR D 88 17.18 -0.21 -17.97
C TYR D 88 17.16 1.32 -18.00
N CYS D 89 17.06 1.94 -16.84
CA CYS D 89 17.38 3.37 -16.73
C CYS D 89 18.87 3.49 -16.40
N GLN D 90 19.41 4.67 -16.69
CA GLN D 90 20.84 4.95 -16.38
C GLN D 90 20.94 6.44 -16.07
N GLN D 91 21.43 6.76 -14.89
CA GLN D 91 21.76 8.18 -14.59
C GLN D 91 23.12 8.49 -15.21
N SER D 92 23.19 9.63 -15.91
CA SER D 92 24.44 10.18 -16.49
C SER D 92 24.88 11.44 -15.74
N TYR D 93 24.28 11.70 -14.59
CA TYR D 93 24.59 12.93 -13.84
C TYR D 93 26.02 12.89 -13.30
N SER D 94 26.43 11.75 -12.81
CA SER D 94 27.64 11.65 -11.98
C SER D 94 28.29 10.29 -12.22
N THR D 95 29.62 10.24 -12.35
CA THR D 95 30.31 8.93 -12.33
C THR D 95 30.54 8.51 -10.89
N PRO D 96 30.51 7.21 -10.55
CA PRO D 96 30.30 6.07 -11.48
C PRO D 96 28.89 6.07 -12.08
N TYR D 97 28.79 5.91 -13.39
CA TYR D 97 27.46 5.77 -13.99
C TYR D 97 26.82 4.52 -13.41
N THR D 98 25.52 4.61 -13.15
CA THR D 98 24.77 3.52 -12.51
C THR D 98 23.49 3.24 -13.29
N PHE D 99 23.11 1.97 -13.35
CA PHE D 99 21.86 1.53 -14.01
C PHE D 99 20.89 1.02 -12.94
N GLY D 100 19.61 1.13 -13.25
CA GLY D 100 18.59 0.43 -12.45
C GLY D 100 18.72 -1.07 -12.62
N GLN D 101 17.98 -1.82 -11.81
CA GLN D 101 18.08 -3.30 -11.83
C GLN D 101 17.40 -3.87 -13.07
N GLY D 102 16.59 -3.10 -13.78
CA GLY D 102 15.96 -3.61 -15.00
C GLY D 102 14.50 -3.98 -14.75
N THR D 103 13.69 -3.80 -15.78
CA THR D 103 12.27 -4.18 -15.80
C THR D 103 12.10 -5.15 -16.96
N LYS D 104 11.80 -6.41 -16.65
CA LYS D 104 11.55 -7.44 -17.69
C LYS D 104 10.12 -7.28 -18.22
N LEU D 105 10.01 -7.07 -19.52
CA LEU D 105 8.71 -6.85 -20.17
C LEU D 105 8.41 -8.05 -21.05
N GLN D 124 27.23 3.22 -38.18
CA GLN D 124 28.48 4.00 -38.42
C GLN D 124 29.68 3.30 -37.76
N VAL D 125 29.98 3.69 -36.54
CA VAL D 125 31.01 3.01 -35.73
C VAL D 125 30.52 1.59 -35.43
N GLN D 126 31.46 0.66 -35.32
CA GLN D 126 31.14 -0.70 -34.87
C GLN D 126 32.22 -1.12 -33.89
N LEU D 127 31.83 -1.88 -32.89
CA LEU D 127 32.75 -2.30 -31.82
C LEU D 127 32.71 -3.81 -31.68
N GLN D 128 33.87 -4.38 -31.36
CA GLN D 128 34.04 -5.85 -31.26
C GLN D 128 34.89 -6.19 -30.05
N GLU D 129 34.29 -6.82 -29.05
CA GLU D 129 35.05 -7.37 -27.92
C GLU D 129 35.65 -8.73 -28.31
N SER D 130 36.85 -9.00 -27.85
CA SER D 130 37.52 -10.30 -28.07
C SER D 130 38.48 -10.56 -26.93
N GLY D 131 38.73 -11.84 -26.68
CA GLY D 131 39.66 -12.23 -25.62
C GLY D 131 39.32 -13.60 -25.07
N PRO D 132 40.20 -14.15 -24.22
CA PRO D 132 39.95 -15.47 -23.64
C PRO D 132 38.60 -15.55 -22.91
N GLY D 133 37.95 -16.70 -23.04
CA GLY D 133 36.65 -16.96 -22.40
C GLY D 133 36.74 -17.48 -20.97
N LEU D 134 37.90 -17.95 -20.54
CA LEU D 134 38.08 -18.49 -19.17
C LEU D 134 39.28 -17.86 -18.52
N VAL D 135 39.20 -17.66 -17.21
CA VAL D 135 40.31 -17.13 -16.40
C VAL D 135 40.30 -17.87 -15.07
N LYS D 136 41.48 -18.27 -14.62
CA LYS D 136 41.59 -18.96 -13.31
C LYS D 136 41.28 -17.96 -12.21
N PRO D 137 40.77 -18.44 -11.06
CA PRO D 137 40.62 -17.56 -9.91
C PRO D 137 41.94 -16.89 -9.53
N SER D 138 41.83 -15.63 -9.10
CA SER D 138 42.96 -14.75 -8.71
C SER D 138 43.86 -14.42 -9.92
N GLY D 139 43.50 -14.89 -11.09
CA GLY D 139 44.20 -14.49 -12.33
C GLY D 139 43.71 -13.12 -12.79
N THR D 140 44.01 -12.83 -14.04
CA THR D 140 43.75 -11.50 -14.63
C THR D 140 42.88 -11.67 -15.87
N LEU D 141 41.71 -11.05 -15.87
CA LEU D 141 40.89 -10.95 -17.09
C LEU D 141 41.49 -9.90 -18.03
N SER D 142 41.56 -10.21 -19.32
CA SER D 142 42.09 -9.27 -20.35
C SER D 142 41.21 -9.37 -21.59
N LEU D 143 40.65 -8.22 -21.99
CA LEU D 143 39.83 -8.15 -23.21
C LEU D 143 40.25 -6.95 -24.06
N THR D 144 39.90 -7.03 -25.33
CA THR D 144 40.17 -5.97 -26.31
C THR D 144 38.89 -5.64 -27.06
N CYS D 145 38.71 -4.35 -27.30
CA CYS D 145 37.61 -3.81 -28.11
C CYS D 145 38.21 -3.23 -29.38
N ALA D 146 37.97 -3.87 -30.53
CA ALA D 146 38.42 -3.32 -31.81
C ALA D 146 37.38 -2.31 -32.29
N VAL D 147 37.84 -1.12 -32.66
CA VAL D 147 36.90 -0.07 -33.13
C VAL D 147 37.06 0.03 -34.65
N SER D 148 35.96 -0.06 -35.36
CA SER D 148 35.99 0.13 -36.82
C SER D 148 35.03 1.25 -37.21
N GLY D 149 35.31 1.86 -38.35
CA GLY D 149 34.41 2.90 -38.91
C GLY D 149 34.70 4.28 -38.37
N ASP D 150 35.59 4.39 -37.38
CA ASP D 150 35.94 5.69 -36.78
C ASP D 150 37.24 5.52 -36.02
N SER D 151 37.92 6.62 -35.79
CA SER D 151 39.21 6.62 -35.10
C SER D 151 39.00 6.63 -33.59
N ILE D 152 39.82 5.88 -32.87
CA ILE D 152 39.94 5.94 -31.39
C ILE D 152 40.10 7.40 -30.94
N SER D 153 40.76 8.25 -31.74
CA SER D 153 41.02 9.64 -31.35
C SER D 153 39.82 10.55 -31.54
N SER D 154 38.65 10.02 -31.84
CA SER D 154 37.41 10.82 -31.85
C SER D 154 37.09 11.31 -30.44
N SER D 155 36.25 12.32 -30.37
CA SER D 155 35.94 13.04 -29.10
C SER D 155 34.82 12.35 -28.35
N ASN D 156 35.13 11.20 -27.77
CA ASN D 156 34.18 10.49 -26.89
C ASN D 156 34.98 9.59 -25.95
N TRP D 157 34.28 9.05 -24.99
CA TRP D 157 34.87 8.03 -24.11
C TRP D 157 34.59 6.65 -24.71
N TRP D 158 35.42 5.71 -24.27
CA TRP D 158 35.40 4.30 -24.66
C TRP D 158 35.23 3.50 -23.39
N SER D 159 34.10 2.80 -23.29
CA SER D 159 33.63 2.29 -21.98
C SER D 159 33.56 0.76 -22.00
N TRP D 160 33.77 0.21 -20.81
CA TRP D 160 33.48 -1.20 -20.49
C TRP D 160 32.32 -1.25 -19.50
N VAL D 161 31.39 -2.15 -19.75
CA VAL D 161 30.19 -2.41 -18.91
C VAL D 161 29.99 -3.92 -18.90
N ARG D 162 29.65 -4.47 -17.74
CA ARG D 162 29.47 -5.93 -17.66
C ARG D 162 28.09 -6.29 -17.09
N GLN D 163 27.68 -7.51 -17.38
CA GLN D 163 26.34 -8.00 -17.00
C GLN D 163 26.51 -9.44 -16.53
N PRO D 164 26.61 -9.65 -15.21
CA PRO D 164 26.77 -11.01 -14.68
C PRO D 164 25.50 -11.81 -14.95
N PRO D 165 25.58 -13.17 -14.96
CA PRO D 165 24.47 -13.98 -15.44
C PRO D 165 23.18 -13.74 -14.63
N GLY D 166 22.12 -13.42 -15.37
CA GLY D 166 20.82 -13.10 -14.78
C GLY D 166 20.82 -11.88 -13.88
N LYS D 167 21.61 -10.86 -14.20
CA LYS D 167 21.66 -9.65 -13.36
C LYS D 167 21.68 -8.41 -14.25
N GLY D 168 21.82 -7.27 -13.62
CA GLY D 168 21.80 -5.97 -14.31
C GLY D 168 23.18 -5.55 -14.78
N LEU D 169 23.29 -4.27 -15.12
CA LEU D 169 24.48 -3.72 -15.80
C LEU D 169 25.32 -2.93 -14.82
N GLU D 170 26.63 -3.13 -14.90
CA GLU D 170 27.59 -2.41 -14.04
C GLU D 170 28.63 -1.73 -14.93
N TRP D 171 28.73 -0.42 -14.80
CA TRP D 171 29.76 0.37 -15.51
C TRP D 171 31.11 0.14 -14.86
N ILE D 172 32.07 -0.37 -15.62
CA ILE D 172 33.42 -0.62 -15.06
C ILE D 172 34.25 0.67 -15.11
N GLY D 173 34.21 1.35 -16.24
CA GLY D 173 35.11 2.49 -16.46
C GLY D 173 35.21 2.84 -17.93
N GLU D 174 35.99 3.87 -18.20
CA GLU D 174 36.14 4.33 -19.58
C GLU D 174 37.42 5.13 -19.71
N ILE D 175 37.81 5.33 -20.96
CA ILE D 175 39.11 5.95 -21.29
C ILE D 175 38.92 6.90 -22.46
N TYR D 176 39.73 7.94 -22.46
CA TYR D 176 39.78 8.92 -23.56
C TYR D 176 41.05 8.69 -24.38
N HIS D 177 41.06 9.12 -25.63
CA HIS D 177 42.16 8.74 -26.55
C HIS D 177 43.49 9.27 -26.03
N SER D 178 43.47 10.40 -25.35
CA SER D 178 44.68 10.98 -24.73
C SER D 178 45.09 10.23 -23.46
N GLY D 179 44.38 9.20 -23.04
CA GLY D 179 44.87 8.30 -21.98
C GLY D 179 44.23 8.50 -20.64
N GLY D 180 43.45 9.58 -20.46
CA GLY D 180 42.75 9.76 -19.18
C GLY D 180 41.71 8.67 -19.00
N THR D 181 41.51 8.28 -17.76
CA THR D 181 40.60 7.19 -17.38
C THR D 181 39.66 7.63 -16.29
N LYS D 182 38.49 7.01 -16.26
CA LYS D 182 37.54 7.14 -15.13
C LYS D 182 37.12 5.73 -14.75
N TYR D 183 37.37 5.35 -13.51
CA TYR D 183 37.07 3.98 -13.04
C TYR D 183 35.96 4.04 -12.00
N ASN D 184 35.14 3.01 -11.99
CA ASN D 184 34.17 2.80 -10.89
C ASN D 184 34.94 2.63 -9.59
N PRO D 185 34.59 3.37 -8.52
CA PRO D 185 35.34 3.27 -7.28
C PRO D 185 35.36 1.86 -6.67
N SER D 186 34.38 1.03 -7.00
CA SER D 186 34.35 -0.36 -6.48
C SER D 186 35.46 -1.20 -7.12
N LEU D 187 35.99 -0.79 -8.25
CA LEU D 187 36.95 -1.62 -9.03
C LEU D 187 38.28 -0.90 -9.19
N LYS D 188 38.41 0.33 -8.72
CA LYS D 188 39.60 1.16 -9.00
C LYS D 188 40.89 0.42 -8.64
N SER D 189 40.90 -0.33 -7.53
CA SER D 189 42.16 -0.94 -7.05
C SER D 189 42.68 -2.02 -8.01
N ARG D 190 41.82 -2.61 -8.84
CA ARG D 190 42.25 -3.79 -9.62
C ARG D 190 41.94 -3.70 -11.11
N VAL D 191 41.55 -2.54 -11.63
CA VAL D 191 41.20 -2.42 -13.06
C VAL D 191 42.24 -1.55 -13.75
N THR D 192 42.49 -1.87 -15.02
CA THR D 192 43.23 -0.97 -15.93
C THR D 192 42.53 -0.99 -17.26
N ILE D 193 42.26 0.20 -17.78
CA ILE D 193 41.81 0.37 -19.18
C ILE D 193 42.93 1.11 -19.90
N SER D 194 43.19 0.70 -21.14
CA SER D 194 44.26 1.29 -21.97
C SER D 194 43.74 1.49 -23.38
N VAL D 195 44.46 2.28 -24.16
CA VAL D 195 44.14 2.46 -25.61
C VAL D 195 45.40 2.17 -26.42
N ASP D 196 45.19 1.76 -27.66
CA ASP D 196 46.30 1.54 -28.61
C ASP D 196 45.91 2.18 -29.93
N LYS D 197 46.44 3.35 -30.19
CA LYS D 197 46.02 4.12 -31.39
C LYS D 197 46.51 3.44 -32.66
N SER D 198 47.60 2.69 -32.61
CA SER D 198 48.13 2.08 -33.85
C SER D 198 47.20 0.94 -34.31
N LYS D 199 46.55 0.26 -33.39
CA LYS D 199 45.58 -0.80 -33.75
C LYS D 199 44.13 -0.32 -33.67
N ASN D 200 43.88 0.90 -33.20
CA ASN D 200 42.50 1.42 -33.08
C ASN D 200 41.68 0.53 -32.16
N HIS D 201 42.28 0.09 -31.06
CA HIS D 201 41.65 -0.73 -30.00
CA HIS D 201 41.49 -0.61 -30.04
C HIS D 201 41.69 0.01 -28.66
N PHE D 202 40.87 -0.42 -27.74
CA PHE D 202 41.04 -0.12 -26.32
C PHE D 202 40.80 -1.40 -25.56
N SER D 203 41.39 -1.49 -24.38
CA SER D 203 41.52 -2.79 -23.69
C SER D 203 41.13 -2.67 -22.24
N LEU D 204 40.78 -3.81 -21.67
CA LEU D 204 40.41 -3.95 -20.24
C LEU D 204 41.30 -5.01 -19.61
N LYS D 205 41.82 -4.72 -18.43
CA LYS D 205 42.48 -5.70 -17.56
C LYS D 205 41.80 -5.64 -16.21
N LEU D 206 41.40 -6.78 -15.69
CA LEU D 206 40.85 -6.88 -14.32
C LEU D 206 41.65 -7.90 -13.55
N ARG D 207 42.25 -7.49 -12.45
CA ARG D 207 43.16 -8.34 -11.65
C ARG D 207 42.42 -9.03 -10.51
N SER D 208 43.02 -10.11 -10.01
CA SER D 208 42.55 -10.84 -8.81
C SER D 208 41.08 -11.24 -8.97
N VAL D 209 40.77 -11.94 -10.05
CA VAL D 209 39.36 -12.22 -10.36
C VAL D 209 38.81 -13.29 -9.41
N THR D 210 37.53 -13.17 -9.13
CA THR D 210 36.75 -14.20 -8.39
C THR D 210 35.55 -14.57 -9.22
N ALA D 211 34.70 -15.42 -8.65
CA ALA D 211 33.50 -15.89 -9.36
C ALA D 211 32.56 -14.72 -9.65
N ALA D 212 32.63 -13.66 -8.84
CA ALA D 212 31.81 -12.46 -9.05
C ALA D 212 32.14 -11.75 -10.37
N ASP D 213 33.26 -12.09 -10.99
CA ASP D 213 33.65 -11.43 -12.26
C ASP D 213 33.15 -12.17 -13.48
N THR D 214 32.57 -13.35 -13.33
CA THR D 214 31.95 -14.05 -14.47
C THR D 214 30.78 -13.20 -14.98
N ALA D 215 30.73 -12.96 -16.29
CA ALA D 215 29.79 -11.98 -16.84
C ALA D 215 29.95 -11.91 -18.35
N VAL D 216 28.94 -11.34 -18.98
CA VAL D 216 29.11 -10.82 -20.37
C VAL D 216 29.74 -9.43 -20.27
N TYR D 217 30.86 -9.25 -20.95
CA TYR D 217 31.57 -7.94 -20.97
C TYR D 217 31.29 -7.23 -22.29
N TYR D 218 30.85 -5.99 -22.19
CA TYR D 218 30.51 -5.16 -23.38
C TYR D 218 31.51 -4.01 -23.47
N CYS D 219 31.89 -3.65 -24.68
CA CYS D 219 32.52 -2.34 -24.86
C CYS D 219 31.53 -1.42 -25.58
N ALA D 220 31.71 -0.13 -25.38
CA ALA D 220 30.69 0.83 -25.85
C ALA D 220 31.32 2.20 -26.02
N ARG D 221 30.71 2.98 -26.88
CA ARG D 221 31.02 4.41 -27.06
C ARG D 221 30.12 5.23 -26.12
N ASN D 222 30.73 6.04 -25.28
CA ASN D 222 29.98 6.93 -24.36
C ASN D 222 30.22 8.33 -24.88
N ARG D 223 29.25 8.86 -25.62
CA ARG D 223 29.44 10.17 -26.27
C ARG D 223 28.39 11.13 -25.75
N TRP D 224 28.67 12.42 -25.94
CA TRP D 224 27.73 13.43 -25.43
C TRP D 224 26.89 13.94 -26.60
N PHE D 225 25.71 14.46 -26.26
CA PHE D 225 24.67 14.84 -27.22
C PHE D 225 24.55 16.35 -27.28
N ASP D 226 24.54 16.87 -28.50
CA ASP D 226 24.39 18.32 -28.78
C ASP D 226 22.90 18.66 -28.72
N ASN D 227 22.37 18.79 -27.50
CA ASN D 227 20.90 18.97 -27.33
C ASN D 227 20.55 20.40 -26.88
N ASN D 228 21.53 21.28 -26.81
CA ASN D 228 21.34 22.72 -26.44
C ASN D 228 20.76 22.92 -25.05
N ARG D 229 20.79 21.94 -24.16
CA ARG D 229 20.27 22.18 -22.79
C ARG D 229 21.23 23.02 -21.96
N GLY D 230 22.51 22.94 -22.25
CA GLY D 230 23.54 23.63 -21.47
C GLY D 230 23.94 22.85 -20.23
N GLY D 231 24.98 23.35 -19.58
CA GLY D 231 25.52 22.76 -18.36
C GLY D 231 26.35 21.52 -18.67
N TYR D 232 26.41 20.61 -17.71
CA TYR D 232 27.28 19.43 -17.87
C TYR D 232 26.88 18.65 -19.13
N TYR D 233 27.88 18.13 -19.84
CA TYR D 233 27.63 17.28 -21.01
C TYR D 233 26.64 16.15 -20.66
N TYR D 234 25.72 15.91 -21.56
CA TYR D 234 24.77 14.77 -21.47
C TYR D 234 25.39 13.60 -22.23
N TYR D 235 25.79 12.57 -21.52
CA TYR D 235 26.40 11.38 -22.14
C TYR D 235 25.41 10.24 -22.27
N GLY D 236 25.62 9.42 -23.30
CA GLY D 236 24.90 8.15 -23.41
C GLY D 236 25.72 7.16 -24.20
N MET D 237 25.53 5.89 -23.89
CA MET D 237 26.29 4.83 -24.61
C MET D 237 25.48 4.43 -25.83
N ASP D 238 25.81 5.01 -26.98
CA ASP D 238 24.95 4.87 -28.16
C ASP D 238 25.38 3.73 -29.10
N VAL D 239 26.59 3.23 -28.98
CA VAL D 239 27.06 2.09 -29.80
C VAL D 239 27.64 1.08 -28.84
N TRP D 240 27.28 -0.19 -29.03
CA TRP D 240 27.71 -1.29 -28.13
C TRP D 240 28.32 -2.41 -28.98
N GLY D 241 29.25 -3.12 -28.37
CA GLY D 241 29.68 -4.39 -28.98
C GLY D 241 28.66 -5.48 -28.76
N GLN D 242 28.85 -6.60 -29.42
CA GLN D 242 27.95 -7.78 -29.24
C GLN D 242 28.12 -8.37 -27.84
N GLY D 243 29.19 -8.04 -27.15
CA GLY D 243 29.44 -8.67 -25.85
C GLY D 243 30.17 -9.98 -25.99
N THR D 244 30.93 -10.30 -24.96
CA THR D 244 31.72 -11.55 -24.96
C THR D 244 31.71 -12.10 -23.54
N THR D 245 31.52 -13.40 -23.41
CA THR D 245 31.43 -14.05 -22.09
C THR D 245 32.84 -14.33 -21.57
N VAL D 246 33.01 -14.15 -20.27
CA VAL D 246 34.24 -14.55 -19.56
C VAL D 246 33.78 -15.23 -18.28
N THR D 247 34.32 -16.44 -18.06
CA THR D 247 33.95 -17.25 -16.89
C THR D 247 35.17 -17.47 -16.01
N VAL D 248 35.00 -17.30 -14.72
CA VAL D 248 36.06 -17.57 -13.73
C VAL D 248 35.80 -18.95 -13.11
N SER D 249 36.73 -19.85 -13.28
CA SER D 249 36.68 -21.18 -12.61
C SER D 249 38.05 -21.86 -12.71
N MET E 1 9.38 21.57 -17.41
CA MET E 1 9.30 20.84 -16.13
C MET E 1 8.08 19.93 -16.17
N ASP E 2 8.26 18.67 -15.77
CA ASP E 2 7.14 17.70 -15.67
C ASP E 2 6.44 17.95 -14.33
N ILE E 3 5.23 18.51 -14.45
CA ILE E 3 4.38 18.83 -13.28
C ILE E 3 3.08 18.04 -13.45
N GLN E 4 2.78 17.18 -12.50
CA GLN E 4 1.53 16.39 -12.47
C GLN E 4 0.51 17.06 -11.58
N MET E 5 -0.70 17.25 -12.09
CA MET E 5 -1.79 17.89 -11.34
C MET E 5 -2.77 16.80 -10.85
N THR E 6 -3.02 16.80 -9.55
CA THR E 6 -3.92 15.82 -8.90
C THR E 6 -5.13 16.57 -8.36
N GLN E 7 -6.31 16.08 -8.72
CA GLN E 7 -7.57 16.79 -8.46
C GLN E 7 -8.44 15.91 -7.55
N SER E 8 -9.19 16.54 -6.64
CA SER E 8 -10.06 15.76 -5.73
C SER E 8 -11.28 16.57 -5.33
N PRO E 9 -12.46 15.92 -5.21
CA PRO E 9 -12.66 14.49 -5.51
C PRO E 9 -12.67 14.23 -7.03
N SER E 10 -12.70 12.97 -7.46
CA SER E 10 -12.86 12.67 -8.90
C SER E 10 -14.30 12.92 -9.32
N SER E 11 -15.24 12.75 -8.41
CA SER E 11 -16.68 12.93 -8.71
C SER E 11 -17.37 13.42 -7.45
N LEU E 12 -18.43 14.18 -7.64
CA LEU E 12 -19.13 14.83 -6.51
C LEU E 12 -20.58 15.03 -6.92
N SER E 13 -21.48 14.64 -6.01
CA SER E 13 -22.93 14.86 -6.17
C SER E 13 -23.36 15.87 -5.12
N ALA E 14 -24.21 16.81 -5.50
CA ALA E 14 -24.67 17.86 -4.57
C ALA E 14 -25.96 18.46 -5.08
N SER E 15 -26.71 19.07 -4.16
CA SER E 15 -28.04 19.63 -4.48
C SER E 15 -27.93 21.14 -4.67
N VAL E 16 -28.76 21.66 -5.56
CA VAL E 16 -28.87 23.11 -5.84
C VAL E 16 -28.82 23.89 -4.54
N GLY E 17 -28.04 24.97 -4.54
CA GLY E 17 -27.87 25.82 -3.34
C GLY E 17 -26.72 25.39 -2.46
N ASP E 18 -26.16 24.22 -2.65
CA ASP E 18 -25.05 23.75 -1.78
C ASP E 18 -23.74 24.45 -2.16
N ARG E 19 -22.81 24.47 -1.20
CA ARG E 19 -21.46 25.02 -1.38
C ARG E 19 -20.51 23.89 -1.76
N VAL E 20 -19.85 24.03 -2.91
CA VAL E 20 -18.97 22.98 -3.46
C VAL E 20 -17.55 23.52 -3.51
N THR E 21 -16.62 22.72 -3.01
CA THR E 21 -15.17 23.03 -3.14
C THR E 21 -14.47 21.84 -3.78
N ILE E 22 -13.77 22.11 -4.88
CA ILE E 22 -12.89 21.13 -5.55
C ILE E 22 -11.45 21.55 -5.30
N THR E 23 -10.59 20.59 -5.01
CA THR E 23 -9.18 20.89 -4.71
C THR E 23 -8.28 20.27 -5.77
N CYS E 24 -7.07 20.81 -5.89
CA CYS E 24 -6.04 20.16 -6.71
C CYS E 24 -4.69 20.37 -6.08
N ARG E 25 -3.76 19.50 -6.45
CA ARG E 25 -2.39 19.52 -5.90
C ARG E 25 -1.38 19.35 -7.02
N ALA E 26 -0.37 20.22 -7.03
CA ALA E 26 0.71 20.18 -8.02
C ALA E 26 1.87 19.34 -7.47
N SER E 27 2.49 18.56 -8.36
CA SER E 27 3.65 17.75 -7.97
C SER E 27 4.82 18.63 -7.54
N GLN E 28 4.80 19.92 -7.86
CA GLN E 28 5.85 20.85 -7.39
C GLN E 28 5.25 22.24 -7.39
N GLY E 29 5.95 23.17 -6.76
CA GLY E 29 5.44 24.55 -6.63
C GLY E 29 5.21 25.20 -7.99
N ILE E 30 4.06 25.83 -8.15
CA ILE E 30 3.67 26.48 -9.43
C ILE E 30 3.19 27.88 -9.11
N SER E 31 3.53 28.37 -7.92
CA SER E 31 3.22 29.76 -7.51
C SER E 31 1.73 30.00 -7.72
N SER E 32 1.35 31.08 -8.38
CA SER E 32 -0.08 31.40 -8.68
C SER E 32 -0.49 31.02 -10.12
N TYR E 33 0.24 30.17 -10.80
CA TYR E 33 -0.01 29.92 -12.25
C TYR E 33 -0.96 28.72 -12.42
N LEU E 34 -2.22 28.96 -12.13
CA LEU E 34 -3.24 27.90 -12.04
C LEU E 34 -4.53 28.41 -12.63
N ASN E 35 -5.07 27.65 -13.59
CA ASN E 35 -6.33 28.00 -14.26
C ASN E 35 -7.39 26.92 -13.95
N TRP E 36 -8.64 27.30 -14.09
CA TRP E 36 -9.80 26.39 -13.94
C TRP E 36 -10.69 26.46 -15.16
N TYR E 37 -11.11 25.30 -15.67
CA TYR E 37 -12.03 25.21 -16.81
C TYR E 37 -13.28 24.41 -16.43
N GLN E 38 -14.35 24.69 -17.17
CA GLN E 38 -15.65 24.01 -17.07
C GLN E 38 -15.90 23.33 -18.42
N GLN E 39 -16.15 22.03 -18.38
CA GLN E 39 -16.51 21.29 -19.61
C GLN E 39 -17.88 20.65 -19.40
N LYS E 40 -18.85 21.17 -20.11
CA LYS E 40 -20.18 20.52 -20.09
C LYS E 40 -20.15 19.37 -21.09
N PRO E 41 -21.00 18.34 -20.89
CA PRO E 41 -20.93 17.15 -21.73
C PRO E 41 -21.06 17.46 -23.23
N GLY E 42 -20.16 16.89 -24.01
CA GLY E 42 -20.09 17.10 -25.46
C GLY E 42 -19.65 18.49 -25.92
N LYS E 43 -19.20 19.36 -25.03
CA LYS E 43 -18.75 20.70 -25.43
C LYS E 43 -17.26 20.86 -25.15
N ALA E 44 -16.68 21.87 -25.75
CA ALA E 44 -15.28 22.23 -25.45
C ALA E 44 -15.19 22.77 -24.03
N PRO E 45 -14.03 22.62 -23.37
CA PRO E 45 -13.81 23.30 -22.11
C PRO E 45 -13.92 24.82 -22.27
N LYS E 46 -14.28 25.46 -21.16
CA LYS E 46 -14.47 26.92 -21.10
C LYS E 46 -13.65 27.44 -19.93
N LEU E 47 -12.86 28.47 -20.19
CA LEU E 47 -11.99 29.03 -19.14
C LEU E 47 -12.85 29.77 -18.14
N LEU E 48 -12.75 29.39 -16.88
CA LEU E 48 -13.48 30.09 -15.79
C LEU E 48 -12.56 31.08 -15.08
N ILE E 49 -11.40 30.61 -14.65
CA ILE E 49 -10.49 31.37 -13.76
C ILE E 49 -9.07 31.29 -14.31
N SER E 50 -8.40 32.42 -14.34
CA SER E 50 -6.96 32.48 -14.68
C SER E 50 -6.17 32.96 -13.48
N ALA E 51 -4.92 32.52 -13.39
CA ALA E 51 -4.00 33.06 -12.37
C ALA E 51 -4.61 32.86 -10.98
N THR E 52 -5.06 31.64 -10.69
CA THR E 52 -5.55 31.22 -9.36
C THR E 52 -6.94 31.78 -9.05
N SER E 53 -7.16 33.09 -9.19
CA SER E 53 -8.37 33.71 -8.64
C SER E 53 -9.03 34.75 -9.54
N ASP E 54 -8.55 34.99 -10.75
CA ASP E 54 -9.16 36.03 -11.64
C ASP E 54 -10.27 35.45 -12.49
N LEU E 55 -11.47 35.97 -12.33
CA LEU E 55 -12.67 35.46 -13.01
C LEU E 55 -12.76 35.97 -14.44
N GLN E 56 -13.05 35.06 -15.37
CA GLN E 56 -13.28 35.47 -16.78
C GLN E 56 -14.55 36.28 -16.89
N SER E 57 -14.54 37.23 -17.81
CA SER E 57 -15.75 38.04 -18.13
C SER E 57 -16.87 37.07 -18.54
N GLY E 58 -18.03 37.23 -17.93
CA GLY E 58 -19.18 36.38 -18.29
C GLY E 58 -19.30 35.12 -17.46
N VAL E 59 -18.35 34.84 -16.58
CA VAL E 59 -18.50 33.70 -15.64
C VAL E 59 -19.25 34.21 -14.42
N PRO E 60 -20.30 33.48 -13.97
CA PRO E 60 -21.09 33.95 -12.84
C PRO E 60 -20.25 34.16 -11.57
N SER E 61 -20.65 35.17 -10.80
CA SER E 61 -19.97 35.62 -9.57
C SER E 61 -19.84 34.49 -8.54
N ARG E 62 -20.58 33.40 -8.67
CA ARG E 62 -20.54 32.36 -7.61
C ARG E 62 -19.26 31.52 -7.68
N PHE E 63 -18.49 31.60 -8.76
CA PHE E 63 -17.21 30.86 -8.85
C PHE E 63 -16.09 31.68 -8.21
N SER E 64 -15.17 31.01 -7.54
CA SER E 64 -13.96 31.65 -7.00
C SER E 64 -12.87 30.60 -6.86
N GLY E 65 -11.64 31.08 -6.92
CA GLY E 65 -10.47 30.20 -6.75
C GLY E 65 -9.52 30.77 -5.73
N SER E 66 -8.69 29.88 -5.19
CA SER E 66 -7.71 30.28 -4.17
C SER E 66 -6.58 29.26 -4.20
N GLY E 67 -5.50 29.59 -3.52
CA GLY E 67 -4.47 28.57 -3.29
C GLY E 67 -3.08 29.13 -3.34
N SER E 68 -2.12 28.23 -3.15
CA SER E 68 -0.70 28.51 -2.88
C SER E 68 0.14 27.44 -3.58
N GLY E 69 1.14 27.86 -4.32
CA GLY E 69 2.23 26.99 -4.80
C GLY E 69 1.86 25.57 -5.17
N THR E 70 1.36 24.79 -4.21
CA THR E 70 1.11 23.35 -4.44
C THR E 70 -0.36 22.95 -4.29
N ASP E 71 -1.18 23.72 -3.58
CA ASP E 71 -2.57 23.33 -3.25
C ASP E 71 -3.50 24.46 -3.65
N PHE E 72 -4.53 24.14 -4.43
CA PHE E 72 -5.52 25.13 -4.91
C PHE E 72 -6.93 24.59 -4.72
N THR E 73 -7.89 25.50 -4.69
CA THR E 73 -9.32 25.15 -4.55
C THR E 73 -10.15 25.99 -5.51
N LEU E 74 -11.20 25.36 -6.04
CA LEU E 74 -12.28 26.03 -6.79
C LEU E 74 -13.53 25.93 -5.93
N THR E 75 -14.26 27.03 -5.81
CA THR E 75 -15.45 27.09 -4.95
C THR E 75 -16.61 27.64 -5.74
N ILE E 76 -17.77 26.99 -5.61
CA ILE E 76 -19.06 27.56 -6.06
C ILE E 76 -19.85 27.85 -4.79
N SER E 77 -20.16 29.12 -4.58
CA SER E 77 -20.85 29.55 -3.34
C SER E 77 -22.22 28.85 -3.23
N SER E 78 -23.06 29.04 -4.24
CA SER E 78 -24.45 28.54 -4.26
C SER E 78 -24.65 27.82 -5.59
N LEU E 79 -24.61 26.49 -5.52
CA LEU E 79 -24.73 25.66 -6.74
C LEU E 79 -26.05 25.92 -7.45
N GLN E 80 -25.97 26.11 -8.75
CA GLN E 80 -27.12 26.30 -9.66
C GLN E 80 -27.26 25.10 -10.58
N PRO E 81 -28.45 24.86 -11.17
CA PRO E 81 -28.60 23.72 -12.07
C PRO E 81 -27.72 23.80 -13.32
N GLU E 82 -27.33 25.02 -13.69
CA GLU E 82 -26.47 25.23 -14.88
C GLU E 82 -25.09 24.58 -14.69
N ASP E 83 -24.73 24.22 -13.47
CA ASP E 83 -23.31 23.98 -13.13
C ASP E 83 -22.91 22.52 -13.27
N PHE E 84 -23.79 21.62 -13.66
CA PHE E 84 -23.34 20.22 -13.86
C PHE E 84 -22.34 20.23 -15.00
N ALA E 85 -21.14 19.75 -14.71
CA ALA E 85 -20.05 19.71 -15.71
C ALA E 85 -18.89 18.95 -15.07
N THR E 86 -17.85 18.76 -15.87
CA THR E 86 -16.55 18.30 -15.35
C THR E 86 -15.62 19.53 -15.25
N TYR E 87 -14.95 19.67 -14.12
CA TYR E 87 -14.09 20.85 -13.85
C TYR E 87 -12.63 20.39 -13.89
N TYR E 88 -11.80 21.18 -14.55
CA TYR E 88 -10.38 20.83 -14.76
C TYR E 88 -9.51 21.97 -14.23
N CYS E 89 -8.55 21.62 -13.41
CA CYS E 89 -7.43 22.54 -13.13
C CYS E 89 -6.40 22.39 -14.27
N GLN E 90 -5.57 23.43 -14.41
CA GLN E 90 -4.49 23.41 -15.41
C GLN E 90 -3.37 24.30 -14.88
N GLN E 91 -2.18 23.74 -14.74
CA GLN E 91 -1.03 24.59 -14.37
C GLN E 91 -0.56 25.31 -15.65
N SER E 92 -0.23 26.58 -15.49
CA SER E 92 0.29 27.45 -16.58
C SER E 92 1.74 27.84 -16.27
N TYR E 93 2.36 27.19 -15.31
CA TYR E 93 3.69 27.59 -14.83
C TYR E 93 4.77 27.17 -15.82
N SER E 94 4.65 25.98 -16.40
CA SER E 94 5.75 25.43 -17.19
C SER E 94 5.18 24.53 -18.28
N THR E 95 5.79 24.56 -19.45
CA THR E 95 5.39 23.59 -20.49
C THR E 95 6.17 22.30 -20.29
N PRO E 96 5.57 21.12 -20.60
CA PRO E 96 4.22 20.98 -21.17
C PRO E 96 3.13 21.38 -20.17
N TYR E 97 2.18 22.18 -20.62
CA TYR E 97 1.00 22.50 -19.79
C TYR E 97 0.29 21.19 -19.46
N THR E 98 -0.15 21.06 -18.22
CA THR E 98 -0.77 19.80 -17.75
C THR E 98 -2.09 20.12 -17.07
N PHE E 99 -3.04 19.21 -17.24
CA PHE E 99 -4.37 19.33 -16.62
C PHE E 99 -4.53 18.24 -15.57
N GLY E 100 -5.33 18.54 -14.57
CA GLY E 100 -5.82 17.49 -13.67
C GLY E 100 -6.70 16.50 -14.43
N GLN E 101 -7.04 15.42 -13.74
CA GLN E 101 -7.88 14.35 -14.35
C GLN E 101 -9.35 14.77 -14.42
N GLY E 102 -9.75 15.83 -13.75
CA GLY E 102 -11.13 16.30 -13.85
C GLY E 102 -11.95 15.91 -12.63
N THR E 103 -12.91 16.74 -12.30
CA THR E 103 -13.90 16.48 -11.23
C THR E 103 -15.27 16.60 -11.86
N LYS E 104 -16.00 15.48 -11.95
CA LYS E 104 -17.35 15.48 -12.51
C LYS E 104 -18.32 15.91 -11.40
N LEU E 105 -19.06 16.98 -11.67
CA LEU E 105 -20.04 17.54 -10.71
C LEU E 105 -21.44 17.16 -11.19
N GLU E 106 -22.10 16.29 -10.44
CA GLU E 106 -23.51 15.89 -10.71
C GLU E 106 -24.42 16.58 -9.69
N ILE E 107 -25.59 17.02 -10.16
CA ILE E 107 -26.54 17.79 -9.30
C ILE E 107 -27.70 16.88 -8.94
N LYS E 108 -28.08 16.92 -7.67
CA LYS E 108 -29.14 16.01 -7.14
C LYS E 108 -30.44 16.13 -7.95
N GLY E 109 -30.82 17.35 -8.34
CA GLY E 109 -32.05 17.56 -9.12
C GLY E 109 -32.02 16.92 -10.51
N GLN E 124 -15.61 38.77 -31.41
CA GLN E 124 -14.80 37.69 -30.75
C GLN E 124 -14.21 36.77 -31.81
N VAL E 125 -13.26 35.97 -31.38
CA VAL E 125 -12.57 34.99 -32.24
C VAL E 125 -13.39 33.70 -32.24
N GLN E 126 -13.43 33.04 -33.41
CA GLN E 126 -14.05 31.71 -33.53
C GLN E 126 -13.04 30.77 -34.15
N LEU E 127 -12.94 29.57 -33.58
CA LEU E 127 -12.05 28.51 -34.11
C LEU E 127 -12.91 27.34 -34.58
N GLN E 128 -12.45 26.66 -35.61
CA GLN E 128 -13.21 25.48 -36.09
C GLN E 128 -12.26 24.44 -36.67
N GLU E 129 -12.24 23.27 -36.05
CA GLU E 129 -11.41 22.13 -36.48
C GLU E 129 -12.06 21.41 -37.68
N SER E 130 -11.24 20.81 -38.52
CA SER E 130 -11.72 19.94 -39.61
C SER E 130 -10.60 19.02 -40.03
N GLY E 131 -10.99 17.88 -40.61
CA GLY E 131 -10.04 16.87 -41.07
C GLY E 131 -10.68 15.49 -40.99
N PRO E 132 -9.99 14.47 -41.54
CA PRO E 132 -10.50 13.11 -41.48
C PRO E 132 -10.72 12.62 -40.05
N GLY E 133 -11.92 12.06 -39.82
CA GLY E 133 -12.31 11.45 -38.54
C GLY E 133 -11.75 10.05 -38.33
N LEU E 134 -11.17 9.43 -39.37
CA LEU E 134 -10.69 8.04 -39.32
C LEU E 134 -9.30 7.99 -39.93
N VAL E 135 -8.37 7.35 -39.23
CA VAL E 135 -6.99 7.15 -39.73
C VAL E 135 -6.57 5.72 -39.39
N LYS E 136 -5.81 5.12 -40.31
CA LYS E 136 -5.34 3.72 -40.14
C LYS E 136 -4.19 3.69 -39.15
N PRO E 137 -4.05 2.60 -38.38
CA PRO E 137 -2.86 2.44 -37.54
C PRO E 137 -1.59 2.63 -38.36
N SER E 138 -0.64 3.36 -37.78
CA SER E 138 0.65 3.76 -38.39
C SER E 138 0.49 4.88 -39.42
N GLY E 139 -0.73 5.33 -39.71
CA GLY E 139 -0.92 6.47 -40.62
C GLY E 139 -0.67 7.81 -39.91
N THR E 140 -1.03 8.87 -40.61
CA THR E 140 -0.78 10.26 -40.17
C THR E 140 -2.11 10.96 -39.93
N LEU E 141 -2.35 11.37 -38.69
CA LEU E 141 -3.50 12.26 -38.40
C LEU E 141 -3.19 13.66 -38.90
N SER E 142 -4.18 14.30 -39.55
CA SER E 142 -4.04 15.68 -40.04
C SER E 142 -5.32 16.45 -39.76
N LEU E 143 -5.18 17.57 -39.08
CA LEU E 143 -6.32 18.45 -38.77
C LEU E 143 -5.94 19.89 -39.10
N THR E 144 -6.96 20.69 -39.34
CA THR E 144 -6.83 22.12 -39.62
C THR E 144 -7.76 22.87 -38.68
N CYS E 145 -7.31 24.04 -38.23
CA CYS E 145 -8.17 24.97 -37.45
C CYS E 145 -8.31 26.25 -38.26
N ALA E 146 -9.51 26.55 -38.70
CA ALA E 146 -9.79 27.84 -39.37
C ALA E 146 -10.05 28.88 -38.29
N VAL E 147 -9.37 30.01 -38.39
CA VAL E 147 -9.48 31.13 -37.42
C VAL E 147 -10.24 32.25 -38.09
N SER E 148 -11.27 32.73 -37.42
CA SER E 148 -12.14 33.81 -37.93
C SER E 148 -12.14 34.95 -36.92
N GLY E 149 -12.33 36.16 -37.42
CA GLY E 149 -12.54 37.32 -36.54
C GLY E 149 -11.25 37.85 -35.94
N ASP E 150 -10.10 37.22 -36.24
CA ASP E 150 -8.80 37.78 -35.84
C ASP E 150 -7.75 37.16 -36.74
N SER E 151 -6.64 37.89 -36.89
CA SER E 151 -5.51 37.43 -37.70
C SER E 151 -4.71 36.37 -36.93
N ILE E 152 -4.26 35.35 -37.64
CA ILE E 152 -3.23 34.41 -37.12
C ILE E 152 -2.03 35.19 -36.55
N SER E 153 -1.77 36.38 -37.07
CA SER E 153 -0.56 37.14 -36.69
C SER E 153 -0.77 37.96 -35.44
N SER E 154 -1.83 37.73 -34.68
CA SER E 154 -2.03 38.36 -33.36
C SER E 154 -1.03 37.77 -32.36
N SER E 155 -0.84 38.48 -31.25
CA SER E 155 0.21 38.16 -30.26
C SER E 155 -0.29 37.09 -29.29
N ASN E 156 -0.54 35.88 -29.79
CA ASN E 156 -0.86 34.75 -28.91
C ASN E 156 -0.40 33.46 -29.57
N TRP E 157 -0.47 32.39 -28.79
CA TRP E 157 -0.17 31.03 -29.30
C TRP E 157 -1.46 30.38 -29.79
N TRP E 158 -1.30 29.46 -30.73
CA TRP E 158 -2.39 28.66 -31.30
C TRP E 158 -2.12 27.22 -30.94
N SER E 159 -3.02 26.63 -30.16
CA SER E 159 -2.75 25.36 -29.45
C SER E 159 -3.61 24.22 -29.98
N TRP E 160 -3.13 23.03 -29.75
CA TRP E 160 -3.89 21.77 -29.92
C TRP E 160 -3.95 21.04 -28.59
N VAL E 161 -5.15 20.63 -28.21
CA VAL E 161 -5.45 19.84 -27.00
C VAL E 161 -6.34 18.68 -27.41
N ARG E 162 -6.14 17.52 -26.80
CA ARG E 162 -6.96 16.34 -27.11
C ARG E 162 -7.56 15.77 -25.84
N GLN E 163 -8.67 15.06 -26.02
CA GLN E 163 -9.35 14.37 -24.91
C GLN E 163 -9.72 12.96 -25.34
N PRO E 164 -9.00 11.96 -24.83
CA PRO E 164 -9.33 10.57 -25.14
C PRO E 164 -10.68 10.22 -24.51
N PRO E 165 -11.39 9.21 -25.06
CA PRO E 165 -12.73 8.90 -24.55
C PRO E 165 -12.65 8.45 -23.08
N GLY E 166 -13.49 9.06 -22.26
CA GLY E 166 -13.48 8.82 -20.81
C GLY E 166 -12.16 9.20 -20.18
N LYS E 167 -11.64 10.38 -20.51
CA LYS E 167 -10.32 10.76 -19.97
C LYS E 167 -10.23 12.29 -19.93
N GLY E 168 -9.10 12.76 -19.43
CA GLY E 168 -8.89 14.20 -19.21
C GLY E 168 -8.28 14.87 -20.43
N LEU E 169 -7.63 15.98 -20.19
CA LEU E 169 -7.11 16.85 -21.27
C LEU E 169 -5.61 16.71 -21.38
N GLU E 170 -5.12 16.64 -22.61
CA GLU E 170 -3.67 16.51 -22.88
C GLU E 170 -3.29 17.64 -23.84
N TRP E 171 -2.31 18.45 -23.43
CA TRP E 171 -1.78 19.52 -24.29
C TRP E 171 -0.82 18.90 -25.28
N ILE E 172 -1.07 19.12 -26.56
CA ILE E 172 -0.19 18.57 -27.62
C ILE E 172 0.93 19.56 -27.93
N GLY E 173 0.60 20.83 -28.09
CA GLY E 173 1.58 21.83 -28.51
C GLY E 173 0.90 23.07 -29.03
N GLU E 174 1.71 24.05 -29.40
CA GLU E 174 1.20 25.36 -29.82
C GLU E 174 2.20 25.94 -30.81
N ILE E 175 1.69 26.90 -31.59
CA ILE E 175 2.53 27.59 -32.61
C ILE E 175 2.27 29.07 -32.51
N TYR E 176 3.32 29.85 -32.83
CA TYR E 176 3.24 31.33 -32.93
C TYR E 176 3.29 31.70 -34.40
N HIS E 177 2.69 32.84 -34.75
CA HIS E 177 2.55 33.19 -36.19
C HIS E 177 3.90 33.26 -36.88
N SER E 178 4.96 33.58 -36.17
CA SER E 178 6.31 33.66 -36.77
C SER E 178 6.96 32.28 -36.90
N GLY E 179 6.26 31.22 -36.52
CA GLY E 179 6.67 29.85 -36.88
C GLY E 179 7.23 29.06 -35.73
N GLY E 180 7.64 29.71 -34.64
CA GLY E 180 8.12 28.96 -33.48
C GLY E 180 7.05 28.06 -32.91
N THR E 181 7.48 26.94 -32.35
CA THR E 181 6.56 25.90 -31.87
C THR E 181 7.03 25.45 -30.49
N LYS E 182 6.07 24.99 -29.68
CA LYS E 182 6.33 24.29 -28.40
C LYS E 182 5.53 23.00 -28.42
N TYR E 183 6.20 21.87 -28.22
CA TYR E 183 5.57 20.54 -28.32
C TYR E 183 5.65 19.85 -26.97
N ASN E 184 4.63 19.04 -26.67
CA ASN E 184 4.71 18.12 -25.53
C ASN E 184 5.86 17.14 -25.78
N PRO E 185 6.78 16.96 -24.81
CA PRO E 185 7.92 16.07 -25.04
C PRO E 185 7.53 14.62 -25.30
N SER E 186 6.35 14.20 -24.85
CA SER E 186 5.83 12.84 -25.15
C SER E 186 5.45 12.68 -26.63
N LEU E 187 5.37 13.77 -27.39
CA LEU E 187 4.90 13.73 -28.78
C LEU E 187 5.89 14.38 -29.74
N LYS E 188 6.96 14.99 -29.23
CA LYS E 188 7.86 15.83 -30.07
C LYS E 188 8.34 15.04 -31.29
N SER E 189 8.67 13.77 -31.11
CA SER E 189 9.28 12.97 -32.20
C SER E 189 8.32 12.82 -33.40
N ARG E 190 7.01 12.88 -33.17
CA ARG E 190 6.07 12.56 -34.26
C ARG E 190 5.04 13.65 -34.54
N VAL E 191 5.14 14.83 -33.91
CA VAL E 191 4.11 15.89 -34.10
C VAL E 191 4.70 16.98 -34.98
N THR E 192 3.82 17.62 -35.75
CA THR E 192 4.17 18.90 -36.41
C THR E 192 2.97 19.84 -36.32
N ILE E 193 3.21 21.07 -35.88
CA ILE E 193 2.18 22.11 -35.94
C ILE E 193 2.66 23.14 -36.93
N SER E 194 1.74 23.65 -37.74
CA SER E 194 2.10 24.59 -38.80
C SER E 194 1.04 25.66 -38.87
N VAL E 195 1.42 26.74 -39.53
CA VAL E 195 0.55 27.92 -39.69
C VAL E 195 0.52 28.29 -41.17
N ASP E 196 -0.62 28.81 -41.61
CA ASP E 196 -0.84 29.18 -43.02
C ASP E 196 -1.49 30.56 -43.02
N LYS E 197 -0.69 31.59 -43.23
CA LYS E 197 -1.15 32.97 -43.05
C LYS E 197 -2.04 33.38 -44.20
N SER E 198 -1.86 32.83 -45.39
CA SER E 198 -2.76 33.17 -46.53
C SER E 198 -4.19 32.71 -46.24
N LYS E 199 -4.34 31.53 -45.64
CA LYS E 199 -5.68 31.00 -45.31
C LYS E 199 -6.15 31.41 -43.91
N ASN E 200 -5.28 31.98 -43.08
CA ASN E 200 -5.58 32.26 -41.65
C ASN E 200 -6.00 30.99 -40.92
N HIS E 201 -5.26 29.91 -41.15
CA HIS E 201 -5.45 28.59 -40.50
CA HIS E 201 -5.51 28.69 -40.35
C HIS E 201 -4.19 28.23 -39.73
N PHE E 202 -4.33 27.26 -38.84
CA PHE E 202 -3.16 26.51 -38.34
C PHE E 202 -3.55 25.04 -38.29
N SER E 203 -2.55 24.17 -38.29
CA SER E 203 -2.76 22.75 -38.56
C SER E 203 -1.95 21.89 -37.61
N LEU E 204 -2.33 20.64 -37.57
CA LEU E 204 -1.70 19.62 -36.71
C LEU E 204 -1.46 18.38 -37.58
N LYS E 205 -0.27 17.83 -37.49
CA LYS E 205 0.02 16.47 -38.00
C LYS E 205 0.58 15.62 -36.87
N LEU E 206 0.02 14.43 -36.72
CA LEU E 206 0.56 13.43 -35.76
C LEU E 206 0.85 12.16 -36.53
N ARG E 207 2.10 11.72 -36.50
CA ARG E 207 2.57 10.60 -37.34
C ARG E 207 2.57 9.30 -36.55
N SER E 208 2.46 8.18 -37.28
CA SER E 208 2.57 6.82 -36.70
C SER E 208 1.49 6.61 -35.65
N VAL E 209 0.24 6.94 -35.99
CA VAL E 209 -0.83 6.90 -34.98
C VAL E 209 -1.05 5.46 -34.52
N THR E 210 -1.46 5.32 -33.27
CA THR E 210 -1.94 4.06 -32.68
C THR E 210 -3.33 4.30 -32.09
N ALA E 211 -3.86 3.30 -31.41
CA ALA E 211 -5.20 3.39 -30.79
C ALA E 211 -5.20 4.43 -29.66
N ALA E 212 -4.05 4.71 -29.06
CA ALA E 212 -3.98 5.70 -27.97
C ALA E 212 -4.20 7.12 -28.50
N ASP E 213 -4.21 7.31 -29.81
CA ASP E 213 -4.45 8.62 -30.44
C ASP E 213 -5.92 8.86 -30.74
N THR E 214 -6.77 7.88 -30.56
CA THR E 214 -8.24 8.10 -30.65
C THR E 214 -8.65 9.10 -29.59
N ALA E 215 -9.30 10.17 -30.01
CA ALA E 215 -9.61 11.27 -29.07
C ALA E 215 -10.46 12.32 -29.77
N VAL E 216 -11.05 13.19 -28.95
CA VAL E 216 -11.56 14.49 -29.48
C VAL E 216 -10.39 15.47 -29.46
N TYR E 217 -10.14 16.11 -30.59
CA TYR E 217 -9.03 17.06 -30.74
C TYR E 217 -9.62 18.46 -30.78
N TYR E 218 -9.07 19.35 -29.96
CA TYR E 218 -9.49 20.76 -29.90
C TYR E 218 -8.38 21.65 -30.41
N CYS E 219 -8.75 22.70 -31.11
CA CYS E 219 -7.84 23.84 -31.33
C CYS E 219 -8.24 24.95 -30.37
N ALA E 220 -7.26 25.74 -29.95
CA ALA E 220 -7.53 26.77 -28.93
C ALA E 220 -6.56 27.94 -29.07
N ARG E 221 -7.00 29.09 -28.63
CA ARG E 221 -6.12 30.26 -28.42
C ARG E 221 -5.54 30.21 -27.01
N ASN E 222 -4.22 30.26 -26.92
CA ASN E 222 -3.52 30.35 -25.61
C ASN E 222 -2.93 31.75 -25.54
N ARG E 223 -3.58 32.63 -24.79
CA ARG E 223 -3.15 34.04 -24.71
C ARG E 223 -2.81 34.39 -23.28
N TRP E 224 -2.08 35.48 -23.11
CA TRP E 224 -1.66 35.84 -21.74
C TRP E 224 -2.51 37.00 -21.23
N PHE E 225 -2.56 37.10 -19.92
CA PHE E 225 -3.45 38.08 -19.24
C PHE E 225 -2.60 39.20 -18.63
N ASP E 226 -2.97 40.43 -18.96
CA ASP E 226 -2.38 41.64 -18.37
C ASP E 226 -3.00 41.82 -17.00
N ASN E 227 -2.48 41.08 -16.02
CA ASN E 227 -3.12 41.10 -14.67
C ASN E 227 -2.25 41.83 -13.63
N ASN E 228 -1.16 42.43 -14.08
CA ASN E 228 -0.27 43.29 -13.25
C ASN E 228 0.48 42.52 -12.16
N ARG E 229 0.51 41.20 -12.19
CA ARG E 229 1.24 40.48 -11.12
C ARG E 229 2.76 40.48 -11.35
N GLY E 230 3.22 40.64 -12.59
CA GLY E 230 4.66 40.57 -12.85
C GLY E 230 5.17 39.16 -13.09
N GLY E 231 6.40 39.09 -13.56
CA GLY E 231 7.08 37.82 -13.77
C GLY E 231 6.60 37.16 -15.04
N TYR E 232 6.72 35.84 -15.10
CA TYR E 232 6.33 35.07 -16.30
C TYR E 232 4.91 35.41 -16.73
N TYR E 233 4.70 35.49 -18.03
CA TYR E 233 3.33 35.70 -18.57
C TYR E 233 2.41 34.63 -18.00
N TYR E 234 1.19 35.05 -17.69
CA TYR E 234 0.11 34.14 -17.28
C TYR E 234 -0.74 33.82 -18.51
N TYR E 235 -0.70 32.59 -18.95
CA TYR E 235 -1.43 32.13 -20.15
C TYR E 235 -2.70 31.39 -19.74
N GLY E 236 -3.70 31.49 -20.59
CA GLY E 236 -4.87 30.60 -20.48
C GLY E 236 -5.53 30.42 -21.82
N MET E 237 -6.19 29.26 -21.98
CA MET E 237 -6.85 28.94 -23.25
C MET E 237 -8.28 29.46 -23.21
N ASP E 238 -8.50 30.64 -23.76
CA ASP E 238 -9.77 31.35 -23.56
C ASP E 238 -10.76 31.18 -24.72
N VAL E 239 -10.31 30.70 -25.87
CA VAL E 239 -11.21 30.45 -27.02
C VAL E 239 -10.88 29.05 -27.51
N TRP E 240 -11.91 28.26 -27.76
CA TRP E 240 -11.79 26.85 -28.15
C TRP E 240 -12.66 26.58 -29.37
N GLY E 241 -12.19 25.68 -30.21
CA GLY E 241 -13.05 25.14 -31.27
C GLY E 241 -14.04 24.13 -30.70
N GLN E 242 -14.93 23.64 -31.54
CA GLN E 242 -16.01 22.74 -31.05
C GLN E 242 -15.44 21.35 -30.77
N GLY E 243 -14.26 21.03 -31.27
CA GLY E 243 -13.71 19.69 -31.14
C GLY E 243 -14.11 18.83 -32.33
N THR E 244 -13.25 17.86 -32.62
CA THR E 244 -13.53 16.92 -33.72
C THR E 244 -12.97 15.57 -33.32
N THR E 245 -13.76 14.53 -33.53
CA THR E 245 -13.35 13.16 -33.17
C THR E 245 -12.43 12.58 -34.24
N VAL E 246 -11.38 11.91 -33.78
CA VAL E 246 -10.49 11.16 -34.67
C VAL E 246 -10.37 9.76 -34.09
N THR E 247 -10.74 8.78 -34.89
CA THR E 247 -10.65 7.36 -34.49
C THR E 247 -9.57 6.68 -35.32
N VAL E 248 -8.72 5.91 -34.66
CA VAL E 248 -7.72 5.06 -35.33
C VAL E 248 -8.24 3.63 -35.29
N SER E 249 -8.69 3.14 -36.43
CA SER E 249 -9.23 1.76 -36.56
C SER E 249 -8.60 1.08 -37.79
N ASP F 2 4.52 -30.54 4.80
N ASP F 2 2.17 -31.38 3.93
CA ASP F 2 3.42 -30.29 3.83
CA ASP F 2 3.29 -30.37 3.95
C ASP F 2 2.79 -28.91 4.09
C ASP F 2 2.73 -28.96 4.14
N ILE F 3 3.12 -28.34 5.25
CA ILE F 3 2.57 -27.03 5.66
C ILE F 3 3.73 -26.09 5.95
N GLN F 4 3.74 -24.97 5.25
CA GLN F 4 4.80 -23.95 5.42
C GLN F 4 4.26 -22.79 6.26
N MET F 5 5.06 -22.35 7.22
CA MET F 5 4.70 -21.28 8.16
C MET F 5 5.60 -20.07 7.90
N THR F 6 5.00 -18.94 7.55
CA THR F 6 5.74 -17.68 7.29
C THR F 6 5.30 -16.63 8.29
N GLN F 7 6.27 -15.96 8.89
CA GLN F 7 6.04 -14.98 9.97
C GLN F 7 6.24 -13.55 9.45
N SER F 8 5.61 -12.61 10.13
CA SER F 8 5.71 -11.17 9.80
C SER F 8 5.67 -10.36 11.08
N PRO F 9 6.58 -9.38 11.26
CA PRO F 9 7.73 -9.14 10.37
C PRO F 9 8.88 -10.11 10.67
N SER F 10 9.94 -10.06 9.87
CA SER F 10 11.13 -10.89 10.14
C SER F 10 11.90 -10.31 11.33
N SER F 11 11.88 -8.99 11.49
CA SER F 11 12.59 -8.33 12.60
C SER F 11 11.74 -7.14 13.04
N LEU F 12 11.74 -6.86 14.34
CA LEU F 12 10.95 -5.71 14.85
C LEU F 12 11.81 -4.94 15.83
N SER F 13 11.88 -3.63 15.61
CA SER F 13 12.48 -2.67 16.57
C SER F 13 11.33 -1.99 17.30
N ALA F 14 11.34 -2.09 18.62
CA ALA F 14 10.33 -1.41 19.45
C ALA F 14 10.93 -1.16 20.82
N SER F 15 10.31 -0.24 21.56
CA SER F 15 10.85 0.22 22.86
C SER F 15 9.79 0.09 23.94
N VAL F 16 10.28 -0.15 25.16
CA VAL F 16 9.49 -0.57 26.35
C VAL F 16 8.15 0.13 26.43
N GLY F 17 7.11 -0.64 26.76
CA GLY F 17 5.76 -0.09 26.97
C GLY F 17 4.91 -0.11 25.73
N ASP F 18 5.48 -0.41 24.56
CA ASP F 18 4.69 -0.44 23.31
C ASP F 18 3.95 -1.78 23.19
N ARG F 19 2.89 -1.75 22.40
CA ARG F 19 2.12 -2.96 22.08
C ARG F 19 2.74 -3.60 20.83
N VAL F 20 3.17 -4.85 20.96
CA VAL F 20 3.88 -5.57 19.87
C VAL F 20 2.96 -6.68 19.36
N THR F 21 2.84 -6.78 18.04
CA THR F 21 2.04 -7.84 17.41
C THR F 21 2.85 -8.52 16.31
N ILE F 22 3.07 -9.81 16.47
CA ILE F 22 3.68 -10.68 15.43
C ILE F 22 2.57 -11.54 14.82
N THR F 23 2.64 -11.77 13.53
CA THR F 23 1.65 -12.63 12.84
C THR F 23 2.38 -13.76 12.13
N CYS F 24 1.64 -14.82 11.84
CA CYS F 24 2.14 -15.77 10.81
C CYS F 24 0.96 -16.32 10.02
N ARG F 25 1.30 -16.91 8.90
CA ARG F 25 0.34 -17.56 7.98
C ARG F 25 0.77 -19.00 7.72
N ALA F 26 -0.22 -19.85 7.56
CA ALA F 26 -0.03 -21.26 7.22
C ALA F 26 -0.37 -21.43 5.75
N SER F 27 0.39 -22.30 5.08
CA SER F 27 0.18 -22.58 3.64
C SER F 27 -1.17 -23.26 3.44
N GLN F 28 -1.75 -23.86 4.47
CA GLN F 28 -3.12 -24.41 4.39
C GLN F 28 -3.76 -24.33 5.76
N GLY F 29 -5.05 -24.60 5.81
CA GLY F 29 -5.78 -24.46 7.08
C GLY F 29 -5.22 -25.42 8.13
N ILE F 30 -5.06 -24.92 9.34
CA ILE F 30 -4.49 -25.72 10.45
C ILE F 30 -5.37 -25.57 11.67
N SER F 31 -6.57 -25.01 11.48
CA SER F 31 -7.58 -24.92 12.55
C SER F 31 -6.96 -24.12 13.71
N SER F 32 -6.92 -24.67 14.92
CA SER F 32 -6.37 -23.98 16.10
C SER F 32 -5.05 -24.60 16.55
N TYR F 33 -4.43 -25.45 15.72
CA TYR F 33 -3.23 -26.22 16.12
C TYR F 33 -2.01 -25.38 15.80
N LEU F 34 -1.78 -24.37 16.63
CA LEU F 34 -0.68 -23.40 16.41
C LEU F 34 -0.10 -23.03 17.77
N ASN F 35 1.22 -23.16 17.89
CA ASN F 35 1.96 -22.85 19.14
C ASN F 35 2.90 -21.67 18.87
N TRP F 36 3.30 -21.01 19.96
CA TRP F 36 4.31 -19.92 19.94
C TRP F 36 5.42 -20.25 20.94
N TYR F 37 6.66 -19.99 20.52
CA TYR F 37 7.85 -20.17 21.38
C TYR F 37 8.68 -18.88 21.41
N GLN F 38 9.36 -18.69 22.53
CA GLN F 38 10.28 -17.56 22.76
C GLN F 38 11.70 -18.13 22.87
N GLN F 39 12.61 -17.60 22.06
CA GLN F 39 14.03 -18.01 22.16
C GLN F 39 14.88 -16.80 22.53
N LYS F 40 15.40 -16.82 23.75
CA LYS F 40 16.45 -15.87 24.14
C LYS F 40 17.75 -16.26 23.44
N PRO F 41 18.60 -15.28 23.10
CA PRO F 41 19.84 -15.61 22.40
C PRO F 41 20.70 -16.59 23.23
N GLY F 42 21.12 -17.66 22.58
CA GLY F 42 21.91 -18.70 23.25
C GLY F 42 21.11 -19.67 24.11
N LYS F 43 19.84 -19.38 24.37
CA LYS F 43 18.99 -20.31 25.15
C LYS F 43 18.09 -21.12 24.22
N ALA F 44 17.59 -22.23 24.75
CA ALA F 44 16.66 -23.09 24.00
C ALA F 44 15.30 -22.39 23.89
N PRO F 45 14.49 -22.75 22.88
CA PRO F 45 13.13 -22.20 22.78
C PRO F 45 12.29 -22.53 24.03
N LYS F 46 11.41 -21.59 24.37
CA LYS F 46 10.51 -21.67 25.53
C LYS F 46 9.08 -21.62 25.00
N LEU F 47 8.29 -22.63 25.32
CA LEU F 47 6.88 -22.64 24.87
C LEU F 47 6.10 -21.53 25.58
N LEU F 48 5.52 -20.63 24.81
CA LEU F 48 4.68 -19.54 25.36
C LEU F 48 3.19 -19.94 25.34
N ILE F 49 2.71 -20.31 24.17
CA ILE F 49 1.26 -20.50 23.93
C ILE F 49 1.06 -21.78 23.15
N SER F 50 0.14 -22.60 23.61
CA SER F 50 -0.34 -23.80 22.86
C SER F 50 -1.76 -23.55 22.39
N ALA F 51 -2.15 -24.25 21.34
CA ALA F 51 -3.55 -24.28 20.86
C ALA F 51 -4.06 -22.87 20.60
N THR F 52 -3.28 -22.07 19.87
CA THR F 52 -3.61 -20.69 19.43
C THR F 52 -3.51 -19.70 20.60
N SER F 53 -4.10 -20.01 21.74
CA SER F 53 -4.35 -18.97 22.76
C SER F 53 -4.12 -19.40 24.21
N ASP F 54 -3.68 -20.62 24.47
CA ASP F 54 -3.57 -21.09 25.88
C ASP F 54 -2.17 -20.77 26.40
N LEU F 55 -2.12 -19.84 27.34
CA LEU F 55 -0.85 -19.39 27.95
C LEU F 55 -0.27 -20.48 28.84
N GLN F 56 1.00 -20.78 28.66
CA GLN F 56 1.70 -21.71 29.58
C GLN F 56 1.72 -21.15 31.00
N SER F 57 1.79 -22.04 31.98
CA SER F 57 2.02 -21.67 33.39
C SER F 57 3.46 -21.16 33.54
N GLY F 58 3.61 -19.95 34.08
CA GLY F 58 4.94 -19.33 34.25
C GLY F 58 5.22 -18.24 33.23
N VAL F 59 4.39 -18.10 32.21
CA VAL F 59 4.59 -17.07 31.16
C VAL F 59 3.80 -15.83 31.55
N PRO F 60 4.40 -14.62 31.44
CA PRO F 60 3.69 -13.43 31.89
C PRO F 60 2.40 -13.18 31.12
N SER F 61 1.41 -12.66 31.83
CA SER F 61 0.07 -12.36 31.29
C SER F 61 0.11 -11.38 30.11
N ARG F 62 1.23 -10.69 29.90
CA ARG F 62 1.33 -9.70 28.80
C ARG F 62 1.31 -10.39 27.43
N PHE F 63 1.49 -11.70 27.39
CA PHE F 63 1.42 -12.45 26.12
C PHE F 63 0.01 -13.00 25.91
N SER F 64 -0.49 -12.83 24.69
CA SER F 64 -1.79 -13.38 24.26
C SER F 64 -1.64 -13.86 22.81
N GLY F 65 -2.47 -14.83 22.46
CA GLY F 65 -2.49 -15.35 21.08
C GLY F 65 -3.91 -15.48 20.57
N SER F 66 -4.07 -15.26 19.28
CA SER F 66 -5.37 -15.37 18.61
C SER F 66 -5.13 -15.83 17.17
N GLY F 67 -6.23 -16.08 16.49
CA GLY F 67 -6.20 -16.47 15.07
C GLY F 67 -7.01 -17.71 14.82
N SER F 68 -7.12 -18.02 13.53
CA SER F 68 -7.90 -19.20 13.08
C SER F 68 -7.41 -19.59 11.70
N GLY F 69 -7.49 -20.88 11.42
CA GLY F 69 -7.26 -21.42 10.06
C GLY F 69 -5.88 -21.12 9.49
N THR F 70 -5.73 -19.94 8.88
CA THR F 70 -4.46 -19.61 8.20
C THR F 70 -3.72 -18.40 8.79
N ASP F 71 -4.38 -17.56 9.57
CA ASP F 71 -3.77 -16.31 10.11
C ASP F 71 -3.74 -16.38 11.63
N PHE F 72 -2.59 -16.14 12.23
CA PHE F 72 -2.48 -16.12 13.71
C PHE F 72 -1.66 -14.92 14.17
N THR F 73 -1.91 -14.53 15.39
CA THR F 73 -1.31 -13.31 15.99
C THR F 73 -0.79 -13.64 17.38
N LEU F 74 0.47 -13.30 17.61
CA LEU F 74 1.03 -13.20 18.98
C LEU F 74 1.09 -11.71 19.32
N THR F 75 0.67 -11.38 20.54
CA THR F 75 0.58 -9.97 20.97
C THR F 75 1.23 -9.81 22.34
N ILE F 76 2.05 -8.79 22.45
CA ILE F 76 2.60 -8.33 23.76
C ILE F 76 1.83 -7.07 24.12
N SER F 77 1.18 -7.08 25.28
CA SER F 77 0.32 -5.95 25.72
C SER F 77 1.15 -4.67 25.82
N SER F 78 2.23 -4.72 26.60
CA SER F 78 3.21 -3.62 26.65
C SER F 78 4.57 -4.25 26.85
N LEU F 79 5.50 -4.00 25.92
CA LEU F 79 6.83 -4.66 25.94
C LEU F 79 7.57 -4.30 27.22
N GLN F 80 8.26 -5.28 27.79
CA GLN F 80 9.21 -5.10 28.91
C GLN F 80 10.62 -5.40 28.41
N PRO F 81 11.65 -4.94 29.14
CA PRO F 81 13.04 -5.15 28.71
C PRO F 81 13.44 -6.58 28.39
N GLU F 82 13.11 -7.58 29.20
CA GLU F 82 13.69 -8.91 28.91
C GLU F 82 12.76 -9.76 28.04
N ASP F 83 11.89 -9.15 27.24
CA ASP F 83 11.25 -9.90 26.14
C ASP F 83 11.95 -9.63 24.82
N PHE F 84 13.17 -9.13 24.87
CA PHE F 84 14.11 -9.13 23.71
C PHE F 84 14.44 -10.58 23.37
N ALA F 85 13.88 -11.06 22.26
CA ALA F 85 14.07 -12.47 21.85
C ALA F 85 13.62 -12.61 20.41
N THR F 86 13.83 -13.81 19.87
CA THR F 86 13.21 -14.22 18.59
C THR F 86 12.03 -15.16 18.89
N TYR F 87 10.91 -14.93 18.23
CA TYR F 87 9.68 -15.71 18.47
C TYR F 87 9.33 -16.51 17.24
N TYR F 88 9.04 -17.79 17.42
CA TYR F 88 8.68 -18.68 16.30
C TYR F 88 7.24 -19.13 16.46
N CYS F 89 6.54 -19.23 15.34
CA CYS F 89 5.29 -20.01 15.41
C CYS F 89 5.59 -21.46 15.01
N GLN F 90 4.62 -22.32 15.24
CA GLN F 90 4.79 -23.77 14.96
C GLN F 90 3.40 -24.37 14.83
N GLN F 91 3.11 -24.93 13.67
CA GLN F 91 1.86 -25.70 13.51
C GLN F 91 2.08 -27.09 14.10
N SER F 92 1.13 -27.52 14.91
CA SER F 92 1.07 -28.88 15.48
C SER F 92 -0.07 -29.67 14.84
N TYR F 93 -0.56 -29.21 13.72
CA TYR F 93 -1.72 -29.84 13.06
C TYR F 93 -1.29 -31.14 12.38
N SER F 94 -0.11 -31.18 11.77
CA SER F 94 0.30 -32.32 10.92
C SER F 94 1.80 -32.50 10.96
N THR F 95 2.25 -33.74 11.12
CA THR F 95 3.68 -34.03 10.94
C THR F 95 4.01 -34.03 9.45
N PRO F 96 5.23 -33.59 9.06
CA PRO F 96 6.27 -33.10 9.97
C PRO F 96 5.92 -31.74 10.56
N TYR F 97 6.09 -31.60 11.88
CA TYR F 97 5.85 -30.28 12.51
C TYR F 97 6.81 -29.27 11.90
N THR F 98 6.30 -28.07 11.65
CA THR F 98 7.09 -27.02 10.99
C THR F 98 6.95 -25.71 11.77
N PHE F 99 8.06 -24.98 11.86
CA PHE F 99 8.08 -23.65 12.51
C PHE F 99 8.19 -22.55 11.45
N GLY F 100 7.82 -21.34 11.87
CA GLY F 100 8.13 -20.16 11.06
C GLY F 100 9.61 -19.84 11.08
N GLN F 101 9.99 -18.84 10.30
CA GLN F 101 11.42 -18.45 10.16
C GLN F 101 11.87 -17.62 11.36
N GLY F 102 10.96 -17.14 12.20
CA GLY F 102 11.33 -16.37 13.39
C GLY F 102 11.12 -14.88 13.19
N THR F 103 10.79 -14.22 14.29
CA THR F 103 10.71 -12.74 14.34
C THR F 103 11.66 -12.28 15.44
N LYS F 104 12.71 -11.57 15.04
CA LYS F 104 13.66 -11.01 16.01
C LYS F 104 13.07 -9.72 16.57
N LEU F 105 12.96 -9.65 17.89
CA LEU F 105 12.42 -8.44 18.56
C LEU F 105 13.56 -7.76 19.30
N GLU F 106 13.89 -6.53 18.89
CA GLU F 106 14.98 -5.76 19.54
C GLU F 106 14.43 -4.59 20.37
N GLN F 124 10.15 -30.00 38.14
CA GLN F 124 10.15 -29.86 36.65
C GLN F 124 11.14 -30.87 36.04
N VAL F 125 10.77 -31.42 34.89
CA VAL F 125 11.61 -32.42 34.20
C VAL F 125 12.77 -31.72 33.50
N GLN F 126 13.91 -32.39 33.41
CA GLN F 126 15.14 -31.80 32.82
C GLN F 126 15.67 -32.71 31.72
N LEU F 127 16.04 -32.10 30.60
CA LEU F 127 16.60 -32.80 29.43
C LEU F 127 18.04 -32.33 29.20
N GLN F 128 18.93 -33.26 28.90
CA GLN F 128 20.35 -32.94 28.64
C GLN F 128 20.85 -33.70 27.42
N GLU F 129 21.25 -32.96 26.40
CA GLU F 129 21.88 -33.55 25.19
C GLU F 129 23.37 -33.81 25.47
N SER F 130 23.86 -34.91 24.94
CA SER F 130 25.30 -35.25 24.99
C SER F 130 25.68 -35.91 23.67
N GLY F 131 26.96 -35.82 23.32
CA GLY F 131 27.46 -36.46 22.10
C GLY F 131 28.63 -35.70 21.49
N PRO F 132 29.33 -36.33 20.54
CA PRO F 132 30.61 -35.81 20.05
C PRO F 132 30.65 -34.31 19.76
N GLY F 133 29.98 -33.84 18.72
CA GLY F 133 30.02 -32.40 18.41
C GLY F 133 30.90 -32.04 17.22
N LEU F 134 31.81 -32.94 16.83
CA LEU F 134 32.54 -32.79 15.55
C LEU F 134 32.41 -34.11 14.79
N VAL F 135 31.97 -34.02 13.56
CA VAL F 135 31.71 -35.22 12.73
C VAL F 135 32.34 -34.98 11.36
N LYS F 136 33.04 -35.99 10.85
CA LYS F 136 33.62 -35.85 9.51
C LYS F 136 32.50 -36.01 8.48
N PRO F 137 32.56 -35.27 7.36
CA PRO F 137 31.59 -35.44 6.29
C PRO F 137 31.43 -36.91 5.88
N SER F 138 30.18 -37.28 5.59
CA SER F 138 29.75 -38.67 5.30
C SER F 138 29.72 -39.54 6.57
N GLY F 139 30.08 -38.99 7.72
CA GLY F 139 30.03 -39.77 8.97
C GLY F 139 28.64 -39.83 9.56
N THR F 140 28.54 -40.46 10.72
CA THR F 140 27.26 -40.60 11.45
C THR F 140 27.29 -39.66 12.65
N LEU F 141 26.26 -38.83 12.76
CA LEU F 141 26.05 -38.00 13.97
C LEU F 141 25.30 -38.84 15.01
N SER F 142 25.78 -38.81 16.25
CA SER F 142 25.15 -39.54 17.37
C SER F 142 25.01 -38.58 18.54
N LEU F 143 23.81 -38.56 19.12
CA LEU F 143 23.53 -37.76 20.33
C LEU F 143 22.63 -38.56 21.24
N THR F 144 22.65 -38.20 22.52
CA THR F 144 21.79 -38.85 23.53
C THR F 144 21.18 -37.77 24.40
N CYS F 145 19.92 -37.99 24.77
CA CYS F 145 19.18 -37.06 25.66
C CYS F 145 18.89 -37.83 26.94
N ALA F 146 19.46 -37.36 28.05
CA ALA F 146 19.18 -37.91 29.39
C ALA F 146 17.95 -37.18 29.94
N VAL F 147 16.99 -37.96 30.43
CA VAL F 147 15.73 -37.42 30.99
C VAL F 147 15.77 -37.60 32.50
N SER F 148 15.50 -36.52 33.23
CA SER F 148 15.50 -36.54 34.71
C SER F 148 14.18 -35.94 35.22
N GLY F 149 13.73 -36.46 36.36
CA GLY F 149 12.51 -35.98 37.03
C GLY F 149 11.21 -36.47 36.42
N ASP F 150 11.27 -37.36 35.42
CA ASP F 150 10.09 -38.00 34.83
C ASP F 150 10.56 -39.23 34.07
N SER F 151 9.62 -40.14 33.84
CA SER F 151 9.94 -41.43 33.20
C SER F 151 9.82 -41.30 31.67
N ILE F 152 10.64 -42.06 30.97
CA ILE F 152 10.47 -42.23 29.50
C ILE F 152 9.09 -42.83 29.25
N SER F 153 8.61 -43.69 30.14
CA SER F 153 7.34 -44.42 29.97
C SER F 153 6.13 -43.53 30.27
N SER F 154 6.23 -42.23 30.07
CA SER F 154 5.07 -41.32 30.16
C SER F 154 4.38 -41.23 28.80
N SER F 155 3.16 -40.67 28.78
CA SER F 155 2.31 -40.64 27.57
C SER F 155 2.63 -39.38 26.76
N ASN F 156 3.83 -39.34 26.20
CA ASN F 156 4.29 -38.19 25.40
C ASN F 156 5.35 -38.64 24.42
N TRP F 157 5.63 -37.76 23.46
CA TRP F 157 6.69 -38.05 22.47
C TRP F 157 7.98 -37.36 22.89
N TRP F 158 9.09 -38.00 22.54
CA TRP F 158 10.45 -37.49 22.82
C TRP F 158 11.07 -37.10 21.50
N SER F 159 11.40 -35.82 21.35
CA SER F 159 11.59 -35.19 20.03
C SER F 159 13.03 -34.73 19.87
N TRP F 160 13.43 -34.58 18.61
CA TRP F 160 14.71 -33.95 18.22
C TRP F 160 14.42 -32.78 17.29
N VAL F 161 14.88 -31.60 17.66
CA VAL F 161 14.78 -30.38 16.82
C VAL F 161 16.20 -29.82 16.66
N ARG F 162 16.52 -29.36 15.44
CA ARG F 162 17.84 -28.76 15.16
C ARG F 162 17.67 -27.33 14.65
N GLN F 163 18.68 -26.48 14.89
CA GLN F 163 18.62 -25.07 14.45
C GLN F 163 19.94 -24.71 13.75
N PRO F 164 19.98 -24.73 12.40
CA PRO F 164 21.18 -24.37 11.67
C PRO F 164 21.61 -22.93 11.95
N PRO F 165 22.90 -22.57 11.79
CA PRO F 165 23.34 -21.19 11.96
C PRO F 165 22.47 -20.32 11.06
N GLY F 166 21.97 -19.20 11.59
CA GLY F 166 21.03 -18.39 10.79
C GLY F 166 19.62 -18.70 11.21
N LYS F 167 19.44 -19.11 12.48
CA LYS F 167 18.09 -19.38 13.03
C LYS F 167 17.37 -20.48 12.25
N GLY F 168 16.05 -20.53 12.35
CA GLY F 168 15.27 -21.59 11.66
C GLY F 168 15.23 -22.86 12.50
N LEU F 169 14.05 -23.20 13.01
CA LEU F 169 13.91 -24.48 13.76
C LEU F 169 13.41 -25.57 12.81
N GLU F 170 13.97 -26.77 12.91
CA GLU F 170 13.63 -27.91 12.02
C GLU F 170 13.32 -29.14 12.87
N TRP F 171 12.11 -29.65 12.72
CA TRP F 171 11.72 -30.89 13.45
C TRP F 171 12.34 -32.10 12.77
N ILE F 172 13.10 -32.87 13.52
CA ILE F 172 13.76 -34.09 12.98
C ILE F 172 12.83 -35.30 13.09
N GLY F 173 12.31 -35.55 14.27
CA GLY F 173 11.55 -36.76 14.54
C GLY F 173 11.27 -36.93 16.01
N GLU F 174 10.59 -38.03 16.33
CA GLU F 174 10.08 -38.28 17.69
C GLU F 174 9.98 -39.78 17.91
N ILE F 175 10.16 -40.19 19.17
CA ILE F 175 9.99 -41.60 19.56
C ILE F 175 9.05 -41.69 20.76
N TYR F 176 8.26 -42.76 20.77
CA TYR F 176 7.38 -43.07 21.92
C TYR F 176 8.05 -44.15 22.74
N HIS F 177 7.70 -44.22 24.02
CA HIS F 177 8.44 -45.11 24.95
C HIS F 177 8.40 -46.55 24.46
N SER F 178 7.34 -46.92 23.74
CA SER F 178 7.16 -48.31 23.26
C SER F 178 7.90 -48.57 21.95
N GLY F 179 8.62 -47.59 21.41
CA GLY F 179 9.50 -47.83 20.25
C GLY F 179 9.04 -47.16 18.97
N GLY F 180 7.75 -46.85 18.82
CA GLY F 180 7.28 -46.24 17.56
C GLY F 180 7.93 -44.90 17.31
N THR F 181 8.14 -44.59 16.04
CA THR F 181 8.85 -43.34 15.64
C THR F 181 8.06 -42.60 14.57
N LYS F 182 8.27 -41.30 14.55
CA LYS F 182 7.78 -40.43 13.46
C LYS F 182 8.97 -39.62 12.99
N TYR F 183 9.28 -39.70 11.70
CA TYR F 183 10.46 -39.04 11.12
C TYR F 183 10.01 -37.97 10.13
N ASN F 184 10.80 -36.91 10.04
CA ASN F 184 10.61 -35.92 8.97
C ASN F 184 10.90 -36.59 7.63
N PRO F 185 10.00 -36.47 6.63
CA PRO F 185 10.23 -37.15 5.36
C PRO F 185 11.52 -36.71 4.62
N SER F 186 12.08 -35.57 4.99
CA SER F 186 13.34 -35.12 4.35
C SER F 186 14.57 -35.79 4.98
N LEU F 187 14.40 -36.50 6.10
CA LEU F 187 15.52 -37.12 6.84
C LEU F 187 15.30 -38.62 6.97
N LYS F 188 14.20 -39.16 6.47
CA LYS F 188 13.77 -40.54 6.82
C LYS F 188 14.81 -41.56 6.37
N SER F 189 15.41 -41.40 5.19
CA SER F 189 16.44 -42.36 4.74
C SER F 189 17.69 -42.35 5.63
N ARG F 190 17.95 -41.26 6.33
CA ARG F 190 19.24 -41.06 7.05
C ARG F 190 19.10 -41.19 8.56
N VAL F 191 17.90 -41.08 9.11
CA VAL F 191 17.75 -40.84 10.57
C VAL F 191 17.29 -42.13 11.26
N THR F 192 17.73 -42.28 12.49
CA THR F 192 17.23 -43.31 13.42
C THR F 192 17.10 -42.65 14.78
N ILE F 193 15.96 -42.83 15.42
CA ILE F 193 15.77 -42.41 16.82
C ILE F 193 15.48 -43.67 17.62
N SER F 194 16.14 -43.80 18.76
CA SER F 194 16.02 -45.01 19.60
C SER F 194 15.70 -44.58 21.03
N VAL F 195 15.19 -45.52 21.80
CA VAL F 195 14.82 -45.25 23.21
C VAL F 195 15.40 -46.38 24.07
N ASP F 196 15.81 -46.02 25.27
CA ASP F 196 16.41 -46.98 26.22
C ASP F 196 15.79 -46.74 27.59
N LYS F 197 14.79 -47.52 27.94
CA LYS F 197 14.08 -47.33 29.22
C LYS F 197 15.02 -47.58 30.41
N SER F 198 16.00 -48.47 30.24
CA SER F 198 16.91 -48.85 31.35
C SER F 198 17.62 -47.62 31.92
N LYS F 199 18.16 -46.77 31.05
CA LYS F 199 18.89 -45.57 31.50
C LYS F 199 18.05 -44.30 31.38
N ASN F 200 16.77 -44.44 31.03
CA ASN F 200 15.84 -43.27 30.94
C ASN F 200 16.34 -42.24 29.92
N HIS F 201 16.78 -42.70 28.76
CA HIS F 201 17.35 -41.83 27.73
C HIS F 201 16.78 -42.21 26.37
N PHE F 202 16.89 -41.28 25.43
CA PHE F 202 16.60 -41.54 24.00
C PHE F 202 17.70 -40.88 23.17
N SER F 203 17.92 -41.42 21.98
CA SER F 203 19.12 -41.09 21.19
C SER F 203 18.75 -40.78 19.74
N LEU F 204 19.66 -40.07 19.08
CA LEU F 204 19.54 -39.67 17.66
C LEU F 204 20.74 -40.20 16.89
N LYS F 205 20.47 -40.81 15.74
CA LYS F 205 21.51 -41.19 14.75
C LYS F 205 21.14 -40.52 13.43
N LEU F 206 22.06 -39.73 12.90
CA LEU F 206 21.89 -39.13 11.56
C LEU F 206 23.09 -39.56 10.71
N ARG F 207 22.80 -40.23 9.61
CA ARG F 207 23.85 -40.84 8.76
C ARG F 207 24.20 -39.91 7.60
N SER F 208 25.39 -40.13 7.05
CA SER F 208 25.85 -39.50 5.79
C SER F 208 25.77 -37.98 5.92
N VAL F 209 26.35 -37.44 6.99
CA VAL F 209 26.19 -36.00 7.27
C VAL F 209 26.92 -35.18 6.20
N THR F 210 26.43 -33.96 6.01
CA THR F 210 27.09 -32.95 5.15
C THR F 210 27.12 -31.65 5.92
N ALA F 211 27.64 -30.61 5.29
CA ALA F 211 27.68 -29.26 5.90
C ALA F 211 26.27 -28.79 6.27
N ALA F 212 25.27 -29.15 5.47
CA ALA F 212 23.89 -28.74 5.75
C ALA F 212 23.41 -29.24 7.12
N ASP F 213 24.14 -30.18 7.73
CA ASP F 213 23.76 -30.79 9.02
C ASP F 213 24.37 -30.08 10.22
N THR F 214 25.22 -29.08 10.02
CA THR F 214 25.80 -28.33 11.16
C THR F 214 24.70 -27.46 11.77
N ALA F 215 24.51 -27.59 13.07
CA ALA F 215 23.43 -26.87 13.75
C ALA F 215 23.59 -27.05 15.26
N VAL F 216 22.74 -26.35 16.00
CA VAL F 216 22.50 -26.69 17.42
C VAL F 216 21.32 -27.68 17.45
N TYR F 217 21.54 -28.83 18.08
CA TYR F 217 20.52 -29.88 18.19
C TYR F 217 19.88 -29.82 19.57
N TYR F 218 18.56 -29.94 19.58
CA TYR F 218 17.76 -29.95 20.83
C TYR F 218 16.96 -31.24 20.91
N CYS F 219 16.96 -31.84 22.09
CA CYS F 219 15.94 -32.83 22.43
C CYS F 219 14.85 -32.10 23.20
N ALA F 220 13.63 -32.61 23.10
CA ALA F 220 12.49 -31.92 23.75
C ALA F 220 11.40 -32.96 24.03
N ARG F 221 10.54 -32.61 24.98
CA ARG F 221 9.31 -33.37 25.25
C ARG F 221 8.19 -32.75 24.42
N ASN F 222 7.59 -33.55 23.54
CA ASN F 222 6.39 -33.14 22.78
C ASN F 222 5.19 -33.81 23.44
N ARG F 223 4.50 -33.07 24.29
CA ARG F 223 3.39 -33.63 25.08
C ARG F 223 2.08 -33.01 24.64
N TRP F 224 1.00 -33.70 24.94
CA TRP F 224 -0.32 -33.19 24.51
C TRP F 224 -1.05 -32.55 25.69
N PHE F 225 -1.90 -31.59 25.35
CA PHE F 225 -2.59 -30.76 26.35
C PHE F 225 -4.04 -31.20 26.45
N ASP F 226 -4.43 -31.59 27.67
CA ASP F 226 -5.83 -31.84 28.05
C ASP F 226 -6.56 -30.50 28.08
N ASN F 227 -6.85 -29.95 26.92
CA ASN F 227 -7.51 -28.61 26.88
C ASN F 227 -8.99 -28.74 26.59
N ASN F 228 -9.44 -29.98 26.38
CA ASN F 228 -10.88 -30.31 26.21
C ASN F 228 -11.48 -29.70 24.95
N ARG F 229 -10.66 -29.35 23.96
CA ARG F 229 -11.21 -28.84 22.69
C ARG F 229 -11.78 -29.99 21.86
N GLY F 230 -11.31 -31.22 22.09
CA GLY F 230 -11.70 -32.38 21.30
C GLY F 230 -10.92 -32.49 19.99
N GLY F 231 -11.13 -33.61 19.32
CA GLY F 231 -10.42 -33.92 18.07
C GLY F 231 -8.96 -34.31 18.30
N TYR F 232 -8.17 -34.09 17.27
CA TYR F 232 -6.74 -34.49 17.29
C TYR F 232 -6.06 -33.93 18.53
N TYR F 233 -5.22 -34.74 19.16
CA TYR F 233 -4.41 -34.29 20.31
C TYR F 233 -3.65 -33.01 19.95
N TYR F 234 -3.67 -32.06 20.87
CA TYR F 234 -2.89 -30.81 20.73
C TYR F 234 -1.52 -31.06 21.36
N TYR F 235 -0.49 -31.03 20.53
CA TYR F 235 0.89 -31.26 21.03
C TYR F 235 1.63 -29.92 21.10
N GLY F 236 2.52 -29.85 22.08
CA GLY F 236 3.46 -28.72 22.20
C GLY F 236 4.74 -29.17 22.87
N MET F 237 5.88 -28.61 22.45
CA MET F 237 7.19 -28.98 23.03
C MET F 237 7.45 -28.03 24.20
N ASP F 238 7.20 -28.49 25.41
CA ASP F 238 7.16 -27.60 26.59
C ASP F 238 8.43 -27.71 27.44
N VAL F 239 9.32 -28.65 27.16
CA VAL F 239 10.55 -28.83 27.93
C VAL F 239 11.67 -29.09 26.94
N TRP F 240 12.72 -28.29 27.01
CA TRP F 240 13.83 -28.37 26.04
C TRP F 240 15.14 -28.63 26.77
N GLY F 241 16.05 -29.31 26.10
CA GLY F 241 17.44 -29.40 26.57
C GLY F 241 18.22 -28.14 26.27
N GLN F 242 19.44 -28.09 26.79
CA GLN F 242 20.29 -26.89 26.61
C GLN F 242 20.64 -26.70 25.13
N GLY F 243 20.73 -27.80 24.38
CA GLY F 243 21.21 -27.73 22.99
C GLY F 243 22.66 -28.12 22.88
N THR F 244 23.02 -28.83 21.82
CA THR F 244 24.42 -29.25 21.60
C THR F 244 24.81 -28.81 20.19
N THR F 245 25.89 -28.05 20.10
CA THR F 245 26.44 -27.70 18.77
C THR F 245 27.13 -28.92 18.19
N VAL F 246 26.77 -29.25 16.95
CA VAL F 246 27.47 -30.29 16.17
C VAL F 246 27.92 -29.64 14.87
N THR F 247 29.20 -29.78 14.57
CA THR F 247 29.80 -29.18 13.36
C THR F 247 30.35 -30.29 12.47
N VAL F 248 30.05 -30.19 11.19
CA VAL F 248 30.64 -31.08 10.16
C VAL F 248 31.66 -30.25 9.39
N SER F 249 32.91 -30.72 9.39
CA SER F 249 34.02 -29.96 8.78
C SER F 249 35.15 -30.88 8.34
N ASP G 2 -11.16 -13.89 16.67
CA ASP G 2 -11.41 -14.78 15.52
C ASP G 2 -12.07 -14.00 14.38
N ILE G 3 -12.86 -12.98 14.74
CA ILE G 3 -13.58 -12.17 13.71
C ILE G 3 -13.21 -10.70 13.88
N GLN G 4 -12.60 -10.11 12.85
CA GLN G 4 -12.17 -8.70 12.89
C GLN G 4 -13.18 -7.86 12.10
N MET G 5 -13.61 -6.74 12.68
CA MET G 5 -14.59 -5.87 12.02
C MET G 5 -13.91 -4.56 11.60
N THR G 6 -14.09 -4.15 10.34
CA THR G 6 -13.44 -2.92 9.83
C THR G 6 -14.53 -1.97 9.33
N GLN G 7 -14.51 -0.74 9.80
CA GLN G 7 -15.56 0.23 9.45
C GLN G 7 -15.03 1.26 8.46
N SER G 8 -15.90 1.83 7.65
CA SER G 8 -15.48 2.80 6.62
C SER G 8 -16.60 3.86 6.46
N PRO G 9 -16.36 5.21 6.44
CA PRO G 9 -15.07 5.83 6.72
C PRO G 9 -14.80 5.87 8.23
N SER G 10 -13.57 6.16 8.65
CA SER G 10 -13.26 6.35 10.09
C SER G 10 -13.75 7.71 10.57
N SER G 11 -13.95 8.65 9.66
CA SER G 11 -14.41 10.01 9.99
C SER G 11 -15.28 10.50 8.85
N LEU G 12 -16.25 11.34 9.16
CA LEU G 12 -17.09 11.89 8.08
C LEU G 12 -17.69 13.21 8.56
N SER G 13 -17.71 14.18 7.66
CA SER G 13 -18.34 15.50 7.90
C SER G 13 -19.55 15.63 6.99
N ALA G 14 -20.66 16.09 7.55
CA ALA G 14 -21.90 16.25 6.78
C ALA G 14 -22.74 17.35 7.45
N SER G 15 -23.80 17.75 6.77
CA SER G 15 -24.67 18.86 7.24
C SER G 15 -26.05 18.32 7.60
N VAL G 16 -26.76 19.10 8.37
CA VAL G 16 -28.16 18.76 8.73
C VAL G 16 -28.96 18.53 7.46
N GLY G 17 -29.69 17.41 7.43
CA GLY G 17 -30.47 17.03 6.24
C GLY G 17 -29.75 16.13 5.27
N ASP G 18 -28.48 15.82 5.51
CA ASP G 18 -27.73 14.92 4.60
C ASP G 18 -28.16 13.46 4.80
N ARG G 19 -28.05 12.70 3.73
CA ARG G 19 -28.13 11.24 3.79
C ARG G 19 -26.72 10.70 4.03
N VAL G 20 -26.57 9.91 5.10
CA VAL G 20 -25.22 9.40 5.50
C VAL G 20 -25.23 7.89 5.48
N THR G 21 -24.20 7.28 4.90
CA THR G 21 -24.06 5.80 4.91
C THR G 21 -22.73 5.42 5.55
N ILE G 22 -22.74 4.51 6.52
CA ILE G 22 -21.50 3.99 7.17
C ILE G 22 -21.46 2.49 6.85
N THR G 23 -20.29 1.95 6.51
CA THR G 23 -20.18 0.54 6.10
C THR G 23 -19.32 -0.26 7.06
N CYS G 24 -19.59 -1.56 7.25
CA CYS G 24 -18.71 -2.45 8.06
C CYS G 24 -18.37 -3.68 7.22
N ARG G 25 -17.18 -4.23 7.40
CA ARG G 25 -16.77 -5.48 6.72
C ARG G 25 -16.29 -6.45 7.80
N ALA G 26 -16.60 -7.73 7.60
CA ALA G 26 -16.18 -8.78 8.57
C ALA G 26 -15.09 -9.65 7.96
N SER G 27 -14.14 -10.10 8.78
CA SER G 27 -13.02 -10.93 8.32
C SER G 27 -13.54 -12.27 7.82
N GLN G 28 -14.68 -12.71 8.35
CA GLN G 28 -15.30 -13.98 7.93
C GLN G 28 -16.82 -13.77 7.95
N GLY G 29 -17.56 -14.71 7.35
CA GLY G 29 -19.03 -14.62 7.33
C GLY G 29 -19.59 -14.62 8.75
N ILE G 30 -20.58 -13.78 8.97
CA ILE G 30 -21.19 -13.66 10.31
C ILE G 30 -22.70 -13.67 10.12
N SER G 31 -23.14 -14.07 8.94
CA SER G 31 -24.57 -14.16 8.64
C SER G 31 -25.20 -12.80 8.95
N SER G 32 -26.26 -12.77 9.74
CA SER G 32 -26.96 -11.51 10.09
C SER G 32 -26.67 -11.08 11.53
N TYR G 33 -25.59 -11.58 12.15
CA TYR G 33 -25.34 -11.33 13.58
C TYR G 33 -24.49 -10.05 13.72
N LEU G 34 -25.14 -8.92 13.48
CA LEU G 34 -24.42 -7.62 13.43
C LEU G 34 -25.26 -6.56 14.12
N ASN G 35 -24.65 -5.87 15.09
CA ASN G 35 -25.31 -4.78 15.85
C ASN G 35 -24.62 -3.45 15.55
N TRP G 36 -25.38 -2.38 15.68
CA TRP G 36 -24.88 -0.99 15.55
C TRP G 36 -25.12 -0.24 16.85
N TYR G 37 -24.12 0.53 17.26
CA TYR G 37 -24.18 1.37 18.47
C TYR G 37 -23.80 2.80 18.10
N GLN G 38 -24.39 3.75 18.83
CA GLN G 38 -23.93 5.16 18.75
C GLN G 38 -23.40 5.57 20.12
N GLN G 39 -22.26 6.24 20.11
CA GLN G 39 -21.65 6.76 21.35
C GLN G 39 -21.47 8.27 21.20
N LYS G 40 -22.27 9.02 21.91
CA LYS G 40 -22.10 10.48 21.98
C LYS G 40 -20.96 10.79 22.93
N PRO G 41 -20.25 11.91 22.72
CA PRO G 41 -19.02 12.17 23.47
C PRO G 41 -19.23 12.20 24.99
N GLY G 42 -18.39 11.46 25.69
CA GLY G 42 -18.48 11.30 27.15
C GLY G 42 -19.59 10.41 27.65
N LYS G 43 -20.31 9.72 26.77
CA LYS G 43 -21.44 8.85 27.19
C LYS G 43 -21.13 7.40 26.83
N ALA G 44 -21.91 6.51 27.41
CA ALA G 44 -21.85 5.08 27.07
C ALA G 44 -22.43 4.88 25.68
N PRO G 45 -22.01 3.81 24.98
CA PRO G 45 -22.67 3.46 23.73
C PRO G 45 -24.15 3.15 23.96
N LYS G 46 -24.95 3.44 22.95
CA LYS G 46 -26.39 3.14 22.95
C LYS G 46 -26.64 2.19 21.79
N LEU G 47 -27.37 1.11 22.05
CA LEU G 47 -27.68 0.13 20.99
C LEU G 47 -28.73 0.76 20.06
N LEU G 48 -28.41 0.81 18.78
CA LEU G 48 -29.35 1.36 17.77
C LEU G 48 -30.08 0.23 17.04
N ILE G 49 -29.33 -0.75 16.55
CA ILE G 49 -29.86 -1.81 15.68
C ILE G 49 -29.30 -3.13 16.17
N SER G 50 -30.16 -4.15 16.23
CA SER G 50 -29.69 -5.54 16.42
C SER G 50 -30.05 -6.36 15.18
N ALA G 51 -29.32 -7.43 14.99
CA ALA G 51 -29.62 -8.43 13.95
C ALA G 51 -29.76 -7.74 12.59
N THR G 52 -28.75 -6.93 12.24
CA THR G 52 -28.60 -6.28 10.92
C THR G 52 -29.56 -5.10 10.76
N SER G 53 -30.83 -5.26 11.10
CA SER G 53 -31.84 -4.28 10.66
C SER G 53 -32.95 -3.99 11.66
N ASP G 54 -32.95 -4.59 12.85
CA ASP G 54 -34.04 -4.37 13.82
C ASP G 54 -33.71 -3.17 14.70
N LEU G 55 -34.51 -2.12 14.57
CA LEU G 55 -34.31 -0.89 15.36
C LEU G 55 -34.76 -1.11 16.79
N GLN G 56 -33.94 -0.68 17.74
CA GLN G 56 -34.37 -0.61 19.14
C GLN G 56 -35.56 0.32 19.29
N SER G 57 -36.38 0.05 20.28
CA SER G 57 -37.45 0.99 20.67
C SER G 57 -36.81 2.30 21.13
N GLY G 58 -37.41 3.41 20.70
CA GLY G 58 -36.90 4.73 21.09
C GLY G 58 -35.75 5.22 20.24
N VAL G 59 -35.38 4.49 19.19
CA VAL G 59 -34.35 4.96 18.24
C VAL G 59 -35.09 5.49 17.02
N PRO G 60 -34.82 6.73 16.60
CA PRO G 60 -35.65 7.36 15.56
C PRO G 60 -35.65 6.61 14.24
N SER G 61 -36.75 6.77 13.52
CA SER G 61 -37.01 6.06 12.24
C SER G 61 -35.94 6.34 11.18
N ARG G 62 -35.14 7.39 11.35
CA ARG G 62 -34.16 7.76 10.29
C ARG G 62 -32.95 6.81 10.28
N PHE G 63 -32.83 5.90 11.23
CA PHE G 63 -31.74 4.90 11.23
C PHE G 63 -32.21 3.61 10.58
N SER G 64 -31.34 2.99 9.78
CA SER G 64 -31.65 1.73 9.10
C SER G 64 -30.36 0.94 8.90
N GLY G 65 -30.49 -0.38 8.89
CA GLY G 65 -29.34 -1.27 8.70
C GLY G 65 -29.60 -2.29 7.63
N SER G 66 -28.53 -2.74 7.00
CA SER G 66 -28.63 -3.71 5.89
C SER G 66 -27.32 -4.49 5.82
N GLY G 67 -27.36 -5.59 5.07
CA GLY G 67 -26.14 -6.34 4.74
C GLY G 67 -26.30 -7.82 4.92
N SER G 68 -25.26 -8.53 4.51
CA SER G 68 -25.24 -9.99 4.59
C SER G 68 -23.80 -10.44 4.85
N GLY G 69 -23.68 -11.47 5.65
CA GLY G 69 -22.42 -12.23 5.76
C GLY G 69 -21.19 -11.38 6.03
N THR G 70 -20.74 -10.61 5.04
CA THR G 70 -19.44 -9.92 5.14
C THR G 70 -19.53 -8.40 5.14
N ASP G 71 -20.50 -7.81 4.45
CA ASP G 71 -20.60 -6.35 4.31
C ASP G 71 -21.93 -5.87 4.85
N PHE G 72 -21.88 -4.79 5.62
CA PHE G 72 -23.10 -4.21 6.24
C PHE G 72 -23.11 -2.70 6.05
N THR G 73 -24.24 -2.12 6.37
CA THR G 73 -24.48 -0.69 6.14
C THR G 73 -25.42 -0.12 7.19
N LEU G 74 -24.96 0.94 7.84
CA LEU G 74 -25.85 1.80 8.65
C LEU G 74 -26.17 3.04 7.83
N THR G 75 -27.44 3.37 7.72
CA THR G 75 -27.88 4.53 6.93
C THR G 75 -28.67 5.46 7.82
N ILE G 76 -28.36 6.74 7.73
CA ILE G 76 -29.23 7.79 8.30
C ILE G 76 -29.89 8.52 7.13
N SER G 77 -31.21 8.68 7.22
CA SER G 77 -32.02 9.18 6.07
C SER G 77 -31.85 10.69 5.90
N SER G 78 -31.88 11.43 7.00
CA SER G 78 -31.76 12.91 6.97
C SER G 78 -31.11 13.31 8.29
N LEU G 79 -29.81 13.61 8.22
CA LEU G 79 -29.01 13.88 9.42
C LEU G 79 -29.59 15.04 10.20
N GLN G 80 -29.44 14.97 11.51
CA GLN G 80 -30.00 16.00 12.41
C GLN G 80 -28.96 16.35 13.47
N PRO G 81 -29.04 17.54 14.09
CA PRO G 81 -27.99 17.98 14.99
C PRO G 81 -27.64 16.97 16.09
N GLU G 82 -28.65 16.26 16.59
CA GLU G 82 -28.45 15.31 17.70
C GLU G 82 -27.60 14.10 17.29
N ASP G 83 -27.42 13.87 15.99
CA ASP G 83 -26.77 12.63 15.50
C ASP G 83 -25.25 12.69 15.51
N PHE G 84 -24.63 13.78 15.97
CA PHE G 84 -23.16 13.83 16.11
C PHE G 84 -22.72 12.79 17.13
N ALA G 85 -21.91 11.84 16.69
CA ALA G 85 -21.44 10.77 17.58
C ALA G 85 -20.50 9.88 16.80
N THR G 86 -19.88 8.95 17.51
CA THR G 86 -19.13 7.84 16.90
C THR G 86 -20.04 6.62 16.84
N TYR G 87 -20.09 5.98 15.69
CA TYR G 87 -20.93 4.79 15.45
C TYR G 87 -20.05 3.56 15.36
N TYR G 88 -20.45 2.51 16.06
CA TYR G 88 -19.67 1.27 16.13
C TYR G 88 -20.55 0.13 15.63
N CYS G 89 -19.92 -0.76 14.87
CA CYS G 89 -20.61 -2.02 14.53
C CYS G 89 -20.05 -3.06 15.49
N GLN G 90 -20.78 -4.13 15.73
CA GLN G 90 -20.35 -5.23 16.63
C GLN G 90 -20.93 -6.53 16.05
N GLN G 91 -20.07 -7.48 15.77
CA GLN G 91 -20.54 -8.82 15.39
C GLN G 91 -20.94 -9.55 16.68
N SER G 92 -22.12 -10.16 16.64
CA SER G 92 -22.64 -11.02 17.73
C SER G 92 -22.57 -12.49 17.31
N TYR G 93 -21.85 -12.79 16.25
CA TYR G 93 -21.85 -14.16 15.71
C TYR G 93 -21.10 -15.10 16.65
N SER G 94 -19.98 -14.66 17.17
CA SER G 94 -19.11 -15.61 17.93
C SER G 94 -18.33 -14.83 18.98
N THR G 95 -18.05 -15.49 20.10
CA THR G 95 -17.19 -14.88 21.11
C THR G 95 -15.73 -15.19 20.78
N PRO G 96 -14.79 -14.26 21.06
CA PRO G 96 -15.05 -12.96 21.71
C PRO G 96 -15.79 -11.96 20.81
N TYR G 97 -16.81 -11.33 21.35
CA TYR G 97 -17.50 -10.25 20.59
C TYR G 97 -16.48 -9.17 20.26
N THR G 98 -16.58 -8.64 19.05
CA THR G 98 -15.62 -7.63 18.53
C THR G 98 -16.38 -6.46 17.92
N PHE G 99 -15.87 -5.26 18.15
CA PHE G 99 -16.44 -4.03 17.57
C PHE G 99 -15.49 -3.53 16.48
N GLY G 100 -16.08 -2.79 15.54
CA GLY G 100 -15.29 -2.02 14.58
C GLY G 100 -14.58 -0.89 15.29
N GLN G 101 -13.70 -0.22 14.56
CA GLN G 101 -12.88 0.86 15.17
C GLN G 101 -13.71 2.13 15.35
N GLY G 102 -14.92 2.20 14.78
CA GLY G 102 -15.79 3.36 14.99
C GLY G 102 -15.71 4.36 13.85
N THR G 103 -16.83 5.03 13.61
CA THR G 103 -16.92 6.10 12.59
C THR G 103 -17.39 7.36 13.30
N LYS G 104 -16.52 8.35 13.35
CA LYS G 104 -16.85 9.64 14.00
C LYS G 104 -17.66 10.48 13.00
N LEU G 105 -18.85 10.88 13.41
CA LEU G 105 -19.77 11.65 12.56
C LEU G 105 -19.84 13.08 13.07
N GLU G 106 -19.17 13.99 12.36
CA GLU G 106 -19.13 15.43 12.72
C GLU G 106 -20.02 16.20 11.75
N ILE G 107 -20.80 17.13 12.30
CA ILE G 107 -21.83 17.87 11.49
C ILE G 107 -21.35 19.29 11.20
N SER G 123 -35.63 2.32 29.57
CA SER G 123 -35.43 1.02 30.28
C SER G 123 -35.50 1.22 31.81
N GLN G 124 -36.06 0.23 32.49
CA GLN G 124 -36.17 0.28 33.96
C GLN G 124 -34.91 -0.28 34.63
N VAL G 125 -34.07 -1.00 33.89
CA VAL G 125 -32.83 -1.55 34.48
C VAL G 125 -31.75 -0.46 34.43
N GLN G 126 -31.05 -0.29 35.54
CA GLN G 126 -29.94 0.68 35.62
C GLN G 126 -28.70 -0.04 36.13
N LEU G 127 -27.56 0.33 35.56
CA LEU G 127 -26.25 -0.22 35.96
C LEU G 127 -25.37 0.94 36.38
N GLN G 128 -24.53 0.72 37.37
CA GLN G 128 -23.58 1.77 37.80
C GLN G 128 -22.28 1.10 38.25
N GLU G 129 -21.19 1.48 37.61
CA GLU G 129 -19.84 0.98 37.96
C GLU G 129 -19.30 1.82 39.12
N SER G 130 -18.47 1.18 39.94
CA SER G 130 -17.77 1.87 41.04
C SER G 130 -16.48 1.14 41.33
N GLY G 131 -15.54 1.85 41.93
CA GLY G 131 -14.24 1.27 42.30
C GLY G 131 -13.10 2.24 42.06
N PRO G 132 -11.88 1.83 42.47
CA PRO G 132 -10.72 2.70 42.38
C PRO G 132 -10.40 3.12 40.94
N GLY G 133 -10.09 4.41 40.80
CA GLY G 133 -9.71 5.04 39.52
C GLY G 133 -8.23 4.95 39.21
N LEU G 134 -7.40 4.61 40.20
CA LEU G 134 -5.94 4.54 40.00
C LEU G 134 -5.45 3.16 40.45
N VAL G 135 -4.60 2.55 39.64
CA VAL G 135 -4.05 1.21 39.97
C VAL G 135 -2.55 1.24 39.68
N LYS G 136 -1.77 0.75 40.63
CA LYS G 136 -0.31 0.69 40.40
C LYS G 136 -0.01 -0.37 39.36
N PRO G 137 0.96 -0.14 38.48
CA PRO G 137 1.40 -1.20 37.56
C PRO G 137 1.72 -2.47 38.35
N SER G 138 1.43 -3.61 37.73
CA SER G 138 1.51 -4.98 38.31
C SER G 138 0.34 -5.25 39.26
N GLY G 139 -0.48 -4.26 39.57
CA GLY G 139 -1.58 -4.44 40.54
C GLY G 139 -2.82 -5.05 39.90
N THR G 140 -3.88 -5.09 40.69
CA THR G 140 -5.16 -5.69 40.28
C THR G 140 -6.24 -4.63 40.22
N LEU G 141 -6.74 -4.37 39.02
CA LEU G 141 -7.96 -3.57 38.86
C LEU G 141 -9.15 -4.35 39.43
N SER G 142 -10.05 -3.64 40.08
CA SER G 142 -11.25 -4.27 40.67
C SER G 142 -12.41 -3.28 40.57
N LEU G 143 -13.50 -3.72 39.97
CA LEU G 143 -14.70 -2.86 39.80
C LEU G 143 -15.94 -3.68 40.11
N THR G 144 -16.99 -2.97 40.47
CA THR G 144 -18.31 -3.54 40.75
C THR G 144 -19.34 -2.76 39.93
N CYS G 145 -20.34 -3.49 39.47
CA CYS G 145 -21.54 -2.95 38.80
C CYS G 145 -22.73 -3.25 39.70
N ALA G 146 -23.32 -2.23 40.30
CA ALA G 146 -24.59 -2.38 41.00
C ALA G 146 -25.70 -2.43 39.95
N VAL G 147 -26.60 -3.40 40.09
CA VAL G 147 -27.74 -3.58 39.17
C VAL G 147 -28.99 -3.22 39.93
N SER G 148 -29.82 -2.36 39.33
CA SER G 148 -31.09 -1.97 39.97
C SER G 148 -32.20 -2.08 38.94
N GLY G 149 -33.41 -2.32 39.44
CA GLY G 149 -34.61 -2.44 38.60
C GLY G 149 -34.82 -3.84 38.07
N ASP G 150 -33.88 -4.75 38.34
CA ASP G 150 -34.01 -6.14 37.86
C ASP G 150 -33.10 -7.00 38.71
N SER G 151 -33.44 -8.28 38.78
CA SER G 151 -32.62 -9.27 39.51
C SER G 151 -31.44 -9.68 38.64
N ILE G 152 -30.30 -9.85 39.27
CA ILE G 152 -29.12 -10.55 38.69
C ILE G 152 -29.54 -11.88 38.09
N SER G 153 -30.52 -12.56 38.69
CA SER G 153 -30.91 -13.93 38.26
C SER G 153 -31.80 -13.92 37.03
N SER G 154 -32.08 -12.77 36.41
CA SER G 154 -32.76 -12.76 35.10
C SER G 154 -31.90 -13.46 34.04
N SER G 155 -32.53 -13.85 32.95
CA SER G 155 -31.94 -14.74 31.94
C SER G 155 -31.18 -13.91 30.91
N ASN G 156 -30.03 -13.39 31.33
CA ASN G 156 -29.15 -12.66 30.42
C ASN G 156 -27.74 -12.67 30.98
N TRP G 157 -26.81 -12.30 30.13
CA TRP G 157 -25.40 -12.15 30.52
C TRP G 157 -25.15 -10.76 31.09
N TRP G 158 -24.22 -10.69 32.02
CA TRP G 158 -23.74 -9.44 32.64
C TRP G 158 -22.31 -9.22 32.18
N SER G 159 -22.08 -8.17 31.41
CA SER G 159 -20.84 -8.00 30.62
C SER G 159 -19.98 -6.82 31.10
N TRP G 160 -18.69 -6.91 30.80
CA TRP G 160 -17.71 -5.81 30.99
C TRP G 160 -17.11 -5.44 29.64
N VAL G 161 -17.13 -4.16 29.33
CA VAL G 161 -16.57 -3.59 28.09
C VAL G 161 -15.65 -2.43 28.48
N ARG G 162 -14.53 -2.30 27.78
CA ARG G 162 -13.65 -1.14 28.05
C ARG G 162 -13.34 -0.37 26.78
N GLN G 163 -13.00 0.90 26.97
CA GLN G 163 -12.67 1.80 25.85
C GLN G 163 -11.39 2.54 26.22
N PRO G 164 -10.23 2.13 25.67
CA PRO G 164 -8.99 2.84 25.94
C PRO G 164 -9.07 4.27 25.40
N PRO G 165 -8.14 5.15 25.82
CA PRO G 165 -8.24 6.55 25.39
C PRO G 165 -8.13 6.68 23.87
N GLY G 166 -9.02 7.50 23.31
CA GLY G 166 -9.09 7.74 21.87
C GLY G 166 -9.05 6.44 21.07
N LYS G 167 -9.88 5.48 21.44
CA LYS G 167 -9.88 4.19 20.72
C LYS G 167 -11.28 3.59 20.82
N GLY G 168 -11.41 2.36 20.38
CA GLY G 168 -12.71 1.69 20.22
C GLY G 168 -13.08 0.87 21.43
N LEU G 169 -13.96 -0.11 21.20
CA LEU G 169 -14.57 -0.87 22.30
C LEU G 169 -14.00 -2.27 22.33
N GLU G 170 -13.67 -2.74 23.52
CA GLU G 170 -13.13 -4.10 23.71
C GLU G 170 -14.04 -4.85 24.69
N TRP G 171 -14.56 -5.98 24.24
CA TRP G 171 -15.35 -6.86 25.11
C TRP G 171 -14.39 -7.63 26.01
N ILE G 172 -14.56 -7.51 27.32
CA ILE G 172 -13.69 -8.23 28.29
C ILE G 172 -14.24 -9.64 28.55
N GLY G 173 -15.52 -9.78 28.83
CA GLY G 173 -16.12 -11.03 29.27
C GLY G 173 -17.50 -10.81 29.85
N GLU G 174 -18.16 -11.90 30.16
CA GLU G 174 -19.56 -11.88 30.67
C GLU G 174 -19.74 -12.98 31.70
N ILE G 175 -20.77 -12.80 32.52
CA ILE G 175 -21.10 -13.81 33.54
C ILE G 175 -22.60 -14.03 33.56
N TYR G 176 -22.98 -15.27 33.83
CA TYR G 176 -24.41 -15.63 34.03
C TYR G 176 -24.66 -15.80 35.54
N HIS G 177 -25.92 -15.64 35.94
CA HIS G 177 -26.25 -15.65 37.39
C HIS G 177 -25.86 -16.97 38.04
N SER G 178 -25.83 -18.06 37.28
CA SER G 178 -25.50 -19.39 37.87
C SER G 178 -24.00 -19.63 37.90
N GLY G 179 -23.17 -18.69 37.46
CA GLY G 179 -21.74 -18.76 37.70
C GLY G 179 -20.90 -18.90 36.46
N GLY G 180 -21.48 -19.38 35.36
CA GLY G 180 -20.71 -19.60 34.13
C GLY G 180 -20.16 -18.30 33.60
N THR G 181 -18.99 -18.35 33.00
CA THR G 181 -18.31 -17.15 32.49
C THR G 181 -17.80 -17.38 31.07
N LYS G 182 -17.76 -16.30 30.31
CA LYS G 182 -17.13 -16.28 28.98
C LYS G 182 -16.14 -15.12 29.01
N TYR G 183 -14.88 -15.41 28.72
CA TYR G 183 -13.80 -14.41 28.78
C TYR G 183 -13.19 -14.23 27.40
N ASN G 184 -12.79 -13.00 27.11
CA ASN G 184 -11.96 -12.74 25.91
C ASN G 184 -10.66 -13.53 26.02
N PRO G 185 -10.32 -14.37 25.02
CA PRO G 185 -9.07 -15.12 25.07
C PRO G 185 -7.83 -14.23 25.21
N SER G 186 -7.93 -12.98 24.78
CA SER G 186 -6.85 -12.01 24.98
C SER G 186 -6.51 -11.86 26.47
N LEU G 187 -7.50 -12.03 27.34
CA LEU G 187 -7.36 -11.67 28.77
C LEU G 187 -7.61 -12.85 29.70
N LYS G 188 -7.99 -14.02 29.19
CA LYS G 188 -8.41 -15.16 30.03
C LYS G 188 -7.39 -15.42 31.14
N SER G 189 -6.10 -15.27 30.84
CA SER G 189 -5.02 -15.46 31.83
C SER G 189 -5.32 -14.72 33.15
N ARG G 190 -5.78 -13.48 33.06
CA ARG G 190 -5.69 -12.57 34.22
C ARG G 190 -7.03 -11.92 34.62
N VAL G 191 -8.16 -12.40 34.11
CA VAL G 191 -9.47 -11.79 34.42
C VAL G 191 -10.30 -12.75 35.27
N THR G 192 -11.08 -12.15 36.16
CA THR G 192 -12.15 -12.87 36.88
C THR G 192 -13.37 -11.97 36.92
N ILE G 193 -14.50 -12.51 36.52
CA ILE G 193 -15.81 -11.86 36.71
C ILE G 193 -16.57 -12.68 37.72
N SER G 194 -17.30 -12.01 38.58
CA SER G 194 -18.01 -12.68 39.68
C SER G 194 -19.38 -12.03 39.83
N VAL G 195 -20.25 -12.74 40.55
CA VAL G 195 -21.63 -12.28 40.78
C VAL G 195 -21.93 -12.40 42.26
N ASP G 196 -22.75 -11.49 42.76
CA ASP G 196 -23.14 -11.46 44.19
C ASP G 196 -24.64 -11.30 44.26
N LYS G 197 -25.34 -12.39 44.50
CA LYS G 197 -26.82 -12.36 44.47
C LYS G 197 -27.42 -11.60 45.63
N SER G 198 -26.83 -11.67 46.81
CA SER G 198 -27.36 -10.93 47.98
C SER G 198 -27.37 -9.43 47.70
N LYS G 199 -26.26 -8.92 47.18
CA LYS G 199 -26.16 -7.47 46.87
C LYS G 199 -26.72 -7.14 45.49
N ASN G 200 -26.91 -8.13 44.62
CA ASN G 200 -27.44 -7.87 43.26
C ASN G 200 -26.43 -7.02 42.46
N HIS G 201 -25.17 -7.42 42.54
CA HIS G 201 -24.02 -6.81 41.83
CA HIS G 201 -24.14 -6.81 41.68
C HIS G 201 -23.28 -7.90 41.05
N PHE G 202 -22.44 -7.48 40.14
CA PHE G 202 -21.42 -8.34 39.51
C PHE G 202 -20.14 -7.52 39.39
N SER G 203 -19.01 -8.22 39.35
CA SER G 203 -17.67 -7.64 39.58
C SER G 203 -16.70 -8.03 38.49
N LEU G 204 -15.64 -7.25 38.38
CA LEU G 204 -14.51 -7.49 37.48
C LEU G 204 -13.20 -7.43 38.27
N LYS G 205 -12.27 -8.29 37.92
CA LYS G 205 -10.90 -8.20 38.46
C LYS G 205 -9.93 -8.46 37.32
N LEU G 206 -8.96 -7.56 37.16
CA LEU G 206 -7.91 -7.66 36.11
C LEU G 206 -6.54 -7.64 36.80
N ARG G 207 -5.82 -8.73 36.68
CA ARG G 207 -4.54 -8.90 37.39
C ARG G 207 -3.38 -8.48 36.48
N SER G 208 -2.29 -8.05 37.12
CA SER G 208 -1.02 -7.72 36.43
C SER G 208 -1.25 -6.64 35.37
N VAL G 209 -1.77 -5.52 35.82
CA VAL G 209 -2.16 -4.41 34.90
C VAL G 209 -0.90 -3.71 34.39
N THR G 210 -0.96 -3.30 33.14
CA THR G 210 0.02 -2.36 32.56
C THR G 210 -0.75 -1.12 32.15
N ALA G 211 -0.05 -0.19 31.50
CA ALA G 211 -0.65 1.06 31.01
C ALA G 211 -1.64 0.78 29.88
N ALA G 212 -1.53 -0.37 29.23
CA ALA G 212 -2.50 -0.77 28.18
C ALA G 212 -3.90 -1.01 28.78
N ASP G 213 -4.01 -1.04 30.11
CA ASP G 213 -5.30 -1.29 30.79
C ASP G 213 -5.98 0.01 31.21
N THR G 214 -5.35 1.15 30.98
CA THR G 214 -6.02 2.45 31.23
C THR G 214 -7.16 2.61 30.24
N ALA G 215 -8.35 2.91 30.74
CA ALA G 215 -9.54 3.00 29.88
C ALA G 215 -10.72 3.47 30.70
N VAL G 216 -11.78 3.79 29.99
CA VAL G 216 -13.15 3.81 30.59
C VAL G 216 -13.65 2.37 30.60
N TYR G 217 -14.11 1.90 31.75
CA TYR G 217 -14.68 0.55 31.87
C TYR G 217 -16.19 0.67 31.98
N TYR G 218 -16.91 -0.11 31.16
CA TYR G 218 -18.39 -0.12 31.18
C TYR G 218 -18.86 -1.48 31.65
N CYS G 219 -19.89 -1.51 32.48
CA CYS G 219 -20.67 -2.75 32.63
C CYS G 219 -21.94 -2.64 31.79
N ALA G 220 -22.50 -3.79 31.41
CA ALA G 220 -23.57 -3.81 30.40
C ALA G 220 -24.37 -5.10 30.57
N ARG G 221 -25.63 -5.03 30.15
CA ARG G 221 -26.48 -6.23 29.98
C ARG G 221 -26.36 -6.70 28.53
N ASN G 222 -25.97 -7.95 28.34
CA ASN G 222 -25.97 -8.59 27.01
C ASN G 222 -27.12 -9.59 27.01
N ARG G 223 -28.21 -9.23 26.34
CA ARG G 223 -29.44 -10.05 26.34
C ARG G 223 -29.75 -10.47 24.92
N TRP G 224 -30.56 -11.51 24.79
CA TRP G 224 -30.90 -11.98 23.42
C TRP G 224 -32.28 -11.49 23.00
N PHE G 225 -32.49 -11.42 21.70
CA PHE G 225 -33.67 -10.79 21.09
C PHE G 225 -34.57 -11.87 20.48
N ASP G 226 -35.82 -11.87 20.88
CA ASP G 226 -36.85 -12.79 20.32
C ASP G 226 -37.33 -12.22 18.98
N ASN G 227 -36.54 -12.48 17.94
CA ASN G 227 -36.81 -11.88 16.62
C ASN G 227 -37.32 -12.93 15.61
N ASN G 228 -37.46 -14.18 16.04
CA ASN G 228 -37.98 -15.29 15.19
C ASN G 228 -37.11 -15.62 13.98
N ARG G 229 -35.83 -15.28 13.98
CA ARG G 229 -35.00 -15.73 12.84
C ARG G 229 -34.56 -17.19 13.01
N GLY G 230 -34.47 -17.68 14.23
CA GLY G 230 -33.99 -19.04 14.45
C GLY G 230 -32.48 -19.16 14.51
N GLY G 231 -32.03 -20.36 14.85
CA GLY G 231 -30.60 -20.63 15.07
C GLY G 231 -30.08 -19.97 16.33
N TYR G 232 -28.79 -19.62 16.30
CA TYR G 232 -28.10 -19.10 17.50
C TYR G 232 -28.77 -17.83 18.01
N TYR G 233 -28.85 -17.72 19.33
CA TYR G 233 -29.42 -16.50 19.97
C TYR G 233 -28.73 -15.25 19.40
N TYR G 234 -29.54 -14.24 19.16
CA TYR G 234 -29.06 -12.92 18.71
C TYR G 234 -28.91 -12.06 19.95
N TYR G 235 -27.66 -11.70 20.26
CA TYR G 235 -27.38 -10.93 21.48
C TYR G 235 -27.07 -9.48 21.14
N GLY G 236 -27.40 -8.61 22.10
CA GLY G 236 -26.96 -7.21 22.02
C GLY G 236 -26.86 -6.62 23.39
N MET G 237 -25.95 -5.68 23.54
CA MET G 237 -25.77 -5.00 24.84
C MET G 237 -26.68 -3.79 24.87
N ASP G 238 -27.82 -3.93 25.54
CA ASP G 238 -28.89 -2.92 25.41
C ASP G 238 -28.95 -1.98 26.63
N VAL G 239 -28.32 -2.33 27.74
CA VAL G 239 -28.27 -1.41 28.91
C VAL G 239 -26.81 -1.29 29.32
N TRP G 240 -26.36 -0.07 29.52
CA TRP G 240 -24.94 0.25 29.83
C TRP G 240 -24.91 1.10 31.09
N GLY G 241 -23.89 0.87 31.91
CA GLY G 241 -23.58 1.86 32.97
C GLY G 241 -22.92 3.08 32.37
N GLN G 242 -22.78 4.10 33.20
CA GLN G 242 -22.22 5.40 32.74
C GLN G 242 -20.73 5.26 32.45
N GLY G 243 -20.06 4.27 33.01
CA GLY G 243 -18.63 4.08 32.74
C GLY G 243 -17.76 4.72 33.81
N THR G 244 -16.66 4.08 34.12
CA THR G 244 -15.68 4.58 35.11
C THR G 244 -14.33 4.63 34.42
N THR G 245 -13.57 5.70 34.67
CA THR G 245 -12.17 5.73 34.18
C THR G 245 -11.27 5.01 35.18
N VAL G 246 -10.32 4.25 34.65
CA VAL G 246 -9.26 3.63 35.49
C VAL G 246 -7.92 3.94 34.83
N THR G 247 -7.01 4.51 35.63
CA THR G 247 -5.69 4.91 35.14
C THR G 247 -4.62 4.10 35.85
N VAL G 248 -3.65 3.62 35.08
CA VAL G 248 -2.50 2.84 35.58
C VAL G 248 -1.25 3.64 35.27
N MET H 1 -32.47 -11.39 1.80
CA MET H 1 -31.03 -11.20 1.52
C MET H 1 -30.80 -9.82 0.89
N ASP H 2 -29.71 -9.19 1.27
CA ASP H 2 -29.28 -7.91 0.67
C ASP H 2 -28.46 -8.22 -0.59
N ILE H 3 -29.12 -7.95 -1.73
CA ILE H 3 -28.52 -8.14 -3.07
C ILE H 3 -28.50 -6.79 -3.77
N GLN H 4 -27.31 -6.32 -4.11
CA GLN H 4 -27.15 -5.05 -4.84
C GLN H 4 -26.98 -5.35 -6.33
N MET H 5 -27.66 -4.57 -7.17
CA MET H 5 -27.60 -4.74 -8.63
C MET H 5 -26.87 -3.53 -9.21
N THR H 6 -25.86 -3.78 -10.03
CA THR H 6 -25.05 -2.73 -10.67
C THR H 6 -25.14 -2.89 -12.19
N GLN H 7 -25.48 -1.81 -12.86
CA GLN H 7 -25.81 -1.80 -14.29
C GLN H 7 -24.68 -1.07 -15.06
N SER H 8 -24.37 -1.55 -16.27
CA SER H 8 -23.34 -0.97 -17.18
C SER H 8 -23.87 -0.89 -18.60
N PRO H 9 -23.65 0.24 -19.32
CA PRO H 9 -23.07 1.49 -18.79
C PRO H 9 -24.19 2.27 -18.07
N SER H 10 -23.85 3.40 -17.47
CA SER H 10 -24.90 4.21 -16.81
C SER H 10 -25.66 5.02 -17.85
N SER H 11 -25.01 5.37 -18.95
CA SER H 11 -25.73 6.06 -20.06
C SER H 11 -25.08 5.67 -21.38
N LEU H 12 -25.84 5.81 -22.44
CA LEU H 12 -25.40 5.35 -23.77
C LEU H 12 -26.10 6.21 -24.81
N SER H 13 -25.33 6.72 -25.74
CA SER H 13 -25.85 7.37 -26.97
C SER H 13 -25.59 6.43 -28.14
N ALA H 14 -26.60 6.24 -28.97
CA ALA H 14 -26.45 5.37 -30.16
C ALA H 14 -27.41 5.83 -31.22
N SER H 15 -27.20 5.33 -32.43
CA SER H 15 -27.99 5.74 -33.61
C SER H 15 -28.91 4.59 -34.02
N VAL H 16 -30.01 4.95 -34.65
CA VAL H 16 -31.03 3.98 -35.10
C VAL H 16 -30.36 2.85 -35.88
N GLY H 17 -30.87 1.64 -35.69
CA GLY H 17 -30.32 0.45 -36.38
C GLY H 17 -29.13 -0.17 -35.70
N ASP H 18 -28.53 0.48 -34.72
CA ASP H 18 -27.34 -0.09 -34.05
C ASP H 18 -27.74 -1.18 -33.05
N ARG H 19 -26.77 -2.01 -32.69
CA ARG H 19 -26.93 -3.07 -31.69
C ARG H 19 -26.51 -2.53 -30.32
N VAL H 20 -27.47 -2.53 -29.38
CA VAL H 20 -27.23 -2.00 -28.01
C VAL H 20 -27.18 -3.19 -27.06
N THR H 21 -26.23 -3.15 -26.14
CA THR H 21 -26.02 -4.21 -25.13
C THR H 21 -25.83 -3.55 -23.77
N ILE H 22 -26.72 -3.88 -22.83
CA ILE H 22 -26.68 -3.35 -21.44
C ILE H 22 -26.41 -4.54 -20.51
N THR H 23 -25.54 -4.37 -19.56
CA THR H 23 -25.25 -5.47 -18.62
C THR H 23 -25.59 -5.07 -17.20
N CYS H 24 -25.81 -6.09 -16.37
CA CYS H 24 -25.91 -5.85 -14.91
C CYS H 24 -25.20 -6.95 -14.18
N ARG H 25 -24.85 -6.66 -12.93
CA ARG H 25 -24.16 -7.62 -12.07
C ARG H 25 -24.84 -7.65 -10.71
N ALA H 26 -25.07 -8.85 -10.20
CA ALA H 26 -25.66 -9.03 -8.86
C ALA H 26 -24.53 -9.24 -7.87
N SER H 27 -24.67 -8.67 -6.68
CA SER H 27 -23.67 -8.83 -5.60
C SER H 27 -23.55 -10.29 -5.17
N GLN H 28 -24.47 -11.16 -5.59
CA GLN H 28 -24.38 -12.60 -5.28
C GLN H 28 -25.27 -13.33 -6.28
N GLY H 29 -25.13 -14.65 -6.31
CA GLY H 29 -25.86 -15.47 -7.28
C GLY H 29 -27.37 -15.33 -7.10
N ILE H 30 -28.08 -15.09 -8.19
CA ILE H 30 -29.56 -14.98 -8.18
C ILE H 30 -30.12 -15.91 -9.24
N SER H 31 -29.32 -16.88 -9.69
CA SER H 31 -29.78 -17.91 -10.63
C SER H 31 -30.38 -17.20 -11.85
N SER H 32 -31.59 -17.56 -12.27
CA SER H 32 -32.28 -16.96 -13.43
C SER H 32 -33.35 -15.94 -12.98
N TYR H 33 -33.33 -15.50 -11.74
CA TYR H 33 -34.39 -14.64 -11.19
C TYR H 33 -34.06 -13.15 -11.40
N LEU H 34 -34.28 -12.69 -12.63
CA LEU H 34 -33.83 -11.38 -13.12
C LEU H 34 -34.81 -10.86 -14.16
N ASN H 35 -35.29 -9.63 -13.94
CA ASN H 35 -36.28 -8.99 -14.84
C ASN H 35 -35.66 -7.76 -15.47
N TRP H 36 -36.25 -7.33 -16.58
CA TRP H 36 -35.83 -6.07 -17.25
C TRP H 36 -37.04 -5.19 -17.46
N TYR H 37 -36.89 -3.90 -17.16
CA TYR H 37 -37.95 -2.89 -17.34
C TYR H 37 -37.46 -1.75 -18.22
N GLN H 38 -38.39 -1.17 -18.98
CA GLN H 38 -38.10 0.08 -19.71
C GLN H 38 -39.02 1.17 -19.16
N GLN H 39 -38.43 2.33 -18.89
CA GLN H 39 -39.19 3.50 -18.39
C GLN H 39 -38.99 4.65 -19.37
N LYS H 40 -40.06 5.00 -20.06
CA LYS H 40 -39.98 6.18 -20.93
C LYS H 40 -40.22 7.42 -20.10
N PRO H 41 -39.60 8.56 -20.48
CA PRO H 41 -39.63 9.73 -19.61
C PRO H 41 -41.06 10.15 -19.27
N GLY H 42 -41.29 10.35 -17.97
CA GLY H 42 -42.59 10.72 -17.42
C GLY H 42 -43.63 9.61 -17.30
N LYS H 43 -43.26 8.36 -17.60
CA LYS H 43 -44.20 7.23 -17.52
C LYS H 43 -43.70 6.20 -16.50
N ALA H 44 -44.56 5.25 -16.17
CA ALA H 44 -44.18 4.17 -15.26
C ALA H 44 -43.29 3.19 -16.01
N PRO H 45 -42.42 2.46 -15.29
CA PRO H 45 -41.68 1.36 -15.91
C PRO H 45 -42.65 0.35 -16.51
N LYS H 46 -42.13 -0.36 -17.53
CA LYS H 46 -42.92 -1.39 -18.23
C LYS H 46 -42.06 -2.66 -18.22
N LEU H 47 -42.67 -3.78 -17.82
CA LEU H 47 -41.92 -5.04 -17.77
C LEU H 47 -41.65 -5.49 -19.21
N LEU H 48 -40.37 -5.66 -19.54
CA LEU H 48 -39.94 -6.21 -20.84
C LEU H 48 -39.72 -7.71 -20.76
N ILE H 49 -38.94 -8.16 -19.80
CA ILE H 49 -38.47 -9.56 -19.77
C ILE H 49 -38.57 -10.07 -18.34
N SER H 50 -39.13 -11.27 -18.17
CA SER H 50 -39.10 -11.95 -16.86
C SER H 50 -38.15 -13.14 -16.94
N ALA H 51 -37.60 -13.49 -15.78
CA ALA H 51 -36.86 -14.76 -15.62
C ALA H 51 -35.74 -14.83 -16.67
N THR H 52 -34.94 -13.77 -16.75
CA THR H 52 -33.71 -13.66 -17.58
C THR H 52 -34.04 -13.44 -19.05
N SER H 53 -34.92 -14.25 -19.64
CA SER H 53 -35.05 -14.27 -21.11
C SER H 53 -36.47 -14.34 -21.63
N ASP H 54 -37.51 -14.41 -20.79
CA ASP H 54 -38.89 -14.53 -21.29
C ASP H 54 -39.43 -13.15 -21.65
N LEU H 55 -39.71 -12.93 -22.92
CA LEU H 55 -40.28 -11.65 -23.40
C LEU H 55 -41.75 -11.55 -23.02
N GLN H 56 -42.14 -10.39 -22.49
CA GLN H 56 -43.57 -10.11 -22.24
C GLN H 56 -44.34 -10.01 -23.55
N SER H 57 -45.62 -10.32 -23.49
CA SER H 57 -46.53 -10.10 -24.65
C SER H 57 -46.51 -8.63 -25.06
N GLY H 58 -46.40 -8.39 -26.35
CA GLY H 58 -46.43 -7.02 -26.88
C GLY H 58 -45.06 -6.36 -26.95
N VAL H 59 -44.04 -6.88 -26.27
CA VAL H 59 -42.70 -6.27 -26.37
C VAL H 59 -42.07 -6.73 -27.68
N PRO H 60 -41.55 -5.81 -28.50
CA PRO H 60 -41.00 -6.19 -29.82
C PRO H 60 -39.90 -7.24 -29.71
N SER H 61 -39.87 -8.12 -30.71
CA SER H 61 -38.90 -9.23 -30.78
C SER H 61 -37.45 -8.75 -30.82
N ARG H 62 -37.21 -7.46 -30.99
CA ARG H 62 -35.82 -6.93 -31.00
C ARG H 62 -35.14 -7.10 -29.64
N PHE H 63 -35.91 -7.14 -28.56
CA PHE H 63 -35.32 -7.24 -27.21
C PHE H 63 -35.04 -8.69 -26.86
N SER H 64 -33.95 -8.93 -26.16
CA SER H 64 -33.65 -10.28 -25.66
C SER H 64 -32.80 -10.14 -24.41
N GLY H 65 -32.86 -11.17 -23.58
CA GLY H 65 -32.08 -11.20 -22.34
C GLY H 65 -31.31 -12.49 -22.21
N SER H 66 -30.20 -12.41 -21.50
CA SER H 66 -29.38 -13.61 -21.23
C SER H 66 -28.69 -13.42 -19.90
N GLY H 67 -28.07 -14.49 -19.44
CA GLY H 67 -27.17 -14.40 -18.29
C GLY H 67 -27.37 -15.51 -17.29
N SER H 68 -26.53 -15.55 -16.27
CA SER H 68 -26.76 -16.51 -15.18
C SER H 68 -26.12 -15.98 -13.91
N GLY H 69 -26.67 -16.41 -12.79
CA GLY H 69 -26.01 -16.24 -11.49
C GLY H 69 -25.75 -14.79 -11.13
N THR H 70 -24.64 -14.23 -11.61
CA THR H 70 -24.24 -12.87 -11.21
C THR H 70 -24.14 -11.90 -12.37
N ASP H 71 -24.11 -12.36 -13.61
CA ASP H 71 -23.92 -11.47 -14.78
C ASP H 71 -25.04 -11.69 -15.78
N PHE H 72 -25.62 -10.59 -16.25
CA PHE H 72 -26.78 -10.63 -17.15
C PHE H 72 -26.64 -9.55 -18.20
N THR H 73 -27.38 -9.71 -19.27
CA THR H 73 -27.32 -8.79 -20.41
C THR H 73 -28.71 -8.62 -21.02
N LEU H 74 -29.04 -7.37 -21.33
CA LEU H 74 -30.22 -7.05 -22.18
C LEU H 74 -29.70 -6.60 -23.54
N THR H 75 -30.31 -7.11 -24.60
CA THR H 75 -29.83 -6.79 -25.96
C THR H 75 -31.00 -6.30 -26.79
N ILE H 76 -30.77 -5.21 -27.50
CA ILE H 76 -31.66 -4.78 -28.60
C ILE H 76 -30.90 -5.08 -29.89
N SER H 77 -31.51 -5.88 -30.74
CA SER H 77 -30.85 -6.34 -31.99
C SER H 77 -30.57 -5.13 -32.91
N SER H 78 -31.60 -4.35 -33.19
CA SER H 78 -31.50 -3.18 -34.08
C SER H 78 -32.32 -2.05 -33.46
N LEU H 79 -31.63 -1.00 -33.04
CA LEU H 79 -32.27 0.12 -32.31
C LEU H 79 -33.29 0.83 -33.19
N GLN H 80 -34.44 1.14 -32.61
CA GLN H 80 -35.57 1.83 -33.25
C GLN H 80 -35.77 3.18 -32.54
N PRO H 81 -36.31 4.20 -33.24
CA PRO H 81 -36.51 5.51 -32.63
C PRO H 81 -37.19 5.54 -31.25
N GLU H 82 -38.17 4.69 -31.00
CA GLU H 82 -38.95 4.81 -29.74
C GLU H 82 -38.40 3.91 -28.65
N ASP H 83 -37.17 3.45 -28.80
CA ASP H 83 -36.46 2.74 -27.72
C ASP H 83 -35.78 3.72 -26.77
N PHE H 84 -35.88 5.03 -26.99
CA PHE H 84 -35.25 6.00 -26.06
C PHE H 84 -35.95 5.86 -24.72
N ALA H 85 -35.17 5.59 -23.68
CA ALA H 85 -35.75 5.26 -22.36
C ALA H 85 -34.60 4.95 -21.42
N THR H 86 -34.97 4.80 -20.16
CA THR H 86 -34.04 4.28 -19.12
C THR H 86 -34.43 2.82 -18.89
N TYR H 87 -33.42 1.96 -18.82
CA TYR H 87 -33.63 0.50 -18.70
C TYR H 87 -33.17 0.09 -17.32
N TYR H 88 -33.99 -0.71 -16.63
CA TYR H 88 -33.68 -1.17 -15.27
C TYR H 88 -33.67 -2.69 -15.23
N CYS H 89 -32.66 -3.25 -14.58
CA CYS H 89 -32.74 -4.67 -14.14
C CYS H 89 -33.32 -4.71 -12.73
N GLN H 90 -33.83 -5.88 -12.36
CA GLN H 90 -34.45 -6.11 -11.05
C GLN H 90 -34.25 -7.57 -10.70
N GLN H 91 -33.57 -7.84 -9.60
CA GLN H 91 -33.50 -9.24 -9.16
C GLN H 91 -34.83 -9.57 -8.47
N SER H 92 -35.37 -10.75 -8.77
CA SER H 92 -36.59 -11.28 -8.16
C SER H 92 -36.25 -12.48 -7.28
N TYR H 93 -34.99 -12.65 -6.96
CA TYR H 93 -34.54 -13.86 -6.22
C TYR H 93 -34.98 -13.78 -4.77
N SER H 94 -34.87 -12.61 -4.16
CA SER H 94 -35.00 -12.50 -2.69
C SER H 94 -35.53 -11.12 -2.33
N THR H 95 -36.41 -11.05 -1.34
CA THR H 95 -36.80 -9.72 -0.83
C THR H 95 -35.76 -9.22 0.15
N PRO H 96 -35.54 -7.89 0.22
CA PRO H 96 -36.23 -6.86 -0.57
C PRO H 96 -35.81 -6.90 -2.03
N TYR H 97 -36.78 -6.80 -2.92
CA TYR H 97 -36.48 -6.72 -4.37
C TYR H 97 -35.69 -5.43 -4.60
N THR H 98 -34.67 -5.53 -5.43
CA THR H 98 -33.73 -4.44 -5.67
C THR H 98 -33.52 -4.25 -7.16
N PHE H 99 -33.42 -2.99 -7.55
CA PHE H 99 -33.31 -2.58 -8.96
C PHE H 99 -31.91 -2.07 -9.21
N GLY H 100 -31.47 -2.16 -10.46
CA GLY H 100 -30.23 -1.47 -10.86
C GLY H 100 -30.44 0.05 -10.90
N GLN H 101 -29.33 0.76 -11.03
CA GLN H 101 -29.30 2.24 -11.09
C GLN H 101 -29.95 2.75 -12.38
N GLY H 102 -30.11 1.92 -13.39
CA GLY H 102 -30.71 2.39 -14.64
C GLY H 102 -29.65 2.70 -15.70
N THR H 103 -29.99 2.41 -16.95
CA THR H 103 -29.17 2.79 -18.12
C THR H 103 -30.04 3.65 -19.01
N LYS H 104 -29.69 4.93 -19.10
CA LYS H 104 -30.45 5.88 -19.96
C LYS H 104 -29.96 5.69 -21.40
N LEU H 105 -30.89 5.37 -22.29
CA LEU H 105 -30.59 5.18 -23.72
C LEU H 105 -31.07 6.42 -24.48
N GLU H 106 -30.11 7.21 -24.95
CA GLU H 106 -30.39 8.41 -25.79
C GLU H 106 -30.03 8.08 -27.23
N ILE H 107 -30.89 8.50 -28.16
CA ILE H 107 -30.73 8.09 -29.59
C ILE H 107 -30.36 9.33 -30.41
N LYS H 108 -29.33 9.17 -31.23
CA LYS H 108 -28.89 10.24 -32.17
C LYS H 108 -29.85 10.29 -33.35
N SER H 123 -54.12 -3.89 -21.26
CA SER H 123 -54.64 -5.16 -20.69
C SER H 123 -55.77 -4.86 -19.71
N GLN H 124 -56.25 -5.89 -19.03
CA GLN H 124 -57.55 -5.84 -18.33
C GLN H 124 -57.45 -5.08 -17.00
N VAL H 125 -56.31 -5.15 -16.32
CA VAL H 125 -56.18 -4.59 -14.95
C VAL H 125 -55.59 -3.19 -15.04
N GLN H 126 -56.21 -2.25 -14.33
CA GLN H 126 -55.69 -0.86 -14.25
C GLN H 126 -55.50 -0.49 -12.79
N LEU H 127 -54.42 0.23 -12.52
CA LEU H 127 -54.10 0.73 -11.17
C LEU H 127 -54.02 2.25 -11.25
N GLN H 128 -54.55 2.92 -10.23
CA GLN H 128 -54.42 4.39 -10.16
C GLN H 128 -54.16 4.81 -8.73
N GLU H 129 -53.06 5.52 -8.53
CA GLU H 129 -52.75 5.98 -7.17
C GLU H 129 -53.29 7.41 -6.98
N SER H 130 -53.54 7.75 -5.73
CA SER H 130 -54.11 9.07 -5.37
C SER H 130 -53.73 9.35 -3.93
N GLY H 131 -53.70 10.63 -3.59
CA GLY H 131 -53.35 11.06 -2.23
C GLY H 131 -52.63 12.39 -2.27
N PRO H 132 -52.46 13.01 -1.09
CA PRO H 132 -51.85 14.33 -1.01
C PRO H 132 -50.46 14.37 -1.66
N GLY H 133 -50.28 15.32 -2.58
CA GLY H 133 -48.98 15.57 -3.24
C GLY H 133 -47.93 16.23 -2.35
N LEU H 134 -48.33 16.82 -1.22
CA LEU H 134 -47.43 17.52 -0.30
C LEU H 134 -47.61 16.92 1.09
N VAL H 135 -46.51 16.72 1.81
CA VAL H 135 -46.59 16.18 3.19
C VAL H 135 -45.62 16.98 4.06
N LYS H 136 -46.07 17.34 5.25
CA LYS H 136 -45.20 18.13 6.15
C LYS H 136 -44.06 17.25 6.65
N PRO H 137 -42.88 17.86 6.88
CA PRO H 137 -41.79 17.15 7.53
C PRO H 137 -42.26 16.50 8.83
N SER H 138 -41.80 15.26 9.04
CA SER H 138 -42.21 14.41 10.18
C SER H 138 -43.68 14.04 10.10
N GLY H 139 -44.38 14.36 9.03
CA GLY H 139 -45.77 13.92 8.88
C GLY H 139 -45.88 12.49 8.37
N THR H 140 -47.10 12.11 8.04
CA THR H 140 -47.41 10.77 7.52
C THR H 140 -47.81 10.88 6.06
N LEU H 141 -47.02 10.24 5.18
CA LEU H 141 -47.42 10.08 3.77
C LEU H 141 -48.51 9.02 3.69
N SER H 142 -49.57 9.29 2.95
CA SER H 142 -50.72 8.37 2.79
C SER H 142 -51.15 8.34 1.34
N LEU H 143 -51.12 7.16 0.72
CA LEU H 143 -51.51 7.00 -0.69
C LEU H 143 -52.45 5.81 -0.81
N THR H 144 -53.28 5.87 -1.83
CA THR H 144 -54.21 4.76 -2.11
C THR H 144 -54.09 4.42 -3.59
N CYS H 145 -54.24 3.14 -3.87
CA CYS H 145 -54.21 2.61 -5.24
C CYS H 145 -55.59 2.01 -5.48
N ALA H 146 -56.33 2.54 -6.44
CA ALA H 146 -57.61 1.94 -6.84
C ALA H 146 -57.32 0.87 -7.88
N VAL H 147 -57.89 -0.31 -7.68
CA VAL H 147 -57.69 -1.44 -8.61
C VAL H 147 -58.99 -1.63 -9.35
N SER H 148 -58.91 -1.62 -10.68
CA SER H 148 -60.08 -1.92 -11.51
C SER H 148 -59.77 -3.05 -12.48
N GLY H 149 -60.81 -3.79 -12.85
CA GLY H 149 -60.73 -4.88 -13.83
C GLY H 149 -60.29 -6.19 -13.21
N ASP H 150 -60.10 -6.22 -11.90
CA ASP H 150 -59.75 -7.46 -11.19
C ASP H 150 -60.01 -7.22 -9.72
N SER H 151 -60.24 -8.31 -9.01
CA SER H 151 -60.42 -8.23 -7.55
C SER H 151 -59.06 -8.13 -6.87
N ILE H 152 -59.01 -7.34 -5.82
CA ILE H 152 -57.91 -7.38 -4.83
C ILE H 152 -57.64 -8.82 -4.38
N SER H 153 -58.67 -9.64 -4.31
CA SER H 153 -58.53 -11.01 -3.76
C SER H 153 -57.95 -11.99 -4.78
N SER H 154 -57.44 -11.51 -5.91
CA SER H 154 -56.74 -12.40 -6.88
C SER H 154 -55.37 -12.79 -6.30
N SER H 155 -54.76 -13.81 -6.89
CA SER H 155 -53.57 -14.47 -6.33
C SER H 155 -52.30 -13.77 -6.79
N ASN H 156 -52.05 -12.57 -6.26
CA ASN H 156 -50.80 -11.85 -6.56
C ASN H 156 -50.56 -10.85 -5.43
N TRP H 157 -49.36 -10.31 -5.40
CA TRP H 157 -49.04 -9.24 -4.43
C TRP H 157 -49.36 -7.89 -5.02
N TRP H 158 -49.58 -6.93 -4.13
CA TRP H 158 -49.94 -5.54 -4.47
C TRP H 158 -48.84 -4.66 -3.89
N SER H 159 -48.03 -4.06 -4.76
CA SER H 159 -46.72 -3.51 -4.38
C SER H 159 -46.75 -1.98 -4.45
N TRP H 160 -45.87 -1.39 -3.66
CA TRP H 160 -45.50 0.03 -3.77
C TRP H 160 -44.03 0.12 -4.11
N VAL H 161 -43.72 0.91 -5.12
CA VAL H 161 -42.34 1.25 -5.54
C VAL H 161 -42.23 2.78 -5.65
N ARG H 162 -41.06 3.30 -5.33
CA ARG H 162 -40.87 4.76 -5.44
C ARG H 162 -39.61 5.08 -6.24
N GLN H 163 -39.63 6.26 -6.83
CA GLN H 163 -38.50 6.74 -7.65
C GLN H 163 -38.17 8.17 -7.23
N PRO H 164 -37.12 8.34 -6.42
CA PRO H 164 -36.73 9.67 -5.98
C PRO H 164 -36.16 10.46 -7.15
N PRO H 165 -36.11 11.81 -7.04
CA PRO H 165 -35.73 12.65 -8.18
C PRO H 165 -34.36 12.27 -8.76
N GLY H 166 -34.34 12.13 -10.09
CA GLY H 166 -33.17 11.66 -10.84
C GLY H 166 -32.54 10.40 -10.28
N LYS H 167 -33.32 9.46 -9.79
CA LYS H 167 -32.74 8.26 -9.17
C LYS H 167 -33.49 7.03 -9.69
N GLY H 168 -33.10 5.89 -9.13
CA GLY H 168 -33.62 4.59 -9.56
C GLY H 168 -34.95 4.25 -8.92
N LEU H 169 -35.18 2.96 -8.77
CA LEU H 169 -36.44 2.42 -8.25
C LEU H 169 -36.13 1.73 -6.94
N GLU H 170 -37.02 1.95 -5.97
CA GLU H 170 -36.84 1.39 -4.60
C GLU H 170 -38.14 0.66 -4.29
N TRP H 171 -38.02 -0.62 -3.95
CA TRP H 171 -39.23 -1.38 -3.57
C TRP H 171 -39.52 -1.11 -2.11
N ILE H 172 -40.73 -0.66 -1.82
CA ILE H 172 -41.16 -0.34 -0.43
C ILE H 172 -41.70 -1.58 0.26
N GLY H 173 -42.63 -2.26 -0.39
CA GLY H 173 -43.29 -3.43 0.20
C GLY H 173 -44.48 -3.82 -0.62
N GLU H 174 -45.13 -4.89 -0.19
CA GLU H 174 -46.33 -5.36 -0.88
C GLU H 174 -47.24 -6.03 0.13
N ILE H 175 -48.45 -6.24 -0.32
CA ILE H 175 -49.47 -6.88 0.54
C ILE H 175 -50.25 -7.89 -0.28
N TYR H 176 -50.75 -8.91 0.42
CA TYR H 176 -51.59 -9.96 -0.15
C TYR H 176 -53.00 -9.78 0.40
N HIS H 177 -54.00 -10.19 -0.36
CA HIS H 177 -55.40 -9.89 0.00
C HIS H 177 -55.73 -10.40 1.39
N SER H 178 -55.08 -11.46 1.84
CA SER H 178 -55.36 -12.02 3.18
C SER H 178 -54.66 -11.25 4.28
N GLY H 179 -53.88 -10.22 3.97
CA GLY H 179 -53.38 -9.29 5.00
C GLY H 179 -51.88 -9.39 5.23
N GLY H 180 -51.24 -10.48 4.82
CA GLY H 180 -49.78 -10.59 4.99
C GLY H 180 -49.06 -9.49 4.24
N THR H 181 -47.96 -9.05 4.80
CA THR H 181 -47.15 -8.00 4.18
C THR H 181 -45.68 -8.42 4.14
N LYS H 182 -44.97 -7.85 3.18
CA LYS H 182 -43.50 -7.94 3.11
C LYS H 182 -43.01 -6.51 2.93
N TYR H 183 -42.13 -6.06 3.81
CA TYR H 183 -41.63 -4.68 3.81
C TYR H 183 -40.13 -4.66 3.56
N ASN H 184 -39.69 -3.64 2.85
CA ASN H 184 -38.24 -3.35 2.75
C ASN H 184 -37.69 -3.13 4.15
N PRO H 185 -36.62 -3.84 4.55
CA PRO H 185 -36.12 -3.71 5.92
C PRO H 185 -35.61 -2.30 6.24
N SER H 186 -35.30 -1.50 5.22
CA SER H 186 -34.91 -0.08 5.46
C SER H 186 -36.12 0.79 5.83
N LEU H 187 -37.34 0.34 5.60
CA LEU H 187 -38.57 1.16 5.84
C LEU H 187 -39.44 0.50 6.89
N LYS H 188 -39.09 -0.71 7.34
CA LYS H 188 -40.04 -1.53 8.11
C LYS H 188 -40.52 -0.79 9.37
N SER H 189 -39.65 -0.06 10.05
CA SER H 189 -40.04 0.62 11.30
C SER H 189 -41.21 1.59 11.07
N ARG H 190 -41.36 2.12 9.87
CA ARG H 190 -42.29 3.27 9.71
C ARG H 190 -43.27 3.11 8.56
N VAL H 191 -43.32 1.96 7.89
CA VAL H 191 -44.30 1.82 6.78
C VAL H 191 -45.47 0.95 7.25
N THR H 192 -46.62 1.18 6.65
CA THR H 192 -47.78 0.27 6.78
C THR H 192 -48.42 0.17 5.40
N ILE H 193 -48.65 -1.04 4.92
CA ILE H 193 -49.45 -1.27 3.71
C ILE H 193 -50.73 -1.98 4.14
N SER H 194 -51.85 -1.58 3.54
CA SER H 194 -53.20 -2.08 3.90
C SER H 194 -54.00 -2.40 2.67
N VAL H 195 -55.02 -3.24 2.84
CA VAL H 195 -55.98 -3.54 1.75
C VAL H 195 -57.38 -3.20 2.25
N ASP H 196 -58.21 -2.75 1.32
CA ASP H 196 -59.64 -2.47 1.59
C ASP H 196 -60.45 -3.23 0.55
N LYS H 197 -60.96 -4.40 0.91
CA LYS H 197 -61.68 -5.24 -0.08
C LYS H 197 -63.04 -4.65 -0.44
N SER H 198 -63.66 -3.87 0.43
CA SER H 198 -64.96 -3.21 0.07
C SER H 198 -64.74 -2.24 -1.09
N LYS H 199 -63.67 -1.45 -1.03
CA LYS H 199 -63.40 -0.46 -2.10
C LYS H 199 -62.55 -1.06 -3.23
N ASN H 200 -61.95 -2.25 -3.05
CA ASN H 200 -61.00 -2.80 -4.04
C ASN H 200 -59.79 -1.87 -4.18
N HIS H 201 -59.22 -1.49 -3.04
CA HIS H 201 -58.07 -0.56 -2.97
C HIS H 201 -56.98 -1.20 -2.14
N PHE H 202 -55.76 -0.73 -2.32
CA PHE H 202 -54.72 -0.96 -1.28
C PHE H 202 -53.98 0.35 -1.07
N SER H 203 -53.31 0.45 0.07
CA SER H 203 -52.85 1.75 0.56
C SER H 203 -51.45 1.68 1.14
N LEU H 204 -50.83 2.84 1.20
CA LEU H 204 -49.46 3.01 1.73
C LEU H 204 -49.51 4.11 2.80
N LYS H 205 -48.92 3.80 3.95
CA LYS H 205 -48.64 4.83 4.98
C LYS H 205 -47.15 4.80 5.26
N LEU H 206 -46.52 5.97 5.22
CA LEU H 206 -45.09 6.12 5.60
C LEU H 206 -45.00 7.23 6.64
N ARG H 207 -44.52 6.88 7.82
CA ARG H 207 -44.52 7.78 8.99
C ARG H 207 -43.22 8.55 9.08
N SER H 208 -43.25 9.67 9.80
CA SER H 208 -42.04 10.45 10.15
C SER H 208 -41.23 10.78 8.88
N VAL H 209 -41.87 11.35 7.89
CA VAL H 209 -41.18 11.55 6.60
C VAL H 209 -40.13 12.64 6.70
N THR H 210 -39.10 12.51 5.87
CA THR H 210 -38.05 13.52 5.69
C THR H 210 -37.96 13.84 4.21
N ALA H 211 -37.04 14.73 3.85
CA ALA H 211 -36.79 15.10 2.44
C ALA H 211 -36.45 13.87 1.60
N ALA H 212 -35.86 12.83 2.20
CA ALA H 212 -35.47 11.62 1.45
C ALA H 212 -36.70 10.85 0.95
N ASP H 213 -37.89 11.13 1.46
CA ASP H 213 -39.14 10.48 1.00
C ASP H 213 -39.79 11.21 -0.17
N THR H 214 -39.27 12.36 -0.60
CA THR H 214 -39.81 12.98 -1.83
C THR H 214 -39.50 12.08 -3.03
N ALA H 215 -40.52 11.77 -3.81
CA ALA H 215 -40.35 10.79 -4.90
C ALA H 215 -41.64 10.74 -5.68
N VAL H 216 -41.56 10.09 -6.83
CA VAL H 216 -42.76 9.56 -7.51
C VAL H 216 -43.06 8.19 -6.91
N TYR H 217 -44.29 7.98 -6.51
CA TYR H 217 -44.73 6.72 -5.86
C TYR H 217 -45.57 5.94 -6.87
N TYR H 218 -45.20 4.69 -7.09
CA TYR H 218 -45.96 3.81 -8.02
C TYR H 218 -46.64 2.72 -7.21
N CYS H 219 -47.88 2.39 -7.56
CA CYS H 219 -48.44 1.10 -7.14
C CYS H 219 -48.37 0.13 -8.32
N ALA H 220 -48.23 -1.15 -8.01
CA ALA H 220 -47.98 -2.17 -9.06
C ALA H 220 -48.54 -3.53 -8.63
N ARG H 221 -48.83 -4.35 -9.63
CA ARG H 221 -49.10 -5.78 -9.41
C ARG H 221 -47.79 -6.56 -9.48
N ASN H 222 -47.45 -7.28 -8.41
CA ASN H 222 -46.30 -8.19 -8.40
C ASN H 222 -46.87 -9.60 -8.53
N ARG H 223 -46.75 -10.21 -9.71
CA ARG H 223 -47.39 -11.53 -9.93
C ARG H 223 -46.35 -12.53 -10.43
N TRP H 224 -46.70 -13.80 -10.29
CA TRP H 224 -45.70 -14.82 -10.67
C TRP H 224 -46.08 -15.42 -12.01
N PHE H 225 -45.08 -16.03 -12.63
CA PHE H 225 -45.16 -16.50 -14.04
C PHE H 225 -45.08 -18.02 -14.06
N ASP H 226 -46.06 -18.63 -14.70
CA ASP H 226 -46.10 -20.09 -14.93
C ASP H 226 -45.17 -20.38 -16.12
N ASN H 227 -43.87 -20.41 -15.86
CA ASN H 227 -42.89 -20.59 -16.97
C ASN H 227 -42.27 -21.99 -16.91
N ASN H 228 -42.75 -22.85 -16.01
CA ASN H 228 -42.37 -24.29 -15.92
C ASN H 228 -40.93 -24.51 -15.52
N ARG H 229 -40.22 -23.50 -15.01
CA ARG H 229 -38.83 -23.76 -14.59
C ARG H 229 -38.78 -24.48 -13.24
N GLY H 230 -39.78 -24.33 -12.38
CA GLY H 230 -39.73 -25.00 -11.07
C GLY H 230 -38.99 -24.19 -10.04
N GLY H 231 -39.09 -24.62 -8.79
CA GLY H 231 -38.44 -23.91 -7.69
C GLY H 231 -39.22 -22.67 -7.29
N TYR H 232 -38.53 -21.70 -6.73
CA TYR H 232 -39.22 -20.49 -6.22
C TYR H 232 -40.01 -19.81 -7.34
N TYR H 233 -41.20 -19.33 -6.98
CA TYR H 233 -42.03 -18.50 -7.89
C TYR H 233 -41.14 -17.42 -8.51
N TYR H 234 -41.35 -17.18 -9.80
CA TYR H 234 -40.71 -16.09 -10.53
C TYR H 234 -41.70 -14.91 -10.57
N TYR H 235 -41.35 -13.85 -9.89
CA TYR H 235 -42.25 -12.68 -9.79
C TYR H 235 -41.80 -11.59 -10.74
N GLY H 236 -42.79 -10.82 -11.20
CA GLY H 236 -42.51 -9.62 -12.00
C GLY H 236 -43.62 -8.60 -11.86
N MET H 237 -43.27 -7.32 -11.84
CA MET H 237 -44.30 -6.26 -11.72
C MET H 237 -44.79 -5.93 -13.12
N ASP H 238 -45.93 -6.49 -13.50
CA ASP H 238 -46.36 -6.40 -14.91
C ASP H 238 -47.42 -5.32 -15.15
N VAL H 239 -48.03 -4.79 -14.10
CA VAL H 239 -49.05 -3.70 -14.25
C VAL H 239 -48.67 -2.63 -13.26
N TRP H 240 -48.64 -1.38 -13.72
CA TRP H 240 -48.20 -0.25 -12.88
C TRP H 240 -49.25 0.84 -12.96
N GLY H 241 -49.39 1.58 -11.86
CA GLY H 241 -50.14 2.83 -11.93
C GLY H 241 -49.35 3.90 -12.66
N GLN H 242 -49.98 5.05 -12.87
CA GLN H 242 -49.32 6.17 -13.58
C GLN H 242 -48.27 6.84 -12.71
N GLY H 243 -48.31 6.65 -11.40
CA GLY H 243 -47.36 7.31 -10.50
C GLY H 243 -47.91 8.62 -9.97
N THR H 244 -47.61 8.92 -8.71
CA THR H 244 -48.04 10.20 -8.10
C THR H 244 -46.83 10.82 -7.42
N THR H 245 -46.65 12.12 -7.62
CA THR H 245 -45.54 12.87 -7.01
C THR H 245 -45.92 13.25 -5.57
N VAL H 246 -45.02 12.97 -4.65
CA VAL H 246 -45.22 13.36 -3.25
C VAL H 246 -43.98 14.13 -2.85
N THR H 247 -44.17 15.38 -2.42
CA THR H 247 -43.06 16.23 -1.98
C THR H 247 -43.18 16.48 -0.47
N VAL H 248 -42.11 16.24 0.24
CA VAL H 248 -42.03 16.63 1.67
C VAL H 248 -41.56 18.08 1.69
N SER H 249 -42.47 19.01 1.99
CA SER H 249 -42.14 20.47 1.92
C SER H 249 -43.03 21.25 2.87
N SER H 250 -42.87 22.57 2.84
CA SER H 250 -43.44 23.54 3.81
C SER H 250 -44.82 24.07 3.42
N MET I 1 -27.94 -23.08 -19.76
CA MET I 1 -27.00 -22.18 -19.07
C MET I 1 -26.35 -21.27 -20.12
N ASP I 2 -26.08 -20.02 -19.74
CA ASP I 2 -25.38 -19.07 -20.62
C ASP I 2 -23.88 -19.26 -20.39
N ILE I 3 -23.25 -19.87 -21.40
CA ILE I 3 -21.79 -20.16 -21.35
C ILE I 3 -21.12 -19.40 -22.47
N GLN I 4 -20.16 -18.56 -22.11
CA GLN I 4 -19.39 -17.74 -23.09
C GLN I 4 -18.05 -18.42 -23.33
N MET I 5 -17.74 -18.66 -24.59
CA MET I 5 -16.47 -19.28 -25.01
C MET I 5 -15.57 -18.17 -25.57
N THR I 6 -14.36 -18.07 -25.04
CA THR I 6 -13.34 -17.11 -25.49
C THR I 6 -12.16 -17.88 -26.07
N GLN I 7 -11.71 -17.46 -27.24
CA GLN I 7 -10.62 -18.12 -27.97
C GLN I 7 -9.38 -17.23 -27.98
N SER I 8 -8.20 -17.83 -28.01
CA SER I 8 -6.90 -17.10 -28.06
C SER I 8 -5.88 -17.86 -28.90
N PRO I 9 -5.09 -17.16 -29.75
CA PRO I 9 -5.24 -15.73 -30.04
C PRO I 9 -6.39 -15.52 -31.02
N SER I 10 -6.75 -14.27 -31.31
CA SER I 10 -7.76 -13.99 -32.36
C SER I 10 -7.19 -14.32 -33.74
N SER I 11 -5.89 -14.11 -33.94
CA SER I 11 -5.26 -14.31 -35.27
C SER I 11 -3.87 -14.87 -35.03
N LEU I 12 -3.42 -15.69 -35.97
CA LEU I 12 -2.10 -16.35 -35.87
C LEU I 12 -1.51 -16.41 -37.27
N SER I 13 -0.31 -15.88 -37.41
CA SER I 13 0.51 -16.03 -38.64
C SER I 13 1.60 -17.05 -38.29
N ALA I 14 1.76 -18.06 -39.15
CA ALA I 14 2.70 -19.14 -38.85
C ALA I 14 3.24 -19.71 -40.15
N SER I 15 4.28 -20.54 -40.01
CA SER I 15 5.01 -21.10 -41.16
C SER I 15 4.76 -22.60 -41.28
N VAL I 16 4.77 -23.09 -42.50
CA VAL I 16 4.63 -24.54 -42.77
C VAL I 16 5.68 -25.30 -41.98
N GLY I 17 5.23 -26.26 -41.19
CA GLY I 17 6.09 -27.06 -40.31
C GLY I 17 6.06 -26.62 -38.86
N ASP I 18 5.40 -25.51 -38.55
CA ASP I 18 5.34 -25.04 -37.14
C ASP I 18 4.32 -25.83 -36.34
N ARG I 19 4.59 -25.97 -35.05
CA ARG I 19 3.61 -26.43 -34.06
C ARG I 19 2.75 -25.25 -33.67
N VAL I 20 1.44 -25.38 -33.86
CA VAL I 20 0.48 -24.30 -33.58
C VAL I 20 -0.42 -24.77 -32.44
N THR I 21 -0.73 -23.86 -31.55
CA THR I 21 -1.58 -24.14 -30.38
C THR I 21 -2.60 -23.00 -30.22
N ILE I 22 -3.87 -23.36 -30.28
CA ILE I 22 -5.00 -22.41 -30.06
C ILE I 22 -5.69 -22.85 -28.78
N THR I 23 -6.07 -21.88 -27.97
CA THR I 23 -6.72 -22.16 -26.68
C THR I 23 -8.11 -21.56 -26.66
N CYS I 24 -8.92 -22.06 -25.73
CA CYS I 24 -10.22 -21.43 -25.46
C CYS I 24 -10.56 -21.57 -23.99
N ARG I 25 -11.37 -20.65 -23.52
CA ARG I 25 -11.73 -20.57 -22.09
C ARG I 25 -13.24 -20.55 -22.03
N ALA I 26 -13.80 -21.34 -21.12
CA ALA I 26 -15.26 -21.34 -20.90
C ALA I 26 -15.56 -20.47 -19.67
N SER I 27 -16.61 -19.68 -19.76
CA SER I 27 -17.02 -18.80 -18.64
C SER I 27 -17.46 -19.61 -17.41
N GLN I 28 -17.73 -20.90 -17.57
CA GLN I 28 -18.00 -21.79 -16.44
C GLN I 28 -17.56 -23.20 -16.86
N GLY I 29 -17.50 -24.11 -15.90
CA GLY I 29 -16.98 -25.46 -16.17
C GLY I 29 -17.90 -26.20 -17.14
N ILE I 30 -17.31 -26.86 -18.12
CA ILE I 30 -18.09 -27.66 -19.10
C ILE I 30 -17.49 -29.06 -19.19
N SER I 31 -16.71 -29.46 -18.19
CA SER I 31 -16.15 -30.82 -18.13
C SER I 31 -15.44 -31.10 -19.46
N SER I 32 -15.85 -32.14 -20.17
CA SER I 32 -15.17 -32.56 -21.41
C SER I 32 -16.03 -32.26 -22.65
N TYR I 33 -17.07 -31.45 -22.53
CA TYR I 33 -18.07 -31.27 -23.61
C TYR I 33 -17.68 -30.08 -24.49
N LEU I 34 -16.70 -30.30 -25.34
CA LEU I 34 -16.06 -29.21 -26.10
C LEU I 34 -15.64 -29.76 -27.45
N ASN I 35 -16.07 -29.10 -28.51
CA ASN I 35 -15.75 -29.49 -29.90
C ASN I 35 -14.90 -28.42 -30.58
N TRP I 36 -14.18 -28.81 -31.64
CA TRP I 36 -13.40 -27.89 -32.50
C TRP I 36 -13.82 -28.07 -33.95
N TYR I 37 -14.04 -26.95 -34.64
CA TYR I 37 -14.33 -26.93 -36.07
C TYR I 37 -13.25 -26.15 -36.83
N GLN I 38 -13.12 -26.47 -38.11
CA GLN I 38 -12.28 -25.75 -39.07
C GLN I 38 -13.20 -25.21 -40.15
N GLN I 39 -13.07 -23.94 -40.52
CA GLN I 39 -13.83 -23.48 -41.71
C GLN I 39 -12.86 -22.76 -42.64
N LYS I 40 -12.70 -23.34 -43.82
CA LYS I 40 -11.90 -22.69 -44.88
C LYS I 40 -12.68 -21.50 -45.40
N PRO I 41 -11.98 -20.51 -45.99
CA PRO I 41 -12.67 -19.34 -46.53
C PRO I 41 -13.75 -19.73 -47.53
N GLY I 42 -14.95 -19.18 -47.31
CA GLY I 42 -16.12 -19.42 -48.17
C GLY I 42 -16.75 -20.80 -48.02
N LYS I 43 -16.33 -21.60 -47.05
CA LYS I 43 -16.90 -22.94 -46.89
C LYS I 43 -17.58 -23.08 -45.52
N ALA I 44 -18.44 -24.06 -45.40
CA ALA I 44 -19.09 -24.41 -44.13
C ALA I 44 -18.03 -24.89 -43.15
N PRO I 45 -18.27 -24.72 -41.84
CA PRO I 45 -17.39 -25.32 -40.85
C PRO I 45 -17.37 -26.83 -41.00
N LYS I 46 -16.27 -27.43 -40.52
CA LYS I 46 -16.11 -28.89 -40.55
C LYS I 46 -15.66 -29.32 -39.15
N LEU I 47 -16.31 -30.35 -38.62
CA LEU I 47 -15.96 -30.87 -37.28
C LEU I 47 -14.60 -31.57 -37.36
N LEU I 48 -13.70 -31.19 -36.46
CA LEU I 48 -12.38 -31.85 -36.34
C LEU I 48 -12.35 -32.77 -35.13
N ILE I 49 -12.76 -32.26 -33.97
CA ILE I 49 -12.60 -32.97 -32.69
C ILE I 49 -13.91 -32.87 -31.93
N SER I 50 -14.41 -34.00 -31.43
CA SER I 50 -15.55 -34.01 -30.51
C SER I 50 -15.04 -34.38 -29.11
N ALA I 51 -15.76 -33.93 -28.09
CA ALA I 51 -15.52 -34.36 -26.70
C ALA I 51 -14.04 -34.15 -26.32
N THR I 52 -13.57 -32.92 -26.48
CA THR I 52 -12.23 -32.46 -26.06
C THR I 52 -11.13 -33.02 -26.95
N SER I 53 -11.14 -34.31 -27.23
CA SER I 53 -9.95 -34.95 -27.82
C SER I 53 -10.24 -36.03 -28.86
N ASP I 54 -11.48 -36.34 -29.23
CA ASP I 54 -11.75 -37.45 -30.16
C ASP I 54 -11.73 -36.92 -31.59
N LEU I 55 -10.76 -37.38 -32.37
CA LEU I 55 -10.60 -36.90 -33.75
C LEU I 55 -11.65 -37.53 -34.66
N GLN I 56 -12.28 -36.70 -35.49
CA GLN I 56 -13.21 -37.18 -36.54
C GLN I 56 -12.47 -38.04 -37.56
N SER I 57 -13.11 -39.09 -38.02
CA SER I 57 -12.63 -39.90 -39.16
C SER I 57 -12.45 -38.99 -40.38
N GLY I 58 -11.31 -39.09 -41.03
CA GLY I 58 -11.00 -38.25 -42.20
C GLY I 58 -10.14 -37.05 -41.87
N VAL I 59 -10.11 -36.63 -40.62
CA VAL I 59 -9.33 -35.44 -40.22
C VAL I 59 -7.88 -35.86 -40.03
N PRO I 60 -6.90 -35.10 -40.56
CA PRO I 60 -5.50 -35.50 -40.46
C PRO I 60 -5.05 -35.60 -39.01
N SER I 61 -4.25 -36.63 -38.72
CA SER I 61 -3.83 -36.93 -37.33
C SER I 61 -2.83 -35.91 -36.79
N ARG I 62 -2.47 -34.87 -37.52
CA ARG I 62 -1.69 -33.78 -36.87
C ARG I 62 -2.55 -32.93 -35.93
N PHE I 63 -3.88 -33.09 -35.99
CA PHE I 63 -4.78 -32.35 -35.07
C PHE I 63 -4.94 -33.13 -33.78
N SER I 64 -4.98 -32.39 -32.67
CA SER I 64 -5.20 -33.01 -31.34
C SER I 64 -5.83 -31.96 -30.44
N GLY I 65 -6.55 -32.43 -29.44
CA GLY I 65 -7.19 -31.52 -28.47
C GLY I 65 -6.97 -32.04 -27.07
N SER I 66 -7.02 -31.12 -26.11
CA SER I 66 -6.87 -31.48 -24.69
C SER I 66 -7.58 -30.42 -23.83
N GLY I 67 -7.61 -30.68 -22.54
CA GLY I 67 -8.14 -29.69 -21.59
C GLY I 67 -9.21 -30.27 -20.71
N SER I 68 -9.75 -29.44 -19.84
CA SER I 68 -10.88 -29.87 -18.99
C SER I 68 -11.51 -28.65 -18.36
N GLY I 69 -12.78 -28.79 -18.01
CA GLY I 69 -13.45 -27.77 -17.19
C GLY I 69 -13.60 -26.45 -17.94
N THR I 70 -12.63 -25.55 -17.78
CA THR I 70 -12.74 -24.19 -18.34
C THR I 70 -11.70 -23.88 -19.41
N ASP I 71 -10.61 -24.64 -19.50
CA ASP I 71 -9.48 -24.31 -20.39
C ASP I 71 -9.17 -25.49 -21.31
N PHE I 72 -9.07 -25.23 -22.59
CA PHE I 72 -8.92 -26.27 -23.63
C PHE I 72 -7.90 -25.81 -24.67
N THR I 73 -7.35 -26.76 -25.41
CA THR I 73 -6.31 -26.48 -26.41
C THR I 73 -6.51 -27.29 -27.67
N LEU I 74 -6.39 -26.64 -28.82
CA LEU I 74 -6.28 -27.30 -30.14
C LEU I 74 -4.83 -27.19 -30.61
N THR I 75 -4.25 -28.31 -30.97
CA THR I 75 -2.83 -28.33 -31.39
C THR I 75 -2.73 -28.91 -32.78
N ILE I 76 -1.98 -28.23 -33.64
CA ILE I 76 -1.53 -28.81 -34.92
C ILE I 76 -0.05 -29.18 -34.73
N SER I 77 0.25 -30.46 -34.84
CA SER I 77 1.62 -30.98 -34.59
C SER I 77 2.60 -30.26 -35.52
N SER I 78 2.34 -30.26 -36.81
CA SER I 78 3.25 -29.67 -37.82
C SER I 78 2.39 -29.02 -38.89
N LEU I 79 2.38 -27.70 -38.90
CA LEU I 79 1.45 -26.94 -39.78
C LEU I 79 1.75 -27.21 -41.24
N GLN I 80 0.70 -27.34 -42.03
CA GLN I 80 0.81 -27.62 -43.48
C GLN I 80 -0.04 -26.60 -44.24
N PRO I 81 0.18 -26.47 -45.57
CA PRO I 81 -0.50 -25.41 -46.31
C PRO I 81 -2.03 -25.43 -46.21
N GLU I 82 -2.65 -26.58 -46.42
CA GLU I 82 -4.12 -26.68 -46.44
C GLU I 82 -4.75 -26.47 -45.05
N ASP I 83 -4.00 -26.08 -44.02
CA ASP I 83 -4.53 -25.78 -42.68
C ASP I 83 -4.89 -24.32 -42.52
N PHE I 84 -4.75 -23.47 -43.54
CA PHE I 84 -5.13 -22.04 -43.42
C PHE I 84 -6.65 -21.95 -43.33
N ALA I 85 -7.13 -21.39 -42.23
CA ALA I 85 -8.57 -21.48 -41.92
C ALA I 85 -8.84 -20.69 -40.66
N THR I 86 -10.13 -20.52 -40.37
CA THR I 86 -10.60 -20.03 -39.06
C THR I 86 -11.04 -21.23 -38.24
N TYR I 87 -10.56 -21.33 -37.02
CA TYR I 87 -10.87 -22.46 -36.10
C TYR I 87 -11.76 -21.98 -34.98
N TYR I 88 -12.78 -22.79 -34.69
CA TYR I 88 -13.82 -22.43 -33.72
C TYR I 88 -13.91 -23.53 -32.68
N CYS I 89 -13.94 -23.13 -31.43
CA CYS I 89 -14.35 -24.07 -30.37
C CYS I 89 -15.86 -23.95 -30.22
N GLN I 90 -16.45 -24.99 -29.63
CA GLN I 90 -17.92 -25.00 -29.38
C GLN I 90 -18.16 -25.84 -28.13
N GLN I 91 -18.73 -25.22 -27.10
CA GLN I 91 -19.18 -26.00 -25.93
C GLN I 91 -20.46 -26.76 -26.31
N SER I 92 -20.50 -28.03 -25.92
CA SER I 92 -21.65 -28.92 -26.15
C SER I 92 -22.28 -29.31 -24.81
N TYR I 93 -21.94 -28.60 -23.75
CA TYR I 93 -22.35 -28.96 -22.38
C TYR I 93 -23.80 -28.59 -22.14
N SER I 94 -24.26 -27.47 -22.67
CA SER I 94 -25.61 -26.96 -22.35
C SER I 94 -26.10 -26.11 -23.51
N THR I 95 -27.38 -26.17 -23.72
CA THR I 95 -27.98 -25.24 -24.72
C THR I 95 -28.28 -23.92 -24.04
N PRO I 96 -28.18 -22.78 -24.75
CA PRO I 96 -27.82 -22.72 -26.17
C PRO I 96 -26.36 -23.11 -26.43
N TYR I 97 -26.13 -23.92 -27.44
CA TYR I 97 -24.73 -24.21 -27.83
C TYR I 97 -24.08 -22.88 -28.26
N THR I 98 -22.87 -22.66 -27.79
CA THR I 98 -22.15 -21.40 -28.09
C THR I 98 -20.80 -21.74 -28.69
N PHE I 99 -20.35 -20.87 -29.57
CA PHE I 99 -19.04 -20.99 -30.24
C PHE I 99 -18.12 -19.87 -29.80
N GLY I 100 -16.82 -20.15 -29.83
CA GLY I 100 -15.82 -19.10 -29.71
C GLY I 100 -15.91 -18.10 -30.85
N GLN I 101 -15.15 -17.03 -30.74
CA GLN I 101 -15.17 -15.98 -31.78
C GLN I 101 -14.32 -16.38 -32.97
N GLY I 102 -13.50 -17.41 -32.85
CA GLY I 102 -12.72 -17.92 -33.98
C GLY I 102 -11.28 -17.42 -33.94
N THR I 103 -10.38 -18.26 -34.39
CA THR I 103 -8.94 -17.94 -34.52
C THR I 103 -8.58 -18.09 -35.99
N LYS I 104 -8.17 -16.98 -36.62
CA LYS I 104 -7.79 -17.02 -38.05
C LYS I 104 -6.31 -17.41 -38.19
N LEU I 105 -6.06 -18.58 -38.77
CA LEU I 105 -4.67 -19.08 -38.96
C LEU I 105 -4.22 -18.74 -40.38
N GLU I 106 -3.21 -17.88 -40.51
CA GLU I 106 -2.65 -17.51 -41.84
C GLU I 106 -1.28 -18.17 -41.98
N ILE I 107 -0.93 -18.62 -43.19
CA ILE I 107 0.34 -19.39 -43.40
C ILE I 107 1.29 -18.65 -44.35
N GLN I 124 -22.55 -41.26 -47.53
CA GLN I 124 -22.47 -39.81 -47.22
C GLN I 124 -23.89 -39.24 -47.01
N VAL I 125 -24.04 -38.50 -45.94
CA VAL I 125 -25.25 -37.67 -45.71
C VAL I 125 -25.01 -36.34 -46.40
N GLN I 126 -26.02 -35.85 -47.11
CA GLN I 126 -25.89 -34.53 -47.76
C GLN I 126 -27.04 -33.64 -47.26
N LEU I 127 -26.69 -32.43 -46.89
CA LEU I 127 -27.68 -31.40 -46.50
C LEU I 127 -27.58 -30.24 -47.48
N GLN I 128 -28.74 -29.69 -47.85
CA GLN I 128 -28.76 -28.55 -48.78
C GLN I 128 -29.81 -27.54 -48.32
N GLU I 129 -29.38 -26.32 -48.10
CA GLU I 129 -30.25 -25.20 -47.74
C GLU I 129 -30.83 -24.55 -49.00
N SER I 130 -32.06 -24.08 -48.90
CA SER I 130 -32.62 -23.26 -50.00
C SER I 130 -33.59 -22.26 -49.40
N GLY I 131 -33.87 -21.23 -50.19
CA GLY I 131 -34.87 -20.24 -49.82
C GLY I 131 -34.47 -18.86 -50.32
N PRO I 132 -35.42 -17.92 -50.22
CA PRO I 132 -35.16 -16.56 -50.69
C PRO I 132 -33.85 -15.98 -50.16
N GLY I 133 -33.10 -15.36 -51.07
CA GLY I 133 -31.85 -14.64 -50.73
C GLY I 133 -32.10 -13.23 -50.20
N LEU I 134 -33.28 -12.67 -50.45
CA LEU I 134 -33.59 -11.29 -49.98
C LEU I 134 -34.85 -11.33 -49.14
N VAL I 135 -34.85 -10.57 -48.06
CA VAL I 135 -36.02 -10.40 -47.18
C VAL I 135 -36.13 -8.92 -46.83
N LYS I 136 -37.34 -8.39 -46.84
CA LYS I 136 -37.54 -6.98 -46.47
C LYS I 136 -37.48 -6.84 -44.94
N PRO I 137 -37.03 -5.68 -44.44
CA PRO I 137 -37.12 -5.43 -43.00
C PRO I 137 -38.54 -5.68 -42.49
N SER I 138 -38.63 -6.30 -41.32
CA SER I 138 -39.89 -6.70 -40.64
C SER I 138 -40.50 -7.94 -41.29
N GLY I 139 -40.00 -8.37 -42.43
CA GLY I 139 -40.54 -9.57 -43.06
C GLY I 139 -40.05 -10.86 -42.38
N THR I 140 -40.47 -11.98 -42.95
CA THR I 140 -40.15 -13.31 -42.41
C THR I 140 -39.13 -13.99 -43.31
N LEU I 141 -38.00 -14.39 -42.71
CA LEU I 141 -36.99 -15.23 -43.38
C LEU I 141 -37.45 -16.69 -43.32
N SER I 142 -37.38 -17.39 -44.44
CA SER I 142 -37.88 -18.77 -44.56
C SER I 142 -36.84 -19.61 -45.31
N LEU I 143 -36.34 -20.67 -44.70
CA LEU I 143 -35.36 -21.56 -45.36
C LEU I 143 -35.75 -23.01 -45.15
N THR I 144 -35.27 -23.84 -46.06
CA THR I 144 -35.49 -25.29 -46.01
C THR I 144 -34.14 -26.01 -46.10
N CYS I 145 -34.04 -27.14 -45.40
CA CYS I 145 -32.84 -28.00 -45.48
C CYS I 145 -33.31 -29.36 -45.98
N ALA I 146 -32.91 -29.74 -47.18
CA ALA I 146 -33.26 -31.07 -47.73
C ALA I 146 -32.17 -32.04 -47.28
N VAL I 147 -32.59 -33.18 -46.77
CA VAL I 147 -31.62 -34.19 -46.26
C VAL I 147 -31.59 -35.32 -47.29
N SER I 148 -30.38 -35.68 -47.73
CA SER I 148 -30.13 -36.74 -48.73
C SER I 148 -29.20 -37.78 -48.14
N GLY I 149 -29.40 -39.04 -48.50
CA GLY I 149 -28.49 -40.10 -48.02
C GLY I 149 -28.68 -40.45 -46.56
N ASP I 150 -29.76 -39.97 -45.94
CA ASP I 150 -30.11 -40.28 -44.54
C ASP I 150 -31.54 -39.81 -44.34
N SER I 151 -32.25 -40.49 -43.47
CA SER I 151 -33.66 -40.16 -43.19
C SER I 151 -33.70 -39.16 -42.04
N ILE I 152 -34.65 -38.24 -42.13
CA ILE I 152 -34.99 -37.32 -41.01
C ILE I 152 -35.16 -38.13 -39.72
N SER I 153 -35.68 -39.35 -39.82
CA SER I 153 -36.10 -40.14 -38.64
C SER I 153 -34.94 -40.78 -37.90
N SER I 154 -33.70 -40.44 -38.22
CA SER I 154 -32.54 -40.95 -37.44
C SER I 154 -32.48 -40.28 -36.07
N SER I 155 -31.62 -40.82 -35.23
CA SER I 155 -31.52 -40.44 -33.81
C SER I 155 -30.57 -39.26 -33.63
N ASN I 156 -30.89 -38.12 -34.24
CA ASN I 156 -30.08 -36.91 -34.06
C ASN I 156 -30.96 -35.68 -34.18
N TRP I 157 -30.37 -34.55 -33.84
CA TRP I 157 -31.04 -33.24 -33.99
C TRP I 157 -30.71 -32.66 -35.35
N TRP I 158 -31.63 -31.86 -35.86
CA TRP I 158 -31.44 -31.12 -37.13
C TRP I 158 -31.39 -29.63 -36.82
N SER I 159 -30.24 -29.01 -37.04
CA SER I 159 -29.91 -27.68 -36.49
C SER I 159 -29.82 -26.61 -37.57
N TRP I 160 -30.03 -25.38 -37.12
CA TRP I 160 -29.69 -24.15 -37.88
C TRP I 160 -28.65 -23.35 -37.15
N VAL I 161 -27.64 -22.92 -37.89
CA VAL I 161 -26.51 -22.09 -37.43
C VAL I 161 -26.37 -20.94 -38.40
N ARG I 162 -26.02 -19.77 -37.92
CA ARG I 162 -25.79 -18.67 -38.87
C ARG I 162 -24.52 -17.92 -38.52
N GLN I 163 -24.04 -17.18 -39.51
CA GLN I 163 -22.74 -16.51 -39.46
C GLN I 163 -22.90 -15.18 -40.16
N PRO I 164 -23.07 -14.09 -39.40
CA PRO I 164 -23.18 -12.76 -40.01
C PRO I 164 -21.86 -12.36 -40.64
N PRO I 165 -21.85 -11.35 -41.53
CA PRO I 165 -20.62 -10.96 -42.21
C PRO I 165 -19.50 -10.59 -41.24
N GLY I 166 -18.34 -11.19 -41.48
CA GLY I 166 -17.13 -11.02 -40.66
C GLY I 166 -17.24 -11.53 -39.24
N LYS I 167 -18.27 -12.31 -38.90
CA LYS I 167 -18.52 -12.63 -37.48
C LYS I 167 -18.39 -14.15 -37.28
N GLY I 168 -18.69 -14.56 -36.06
CA GLY I 168 -18.64 -15.97 -35.65
C GLY I 168 -19.94 -16.70 -35.90
N LEU I 169 -20.08 -17.82 -35.20
CA LEU I 169 -21.19 -18.76 -35.42
C LEU I 169 -22.18 -18.63 -34.27
N GLU I 170 -23.45 -18.65 -34.62
CA GLU I 170 -24.55 -18.53 -33.65
C GLU I 170 -25.49 -19.71 -33.87
N TRP I 171 -25.70 -20.50 -32.84
CA TRP I 171 -26.68 -21.61 -32.91
C TRP I 171 -28.09 -21.03 -32.79
N ILE I 172 -28.92 -21.28 -33.78
CA ILE I 172 -30.31 -20.78 -33.77
C ILE I 172 -31.21 -21.74 -33.02
N GLY I 173 -31.06 -23.03 -33.26
CA GLY I 173 -31.99 -24.00 -32.69
C GLY I 173 -31.91 -25.31 -33.46
N GLU I 174 -32.73 -26.26 -33.02
CA GLU I 174 -32.68 -27.64 -33.53
C GLU I 174 -34.05 -28.28 -33.37
N ILE I 175 -34.26 -29.33 -34.14
CA ILE I 175 -35.54 -30.06 -34.15
C ILE I 175 -35.25 -31.55 -34.25
N TYR I 176 -36.12 -32.32 -33.63
CA TYR I 176 -36.08 -33.79 -33.67
C TYR I 176 -37.18 -34.26 -34.60
N HIS I 177 -37.01 -35.48 -35.12
CA HIS I 177 -37.95 -35.98 -36.15
C HIS I 177 -39.37 -36.05 -35.58
N SER I 178 -39.50 -36.34 -34.30
CA SER I 178 -40.85 -36.39 -33.68
C SER I 178 -41.41 -35.00 -33.40
N GLY I 179 -40.70 -33.93 -33.69
CA GLY I 179 -41.26 -32.57 -33.68
C GLY I 179 -40.82 -31.70 -32.53
N GLY I 180 -40.19 -32.25 -31.48
CA GLY I 180 -39.67 -31.40 -30.40
C GLY I 180 -38.57 -30.46 -30.86
N THR I 181 -38.49 -29.27 -30.27
CA THR I 181 -37.57 -28.24 -30.68
C THR I 181 -36.76 -27.74 -29.49
N LYS I 182 -35.58 -27.19 -29.78
CA LYS I 182 -34.79 -26.44 -28.81
C LYS I 182 -34.36 -25.15 -29.50
N TYR I 183 -34.60 -24.02 -28.85
CA TYR I 183 -34.28 -22.72 -29.48
C TYR I 183 -33.31 -21.94 -28.62
N ASN I 184 -32.47 -21.16 -29.27
CA ASN I 184 -31.66 -20.16 -28.56
C ASN I 184 -32.61 -19.18 -27.88
N PRO I 185 -32.47 -18.95 -26.56
CA PRO I 185 -33.35 -18.01 -25.88
C PRO I 185 -33.34 -16.59 -26.46
N SER I 186 -32.27 -16.21 -27.15
CA SER I 186 -32.19 -14.85 -27.74
C SER I 186 -33.11 -14.72 -28.95
N LEU I 187 -33.63 -15.83 -29.47
CA LEU I 187 -34.42 -15.81 -30.70
C LEU I 187 -35.77 -16.46 -30.52
N LYS I 188 -36.03 -17.04 -29.35
CA LYS I 188 -37.18 -17.94 -29.22
C LYS I 188 -38.50 -17.22 -29.55
N SER I 189 -38.61 -15.93 -29.30
CA SER I 189 -39.88 -15.23 -29.60
C SER I 189 -40.11 -15.09 -31.13
N ARG I 190 -39.06 -15.11 -31.93
CA ARG I 190 -39.15 -14.81 -33.38
C ARG I 190 -39.04 -16.08 -34.25
N VAL I 191 -38.66 -17.23 -33.69
CA VAL I 191 -38.15 -18.35 -34.53
C VAL I 191 -39.13 -19.52 -34.47
N THR I 192 -39.26 -20.21 -35.60
CA THR I 192 -39.92 -21.53 -35.64
C THR I 192 -39.02 -22.46 -36.46
N ILE I 193 -38.83 -23.66 -35.97
CA ILE I 193 -38.20 -24.74 -36.79
C ILE I 193 -39.23 -25.84 -36.92
N SER I 194 -39.35 -26.38 -38.11
CA SER I 194 -40.35 -27.42 -38.42
C SER I 194 -39.65 -28.56 -39.14
N VAL I 195 -40.34 -29.70 -39.18
CA VAL I 195 -39.80 -30.90 -39.83
C VAL I 195 -40.93 -31.55 -40.62
N ASP I 196 -40.56 -32.16 -41.74
CA ASP I 196 -41.55 -32.79 -42.65
C ASP I 196 -40.98 -34.14 -43.08
N LYS I 197 -41.38 -35.19 -42.39
CA LYS I 197 -40.86 -36.55 -42.68
C LYS I 197 -41.22 -36.98 -44.11
N SER I 198 -42.41 -36.60 -44.57
CA SER I 198 -42.88 -36.96 -45.94
C SER I 198 -41.86 -36.45 -46.98
N LYS I 199 -41.33 -35.25 -46.78
CA LYS I 199 -40.39 -34.63 -47.74
C LYS I 199 -38.93 -34.79 -47.30
N ASN I 200 -38.65 -35.44 -46.18
CA ASN I 200 -37.26 -35.61 -45.69
C ASN I 200 -36.52 -34.26 -45.63
N HIS I 201 -37.17 -33.25 -45.09
CA HIS I 201 -36.51 -31.95 -44.89
C HIS I 201 -36.98 -31.33 -43.58
N PHE I 202 -36.28 -30.28 -43.19
CA PHE I 202 -36.68 -29.46 -42.02
C PHE I 202 -36.47 -28.00 -42.39
N SER I 203 -37.14 -27.12 -41.65
CA SER I 203 -37.26 -25.71 -42.11
C SER I 203 -37.01 -24.75 -40.96
N LEU I 204 -36.69 -23.53 -41.34
CA LEU I 204 -36.45 -22.41 -40.41
C LEU I 204 -37.38 -21.26 -40.80
N LYS I 205 -38.00 -20.64 -39.81
CA LYS I 205 -38.74 -19.37 -40.04
C LYS I 205 -38.25 -18.40 -39.00
N LEU I 206 -37.85 -17.22 -39.45
CA LEU I 206 -37.40 -16.16 -38.53
C LEU I 206 -38.20 -14.90 -38.87
N ARG I 207 -38.95 -14.42 -37.88
CA ARG I 207 -39.92 -13.33 -38.05
C ARG I 207 -39.29 -12.00 -37.68
N SER I 208 -39.87 -10.92 -38.22
CA SER I 208 -39.47 -9.53 -37.85
C SER I 208 -37.98 -9.30 -38.06
N VAL I 209 -37.49 -9.62 -39.25
CA VAL I 209 -36.04 -9.52 -39.49
C VAL I 209 -35.63 -8.05 -39.50
N THR I 210 -34.40 -7.83 -39.07
CA THR I 210 -33.71 -6.55 -39.18
C THR I 210 -32.37 -6.80 -39.87
N ALA I 211 -31.62 -5.73 -40.12
CA ALA I 211 -30.29 -5.83 -40.74
C ALA I 211 -29.37 -6.78 -39.98
N ALA I 212 -29.60 -6.98 -38.68
CA ALA I 212 -28.75 -7.90 -37.90
C ALA I 212 -28.95 -9.34 -38.33
N ASP I 213 -30.00 -9.66 -39.06
CA ASP I 213 -30.23 -11.06 -39.52
C ASP I 213 -29.55 -11.36 -40.85
N THR I 214 -28.88 -10.37 -41.45
CA THR I 214 -28.10 -10.61 -42.68
C THR I 214 -26.95 -11.55 -42.35
N ALA I 215 -26.90 -12.67 -43.04
CA ALA I 215 -25.96 -13.73 -42.63
C ALA I 215 -25.97 -14.86 -43.65
N VAL I 216 -24.93 -15.69 -43.55
CA VAL I 216 -24.98 -17.03 -44.15
C VAL I 216 -25.65 -17.94 -43.13
N TYR I 217 -26.65 -18.67 -43.60
CA TYR I 217 -27.43 -19.61 -42.78
C TYR I 217 -27.00 -21.02 -43.16
N TYR I 218 -26.67 -21.83 -42.16
CA TYR I 218 -26.28 -23.24 -42.36
C TYR I 218 -27.28 -24.14 -41.69
N CYS I 219 -27.54 -25.28 -42.34
CA CYS I 219 -28.17 -26.39 -41.60
C CYS I 219 -27.10 -27.41 -41.28
N ALA I 220 -27.37 -28.20 -40.26
CA ALA I 220 -26.35 -29.17 -39.80
C ALA I 220 -27.03 -30.34 -39.12
N ARG I 221 -26.35 -31.48 -39.15
CA ARG I 221 -26.72 -32.62 -38.33
C ARG I 221 -25.97 -32.52 -37.00
N ASN I 222 -26.71 -32.47 -35.91
CA ASN I 222 -26.12 -32.45 -34.57
C ASN I 222 -26.36 -33.84 -33.98
N ARG I 223 -25.36 -34.71 -34.04
CA ARG I 223 -25.56 -36.10 -33.62
C ARG I 223 -24.70 -36.36 -32.40
N TRP I 224 -25.03 -37.42 -31.70
CA TRP I 224 -24.25 -37.74 -30.49
C TRP I 224 -23.30 -38.89 -30.79
N PHE I 225 -22.27 -38.96 -29.96
CA PHE I 225 -21.13 -39.85 -30.20
C PHE I 225 -21.11 -40.95 -29.14
N ASP I 226 -21.08 -42.19 -29.60
CA ASP I 226 -20.96 -43.39 -28.73
C ASP I 226 -19.50 -43.53 -28.33
N ASN I 227 -19.09 -42.76 -27.35
CA ASN I 227 -17.65 -42.72 -27.01
C ASN I 227 -17.37 -43.39 -25.65
N ASN I 228 -18.39 -43.97 -25.04
CA ASN I 228 -18.30 -44.73 -23.76
C ASN I 228 -17.90 -43.88 -22.57
N ARG I 229 -17.93 -42.56 -22.66
CA ARG I 229 -17.53 -41.75 -21.47
C ARG I 229 -18.62 -41.78 -20.40
N GLY I 230 -19.88 -41.99 -20.78
CA GLY I 230 -21.00 -41.93 -19.82
C GLY I 230 -21.49 -40.52 -19.58
N GLY I 231 -22.64 -40.43 -18.93
CA GLY I 231 -23.26 -39.14 -18.61
C GLY I 231 -23.99 -38.55 -19.80
N TYR I 232 -24.17 -37.25 -19.78
CA TYR I 232 -24.92 -36.56 -20.85
C TYR I 232 -24.35 -36.90 -22.21
N TYR I 233 -25.24 -37.12 -23.17
CA TYR I 233 -24.85 -37.35 -24.58
C TYR I 233 -23.86 -36.28 -25.00
N TYR I 234 -22.86 -36.69 -25.77
CA TYR I 234 -21.87 -35.77 -26.39
C TYR I 234 -22.33 -35.51 -27.82
N TYR I 235 -22.70 -34.28 -28.10
CA TYR I 235 -23.15 -33.87 -29.44
C TYR I 235 -22.07 -33.11 -30.17
N GLY I 236 -22.08 -33.26 -31.50
CA GLY I 236 -21.29 -32.41 -32.39
C GLY I 236 -21.93 -32.34 -33.74
N MET I 237 -21.74 -31.22 -34.41
CA MET I 237 -22.35 -30.99 -35.74
C MET I 237 -21.38 -31.53 -36.79
N ASP I 238 -21.63 -32.74 -37.25
CA ASP I 238 -20.64 -33.46 -38.08
C ASP I 238 -20.95 -33.36 -39.58
N VAL I 239 -22.15 -32.96 -39.94
CA VAL I 239 -22.50 -32.79 -41.38
C VAL I 239 -23.14 -31.41 -41.50
N TRP I 240 -22.67 -30.63 -42.45
CA TRP I 240 -23.20 -29.26 -42.66
C TRP I 240 -23.65 -29.08 -44.10
N GLY I 241 -24.65 -28.24 -44.28
CA GLY I 241 -24.98 -27.79 -45.62
C GLY I 241 -23.91 -26.85 -46.17
N GLN I 242 -24.07 -26.47 -47.42
CA GLN I 242 -23.10 -25.55 -48.06
C GLN I 242 -23.31 -24.13 -47.56
N GLY I 243 -24.50 -23.82 -47.06
CA GLY I 243 -24.76 -22.47 -46.54
C GLY I 243 -25.46 -21.64 -47.58
N THR I 244 -26.37 -20.78 -47.15
CA THR I 244 -27.05 -19.86 -48.10
C THR I 244 -27.06 -18.47 -47.50
N THR I 245 -26.75 -17.48 -48.33
CA THR I 245 -26.76 -16.09 -47.85
C THR I 245 -28.18 -15.55 -47.91
N VAL I 246 -28.56 -14.86 -46.86
CA VAL I 246 -29.83 -14.09 -46.83
C VAL I 246 -29.44 -12.66 -46.50
N THR I 247 -29.97 -11.72 -47.29
CA THR I 247 -29.69 -10.29 -47.09
C THR I 247 -31.00 -9.58 -46.82
N VAL I 248 -31.05 -8.82 -45.73
CA VAL I 248 -32.22 -7.97 -45.44
C VAL I 248 -32.05 -6.67 -46.22
N SER I 249 -33.04 -6.33 -47.03
CA SER I 249 -32.94 -5.14 -47.91
C SER I 249 -34.34 -4.64 -48.19
N SER I 250 -34.49 -3.32 -48.21
CA SER I 250 -35.77 -2.65 -48.51
C SER I 250 -36.07 -2.68 -50.01
N LEU I 251 -35.08 -2.95 -50.85
CA LEU I 251 -35.25 -2.84 -52.32
C LEU I 251 -35.64 -4.17 -52.94
N VAL I 252 -36.63 -4.12 -53.81
CA VAL I 252 -37.15 -5.35 -54.49
C VAL I 252 -36.71 -5.33 -55.95
N PRO I 253 -36.18 -6.45 -56.49
CA PRO I 253 -35.92 -6.56 -57.93
C PRO I 253 -37.21 -6.63 -58.76
N MET J 1 -7.24 -37.01 -17.33
CA MET J 1 -7.22 -35.60 -16.90
C MET J 1 -5.96 -34.94 -17.46
N ASP J 2 -6.14 -33.72 -17.97
CA ASP J 2 -5.02 -32.95 -18.56
C ASP J 2 -4.41 -32.10 -17.43
N ILE J 3 -3.28 -32.60 -16.92
CA ILE J 3 -2.55 -31.95 -15.80
C ILE J 3 -1.23 -31.43 -16.37
N GLN J 4 -1.00 -30.14 -16.24
CA GLN J 4 0.25 -29.47 -16.69
C GLN J 4 1.19 -29.31 -15.48
N MET J 5 2.43 -29.70 -15.66
CA MET J 5 3.46 -29.59 -14.61
C MET J 5 4.43 -28.47 -15.00
N THR J 6 4.59 -27.48 -14.13
CA THR J 6 5.50 -26.34 -14.37
C THR J 6 6.62 -26.41 -13.35
N GLN J 7 7.85 -26.33 -13.86
CA GLN J 7 9.05 -26.51 -13.02
C GLN J 7 9.75 -25.17 -12.88
N SER J 8 10.42 -24.96 -11.75
CA SER J 8 11.17 -23.71 -11.58
C SER J 8 12.38 -23.93 -10.68
N PRO J 9 13.55 -23.33 -11.03
CA PRO J 9 13.75 -22.55 -12.26
C PRO J 9 13.93 -23.46 -13.47
N SER J 10 14.10 -22.88 -14.64
CA SER J 10 14.41 -23.66 -15.86
C SER J 10 15.89 -24.06 -15.85
N SER J 11 16.72 -23.24 -15.23
CA SER J 11 18.19 -23.45 -15.23
C SER J 11 18.74 -22.93 -13.91
N LEU J 12 19.80 -23.56 -13.45
CA LEU J 12 20.40 -23.26 -12.12
C LEU J 12 21.91 -23.45 -12.23
N SER J 13 22.66 -22.46 -11.75
CA SER J 13 24.14 -22.54 -11.63
C SER J 13 24.48 -22.62 -10.15
N ALA J 14 25.31 -23.58 -9.77
CA ALA J 14 25.67 -23.78 -8.36
C ALA J 14 27.01 -24.51 -8.30
N SER J 15 27.55 -24.59 -7.11
CA SER J 15 28.91 -25.16 -6.90
C SER J 15 28.83 -26.37 -5.98
N VAL J 16 29.78 -27.27 -6.14
CA VAL J 16 29.90 -28.46 -5.27
C VAL J 16 29.76 -28.03 -3.81
N GLY J 17 28.88 -28.72 -3.09
CA GLY J 17 28.62 -28.44 -1.67
C GLY J 17 27.43 -27.53 -1.43
N ASP J 18 26.91 -26.88 -2.46
CA ASP J 18 25.75 -25.97 -2.27
C ASP J 18 24.49 -26.78 -1.96
N ARG J 19 23.51 -26.08 -1.40
CA ARG J 19 22.16 -26.63 -1.18
C ARG J 19 21.25 -26.14 -2.31
N VAL J 20 20.62 -27.10 -2.99
CA VAL J 20 19.78 -26.79 -4.18
C VAL J 20 18.33 -27.16 -3.86
N THR J 21 17.41 -26.32 -4.30
CA THR J 21 15.98 -26.68 -4.32
C THR J 21 15.41 -26.40 -5.71
N ILE J 22 14.75 -27.42 -6.25
CA ILE J 22 13.94 -27.29 -7.48
C ILE J 22 12.48 -27.43 -7.04
N THR J 23 11.61 -26.60 -7.57
CA THR J 23 10.17 -26.71 -7.27
C THR J 23 9.38 -26.98 -8.54
N CYS J 24 8.18 -27.52 -8.34
CA CYS J 24 7.24 -27.73 -9.46
C CYS J 24 5.83 -27.44 -8.98
N ARG J 25 5.01 -27.01 -9.92
CA ARG J 25 3.58 -26.73 -9.68
C ARG J 25 2.75 -27.56 -10.65
N ALA J 26 1.66 -28.13 -10.13
CA ALA J 26 0.68 -28.86 -10.95
C ALA J 26 -0.51 -27.95 -11.22
N SER J 27 -1.07 -28.07 -12.42
CA SER J 27 -2.22 -27.23 -12.83
C SER J 27 -3.49 -27.57 -12.03
N GLN J 28 -3.49 -28.67 -11.29
CA GLN J 28 -4.58 -29.01 -10.37
C GLN J 28 -4.00 -29.95 -9.31
N GLY J 29 -4.77 -30.23 -8.28
CA GLY J 29 -4.29 -31.06 -7.17
C GLY J 29 -3.95 -32.46 -7.66
N ILE J 30 -2.89 -33.03 -7.10
CA ILE J 30 -2.45 -34.39 -7.51
C ILE J 30 -2.05 -35.12 -6.24
N SER J 31 -2.44 -34.59 -5.09
CA SER J 31 -2.23 -35.25 -3.78
C SER J 31 -0.73 -35.54 -3.65
N SER J 32 -0.33 -36.79 -3.42
CA SER J 32 1.11 -37.12 -3.27
C SER J 32 1.65 -37.88 -4.51
N TYR J 33 0.99 -37.77 -5.66
CA TYR J 33 1.32 -38.60 -6.82
C TYR J 33 2.30 -37.86 -7.73
N LEU J 34 3.54 -37.80 -7.24
CA LEU J 34 4.58 -36.97 -7.89
C LEU J 34 5.90 -37.71 -7.78
N ASN J 35 6.59 -37.83 -8.92
CA ASN J 35 7.89 -38.50 -9.03
C ASN J 35 8.92 -37.48 -9.51
N TRP J 36 10.18 -37.70 -9.15
CA TRP J 36 11.32 -36.92 -9.67
C TRP J 36 12.29 -37.82 -10.42
N TYR J 37 12.77 -37.34 -11.56
CA TYR J 37 13.79 -38.04 -12.36
C TYR J 37 15.01 -37.14 -12.56
N GLN J 38 16.16 -37.77 -12.71
CA GLN J 38 17.38 -37.06 -13.14
C GLN J 38 17.85 -37.68 -14.45
N GLN J 39 18.23 -36.82 -15.37
CA GLN J 39 18.74 -37.25 -16.68
C GLN J 39 20.08 -36.57 -16.91
N LYS J 40 21.11 -37.39 -16.96
CA LYS J 40 22.46 -36.90 -17.32
C LYS J 40 22.54 -36.83 -18.84
N PRO J 41 23.35 -35.90 -19.38
CA PRO J 41 23.40 -35.71 -20.83
C PRO J 41 23.73 -37.00 -21.57
N GLY J 42 22.94 -37.25 -22.61
CA GLY J 42 23.07 -38.44 -23.47
C GLY J 42 22.56 -39.72 -22.85
N LYS J 43 21.99 -39.67 -21.65
CA LYS J 43 21.56 -40.88 -20.94
C LYS J 43 20.05 -40.83 -20.70
N ALA J 44 19.49 -41.98 -20.41
CA ALA J 44 18.05 -42.12 -20.12
C ALA J 44 17.80 -41.52 -18.75
N PRO J 45 16.56 -41.02 -18.51
CA PRO J 45 16.21 -40.57 -17.16
C PRO J 45 16.34 -41.73 -16.17
N LYS J 46 16.57 -41.36 -14.92
CA LYS J 46 16.66 -42.30 -13.81
C LYS J 46 15.70 -41.83 -12.72
N LEU J 47 14.87 -42.76 -12.27
CA LEU J 47 13.92 -42.43 -11.18
C LEU J 47 14.68 -42.23 -9.88
N LEU J 48 14.49 -41.07 -9.26
CA LEU J 48 15.10 -40.71 -7.97
C LEU J 48 14.08 -40.87 -6.82
N ILE J 49 12.92 -40.25 -6.96
CA ILE J 49 11.92 -40.24 -5.85
C ILE J 49 10.57 -40.64 -6.43
N SER J 50 9.88 -41.50 -5.71
CA SER J 50 8.48 -41.84 -6.01
C SER J 50 7.59 -41.29 -4.89
N ALA J 51 6.35 -40.98 -5.26
CA ALA J 51 5.29 -40.66 -4.28
C ALA J 51 5.74 -39.50 -3.38
N THR J 52 6.25 -38.44 -4.01
CA THR J 52 6.66 -37.18 -3.37
C THR J 52 7.98 -37.31 -2.61
N SER J 53 8.16 -38.34 -1.81
CA SER J 53 9.27 -38.37 -0.84
C SER J 53 9.93 -39.73 -0.68
N ASP J 54 9.55 -40.76 -1.44
CA ASP J 54 10.16 -42.11 -1.29
C ASP J 54 11.41 -42.22 -2.17
N LEU J 55 12.57 -42.30 -1.54
CA LEU J 55 13.85 -42.38 -2.27
C LEU J 55 14.01 -43.75 -2.92
N GLN J 56 14.39 -43.77 -4.18
CA GLN J 56 14.75 -45.03 -4.85
C GLN J 56 15.98 -45.62 -4.16
N SER J 57 15.98 -46.94 -4.07
CA SER J 57 17.16 -47.68 -3.54
C SER J 57 18.36 -47.39 -4.43
N GLY J 58 19.49 -47.06 -3.81
CA GLY J 58 20.68 -46.69 -4.58
C GLY J 58 20.83 -45.19 -4.79
N VAL J 59 19.77 -44.42 -4.61
CA VAL J 59 19.88 -42.95 -4.77
C VAL J 59 20.53 -42.40 -3.52
N PRO J 60 21.60 -41.59 -3.65
CA PRO J 60 22.27 -41.04 -2.48
C PRO J 60 21.31 -40.24 -1.59
N SER J 61 21.50 -40.37 -0.29
CA SER J 61 20.55 -39.81 0.70
C SER J 61 20.55 -38.29 0.71
N ARG J 62 21.35 -37.63 -0.11
CA ARG J 62 21.32 -36.14 -0.16
C ARG J 62 20.12 -35.63 -0.95
N PHE J 63 19.44 -36.49 -1.69
CA PHE J 63 18.17 -36.09 -2.36
C PHE J 63 17.00 -36.30 -1.40
N SER J 64 16.04 -35.40 -1.45
CA SER J 64 14.79 -35.55 -0.69
C SER J 64 13.71 -34.77 -1.43
N GLY J 65 12.47 -35.20 -1.23
CA GLY J 65 11.34 -34.50 -1.84
C GLY J 65 10.27 -34.23 -0.82
N SER J 66 9.46 -33.23 -1.12
CA SER J 66 8.39 -32.80 -0.21
C SER J 66 7.34 -32.08 -1.03
N GLY J 67 6.18 -31.88 -0.42
CA GLY J 67 5.14 -31.06 -1.03
C GLY J 67 3.77 -31.68 -0.92
N SER J 68 2.77 -31.03 -1.50
CA SER J 68 1.41 -31.60 -1.46
C SER J 68 0.58 -30.94 -2.55
N GLY J 69 -0.36 -31.71 -3.06
CA GLY J 69 -1.45 -31.15 -3.89
C GLY J 69 -0.95 -30.47 -5.13
N THR J 70 -0.50 -29.23 -5.01
CA THR J 70 -0.11 -28.45 -6.21
C THR J 70 1.34 -27.98 -6.20
N ASP J 71 2.05 -28.06 -5.08
CA ASP J 71 3.42 -27.50 -4.99
C ASP J 71 4.35 -28.54 -4.37
N PHE J 72 5.48 -28.76 -5.03
CA PHE J 72 6.42 -29.82 -4.62
C PHE J 72 7.84 -29.29 -4.74
N THR J 73 8.75 -29.94 -4.01
CA THR J 73 10.15 -29.51 -3.99
C THR J 73 11.08 -30.72 -3.97
N LEU J 74 12.10 -30.69 -4.81
CA LEU J 74 13.24 -31.61 -4.73
C LEU J 74 14.40 -30.86 -4.11
N THR J 75 15.03 -31.47 -3.12
CA THR J 75 16.16 -30.83 -2.41
C THR J 75 17.40 -31.72 -2.50
N ILE J 76 18.50 -31.11 -2.91
CA ILE J 76 19.85 -31.73 -2.80
C ILE J 76 20.57 -30.99 -1.68
N SER J 77 20.97 -31.72 -0.65
CA SER J 77 21.49 -31.09 0.59
C SER J 77 22.87 -30.48 0.32
N SER J 78 23.75 -31.21 -0.33
CA SER J 78 25.11 -30.74 -0.65
C SER J 78 25.49 -31.29 -2.02
N LEU J 79 25.60 -30.42 -3.01
CA LEU J 79 25.87 -30.85 -4.40
C LEU J 79 27.18 -31.64 -4.47
N GLN J 80 27.14 -32.70 -5.24
CA GLN J 80 28.34 -33.46 -5.64
C GLN J 80 28.57 -33.26 -7.13
N PRO J 81 29.81 -33.45 -7.62
CA PRO J 81 30.06 -33.31 -9.05
C PRO J 81 29.14 -34.14 -9.95
N GLU J 82 28.78 -35.34 -9.52
CA GLU J 82 27.94 -36.24 -10.33
C GLU J 82 26.47 -35.80 -10.36
N ASP J 83 26.09 -34.72 -9.69
CA ASP J 83 24.67 -34.29 -9.63
C ASP J 83 24.32 -33.31 -10.75
N PHE J 84 25.28 -32.87 -11.56
CA PHE J 84 24.96 -31.99 -12.69
C PHE J 84 24.13 -32.76 -13.71
N ALA J 85 22.92 -32.28 -13.95
CA ALA J 85 21.94 -33.03 -14.78
C ALA J 85 20.71 -32.17 -14.95
N THR J 86 19.80 -32.63 -15.79
CA THR J 86 18.45 -32.05 -15.89
C THR J 86 17.52 -32.90 -15.03
N TYR J 87 16.71 -32.23 -14.22
CA TYR J 87 15.80 -32.89 -13.26
C TYR J 87 14.38 -32.66 -13.75
N TYR J 88 13.60 -33.74 -13.78
CA TYR J 88 12.20 -33.69 -14.26
C TYR J 88 11.27 -34.17 -13.14
N CYS J 89 10.24 -33.38 -12.87
CA CYS J 89 9.10 -33.89 -12.09
C CYS J 89 8.11 -34.56 -13.04
N GLN J 90 7.27 -35.41 -12.48
CA GLN J 90 6.28 -36.17 -13.27
C GLN J 90 5.10 -36.45 -12.35
N GLN J 91 3.91 -36.03 -12.76
CA GLN J 91 2.68 -36.42 -12.04
C GLN J 91 2.28 -37.83 -12.48
N SER J 92 1.92 -38.65 -11.49
CA SER J 92 1.44 -40.03 -11.69
C SER J 92 -0.03 -40.14 -11.29
N TYR J 93 -0.67 -39.02 -11.05
CA TYR J 93 -2.07 -39.00 -10.55
C TYR J 93 -3.02 -39.49 -11.62
N SER J 94 -2.80 -39.09 -12.87
CA SER J 94 -3.80 -39.31 -13.94
C SER J 94 -3.09 -39.49 -15.27
N THR J 95 -3.55 -40.44 -16.08
CA THR J 95 -3.06 -40.46 -17.47
C THR J 95 -3.79 -39.41 -18.29
N PRO J 96 -3.13 -38.81 -19.30
CA PRO J 96 -1.75 -39.06 -19.73
C PRO J 96 -0.73 -38.53 -18.71
N TYR J 97 0.21 -39.38 -18.33
CA TYR J 97 1.30 -38.96 -17.44
C TYR J 97 2.04 -37.81 -18.14
N THR J 98 2.38 -36.82 -17.35
CA THR J 98 2.96 -35.57 -17.89
C THR J 98 4.18 -35.22 -17.05
N PHE J 99 5.19 -34.71 -17.73
CA PHE J 99 6.43 -34.25 -17.09
C PHE J 99 6.51 -32.73 -17.13
N GLY J 100 7.18 -32.18 -16.14
CA GLY J 100 7.62 -30.79 -16.24
C GLY J 100 8.64 -30.60 -17.35
N GLN J 101 8.99 -29.35 -17.59
CA GLN J 101 9.88 -28.99 -18.72
C GLN J 101 11.34 -29.25 -18.35
N GLY J 102 11.65 -29.55 -17.11
CA GLY J 102 13.02 -29.88 -16.69
C GLY J 102 13.76 -28.66 -16.15
N THR J 103 14.68 -28.91 -15.24
CA THR J 103 15.57 -27.86 -14.70
C THR J 103 16.99 -28.32 -14.94
N LYS J 104 17.72 -27.59 -15.77
CA LYS J 104 19.12 -27.93 -16.08
C LYS J 104 19.98 -27.43 -14.92
N LEU J 105 20.60 -28.35 -14.22
CA LEU J 105 21.48 -28.01 -13.08
C LEU J 105 22.92 -28.05 -13.59
N GLU J 106 23.52 -26.86 -13.70
CA GLU J 106 24.91 -26.70 -14.19
C GLU J 106 25.81 -26.36 -13.00
N ILE J 107 26.88 -27.12 -12.85
CA ILE J 107 27.77 -27.01 -11.67
C ILE J 107 29.00 -26.23 -12.12
N LYS J 108 29.10 -24.99 -11.67
CA LYS J 108 30.24 -24.10 -12.01
C LYS J 108 31.49 -24.52 -11.21
N GLN J 124 18.61 -57.67 -12.24
CA GLN J 124 18.32 -56.31 -12.79
C GLN J 124 17.67 -56.46 -14.16
N VAL J 125 16.54 -55.80 -14.33
CA VAL J 125 15.82 -55.83 -15.63
C VAL J 125 16.58 -54.97 -16.63
N GLN J 126 16.59 -55.40 -17.88
CA GLN J 126 17.27 -54.66 -18.96
C GLN J 126 16.28 -54.48 -20.12
N LEU J 127 16.15 -53.25 -20.58
CA LEU J 127 15.28 -52.92 -21.73
C LEU J 127 16.16 -52.44 -22.88
N GLN J 128 15.82 -52.87 -24.10
CA GLN J 128 16.62 -52.44 -25.26
C GLN J 128 15.69 -52.09 -26.42
N GLU J 129 15.76 -50.85 -26.86
CA GLU J 129 14.99 -50.36 -28.01
C GLU J 129 15.74 -50.69 -29.29
N SER J 130 14.98 -50.97 -30.33
CA SER J 130 15.60 -51.13 -31.66
C SER J 130 14.56 -50.81 -32.72
N GLY J 131 15.03 -50.35 -33.85
CA GLY J 131 14.21 -50.13 -35.03
C GLY J 131 14.88 -49.16 -35.96
N PRO J 132 14.26 -48.94 -37.14
CA PRO J 132 14.86 -48.08 -38.15
C PRO J 132 15.06 -46.66 -37.61
N GLY J 133 16.24 -46.13 -37.90
CA GLY J 133 16.63 -44.78 -37.45
C GLY J 133 16.07 -43.68 -38.35
N LEU J 134 15.58 -44.04 -39.53
CA LEU J 134 15.07 -43.07 -40.51
C LEU J 134 13.67 -43.47 -40.92
N VAL J 135 12.77 -42.49 -40.97
CA VAL J 135 11.38 -42.71 -41.47
C VAL J 135 11.07 -41.56 -42.42
N LYS J 136 10.43 -41.88 -43.53
CA LYS J 136 10.02 -40.80 -44.47
C LYS J 136 8.78 -40.11 -43.92
N PRO J 137 8.61 -38.80 -44.18
CA PRO J 137 7.37 -38.12 -43.80
C PRO J 137 6.14 -38.86 -44.35
N SER J 138 5.11 -38.95 -43.50
CA SER J 138 3.85 -39.71 -43.74
C SER J 138 4.06 -41.21 -43.51
N GLY J 139 5.30 -41.64 -43.37
CA GLY J 139 5.54 -43.07 -43.11
C GLY J 139 5.16 -43.44 -41.68
N THR J 140 5.49 -44.68 -41.35
CA THR J 140 5.17 -45.26 -40.05
C THR J 140 6.48 -45.55 -39.31
N LEU J 141 6.60 -45.01 -38.12
CA LEU J 141 7.72 -45.33 -37.23
C LEU J 141 7.40 -46.63 -36.50
N SER J 142 8.39 -47.49 -36.39
CA SER J 142 8.21 -48.81 -35.76
C SER J 142 9.42 -49.09 -34.88
N LEU J 143 9.17 -49.42 -33.62
CA LEU J 143 10.24 -49.74 -32.66
C LEU J 143 9.85 -50.96 -31.83
N THR J 144 10.86 -51.64 -31.33
CA THR J 144 10.70 -52.80 -30.44
C THR J 144 11.52 -52.58 -29.18
N CYS J 145 10.96 -53.06 -28.07
CA CYS J 145 11.66 -53.04 -26.76
C CYS J 145 11.78 -54.49 -26.30
N ALA J 146 12.99 -55.02 -26.29
CA ALA J 146 13.23 -56.41 -25.85
C ALA J 146 13.48 -56.35 -24.35
N VAL J 147 12.80 -57.22 -23.62
CA VAL J 147 12.92 -57.22 -22.15
C VAL J 147 13.77 -58.45 -21.78
N SER J 148 14.81 -58.22 -21.00
CA SER J 148 15.69 -59.29 -20.47
C SER J 148 15.77 -59.17 -18.96
N GLY J 149 15.95 -60.32 -18.31
CA GLY J 149 16.10 -60.38 -16.84
C GLY J 149 14.79 -60.22 -16.10
N ASP J 150 13.66 -60.39 -16.78
CA ASP J 150 12.29 -60.21 -16.24
C ASP J 150 11.33 -60.64 -17.34
N SER J 151 10.18 -61.12 -16.93
CA SER J 151 9.16 -61.56 -17.90
C SER J 151 8.28 -60.37 -18.27
N ILE J 152 7.81 -60.36 -19.51
CA ILE J 152 6.74 -59.44 -19.94
C ILE J 152 5.52 -59.63 -19.04
N SER J 153 5.26 -60.86 -18.60
CA SER J 153 4.03 -61.18 -17.83
C SER J 153 4.11 -60.73 -16.38
N SER J 154 5.03 -59.86 -16.01
CA SER J 154 5.05 -59.23 -14.67
C SER J 154 3.88 -58.27 -14.51
N SER J 155 3.60 -57.92 -13.26
CA SER J 155 2.47 -57.02 -12.94
C SER J 155 2.91 -55.55 -13.03
N ASN J 156 3.23 -55.11 -14.24
CA ASN J 156 3.51 -53.68 -14.49
C ASN J 156 3.14 -53.32 -15.93
N TRP J 157 3.16 -52.02 -16.19
CA TRP J 157 2.96 -51.49 -17.55
C TRP J 157 4.30 -51.40 -18.26
N TRP J 158 4.24 -51.48 -19.57
CA TRP J 158 5.41 -51.36 -20.48
C TRP J 158 5.19 -50.12 -21.35
N SER J 159 5.99 -49.08 -21.11
CA SER J 159 5.75 -47.70 -21.58
C SER J 159 6.69 -47.32 -22.71
N TRP J 160 6.22 -46.38 -23.52
CA TRP J 160 7.04 -45.62 -24.48
C TRP J 160 6.99 -44.16 -24.08
N VAL J 161 8.15 -43.52 -24.09
CA VAL J 161 8.35 -42.09 -23.76
C VAL J 161 9.34 -41.52 -24.78
N ARG J 162 9.09 -40.31 -25.25
CA ARG J 162 10.03 -39.75 -26.25
C ARG J 162 10.50 -38.37 -25.82
N GLN J 163 11.66 -37.99 -26.35
CA GLN J 163 12.29 -36.70 -26.02
C GLN J 163 12.77 -36.04 -27.29
N PRO J 164 12.05 -35.03 -27.81
CA PRO J 164 12.49 -34.34 -29.02
C PRO J 164 13.78 -33.57 -28.74
N PRO J 165 14.57 -33.22 -29.79
CA PRO J 165 15.80 -32.47 -29.58
C PRO J 165 15.61 -31.18 -28.78
N GLY J 166 16.35 -31.08 -27.67
CA GLY J 166 16.27 -29.90 -26.80
C GLY J 166 14.92 -29.74 -26.13
N LYS J 167 14.15 -30.82 -26.00
CA LYS J 167 12.81 -30.70 -25.40
C LYS J 167 12.72 -31.66 -24.21
N GLY J 168 11.59 -31.59 -23.53
CA GLY J 168 11.34 -32.45 -22.36
C GLY J 168 10.78 -33.80 -22.78
N LEU J 169 10.07 -34.42 -21.86
CA LEU J 169 9.64 -35.83 -22.04
C LEU J 169 8.15 -35.88 -22.30
N GLU J 170 7.75 -36.81 -23.16
CA GLU J 170 6.35 -36.98 -23.58
C GLU J 170 5.99 -38.45 -23.45
N TRP J 171 5.05 -38.74 -22.58
CA TRP J 171 4.53 -40.12 -22.47
C TRP J 171 3.68 -40.44 -23.65
N ILE J 172 4.02 -41.52 -24.36
CA ILE J 172 3.23 -41.94 -25.55
C ILE J 172 2.08 -42.86 -25.14
N GLY J 173 2.37 -43.83 -24.30
CA GLY J 173 1.41 -44.87 -23.96
C GLY J 173 2.10 -46.04 -23.31
N GLU J 174 1.31 -47.04 -22.97
CA GLU J 174 1.75 -48.21 -22.17
C GLU J 174 0.88 -49.40 -22.55
N ILE J 175 1.39 -50.59 -22.30
CA ILE J 175 0.68 -51.85 -22.55
C ILE J 175 0.91 -52.79 -21.38
N TYR J 176 -0.08 -53.64 -21.15
CA TYR J 176 -0.03 -54.68 -20.11
C TYR J 176 0.17 -56.02 -20.79
N HIS J 177 0.69 -57.00 -20.07
CA HIS J 177 1.06 -58.28 -20.72
C HIS J 177 -0.18 -58.91 -21.37
N SER J 178 -1.35 -58.70 -20.77
CA SER J 178 -2.60 -59.28 -21.29
C SER J 178 -3.13 -58.52 -22.51
N GLY J 179 -2.53 -57.39 -22.87
CA GLY J 179 -2.84 -56.73 -24.16
C GLY J 179 -3.53 -55.39 -24.03
N GLY J 180 -4.06 -55.04 -22.87
CA GLY J 180 -4.72 -53.74 -22.66
C GLY J 180 -3.74 -52.59 -22.84
N THR J 181 -4.19 -51.49 -23.44
CA THR J 181 -3.33 -50.33 -23.70
C THR J 181 -3.91 -49.05 -23.10
N LYS J 182 -3.03 -48.09 -22.84
CA LYS J 182 -3.42 -46.71 -22.51
C LYS J 182 -2.58 -45.79 -23.40
N TYR J 183 -3.22 -44.95 -24.19
CA TYR J 183 -2.51 -44.03 -25.10
C TYR J 183 -2.72 -42.59 -24.68
N ASN J 184 -1.71 -41.76 -24.94
CA ASN J 184 -1.85 -40.29 -24.83
C ASN J 184 -2.94 -39.84 -25.80
N PRO J 185 -3.95 -39.07 -25.33
CA PRO J 185 -4.99 -38.60 -26.23
C PRO J 185 -4.49 -37.75 -27.40
N SER J 186 -3.30 -37.15 -27.27
CA SER J 186 -2.74 -36.37 -28.39
C SER J 186 -2.22 -37.26 -29.52
N LEU J 187 -2.00 -38.55 -29.28
CA LEU J 187 -1.43 -39.47 -30.31
C LEU J 187 -2.36 -40.64 -30.59
N LYS J 188 -3.52 -40.70 -29.93
CA LYS J 188 -4.36 -41.92 -29.94
C LYS J 188 -4.75 -42.31 -31.37
N SER J 189 -5.06 -41.35 -32.23
CA SER J 189 -5.47 -41.69 -33.61
C SER J 189 -4.35 -42.36 -34.40
N ARG J 190 -3.09 -42.21 -34.02
CA ARG J 190 -2.03 -42.72 -34.93
C ARG J 190 -1.04 -43.66 -34.26
N VAL J 191 -1.29 -44.07 -33.03
CA VAL J 191 -0.35 -44.96 -32.29
C VAL J 191 -0.93 -46.36 -32.21
N THR J 192 -0.02 -47.33 -32.20
CA THR J 192 -0.37 -48.69 -31.75
C THR J 192 0.78 -49.18 -30.88
N ILE J 193 0.44 -49.72 -29.72
CA ILE J 193 1.42 -50.45 -28.90
C ILE J 193 0.96 -51.88 -28.83
N SER J 194 1.89 -52.79 -29.02
CA SER J 194 1.59 -54.23 -29.05
C SER J 194 2.55 -54.94 -28.10
N VAL J 195 2.23 -56.18 -27.80
CA VAL J 195 3.07 -56.99 -26.89
C VAL J 195 3.14 -58.41 -27.45
N ASP J 196 4.27 -59.07 -27.21
CA ASP J 196 4.49 -60.45 -27.70
C ASP J 196 5.16 -61.24 -26.59
N LYS J 197 4.39 -62.02 -25.87
CA LYS J 197 4.94 -62.76 -24.71
C LYS J 197 5.97 -63.80 -25.17
N SER J 198 5.78 -64.38 -26.36
CA SER J 198 6.65 -65.49 -26.80
C SER J 198 8.02 -64.96 -27.21
N LYS J 199 8.13 -63.67 -27.51
CA LYS J 199 9.42 -63.02 -27.81
C LYS J 199 9.85 -62.11 -26.66
N ASN J 200 9.08 -62.06 -25.57
CA ASN J 200 9.37 -61.19 -24.41
C ASN J 200 9.72 -59.78 -24.86
N HIS J 201 8.94 -59.23 -25.78
CA HIS J 201 9.13 -57.82 -26.17
C HIS J 201 7.78 -57.12 -26.36
N PHE J 202 7.85 -55.81 -26.45
CA PHE J 202 6.65 -55.00 -26.77
C PHE J 202 7.07 -53.94 -27.77
N SER J 203 6.10 -53.38 -28.48
CA SER J 203 6.41 -52.65 -29.73
C SER J 203 5.59 -51.36 -29.80
N LEU J 204 6.09 -50.46 -30.61
CA LEU J 204 5.48 -49.14 -30.87
C LEU J 204 5.35 -48.96 -32.36
N LYS J 205 4.18 -48.49 -32.78
CA LYS J 205 3.96 -48.03 -34.18
C LYS J 205 3.35 -46.64 -34.11
N LEU J 206 3.93 -45.72 -34.86
CA LEU J 206 3.40 -44.35 -34.97
C LEU J 206 3.24 -44.04 -36.44
N ARG J 207 2.02 -43.73 -36.84
CA ARG J 207 1.64 -43.53 -38.25
C ARG J 207 1.70 -42.07 -38.62
N SER J 208 1.81 -41.82 -39.93
CA SER J 208 1.76 -40.47 -40.53
C SER J 208 2.74 -39.52 -39.84
N VAL J 209 4.01 -39.91 -39.82
CA VAL J 209 4.99 -39.10 -39.07
C VAL J 209 5.21 -37.77 -39.78
N THR J 210 5.55 -36.78 -38.98
CA THR J 210 6.02 -35.48 -39.47
C THR J 210 7.34 -35.19 -38.77
N ALA J 211 7.90 -34.02 -39.06
CA ALA J 211 9.15 -33.58 -38.43
C ALA J 211 9.01 -33.49 -36.92
N ALA J 212 7.82 -33.30 -36.39
CA ALA J 212 7.67 -33.24 -34.92
C ALA J 212 7.98 -34.60 -34.28
N ASP J 213 8.06 -35.67 -35.06
CA ASP J 213 8.29 -37.01 -34.47
C ASP J 213 9.79 -37.34 -34.34
N THR J 214 10.66 -36.48 -34.83
CA THR J 214 12.11 -36.69 -34.65
C THR J 214 12.42 -36.58 -33.17
N ALA J 215 13.00 -37.63 -32.60
CA ALA J 215 13.16 -37.64 -31.14
C ALA J 215 13.97 -38.84 -30.74
N VAL J 216 14.43 -38.81 -29.51
CA VAL J 216 14.89 -40.05 -28.84
C VAL J 216 13.67 -40.75 -28.25
N TYR J 217 13.50 -42.03 -28.57
CA TYR J 217 12.40 -42.86 -28.06
C TYR J 217 12.94 -43.80 -26.99
N TYR J 218 12.31 -43.79 -25.83
CA TYR J 218 12.68 -44.67 -24.72
C TYR J 218 11.55 -45.66 -24.47
N CYS J 219 11.91 -46.90 -24.14
CA CYS J 219 10.92 -47.77 -23.49
C CYS J 219 11.24 -47.85 -22.01
N ALA J 220 10.25 -48.20 -21.22
CA ALA J 220 10.43 -48.16 -19.75
C ALA J 220 9.41 -49.08 -19.10
N ARG J 221 9.75 -49.53 -17.90
CA ARG J 221 8.84 -50.25 -17.00
C ARG J 221 8.12 -49.21 -16.13
N ASN J 222 6.81 -49.18 -16.20
CA ASN J 222 6.00 -48.32 -15.32
C ASN J 222 5.36 -49.24 -14.29
N ARG J 223 5.92 -49.26 -13.09
CA ARG J 223 5.45 -50.22 -12.07
C ARG J 223 4.97 -49.44 -10.87
N TRP J 224 4.14 -50.11 -10.07
CA TRP J 224 3.57 -49.43 -8.90
C TRP J 224 4.37 -49.82 -7.66
N PHE J 225 4.26 -48.98 -6.65
CA PHE J 225 5.06 -49.08 -5.42
C PHE J 225 4.13 -49.43 -4.24
N ASP J 226 4.52 -50.46 -3.51
CA ASP J 226 3.81 -50.91 -2.28
C ASP J 226 4.27 -50.02 -1.12
N ASN J 227 3.68 -48.85 -1.03
CA ASN J 227 4.14 -47.87 -0.02
C ASN J 227 3.11 -47.70 1.11
N ASN J 228 2.06 -48.51 1.12
CA ASN J 228 1.03 -48.53 2.20
C ASN J 228 0.24 -47.22 2.31
N ARG J 229 0.27 -46.37 1.30
CA ARG J 229 -0.46 -45.09 1.38
C ARG J 229 -1.95 -45.28 1.08
N GLY J 230 -2.30 -46.31 0.31
CA GLY J 230 -3.71 -46.59 0.00
C GLY J 230 -4.19 -45.76 -1.18
N GLY J 231 -5.35 -46.12 -1.67
CA GLY J 231 -5.95 -45.40 -2.79
C GLY J 231 -5.31 -45.83 -4.10
N TYR J 232 -5.37 -44.97 -5.08
CA TYR J 232 -4.87 -45.30 -6.45
C TYR J 232 -3.42 -45.79 -6.37
N TYR J 233 -3.10 -46.79 -7.16
CA TYR J 233 -1.72 -47.28 -7.30
C TYR J 233 -0.79 -46.08 -7.57
N TYR J 234 0.37 -46.15 -6.95
CA TYR J 234 1.46 -45.17 -7.19
C TYR J 234 2.43 -45.73 -8.21
N TYR J 235 2.46 -45.16 -9.40
CA TYR J 235 3.37 -45.67 -10.45
C TYR J 235 4.60 -44.78 -10.62
N GLY J 236 5.69 -45.41 -11.07
CA GLY J 236 6.92 -44.71 -11.43
C GLY J 236 7.71 -45.52 -12.46
N MET J 237 8.38 -44.84 -13.38
CA MET J 237 9.19 -45.53 -14.41
C MET J 237 10.59 -45.78 -13.85
N ASP J 238 10.80 -46.98 -13.34
CA ASP J 238 12.03 -47.25 -12.57
C ASP J 238 13.13 -47.86 -13.43
N VAL J 239 12.78 -48.49 -14.55
CA VAL J 239 13.76 -49.07 -15.48
C VAL J 239 13.51 -48.47 -16.86
N TRP J 240 14.57 -47.97 -17.48
CA TRP J 240 14.53 -47.37 -18.82
C TRP J 240 15.46 -48.10 -19.79
N GLY J 241 15.11 -48.07 -21.06
CA GLY J 241 16.05 -48.49 -22.11
C GLY J 241 17.09 -47.43 -22.35
N GLN J 242 18.07 -47.73 -23.19
CA GLN J 242 19.12 -46.73 -23.47
C GLN J 242 18.59 -45.59 -24.34
N GLY J 243 17.51 -45.82 -25.08
CA GLY J 243 16.99 -44.80 -25.99
C GLY J 243 17.44 -45.05 -27.42
N THR J 244 16.60 -44.76 -28.38
CA THR J 244 17.02 -44.85 -29.81
C THR J 244 16.51 -43.61 -30.54
N THR J 245 17.36 -43.04 -31.38
CA THR J 245 16.98 -41.85 -32.16
C THR J 245 16.24 -42.28 -33.43
N VAL J 246 15.18 -41.55 -33.75
CA VAL J 246 14.47 -41.74 -35.03
C VAL J 246 14.39 -40.36 -35.66
N THR J 247 14.80 -40.26 -36.93
CA THR J 247 14.79 -38.98 -37.65
C THR J 247 13.84 -39.11 -38.83
N VAL J 248 12.98 -38.12 -38.99
CA VAL J 248 12.08 -38.05 -40.17
C VAL J 248 12.85 -37.31 -41.26
N SER J 249 13.03 -37.97 -42.39
CA SER J 249 13.74 -37.35 -43.54
C SER J 249 13.21 -37.94 -44.83
N SER J 250 13.15 -37.13 -45.86
CA SER J 250 12.67 -37.59 -47.19
C SER J 250 13.73 -38.35 -47.98
N LEU J 251 15.00 -38.34 -47.55
CA LEU J 251 16.09 -38.94 -48.34
C LEU J 251 16.42 -40.35 -47.85
N VAL J 252 16.61 -41.25 -48.79
CA VAL J 252 16.87 -42.70 -48.48
C VAL J 252 18.34 -42.96 -48.77
N PRO J 253 19.08 -43.60 -47.84
CA PRO J 253 20.48 -43.98 -48.10
C PRO J 253 20.56 -45.17 -49.08
N HIS K 3 24.86 88.39 -0.81
CA HIS K 3 24.09 88.22 -2.07
C HIS K 3 25.04 88.00 -3.23
N MET K 4 24.90 86.89 -3.94
CA MET K 4 25.76 86.72 -5.14
C MET K 4 25.23 87.57 -6.30
N GLY K 5 23.90 87.71 -6.45
CA GLY K 5 23.32 88.36 -7.65
C GLY K 5 22.77 89.75 -7.35
N GLY K 6 22.17 89.97 -6.19
CA GLY K 6 21.53 91.26 -5.87
C GLY K 6 22.58 92.33 -5.53
N VAL K 7 23.87 92.04 -5.69
CA VAL K 7 24.94 92.99 -5.28
C VAL K 7 26.01 93.06 -6.36
N GLU K 8 26.77 94.14 -6.30
CA GLU K 8 28.01 94.30 -7.10
C GLU K 8 29.17 93.81 -6.23
N VAL K 9 29.93 92.86 -6.73
CA VAL K 9 30.99 92.21 -5.93
C VAL K 9 32.32 92.83 -6.33
N LEU K 10 32.95 93.53 -5.39
CA LEU K 10 34.17 94.33 -5.67
C LEU K 10 35.39 93.64 -5.09
N GLU K 11 36.36 94.42 -4.61
CA GLU K 11 37.70 93.87 -4.29
C GLU K 11 37.69 93.21 -2.91
N VAL K 12 38.61 92.27 -2.76
CA VAL K 12 38.90 91.65 -1.44
C VAL K 12 39.73 92.61 -0.60
N LYS K 13 39.38 92.72 0.68
CA LYS K 13 40.19 93.49 1.64
C LYS K 13 41.42 92.70 2.06
N THR K 14 42.53 93.40 2.20
CA THR K 14 43.76 92.82 2.78
C THR K 14 44.03 93.48 4.13
N GLY K 15 45.08 93.02 4.78
CA GLY K 15 45.36 93.44 6.16
C GLY K 15 45.21 92.30 7.13
N VAL K 16 45.75 92.49 8.32
CA VAL K 16 45.87 91.37 9.31
C VAL K 16 44.47 90.94 9.73
N ASP K 17 43.58 91.89 10.00
CA ASP K 17 42.23 91.57 10.54
C ASP K 17 41.22 91.25 9.44
N SER K 18 41.66 90.96 8.23
CA SER K 18 40.75 90.79 7.07
C SER K 18 40.33 89.33 6.87
N ILE K 19 40.79 88.40 7.71
CA ILE K 19 40.45 86.96 7.58
C ILE K 19 39.93 86.46 8.92
N THR K 20 39.12 85.40 8.84
CA THR K 20 38.63 84.73 10.06
C THR K 20 38.35 83.27 9.71
N GLU K 21 38.09 82.50 10.76
CA GLU K 21 38.00 81.02 10.71
C GLU K 21 36.79 80.59 11.53
N VAL K 22 36.01 79.67 10.98
CA VAL K 22 34.89 79.02 11.71
C VAL K 22 35.22 77.53 11.80
N GLU K 23 35.00 76.97 12.98
CA GLU K 23 35.26 75.55 13.21
C GLU K 23 34.11 75.00 14.06
N CYS K 24 33.49 73.92 13.62
CA CYS K 24 32.40 73.35 14.43
C CYS K 24 32.06 71.92 14.01
N PHE K 25 31.23 71.28 14.84
CA PHE K 25 30.65 69.95 14.56
C PHE K 25 29.14 70.11 14.34
N LEU K 26 28.61 69.40 13.36
CA LEU K 26 27.14 69.23 13.26
C LEU K 26 26.81 67.81 13.64
N THR K 27 25.97 67.65 14.64
CA THR K 27 25.61 66.27 15.04
C THR K 27 24.51 65.76 14.12
N PRO K 28 24.41 64.43 13.96
CA PRO K 28 23.38 63.89 13.08
C PRO K 28 22.02 63.92 13.76
N GLU K 29 20.99 63.93 12.92
CA GLU K 29 19.60 63.84 13.41
C GLU K 29 18.92 62.68 12.71
N MET K 30 19.12 61.49 13.26
CA MET K 30 18.62 60.24 12.66
C MET K 30 17.21 59.90 13.15
N GLY K 31 16.72 60.55 14.21
CA GLY K 31 15.37 60.34 14.70
C GLY K 31 15.33 60.24 16.20
N ASP K 32 16.42 59.72 16.80
CA ASP K 32 16.65 59.68 18.26
C ASP K 32 15.41 59.17 18.97
N PRO K 33 15.11 57.87 18.85
CA PRO K 33 13.82 57.36 19.34
C PRO K 33 13.67 57.30 20.86
N ASP K 34 14.78 57.27 21.60
CA ASP K 34 14.67 57.34 23.08
C ASP K 34 15.97 57.89 23.63
N GLU K 35 16.03 57.98 24.95
CA GLU K 35 17.15 58.63 25.67
C GLU K 35 18.47 57.88 25.49
N HIS K 36 18.44 56.66 24.96
CA HIS K 36 19.68 55.87 24.80
C HIS K 36 20.15 55.82 23.36
N LEU K 37 19.41 56.41 22.42
CA LEU K 37 19.61 56.05 20.99
C LEU K 37 19.92 57.28 20.14
N ARG K 38 20.50 58.30 20.74
CA ARG K 38 21.09 59.41 19.99
C ARG K 38 22.00 58.87 18.88
N GLY K 39 21.79 59.34 17.65
CA GLY K 39 22.57 58.85 16.50
C GLY K 39 21.93 57.69 15.75
N PHE K 40 20.82 57.14 16.26
CA PHE K 40 20.09 56.04 15.62
C PHE K 40 18.67 56.50 15.29
N SER K 41 18.07 55.87 14.30
CA SER K 41 16.61 56.01 14.07
C SER K 41 15.89 54.94 14.87
N LYS K 42 14.57 55.11 14.95
CA LYS K 42 13.66 54.02 15.30
C LYS K 42 13.77 52.90 14.27
N SER K 43 13.38 51.70 14.68
CA SER K 43 13.21 50.54 13.76
C SER K 43 12.42 50.96 12.53
N ILE K 44 12.89 50.56 11.35
CA ILE K 44 12.18 50.83 10.10
C ILE K 44 10.98 49.90 9.99
N SER K 45 9.82 50.48 9.75
CA SER K 45 8.54 49.74 9.58
C SER K 45 8.04 49.94 8.14
N ILE K 46 7.56 48.89 7.51
CA ILE K 46 7.20 48.89 6.07
C ILE K 46 5.69 48.95 5.90
N SER K 47 5.18 49.95 5.19
CA SER K 47 3.74 50.06 4.95
C SER K 47 3.27 48.99 3.96
N ASP K 48 1.99 48.68 4.03
CA ASP K 48 1.40 47.61 3.22
C ASP K 48 1.03 48.10 1.82
N THR K 49 0.81 49.38 1.64
CA THR K 49 0.50 50.00 0.33
C THR K 49 1.20 51.36 0.33
N PHE K 50 1.30 51.99 -0.83
CA PHE K 50 1.76 53.40 -0.86
C PHE K 50 0.81 54.30 -0.07
N GLU K 51 -0.48 54.05 -0.16
CA GLU K 51 -1.48 54.92 0.49
CA GLU K 51 -1.51 54.91 0.49
C GLU K 51 -1.34 54.93 2.01
N SER K 52 -0.90 53.81 2.57
CA SER K 52 -0.95 53.65 4.04
C SER K 52 0.40 53.96 4.69
N ASP K 53 1.35 54.51 3.93
CA ASP K 53 2.69 54.89 4.44
C ASP K 53 2.51 56.04 5.43
N SER K 54 2.76 55.79 6.71
CA SER K 54 2.65 56.84 7.76
CA SER K 54 2.65 56.83 7.76
C SER K 54 3.84 56.68 8.70
N PRO K 55 5.06 57.05 8.25
CA PRO K 55 6.25 56.82 9.05
C PRO K 55 6.23 57.70 10.32
N ASN K 56 6.74 57.11 11.39
CA ASN K 56 6.92 57.79 12.66
C ASN K 56 8.03 58.81 12.52
N ARG K 57 7.90 59.90 13.25
CA ARG K 57 8.91 60.96 13.20
C ARG K 57 10.28 60.39 13.56
N ASP K 58 10.32 59.51 14.54
CA ASP K 58 11.61 58.99 15.04
C ASP K 58 12.28 58.04 14.05
N MET K 59 11.62 57.75 12.93
CA MET K 59 12.15 56.84 11.92
C MET K 59 12.77 57.61 10.75
N LEU K 60 12.64 58.93 10.71
CA LEU K 60 13.00 59.74 9.54
C LEU K 60 14.20 60.60 9.85
N PRO K 61 15.38 60.29 9.26
CA PRO K 61 16.52 61.20 9.37
C PRO K 61 16.20 62.57 8.76
N CYS K 62 16.71 63.62 9.39
CA CYS K 62 16.55 65.01 8.94
C CYS K 62 17.89 65.65 8.58
N TYR K 63 17.82 66.69 7.76
CA TYR K 63 19.00 67.56 7.52
C TYR K 63 19.41 68.26 8.82
N SER K 64 20.72 68.32 9.04
CA SER K 64 21.33 69.12 10.13
C SER K 64 21.70 70.48 9.56
N VAL K 65 21.57 71.51 10.40
CA VAL K 65 21.93 72.88 9.99
C VAL K 65 22.44 73.63 11.21
N ALA K 66 23.47 74.44 11.01
CA ALA K 66 23.93 75.40 12.02
C ALA K 66 24.06 76.77 11.37
N ARG K 67 23.65 77.80 12.10
CA ARG K 67 23.92 79.19 11.68
C ARG K 67 24.96 79.76 12.63
N ILE K 68 26.11 80.16 12.09
CA ILE K 68 27.28 80.60 12.89
C ILE K 68 27.39 82.11 12.75
N PRO K 69 27.17 82.89 13.81
CA PRO K 69 27.43 84.34 13.71
C PRO K 69 28.92 84.61 13.51
N LEU K 70 29.21 85.54 12.59
CA LEU K 70 30.59 85.97 12.30
C LEU K 70 30.84 87.34 12.96
N PRO K 71 32.11 87.78 13.06
CA PRO K 71 32.38 89.13 13.59
C PRO K 71 31.62 90.22 12.82
N ASN K 72 30.93 91.07 13.57
CA ASN K 72 30.07 92.10 12.95
C ASN K 72 30.93 93.04 12.11
N LEU K 73 30.45 93.30 10.90
CA LEU K 73 31.11 94.25 9.99
C LEU K 73 30.23 95.48 9.86
N ASN K 74 30.84 96.54 9.36
CA ASN K 74 30.10 97.80 9.07
C ASN K 74 29.55 98.39 10.38
N GLU K 75 28.25 98.67 10.43
CA GLU K 75 27.59 99.12 11.68
C GLU K 75 26.07 99.14 11.45
N THR K 78 24.31 97.26 7.75
CA THR K 78 23.22 97.93 7.00
C THR K 78 23.21 97.44 5.55
N CYS K 79 23.21 98.35 4.57
CA CYS K 79 23.32 98.01 3.15
C CYS K 79 24.26 99.06 2.55
N GLY K 80 24.37 99.14 1.21
CA GLY K 80 25.20 100.15 0.49
C GLY K 80 26.65 99.67 0.33
N ASN K 81 27.58 100.63 0.30
CA ASN K 81 29.00 100.27 0.07
C ASN K 81 29.54 99.61 1.35
N ILE K 82 29.58 98.30 1.33
CA ILE K 82 29.57 97.49 2.58
C ILE K 82 30.56 96.34 2.43
N LEU K 83 30.99 95.80 3.56
CA LEU K 83 31.87 94.61 3.61
C LEU K 83 31.06 93.37 4.01
N MET K 84 31.39 92.23 3.41
CA MET K 84 30.76 90.92 3.71
C MET K 84 31.85 89.88 3.89
N TRP K 85 31.61 88.94 4.80
CA TRP K 85 32.52 87.77 4.93
C TRP K 85 32.28 86.83 3.76
N GLU K 86 33.35 86.42 3.08
CA GLU K 86 33.20 85.45 1.99
C GLU K 86 33.94 84.17 2.37
N ALA K 87 33.22 83.05 2.25
CA ALA K 87 33.81 81.73 2.54
C ALA K 87 34.70 81.32 1.38
N VAL K 88 35.94 80.97 1.68
CA VAL K 88 36.96 80.67 0.64
C VAL K 88 37.28 79.20 0.60
N THR K 89 37.57 78.59 1.75
CA THR K 89 37.98 77.18 1.78
C THR K 89 37.20 76.43 2.85
N LEU K 90 37.13 75.11 2.64
CA LEU K 90 36.48 74.18 3.58
C LEU K 90 37.39 72.97 3.79
N LYS K 91 37.59 72.60 5.04
CA LYS K 91 38.01 71.25 5.43
C LYS K 91 36.82 70.57 6.12
N THR K 92 36.57 69.32 5.76
CA THR K 92 35.44 68.60 6.39
C THR K 92 35.77 67.13 6.52
N GLU K 93 35.27 66.50 7.57
CA GLU K 93 35.30 65.01 7.61
C GLU K 93 34.24 64.50 8.55
N VAL K 94 33.96 63.22 8.39
CA VAL K 94 33.01 62.51 9.28
C VAL K 94 33.76 62.16 10.54
N ILE K 95 33.11 62.31 11.68
CA ILE K 95 33.74 62.13 13.01
C ILE K 95 33.19 60.90 13.67
N GLY K 96 34.07 59.98 13.99
CA GLY K 96 33.71 58.72 14.66
C GLY K 96 33.65 57.54 13.72
N VAL K 97 34.40 57.57 12.63
CA VAL K 97 34.25 56.49 11.61
C VAL K 97 34.62 55.15 12.21
N THR K 98 35.52 55.12 13.18
CA THR K 98 35.93 53.81 13.75
C THR K 98 34.86 53.19 14.65
N SER K 99 33.90 53.96 15.10
CA SER K 99 32.80 53.40 15.93
C SER K 99 32.08 52.29 15.18
N LEU K 100 32.11 52.35 13.84
CA LEU K 100 31.48 51.29 13.02
C LEU K 100 32.24 49.95 13.12
N MET K 101 33.37 49.92 13.79
CA MET K 101 34.04 48.62 14.04
C MET K 101 33.49 47.91 15.27
N ASN K 102 32.49 48.48 15.92
CA ASN K 102 31.85 47.77 17.04
C ASN K 102 30.84 46.80 16.45
N VAL K 103 31.32 45.57 16.26
CA VAL K 103 30.49 44.45 15.76
C VAL K 103 30.21 43.50 16.92
N HIS K 104 30.25 43.99 18.15
CA HIS K 104 30.06 43.12 19.33
C HIS K 104 28.88 43.56 20.18
N SER K 105 28.15 44.61 19.81
CA SER K 105 27.12 45.16 20.73
C SER K 105 25.75 45.02 20.12
N ASN K 106 24.93 44.13 20.70
CA ASN K 106 23.48 44.06 20.41
C ASN K 106 23.28 43.70 18.94
N GLY K 107 24.24 43.05 18.33
CA GLY K 107 24.23 42.79 16.88
C GLY K 107 23.56 41.48 16.55
N GLN K 108 23.49 41.22 15.26
CA GLN K 108 23.06 39.93 14.69
C GLN K 108 24.30 39.19 14.19
N ALA K 109 24.50 37.98 14.69
CA ALA K 109 25.61 37.13 14.22
C ALA K 109 25.53 36.97 12.69
N THR K 110 26.66 37.12 12.04
CA THR K 110 26.73 36.89 10.56
C THR K 110 26.43 35.41 10.28
N HIS K 111 26.87 34.52 11.16
CA HIS K 111 26.60 33.07 11.14
C HIS K 111 26.84 32.59 12.55
N ASP K 112 26.53 31.33 12.80
CA ASP K 112 26.67 30.78 14.17
C ASP K 112 28.11 30.98 14.67
N ASN K 113 28.23 31.56 15.85
CA ASN K 113 29.48 31.85 16.56
C ASN K 113 30.32 32.92 15.83
N GLY K 114 29.76 33.60 14.84
CA GLY K 114 30.48 34.68 14.15
C GLY K 114 30.37 36.03 14.86
N ALA K 115 31.04 37.01 14.29
CA ALA K 115 30.92 38.43 14.72
C ALA K 115 29.54 38.99 14.32
N GLY K 116 29.25 40.17 14.86
CA GLY K 116 28.02 40.88 14.51
C GLY K 116 28.09 41.44 13.10
N LYS K 117 26.93 41.52 12.46
CA LYS K 117 26.83 42.19 11.16
C LYS K 117 27.06 43.68 11.36
N PRO K 118 27.97 44.31 10.58
CA PRO K 118 28.27 45.73 10.78
C PRO K 118 27.21 46.61 10.11
N VAL K 119 27.30 47.90 10.40
CA VAL K 119 26.51 48.94 9.71
C VAL K 119 26.78 48.89 8.21
N GLN K 120 25.69 48.86 7.45
CA GLN K 120 25.79 48.75 5.98
C GLN K 120 24.44 49.10 5.39
N GLY K 121 24.45 49.25 4.08
CA GLY K 121 23.23 49.64 3.36
C GLY K 121 23.27 51.10 2.95
N THR K 122 22.12 51.57 2.54
CA THR K 122 21.98 52.88 1.90
C THR K 122 22.65 53.95 2.75
N SER K 123 23.49 54.76 2.13
CA SER K 123 24.15 55.91 2.79
C SER K 123 23.86 57.20 2.04
N PHE K 124 23.81 58.31 2.77
CA PHE K 124 23.76 59.64 2.15
C PHE K 124 24.74 60.51 2.93
N HIS K 125 25.74 61.03 2.25
CA HIS K 125 26.73 61.94 2.85
C HIS K 125 26.65 63.26 2.08
N PHE K 126 26.42 64.34 2.81
CA PHE K 126 26.05 65.63 2.20
C PHE K 126 26.56 66.74 3.09
N PHE K 127 27.07 67.79 2.47
CA PHE K 127 27.49 68.97 3.27
C PHE K 127 27.38 70.21 2.40
N SER K 128 27.13 71.34 3.03
CA SER K 128 27.01 72.60 2.26
C SER K 128 27.50 73.75 3.12
N VAL K 129 27.99 74.77 2.45
CA VAL K 129 28.49 76.03 3.08
C VAL K 129 27.88 77.17 2.27
N GLY K 130 27.13 78.02 2.93
CA GLY K 130 26.48 79.14 2.24
C GLY K 130 26.44 80.38 3.09
N GLY K 131 26.17 81.49 2.42
CA GLY K 131 25.96 82.80 3.07
C GLY K 131 24.53 83.06 3.44
N GLU K 132 23.71 82.03 3.37
CA GLU K 132 22.27 82.08 3.65
C GLU K 132 21.78 80.63 3.69
N ALA K 133 20.56 80.44 4.14
CA ALA K 133 19.99 79.09 4.35
C ALA K 133 20.03 78.29 3.04
N LEU K 134 20.38 77.01 3.15
CA LEU K 134 20.27 76.09 2.00
C LEU K 134 18.84 76.11 1.45
N GLU K 135 18.72 76.26 0.14
CA GLU K 135 17.43 76.29 -0.55
C GLU K 135 17.08 74.88 -1.02
N LEU K 136 15.87 74.45 -0.72
CA LEU K 136 15.42 73.04 -0.87
C LEU K 136 14.31 72.94 -1.89
N GLN K 137 14.32 71.82 -2.60
CA GLN K 137 13.25 71.39 -3.52
C GLN K 137 12.70 70.07 -3.02
N GLY K 138 11.39 69.94 -2.98
CA GLY K 138 10.77 68.69 -2.50
C GLY K 138 10.60 67.69 -3.61
N VAL K 139 10.98 66.45 -3.34
CA VAL K 139 10.72 65.32 -4.27
C VAL K 139 10.35 64.12 -3.42
N LEU K 140 9.22 63.48 -3.73
CA LEU K 140 8.68 62.39 -2.90
C LEU K 140 8.83 61.06 -3.62
N PHE K 141 9.25 60.05 -2.88
CA PHE K 141 9.30 58.71 -3.46
C PHE K 141 7.86 58.29 -3.78
N ASN K 142 6.95 58.64 -2.87
CA ASN K 142 5.53 58.21 -2.87
C ASN K 142 4.74 59.43 -2.42
N TYR K 143 3.96 60.04 -3.31
CA TYR K 143 3.33 61.32 -2.91
C TYR K 143 2.23 61.12 -1.85
N ARG K 144 1.76 59.91 -1.63
CA ARG K 144 0.70 59.65 -0.64
C ARG K 144 1.29 59.35 0.74
N THR K 145 2.61 59.39 0.89
CA THR K 145 3.20 59.28 2.23
C THR K 145 2.57 60.35 3.13
N LYS K 146 2.17 59.96 4.32
CA LYS K 146 1.77 60.93 5.35
C LYS K 146 2.98 61.21 6.22
N TYR K 147 3.58 62.37 6.06
CA TYR K 147 4.71 62.79 6.93
C TYR K 147 4.17 63.27 8.27
N PRO K 148 4.89 62.95 9.36
CA PRO K 148 4.31 63.14 10.69
C PRO K 148 4.42 64.57 11.23
N ASP K 149 3.56 64.83 12.22
CA ASP K 149 3.63 66.12 12.96
C ASP K 149 5.05 66.33 13.49
N GLY K 150 5.49 67.56 13.42
CA GLY K 150 6.83 67.95 13.86
C GLY K 150 7.83 67.93 12.72
N THR K 151 7.50 67.37 11.56
CA THR K 151 8.41 67.49 10.40
C THR K 151 7.88 68.59 9.48
N ILE K 152 8.79 69.15 8.69
CA ILE K 152 8.42 70.09 7.63
C ILE K 152 8.64 69.38 6.31
N PHE K 153 7.56 69.19 5.55
CA PHE K 153 7.55 68.26 4.40
C PHE K 153 6.83 68.96 3.25
N PRO K 154 6.98 68.45 2.02
CA PRO K 154 6.30 69.06 0.88
C PRO K 154 4.77 68.99 1.05
N LYS K 155 4.13 70.15 1.01
CA LYS K 155 2.68 70.27 1.28
C LYS K 155 1.89 70.26 -0.03
N ASN K 156 0.62 69.90 0.09
CA ASN K 156 -0.31 69.82 -1.07
C ASN K 156 0.31 68.90 -2.12
N ALA K 157 0.88 67.79 -1.69
CA ALA K 157 1.59 66.90 -2.63
C ALA K 157 0.59 66.32 -3.64
N THR K 158 1.06 66.18 -4.88
CA THR K 158 0.30 65.57 -5.97
C THR K 158 1.15 64.45 -6.57
N VAL K 159 0.60 63.71 -7.50
CA VAL K 159 1.40 62.65 -8.15
C VAL K 159 2.59 63.29 -8.86
N GLN K 160 2.49 64.53 -9.29
CA GLN K 160 3.64 65.20 -9.93
C GLN K 160 4.79 65.41 -8.95
N SER K 161 4.51 65.48 -7.65
CA SER K 161 5.55 65.58 -6.61
C SER K 161 6.49 64.37 -6.61
N GLN K 162 6.10 63.27 -7.24
CA GLN K 162 6.97 62.09 -7.35
C GLN K 162 8.07 62.29 -8.40
N VAL K 163 8.00 63.32 -9.25
CA VAL K 163 9.10 63.57 -10.21
C VAL K 163 9.57 65.03 -10.13
N MET K 164 8.64 65.98 -10.15
CA MET K 164 9.02 67.41 -10.03
C MET K 164 7.77 68.28 -9.92
N ASN K 165 7.57 68.84 -8.74
CA ASN K 165 6.49 69.80 -8.51
C ASN K 165 7.18 71.06 -7.98
N THR K 166 7.21 72.11 -8.79
CA THR K 166 7.96 73.33 -8.40
C THR K 166 7.29 74.08 -7.27
N GLU K 167 6.11 73.66 -6.83
CA GLU K 167 5.52 74.29 -5.62
C GLU K 167 6.37 73.98 -4.39
N HIS K 168 7.07 72.84 -4.34
CA HIS K 168 7.73 72.41 -3.08
C HIS K 168 9.12 73.07 -2.94
N LYS K 169 9.12 74.31 -2.49
CA LYS K 169 10.33 75.12 -2.27
C LYS K 169 10.43 75.47 -0.80
N ALA K 170 11.59 75.30 -0.20
CA ALA K 170 11.74 75.57 1.24
C ALA K 170 13.16 76.03 1.54
N TYR K 171 13.34 76.53 2.77
CA TYR K 171 14.66 76.90 3.30
C TYR K 171 15.01 75.92 4.42
N LEU K 172 16.24 75.42 4.40
CA LEU K 172 16.70 74.58 5.53
C LEU K 172 16.96 75.53 6.71
N ASP K 173 15.91 75.82 7.46
CA ASP K 173 15.95 76.94 8.44
C ASP K 173 15.64 76.43 9.84
N LYS K 174 15.63 75.12 10.06
CA LYS K 174 15.32 74.55 11.38
C LYS K 174 15.96 73.17 11.48
N ASN K 175 16.48 72.85 12.64
CA ASN K 175 17.02 71.49 12.89
C ASN K 175 15.91 70.50 13.20
N LYS K 176 16.24 69.23 12.98
CA LYS K 176 15.36 68.08 13.32
C LYS K 176 13.97 68.28 12.72
N ALA K 177 13.90 68.83 11.52
CA ALA K 177 12.57 69.14 10.96
C ALA K 177 12.44 68.69 9.51
N TYR K 178 13.47 68.83 8.70
CA TYR K 178 13.37 68.57 7.25
C TYR K 178 13.85 67.16 6.96
N PRO K 179 12.97 66.20 6.65
CA PRO K 179 13.44 64.84 6.44
C PRO K 179 14.30 64.72 5.19
N VAL K 180 15.34 63.93 5.27
CA VAL K 180 16.27 63.77 4.12
C VAL K 180 15.50 63.24 2.91
N GLU K 181 14.59 62.29 3.09
CA GLU K 181 13.92 61.62 1.94
C GLU K 181 13.00 62.54 1.13
N CYS K 182 12.54 63.66 1.69
CA CYS K 182 11.55 64.50 0.97
C CYS K 182 12.21 65.71 0.34
N TRP K 183 13.44 66.02 0.72
CA TRP K 183 14.06 67.28 0.25
C TRP K 183 15.45 67.09 -0.34
N VAL K 184 15.75 67.88 -1.36
CA VAL K 184 17.12 67.90 -1.95
C VAL K 184 17.48 69.36 -2.16
N PRO K 185 18.78 69.72 -2.24
CA PRO K 185 19.14 71.06 -2.63
C PRO K 185 18.48 71.44 -3.97
N ASP K 186 17.91 72.62 -4.04
CA ASP K 186 17.25 73.16 -5.25
C ASP K 186 18.33 73.62 -6.22
N PRO K 187 18.56 72.90 -7.33
CA PRO K 187 19.58 73.34 -8.28
C PRO K 187 19.22 74.64 -9.04
N THR K 188 17.96 75.07 -8.98
CA THR K 188 17.57 76.36 -9.61
C THR K 188 17.92 77.53 -8.69
N ARG K 189 18.33 77.29 -7.46
CA ARG K 189 18.65 78.42 -6.58
C ARG K 189 20.05 78.14 -6.02
N ASN K 190 20.29 78.50 -4.78
CA ASN K 190 21.57 78.21 -4.10
C ASN K 190 22.74 78.87 -4.82
N GLU K 191 22.52 80.06 -5.38
CA GLU K 191 23.66 80.79 -6.01
C GLU K 191 24.71 81.14 -4.95
N ASN K 192 24.31 81.27 -3.69
CA ASN K 192 25.17 81.75 -2.60
C ASN K 192 25.57 80.62 -1.65
N THR K 193 25.58 79.39 -2.15
CA THR K 193 25.90 78.20 -1.35
C THR K 193 26.70 77.27 -2.25
N ARG K 194 27.60 76.52 -1.65
CA ARG K 194 28.25 75.39 -2.33
C ARG K 194 27.82 74.14 -1.59
N TYR K 195 27.31 73.16 -2.34
CA TYR K 195 26.79 71.90 -1.76
C TYR K 195 27.35 70.70 -2.51
N PHE K 196 27.49 69.61 -1.79
CA PHE K 196 28.12 68.36 -2.26
C PHE K 196 27.40 67.19 -1.61
N GLY K 197 26.99 66.19 -2.41
CA GLY K 197 26.32 65.04 -1.81
C GLY K 197 26.51 63.78 -2.62
N THR K 198 26.53 62.66 -1.92
CA THR K 198 26.58 61.34 -2.56
C THR K 198 25.56 60.41 -1.90
N LEU K 199 24.70 59.83 -2.70
CA LEU K 199 23.76 58.76 -2.28
C LEU K 199 24.30 57.45 -2.82
N THR K 200 24.52 56.49 -1.93
CA THR K 200 24.88 55.13 -2.35
C THR K 200 23.78 54.19 -1.85
N GLY K 201 22.97 53.69 -2.77
CA GLY K 201 21.82 52.86 -2.42
C GLY K 201 22.24 51.45 -2.09
N GLY K 202 21.28 50.56 -1.97
CA GLY K 202 21.54 49.12 -1.80
C GLY K 202 21.60 48.66 -0.36
N GLU K 203 21.02 47.51 -0.05
CA GLU K 203 20.91 47.11 1.37
C GLU K 203 22.19 46.45 1.87
N ASN K 204 23.12 46.10 0.98
CA ASN K 204 24.39 45.46 1.45
C ASN K 204 25.61 46.35 1.24
N VAL K 205 25.46 47.59 0.78
CA VAL K 205 26.67 48.33 0.38
C VAL K 205 27.46 48.70 1.63
N PRO K 206 28.79 48.55 1.57
CA PRO K 206 29.61 48.82 2.75
C PRO K 206 29.93 50.30 2.84
N PRO K 207 29.94 50.86 4.07
CA PRO K 207 30.46 52.21 4.23
C PRO K 207 31.94 52.26 3.80
N VAL K 208 32.28 53.30 3.06
CA VAL K 208 33.70 53.60 2.72
C VAL K 208 33.95 55.03 3.18
N LEU K 209 34.64 55.19 4.30
CA LEU K 209 34.79 56.53 4.90
C LEU K 209 36.27 56.90 4.98
N HIS K 210 36.63 58.02 4.39
CA HIS K 210 38.02 58.53 4.39
C HIS K 210 38.14 59.67 5.37
N ILE K 211 39.25 59.67 6.13
CA ILE K 211 39.57 60.83 7.02
C ILE K 211 40.99 61.27 6.72
N THR K 212 41.20 62.58 6.81
CA THR K 212 42.53 63.20 6.71
C THR K 212 42.35 64.67 7.07
N ASN K 213 43.42 65.25 7.59
CA ASN K 213 43.42 66.70 7.84
C ASN K 213 44.26 67.43 6.78
N THR K 214 44.53 66.80 5.66
CA THR K 214 45.41 67.36 4.61
C THR K 214 44.60 67.83 3.39
N ALA K 215 43.28 67.70 3.39
CA ALA K 215 42.47 67.96 2.17
C ALA K 215 41.63 69.23 2.36
N THR K 216 41.70 70.11 1.38
CA THR K 216 40.97 71.40 1.42
C THR K 216 40.11 71.48 0.17
N THR K 217 38.88 71.97 0.32
CA THR K 217 38.03 72.26 -0.85
C THR K 217 37.94 73.78 -1.01
N VAL K 218 38.16 74.25 -2.22
CA VAL K 218 38.03 75.69 -2.52
C VAL K 218 36.58 75.98 -2.88
N LEU K 219 36.04 77.05 -2.30
CA LEU K 219 34.60 77.36 -2.38
C LEU K 219 34.31 78.44 -3.42
N LEU K 220 35.33 78.97 -4.08
CA LEU K 220 35.14 80.05 -5.06
C LEU K 220 34.48 79.50 -6.32
N ASP K 221 33.62 80.30 -6.92
CA ASP K 221 32.97 79.88 -8.18
C ASP K 221 33.87 80.23 -9.37
N GLU K 222 33.29 80.22 -10.55
CA GLU K 222 34.00 80.49 -11.82
C GLU K 222 34.63 81.88 -11.79
N PHE K 223 33.98 82.81 -11.12
CA PHE K 223 34.41 84.22 -11.09
C PHE K 223 35.26 84.53 -9.88
N GLY K 224 35.71 83.53 -9.14
CA GLY K 224 36.54 83.76 -7.94
C GLY K 224 35.75 84.31 -6.77
N VAL K 225 34.46 84.05 -6.70
CA VAL K 225 33.62 84.57 -5.59
C VAL K 225 33.09 83.39 -4.78
N GLY K 226 33.33 83.42 -3.49
CA GLY K 226 32.79 82.39 -2.58
C GLY K 226 31.43 82.81 -2.07
N PRO K 227 30.79 81.97 -1.25
CA PRO K 227 29.58 82.39 -0.54
C PRO K 227 29.83 83.67 0.25
N LEU K 228 28.88 84.60 0.17
CA LEU K 228 28.92 85.91 0.84
C LEU K 228 27.86 85.92 1.94
N CYS K 229 28.29 86.17 3.17
CA CYS K 229 27.49 85.88 4.38
C CYS K 229 26.55 87.03 4.69
N LYS K 230 25.29 86.90 4.30
CA LYS K 230 24.29 87.93 4.62
C LYS K 230 24.14 88.08 6.12
N GLY K 231 24.09 89.32 6.58
CA GLY K 231 23.94 89.59 8.02
C GLY K 231 25.09 89.05 8.84
N ASP K 232 26.24 88.73 8.24
CA ASP K 232 27.40 88.19 8.96
C ASP K 232 27.10 86.81 9.58
N ASN K 233 26.38 85.98 8.84
CA ASN K 233 26.05 84.61 9.31
C ASN K 233 26.49 83.60 8.25
N LEU K 234 27.15 82.56 8.72
CA LEU K 234 27.57 81.43 7.86
C LEU K 234 26.64 80.24 8.11
N TYR K 235 26.15 79.62 7.05
CA TYR K 235 25.20 78.50 7.14
C TYR K 235 25.90 77.21 6.72
N LEU K 236 25.92 76.24 7.63
CA LEU K 236 26.49 74.92 7.42
C LEU K 236 25.35 73.91 7.52
N SER K 237 25.32 72.98 6.58
CA SER K 237 24.32 71.89 6.58
C SER K 237 25.02 70.57 6.30
N ALA K 238 24.48 69.49 6.85
CA ALA K 238 25.08 68.15 6.69
C ALA K 238 24.02 67.07 6.81
N VAL K 239 24.28 65.97 6.13
CA VAL K 239 23.61 64.67 6.39
C VAL K 239 24.71 63.63 6.31
N ASP K 240 24.81 62.77 7.32
CA ASP K 240 25.76 61.63 7.21
C ASP K 240 25.07 60.36 7.73
N VAL K 241 24.15 59.86 6.94
CA VAL K 241 23.52 58.54 7.20
C VAL K 241 24.52 57.52 6.71
N CYS K 242 25.09 56.74 7.63
CA CYS K 242 26.18 55.82 7.27
C CYS K 242 25.68 54.50 6.74
N GLY K 243 24.44 54.17 7.05
CA GLY K 243 23.87 52.87 6.71
C GLY K 243 22.94 52.47 7.81
N MET K 244 22.65 51.19 7.88
CA MET K 244 21.70 50.67 8.87
C MET K 244 22.43 49.75 9.84
N PHE K 245 22.05 49.84 11.11
CA PHE K 245 22.40 48.84 12.13
C PHE K 245 21.30 47.78 12.20
N THR K 246 21.70 46.52 12.31
CA THR K 246 20.77 45.38 12.40
C THR K 246 20.85 44.74 13.79
N ASN K 247 19.70 44.65 14.47
CA ASN K 247 19.62 43.95 15.77
C ASN K 247 19.49 42.44 15.52
N ARG K 248 19.59 41.63 16.57
CA ARG K 248 19.48 40.15 16.41
C ARG K 248 18.14 39.78 15.78
N SER K 249 17.07 40.48 16.16
CA SER K 249 15.71 40.22 15.61
C SER K 249 15.67 40.51 14.11
N GLY K 250 16.59 41.31 13.60
CA GLY K 250 16.53 41.70 12.18
C GLY K 250 15.97 43.10 12.01
N SER K 251 15.46 43.71 13.08
CA SER K 251 15.00 45.10 12.96
C SER K 251 16.22 45.96 12.60
N GLN K 252 16.02 46.98 11.76
CA GLN K 252 17.14 47.80 11.31
C GLN K 252 16.85 49.27 11.63
N GLN K 253 17.92 49.98 11.95
CA GLN K 253 17.90 51.38 12.39
C GLN K 253 18.95 52.12 11.59
N TRP K 254 18.62 53.31 11.10
CA TRP K 254 19.65 54.20 10.53
C TRP K 254 20.66 54.58 11.61
N ARG K 255 21.91 54.68 11.20
CA ARG K 255 23.00 55.13 12.10
C ARG K 255 23.70 56.29 11.42
N GLY K 256 23.83 57.40 12.12
CA GLY K 256 24.47 58.60 11.58
C GLY K 256 25.69 58.98 12.40
N LEU K 257 26.49 59.87 11.84
CA LEU K 257 27.68 60.40 12.56
C LEU K 257 27.75 61.89 12.36
N SER K 258 28.52 62.53 13.23
CA SER K 258 28.74 63.98 13.19
C SER K 258 29.67 64.34 12.06
N ARG K 259 29.60 65.59 11.63
CA ARG K 259 30.52 66.14 10.63
C ARG K 259 31.22 67.37 11.18
N TYR K 260 32.52 67.42 10.98
CA TYR K 260 33.37 68.59 11.29
C TYR K 260 33.48 69.50 10.09
N PHE K 261 33.50 70.80 10.35
CA PHE K 261 33.64 71.87 9.36
C PHE K 261 34.73 72.82 9.86
N LYS K 262 35.66 73.15 8.98
CA LYS K 262 36.56 74.31 9.21
C LYS K 262 36.54 75.17 7.95
N VAL K 263 36.04 76.38 8.09
CA VAL K 263 35.83 77.30 6.94
C VAL K 263 36.72 78.52 7.18
N GLN K 264 37.48 78.90 6.15
CA GLN K 264 38.25 80.17 6.13
C GLN K 264 37.46 81.22 5.35
N LEU K 265 37.42 82.42 5.90
CA LEU K 265 36.64 83.52 5.29
C LEU K 265 37.51 84.77 5.21
N ARG K 266 37.18 85.62 4.26
CA ARG K 266 37.89 86.90 4.07
C ARG K 266 36.85 87.98 3.82
N LYS K 267 37.24 89.20 4.11
CA LYS K 267 36.36 90.37 3.89
C LYS K 267 36.36 90.73 2.42
N ARG K 268 35.18 91.01 1.90
CA ARG K 268 35.09 91.48 0.52
C ARG K 268 34.09 92.63 0.47
N ARG K 269 34.39 93.60 -0.39
CA ARG K 269 33.51 94.77 -0.55
C ARG K 269 32.47 94.46 -1.62
N VAL K 270 31.27 94.93 -1.37
CA VAL K 270 30.15 94.80 -2.33
C VAL K 270 29.35 96.11 -2.33
N LYS K 271 28.55 96.28 -3.37
CA LYS K 271 27.65 97.48 -3.45
C LYS K 271 26.21 97.05 -3.68
N ASN K 272 25.31 98.00 -3.40
CA ASN K 272 23.84 97.77 -3.45
C ASN K 272 23.47 96.64 -2.48
N VAL L 7 54.87 79.62 17.70
CA VAL L 7 56.20 79.60 17.02
C VAL L 7 56.13 80.47 15.78
N GLU L 8 57.11 81.34 15.61
CA GLU L 8 57.37 81.96 14.29
C GLU L 8 58.27 80.97 13.54
N VAL L 9 57.78 80.51 12.39
CA VAL L 9 58.49 79.48 11.61
C VAL L 9 59.32 80.18 10.55
N LEU L 10 60.64 80.08 10.66
CA LEU L 10 61.52 80.78 9.70
C LEU L 10 62.10 79.82 8.67
N GLU L 11 63.32 80.10 8.23
CA GLU L 11 63.84 79.47 7.01
C GLU L 11 64.38 78.07 7.31
N VAL L 12 64.48 77.27 6.27
CA VAL L 12 65.04 75.90 6.36
C VAL L 12 66.56 75.98 6.35
N LYS L 13 67.19 75.28 7.27
CA LYS L 13 68.67 75.17 7.31
C LYS L 13 69.13 74.28 6.16
N THR L 14 70.19 74.69 5.48
CA THR L 14 70.80 73.88 4.40
C THR L 14 72.16 73.38 4.87
N GLY L 15 72.79 72.58 4.02
CA GLY L 15 74.06 71.93 4.39
C GLY L 15 73.89 70.44 4.45
N VAL L 16 74.99 69.70 4.43
CA VAL L 16 74.91 68.22 4.28
C VAL L 16 74.40 67.60 5.58
N ASP L 17 74.58 68.28 6.70
CA ASP L 17 74.14 67.75 8.02
C ASP L 17 72.69 68.16 8.34
N SER L 18 72.00 68.81 7.41
CA SER L 18 70.70 69.46 7.69
C SER L 18 69.52 68.51 7.45
N ILE L 19 69.75 67.29 6.98
CA ILE L 19 68.64 66.34 6.69
C ILE L 19 68.92 65.03 7.40
N THR L 20 67.87 64.33 7.75
CA THR L 20 68.00 62.99 8.36
C THR L 20 66.78 62.16 7.98
N GLU L 21 66.85 60.86 8.28
CA GLU L 21 65.89 59.86 7.81
C GLU L 21 65.49 58.98 9.00
N VAL L 22 64.20 58.69 9.10
CA VAL L 22 63.69 57.70 10.09
C VAL L 22 63.03 56.57 9.31
N GLU L 23 63.36 55.35 9.67
CA GLU L 23 62.76 54.14 9.08
C GLU L 23 62.35 53.22 10.22
N CYS L 24 61.16 52.65 10.15
CA CYS L 24 60.78 51.65 11.18
C CYS L 24 59.50 50.92 10.81
N PHE L 25 59.25 49.87 11.56
CA PHE L 25 58.01 49.07 11.48
C PHE L 25 57.20 49.30 12.76
N LEU L 26 55.91 49.59 12.61
CA LEU L 26 54.96 49.56 13.72
C LEU L 26 54.14 48.27 13.61
N THR L 27 54.18 47.47 14.65
CA THR L 27 53.47 46.19 14.65
C THR L 27 52.03 46.44 15.05
N PRO L 28 51.10 45.57 14.65
CA PRO L 28 49.69 45.78 15.01
C PRO L 28 49.42 45.33 16.44
N GLU L 29 48.38 45.94 17.01
CA GLU L 29 47.92 45.60 18.37
C GLU L 29 46.47 45.14 18.26
N MET L 30 46.26 43.88 17.91
CA MET L 30 44.90 43.39 17.61
C MET L 30 44.24 42.80 18.84
N GLY L 31 44.99 42.49 19.88
CA GLY L 31 44.41 41.98 21.12
C GLY L 31 45.27 40.86 21.68
N ASP L 32 45.88 40.11 20.77
CA ASP L 32 46.84 39.03 21.08
C ASP L 32 46.33 38.17 22.23
N PRO L 33 45.27 37.36 22.00
CA PRO L 33 44.65 36.61 23.09
C PRO L 33 45.56 35.56 23.76
N ASP L 34 46.58 35.06 23.06
CA ASP L 34 47.52 34.13 23.73
C ASP L 34 48.86 34.14 23.01
N GLU L 35 49.75 33.27 23.47
CA GLU L 35 51.15 33.26 23.01
C GLU L 35 51.26 32.72 21.57
N HIS L 36 50.19 32.23 20.97
CA HIS L 36 50.26 31.77 19.57
C HIS L 36 49.59 32.75 18.62
N LEU L 37 48.97 33.81 19.12
CA LEU L 37 48.00 34.57 18.29
C LEU L 37 48.36 36.04 18.15
N ARG L 38 49.65 36.34 18.21
CA ARG L 38 50.16 37.69 17.86
C ARG L 38 49.65 38.07 16.47
N GLY L 39 49.10 39.29 16.35
CA GLY L 39 48.47 39.74 15.10
C GLY L 39 46.98 39.45 14.98
N PHE L 40 46.41 38.70 15.91
CA PHE L 40 44.98 38.32 15.90
C PHE L 40 44.32 38.90 17.15
N SER L 41 43.01 39.08 17.08
CA SER L 41 42.23 39.35 18.31
C SER L 41 41.71 38.03 18.87
N LYS L 42 41.16 38.12 20.06
CA LYS L 42 40.26 37.07 20.59
C LYS L 42 39.03 36.96 19.69
N SER L 43 38.44 35.79 19.67
CA SER L 43 37.14 35.59 18.97
C SER L 43 36.13 36.64 19.42
N ILE L 44 35.36 37.15 18.47
CA ILE L 44 34.45 38.27 18.77
C ILE L 44 33.18 37.69 19.36
N SER L 45 32.74 38.27 20.46
CA SER L 45 31.49 37.90 21.16
C SER L 45 30.47 39.03 21.03
N ILE L 46 29.20 38.67 20.95
CA ILE L 46 28.12 39.65 20.67
C ILE L 46 27.24 39.76 21.91
N SER L 47 27.14 40.97 22.47
CA SER L 47 26.28 41.17 23.66
C SER L 47 24.80 41.10 23.29
N ASP L 48 23.99 40.75 24.28
CA ASP L 48 22.54 40.55 24.08
C ASP L 48 21.77 41.86 24.02
N THR L 49 22.29 42.91 24.63
CA THR L 49 21.68 44.26 24.62
C THR L 49 22.84 45.26 24.54
N PHE L 50 22.54 46.50 24.22
CA PHE L 50 23.55 47.57 24.36
C PHE L 50 24.07 47.69 25.79
N GLU L 51 23.18 47.61 26.77
CA GLU L 51 23.57 47.82 28.18
C GLU L 51 24.57 46.77 28.65
N SER L 52 24.47 45.54 28.15
CA SER L 52 25.32 44.45 28.67
C SER L 52 26.60 44.28 27.85
N ASP L 53 26.91 45.16 26.91
CA ASP L 53 28.15 45.06 26.09
C ASP L 53 29.37 45.24 26.99
N SER L 54 30.13 44.17 27.22
CA SER L 54 31.33 44.20 28.09
CA SER L 54 31.33 44.18 28.10
C SER L 54 32.46 43.47 27.40
N PRO L 55 33.00 44.05 26.32
CA PRO L 55 34.02 43.34 25.55
C PRO L 55 35.31 43.10 26.34
N ASN L 56 35.87 41.93 26.10
CA ASN L 56 37.18 41.54 26.64
C ASN L 56 38.28 42.40 26.01
N ARG L 57 39.27 42.74 26.81
CA ARG L 57 40.42 43.52 26.32
C ARG L 57 41.05 42.88 25.09
N ASP L 58 41.16 41.56 25.07
CA ASP L 58 41.82 40.81 24.00
C ASP L 58 40.99 40.81 22.70
N MET L 59 39.79 41.36 22.74
CA MET L 59 38.93 41.41 21.54
C MET L 59 39.01 42.77 20.87
N LEU L 60 39.69 43.76 21.46
CA LEU L 60 39.61 45.16 20.98
C LEU L 60 40.95 45.55 20.38
N PRO L 61 41.03 45.74 19.05
CA PRO L 61 42.24 46.31 18.48
C PRO L 61 42.46 47.74 18.99
N CYS L 62 43.73 48.10 19.13
CA CYS L 62 44.11 49.42 19.62
C CYS L 62 45.01 50.10 18.60
N TYR L 63 45.10 51.42 18.69
CA TYR L 63 46.08 52.20 17.92
C TYR L 63 47.51 51.81 18.33
N SER L 64 48.38 51.67 17.35
CA SER L 64 49.83 51.53 17.56
C SER L 64 50.47 52.90 17.48
N VAL L 65 51.50 53.10 18.29
CA VAL L 65 52.21 54.40 18.35
C VAL L 65 53.68 54.12 18.64
N ALA L 66 54.54 54.87 17.98
CA ALA L 66 56.00 54.83 18.27
C ALA L 66 56.49 56.26 18.37
N ARG L 67 57.27 56.53 19.40
CA ARG L 67 57.90 57.84 19.61
C ARG L 67 59.37 57.64 19.26
N ILE L 68 59.85 58.36 18.27
CA ILE L 68 61.20 58.06 17.72
C ILE L 68 62.11 59.23 18.04
N PRO L 69 63.13 59.05 18.89
CA PRO L 69 64.07 60.14 19.15
C PRO L 69 64.91 60.46 17.91
N LEU L 70 65.14 61.75 17.72
CA LEU L 70 65.89 62.30 16.58
C LEU L 70 67.20 62.90 17.10
N PRO L 71 68.19 63.10 16.23
CA PRO L 71 69.44 63.72 16.68
C PRO L 71 69.19 65.03 17.42
N ASN L 72 69.82 65.15 18.60
CA ASN L 72 69.51 66.27 19.50
C ASN L 72 70.00 67.58 18.86
N LEU L 73 69.13 68.58 18.88
CA LEU L 73 69.45 69.92 18.37
C LEU L 73 69.53 70.90 19.54
N ASN L 74 70.22 72.01 19.31
CA ASN L 74 70.24 73.17 20.23
C ASN L 74 70.97 72.84 21.55
N GLU L 75 71.75 71.78 21.62
CA GLU L 75 72.44 71.38 22.86
C GLU L 75 71.44 71.29 24.02
N ASP L 76 71.42 72.29 24.89
CA ASP L 76 70.49 72.32 26.05
C ASP L 76 69.19 73.05 25.72
N ASN L 81 66.23 81.75 19.52
CA ASN L 81 65.77 80.97 18.36
C ASN L 81 66.46 79.60 18.36
N ILE L 82 65.68 78.57 18.03
CA ILE L 82 66.19 77.18 18.05
C ILE L 82 65.89 76.54 16.70
N LEU L 83 66.47 75.38 16.51
CA LEU L 83 66.18 74.55 15.33
C LEU L 83 65.22 73.42 15.73
N MET L 84 64.39 73.03 14.79
CA MET L 84 63.51 71.85 14.98
C MET L 84 63.58 70.97 13.72
N TRP L 85 63.54 69.67 13.91
CA TRP L 85 63.37 68.73 12.80
C TRP L 85 61.97 68.88 12.19
N GLU L 86 61.92 69.00 10.88
CA GLU L 86 60.66 69.15 10.13
C GLU L 86 60.46 67.90 9.27
N ALA L 87 59.34 67.22 9.46
CA ALA L 87 59.02 66.02 8.64
C ALA L 87 58.50 66.51 7.29
N VAL L 88 59.11 66.04 6.21
CA VAL L 88 58.82 66.58 4.85
C VAL L 88 58.10 65.54 3.99
N THR L 89 58.56 64.30 3.98
CA THR L 89 58.01 63.27 3.09
C THR L 89 57.82 61.97 3.86
N LEU L 90 56.89 61.17 3.39
CA LEU L 90 56.59 59.85 3.96
C LEU L 90 56.50 58.83 2.84
N LYS L 91 57.13 57.69 3.05
CA LYS L 91 56.82 56.46 2.31
C LYS L 91 56.24 55.48 3.32
N THR L 92 55.17 54.80 2.95
CA THR L 92 54.57 53.85 3.91
C THR L 92 53.90 52.72 3.15
N GLU L 93 53.89 51.54 3.76
CA GLU L 93 53.02 50.46 3.24
C GLU L 93 52.84 49.38 4.29
N VAL L 94 51.83 48.57 4.05
CA VAL L 94 51.52 47.41 4.90
C VAL L 94 52.50 46.31 4.59
N ILE L 95 53.03 45.68 5.64
CA ILE L 95 54.04 44.61 5.49
C ILE L 95 53.39 43.26 5.68
N GLY L 96 53.57 42.40 4.69
CA GLY L 96 53.06 41.02 4.71
C GLY L 96 51.71 40.84 4.05
N VAL L 97 51.39 41.63 3.03
CA VAL L 97 50.04 41.55 2.44
C VAL L 97 49.81 40.15 1.87
N THR L 98 50.83 39.50 1.35
CA THR L 98 50.69 38.14 0.80
C THR L 98 50.38 37.10 1.86
N SER L 99 50.57 37.40 3.15
CA SER L 99 50.21 36.40 4.17
C SER L 99 48.72 36.08 4.09
N LEU L 100 47.93 37.01 3.57
CA LEU L 100 46.47 36.81 3.44
C LEU L 100 46.14 35.77 2.37
N MET L 101 47.12 35.29 1.62
CA MET L 101 46.83 34.20 0.67
C MET L 101 46.87 32.83 1.36
N ASN L 102 47.15 32.77 2.65
CA ASN L 102 47.09 31.47 3.35
C ASN L 102 45.63 31.13 3.61
N VAL L 103 45.05 30.34 2.71
CA VAL L 103 43.66 29.85 2.83
C VAL L 103 43.68 28.36 3.16
N HIS L 104 44.76 27.88 3.74
CA HIS L 104 44.89 26.45 4.09
C HIS L 104 45.11 26.19 5.59
N SER L 105 45.18 27.21 6.44
CA SER L 105 45.51 27.03 7.87
C SER L 105 44.27 27.26 8.72
N ASN L 106 43.72 26.20 9.28
CA ASN L 106 42.74 26.30 10.38
C ASN L 106 41.47 27.02 9.93
N GLY L 107 41.14 26.98 8.65
CA GLY L 107 40.06 27.83 8.14
C GLY L 107 38.73 27.10 8.06
N GLN L 108 37.75 27.83 7.58
CA GLN L 108 36.40 27.32 7.25
C GLN L 108 36.35 27.13 5.74
N ALA L 109 36.03 25.91 5.30
CA ALA L 109 35.87 25.64 3.86
C ALA L 109 34.80 26.58 3.30
N THR L 110 35.09 27.22 2.19
CA THR L 110 34.08 28.06 1.49
C THR L 110 32.88 27.19 1.10
N HIS L 111 33.13 25.91 0.84
CA HIS L 111 32.11 24.91 0.47
C HIS L 111 32.80 23.56 0.52
N ASP L 112 32.03 22.51 0.39
CA ASP L 112 32.60 21.14 0.55
C ASP L 112 33.77 20.93 -0.41
N ASN L 113 34.90 20.54 0.18
CA ASN L 113 36.19 20.28 -0.50
C ASN L 113 36.82 21.56 -1.08
N GLY L 114 36.29 22.74 -0.75
CA GLY L 114 36.90 23.96 -1.25
C GLY L 114 38.07 24.42 -0.41
N ALA L 115 38.64 25.55 -0.83
CA ALA L 115 39.67 26.28 -0.09
C ALA L 115 39.07 26.97 1.15
N GLY L 116 39.94 27.43 2.03
CA GLY L 116 39.53 28.20 3.22
C GLY L 116 39.03 29.58 2.83
N LYS L 117 38.10 30.07 3.63
CA LYS L 117 37.62 31.45 3.46
C LYS L 117 38.76 32.39 3.85
N PRO L 118 39.09 33.37 3.00
CA PRO L 118 40.19 34.29 3.33
C PRO L 118 39.74 35.36 4.35
N VAL L 119 40.73 36.07 4.84
CA VAL L 119 40.49 37.28 5.68
C VAL L 119 39.68 38.29 4.86
N GLN L 120 38.65 38.82 5.48
CA GLN L 120 37.72 39.73 4.77
C GLN L 120 36.84 40.38 5.81
N GLY L 121 36.06 41.35 5.36
CA GLY L 121 35.19 42.10 6.26
C GLY L 121 35.79 43.44 6.62
N THR L 122 35.24 44.04 7.67
CA THR L 122 35.55 45.45 8.01
C THR L 122 37.06 45.64 8.14
N SER L 123 37.56 46.67 7.50
CA SER L 123 38.98 47.04 7.60
C SER L 123 39.09 48.50 8.04
N PHE L 124 40.18 48.80 8.71
CA PHE L 124 40.55 50.20 9.01
C PHE L 124 42.05 50.31 8.78
N HIS L 125 42.44 51.15 7.85
CA HIS L 125 43.86 51.38 7.53
C HIS L 125 44.16 52.85 7.81
N PHE L 126 45.09 53.11 8.70
CA PHE L 126 45.31 54.46 9.24
C PHE L 126 46.79 54.67 9.54
N PHE L 127 47.27 55.88 9.31
CA PHE L 127 48.64 56.25 9.71
C PHE L 127 48.75 57.75 9.88
N SER L 128 49.60 58.17 10.79
CA SER L 128 49.84 59.60 11.08
C SER L 128 51.34 59.81 11.31
N VAL L 129 51.80 60.99 10.92
CA VAL L 129 53.15 61.50 11.21
C VAL L 129 52.99 62.85 11.87
N GLY L 130 53.56 63.03 13.05
CA GLY L 130 53.41 64.29 13.77
C GLY L 130 54.63 64.67 14.57
N GLY L 131 54.68 65.93 14.95
CA GLY L 131 55.76 66.45 15.81
C GLY L 131 55.43 66.34 17.29
N GLU L 132 54.39 65.60 17.61
CA GLU L 132 53.87 65.41 18.99
C GLU L 132 52.82 64.31 18.91
N ALA L 133 52.32 63.87 20.06
CA ALA L 133 51.35 62.77 20.11
C ALA L 133 50.10 63.13 19.32
N LEU L 134 49.56 62.13 18.61
CA LEU L 134 48.26 62.26 17.93
C LEU L 134 47.20 62.63 18.95
N GLU L 135 46.41 63.64 18.63
CA GLU L 135 45.32 64.10 19.49
C GLU L 135 44.02 63.39 19.08
N LEU L 136 43.33 62.84 20.06
CA LEU L 136 42.19 61.92 19.83
C LEU L 136 40.90 62.54 20.35
N GLN L 137 39.81 62.21 19.66
CA GLN L 137 38.44 62.57 20.05
C GLN L 137 37.69 61.26 20.24
N GLY L 138 36.98 61.13 21.35
CA GLY L 138 36.20 59.90 21.60
C GLY L 138 34.85 59.97 20.92
N VAL L 139 34.48 58.88 20.25
CA VAL L 139 33.09 58.66 19.78
C VAL L 139 32.75 57.20 19.99
N LEU L 140 31.59 56.94 20.57
CA LEU L 140 31.17 55.58 20.92
C LEU L 140 30.04 55.11 20.02
N PHE L 141 30.14 53.87 19.53
CA PHE L 141 28.96 53.27 18.87
C PHE L 141 27.80 53.21 19.87
N ASN L 142 28.08 52.77 21.09
CA ASN L 142 27.08 52.51 22.13
C ASN L 142 27.64 53.06 23.43
N TYR L 143 27.07 54.13 23.97
CA TYR L 143 27.71 54.81 25.12
C TYR L 143 27.68 53.91 26.34
N ARG L 144 26.86 52.87 26.34
CA ARG L 144 26.75 52.02 27.55
C ARG L 144 27.73 50.88 27.52
N THR L 145 28.60 50.80 26.50
CA THR L 145 29.62 49.74 26.49
C THR L 145 30.44 49.85 27.78
N LYS L 146 30.74 48.72 28.38
CA LYS L 146 31.71 48.65 29.49
C LYS L 146 33.08 48.36 28.90
N TYR L 147 33.96 49.34 28.85
CA TYR L 147 35.29 49.03 28.30
C TYR L 147 36.18 48.45 29.40
N PRO L 148 37.08 47.51 29.04
CA PRO L 148 37.74 46.71 30.07
C PRO L 148 38.93 47.40 30.71
N ASP L 149 39.27 46.90 31.90
CA ASP L 149 40.52 47.28 32.61
C ASP L 149 41.71 47.13 31.67
N GLY L 150 42.59 48.11 31.72
CA GLY L 150 43.82 48.11 30.91
C GLY L 150 43.64 48.80 29.57
N THR L 151 42.43 49.23 29.22
CA THR L 151 42.25 50.12 28.05
C THR L 151 42.06 51.53 28.56
N ILE L 152 42.31 52.48 27.68
CA ILE L 152 42.01 53.90 27.97
C ILE L 152 40.88 54.29 27.02
N PHE L 153 39.75 54.64 27.61
CA PHE L 153 38.46 54.72 26.88
C PHE L 153 37.77 56.00 27.29
N PRO L 154 36.79 56.48 26.50
CA PRO L 154 36.07 57.70 26.86
C PRO L 154 35.32 57.54 28.19
N LYS L 155 35.66 58.43 29.13
CA LYS L 155 35.20 58.35 30.52
C LYS L 155 33.99 59.24 30.74
N ASN L 156 33.16 58.88 31.70
CA ASN L 156 31.89 59.56 32.04
C ASN L 156 31.04 59.69 30.77
N ALA L 157 30.90 58.57 30.07
CA ALA L 157 30.17 58.60 28.78
C ALA L 157 28.70 58.89 29.03
N THR L 158 28.11 59.63 28.11
CA THR L 158 26.65 59.93 28.11
C THR L 158 26.10 59.58 26.73
N VAL L 159 24.79 59.71 26.57
CA VAL L 159 24.21 59.38 25.25
C VAL L 159 24.79 60.30 24.20
N GLN L 160 25.18 61.53 24.54
CA GLN L 160 25.82 62.43 23.54
C GLN L 160 27.17 61.87 23.06
N SER L 161 27.82 61.01 23.84
CA SER L 161 29.06 60.35 23.41
C SER L 161 28.85 59.51 22.15
N GLN L 162 27.62 59.23 21.78
CA GLN L 162 27.33 58.41 20.58
C GLN L 162 27.40 59.26 19.33
N VAL L 163 27.42 60.58 19.46
CA VAL L 163 27.45 61.50 18.29
C VAL L 163 28.63 62.48 18.43
N MET L 164 28.71 63.23 19.53
CA MET L 164 29.85 64.15 19.76
C MET L 164 29.82 64.67 21.20
N ASN L 165 30.72 64.18 22.04
CA ASN L 165 30.86 64.73 23.41
C ASN L 165 32.28 65.32 23.47
N THR L 166 32.39 66.65 23.51
CA THR L 166 33.71 67.33 23.52
C THR L 166 34.53 67.01 24.76
N GLU L 167 33.96 66.38 25.78
CA GLU L 167 34.77 65.99 26.97
C GLU L 167 35.82 64.93 26.62
N HIS L 168 35.58 64.09 25.60
CA HIS L 168 36.46 62.92 25.35
C HIS L 168 37.64 63.35 24.47
N LYS L 169 38.64 63.92 25.11
CA LYS L 169 39.89 64.34 24.45
C LYS L 169 41.04 63.54 25.04
N ALA L 170 41.92 63.04 24.19
CA ALA L 170 43.07 62.27 24.71
C ALA L 170 44.26 62.43 23.78
N TYR L 171 45.41 62.01 24.27
CA TYR L 171 46.65 61.89 23.46
C TYR L 171 46.95 60.44 23.23
N LEU L 172 47.31 60.09 22.00
CA LEU L 172 47.73 58.69 21.74
C LEU L 172 49.15 58.57 22.28
N ASP L 173 49.24 58.18 23.56
CA ASP L 173 50.52 58.30 24.31
C ASP L 173 50.92 56.97 24.95
N LYS L 174 50.40 55.85 24.46
CA LYS L 174 50.66 54.54 25.08
C LYS L 174 50.24 53.46 24.09
N ASN L 175 51.00 52.37 24.02
CA ASN L 175 50.64 51.24 23.16
C ASN L 175 49.67 50.30 23.86
N LYS L 176 48.97 49.50 23.07
CA LYS L 176 48.01 48.49 23.57
C LYS L 176 47.01 49.13 24.53
N ALA L 177 46.59 50.35 24.27
CA ALA L 177 45.79 51.01 25.30
C ALA L 177 44.50 51.64 24.72
N TYR L 178 44.60 52.31 23.58
CA TYR L 178 43.49 53.11 23.05
C TYR L 178 42.74 52.30 22.00
N PRO L 179 41.53 51.79 22.32
CA PRO L 179 40.82 50.96 21.37
C PRO L 179 40.45 51.75 20.11
N VAL L 180 40.64 51.10 18.97
CA VAL L 180 40.33 51.76 17.67
C VAL L 180 38.89 52.20 17.66
N GLU L 181 37.98 51.38 18.16
CA GLU L 181 36.55 51.63 18.01
C GLU L 181 36.09 52.83 18.84
N CYS L 182 36.88 53.31 19.79
CA CYS L 182 36.49 54.40 20.71
C CYS L 182 37.01 55.77 20.29
N TRP L 183 38.01 55.83 19.44
CA TRP L 183 38.83 57.05 19.30
C TRP L 183 39.07 57.30 17.84
N VAL L 184 39.00 58.57 17.46
CA VAL L 184 39.44 59.02 16.13
C VAL L 184 40.37 60.20 16.32
N PRO L 185 41.18 60.50 15.30
CA PRO L 185 41.88 61.77 15.28
C PRO L 185 40.91 62.94 15.47
N ASP L 186 41.28 63.83 16.37
CA ASP L 186 40.50 65.04 16.69
C ASP L 186 40.75 66.08 15.61
N PRO L 187 39.76 66.35 14.75
CA PRO L 187 39.95 67.30 13.67
C PRO L 187 40.11 68.76 14.15
N THR L 188 39.70 69.05 15.38
CA THR L 188 39.82 70.41 15.96
C THR L 188 41.23 70.67 16.45
N ARG L 189 42.06 69.64 16.55
CA ARG L 189 43.48 69.82 16.90
C ARG L 189 44.37 69.24 15.80
N ASN L 190 45.47 68.59 16.20
CA ASN L 190 46.41 67.92 15.27
C ASN L 190 46.96 68.90 14.24
N GLU L 191 47.19 70.13 14.66
CA GLU L 191 47.85 71.15 13.83
C GLU L 191 49.26 70.70 13.41
N ASN L 192 49.93 69.94 14.25
CA ASN L 192 51.34 69.57 14.05
C ASN L 192 51.45 68.10 13.61
N THR L 193 50.37 67.53 13.08
CA THR L 193 50.32 66.12 12.64
C THR L 193 49.63 66.06 11.28
N ARG L 194 50.01 65.10 10.48
CA ARG L 194 49.32 64.74 9.22
C ARG L 194 48.80 63.33 9.37
N TYR L 195 47.51 63.13 9.18
CA TYR L 195 46.89 61.80 9.39
C TYR L 195 46.02 61.45 8.19
N PHE L 196 45.95 60.16 7.93
CA PHE L 196 45.21 59.59 6.78
C PHE L 196 44.59 58.27 7.20
N GLY L 197 43.30 58.11 6.94
CA GLY L 197 42.65 56.85 7.29
C GLY L 197 41.51 56.51 6.37
N THR L 198 41.20 55.24 6.30
CA THR L 198 40.04 54.75 5.53
C THR L 198 39.40 53.59 6.28
N LEU L 199 38.12 53.74 6.57
CA LEU L 199 37.27 52.65 7.08
C LEU L 199 36.51 52.07 5.87
N THR L 200 36.64 50.75 5.69
CA THR L 200 35.81 50.01 4.72
C THR L 200 34.98 49.01 5.52
N GLY L 201 33.68 49.25 5.62
CA GLY L 201 32.77 48.39 6.40
C GLY L 201 32.32 47.18 5.62
N GLY L 202 31.38 46.44 6.18
CA GLY L 202 30.78 45.26 5.53
C GLY L 202 31.47 43.96 5.88
N GLU L 203 30.72 42.86 5.99
CA GLU L 203 31.35 41.60 6.49
C GLU L 203 31.93 40.75 5.37
N ASN L 204 31.68 41.07 4.12
CA ASN L 204 32.27 40.29 3.01
C ASN L 204 33.20 41.14 2.15
N VAL L 205 33.61 42.31 2.60
CA VAL L 205 34.44 43.19 1.73
C VAL L 205 35.86 42.65 1.66
N PRO L 206 36.44 42.62 0.45
CA PRO L 206 37.76 42.01 0.30
C PRO L 206 38.85 43.04 0.59
N PRO L 207 39.94 42.61 1.26
CA PRO L 207 41.08 43.48 1.42
C PRO L 207 41.61 43.88 0.02
N VAL L 208 41.93 45.15 -0.15
CA VAL L 208 42.63 45.60 -1.36
C VAL L 208 43.87 46.34 -0.89
N LEU L 209 45.03 45.72 -1.06
CA LEU L 209 46.27 46.26 -0.47
C LEU L 209 47.28 46.49 -1.58
N HIS L 210 47.75 47.71 -1.71
CA HIS L 210 48.79 48.06 -2.71
C HIS L 210 50.15 48.17 -2.01
N ILE L 211 51.19 47.68 -2.67
CA ILE L 211 52.57 47.89 -2.19
C ILE L 211 53.40 48.45 -3.35
N THR L 212 54.28 49.38 -3.02
CA THR L 212 55.30 49.85 -3.99
C THR L 212 56.33 50.66 -3.22
N ASN L 213 57.54 50.71 -3.74
CA ASN L 213 58.57 51.60 -3.15
C ASN L 213 58.74 52.86 -3.98
N THR L 214 57.76 53.19 -4.82
CA THR L 214 57.90 54.33 -5.75
C THR L 214 56.98 55.50 -5.37
N ALA L 215 56.24 55.42 -4.28
CA ALA L 215 55.21 56.43 -3.94
C ALA L 215 55.64 57.22 -2.69
N THR L 216 55.61 58.53 -2.81
CA THR L 216 55.99 59.44 -1.71
C THR L 216 54.82 60.38 -1.42
N THR L 217 54.50 60.54 -0.15
CA THR L 217 53.52 61.53 0.29
C THR L 217 54.26 62.72 0.91
N VAL L 218 53.90 63.92 0.45
CA VAL L 218 54.52 65.16 0.98
C VAL L 218 53.72 65.59 2.21
N LEU L 219 54.42 65.93 3.28
CA LEU L 219 53.77 66.27 4.57
C LEU L 219 53.65 67.78 4.80
N LEU L 220 54.09 68.62 3.89
CA LEU L 220 53.95 70.08 4.05
C LEU L 220 52.48 70.51 3.91
N ASP L 221 52.08 71.54 4.65
CA ASP L 221 50.75 72.16 4.60
C ASP L 221 50.71 73.31 3.57
N GLU L 222 49.63 74.09 3.53
CA GLU L 222 49.48 75.22 2.57
C GLU L 222 50.77 76.04 2.52
N PHE L 223 51.29 76.35 3.72
CA PHE L 223 52.35 77.35 3.91
C PHE L 223 53.73 76.74 3.75
N GLY L 224 53.82 75.50 3.28
CA GLY L 224 55.11 74.84 3.10
C GLY L 224 55.75 74.37 4.38
N VAL L 225 54.98 74.03 5.40
CA VAL L 225 55.54 73.63 6.72
C VAL L 225 55.06 72.22 7.05
N GLY L 226 56.00 71.35 7.35
CA GLY L 226 55.69 69.99 7.79
C GLY L 226 55.57 69.95 9.30
N PRO L 227 55.23 68.77 9.84
CA PRO L 227 55.29 68.58 11.30
C PRO L 227 56.66 68.95 11.87
N LEU L 228 56.63 69.69 12.96
CA LEU L 228 57.85 70.18 13.66
C LEU L 228 58.00 69.39 14.95
N CYS L 229 59.13 68.72 15.12
CA CYS L 229 59.28 67.68 16.15
C CYS L 229 59.68 68.30 17.49
N LYS L 230 58.72 68.40 18.40
CA LYS L 230 58.98 68.99 19.73
C LYS L 230 59.89 68.07 20.52
N GLY L 231 60.91 68.67 21.14
CA GLY L 231 61.87 67.86 21.92
C GLY L 231 62.66 66.88 21.08
N ASP L 232 62.74 67.10 19.77
CA ASP L 232 63.47 66.19 18.84
C ASP L 232 62.87 64.79 18.84
N ASN L 233 61.56 64.71 18.83
CA ASN L 233 60.82 63.43 18.86
C ASN L 233 59.83 63.40 17.70
N LEU L 234 59.83 62.30 16.96
CA LEU L 234 58.85 62.07 15.87
C LEU L 234 57.82 61.04 16.35
N TYR L 235 56.55 61.37 16.23
CA TYR L 235 55.46 60.42 16.57
C TYR L 235 54.87 59.79 15.31
N LEU L 236 54.93 58.47 15.26
CA LEU L 236 54.26 57.67 14.21
C LEU L 236 53.14 56.87 14.84
N SER L 237 51.98 56.89 14.21
CA SER L 237 50.82 56.08 14.68
C SER L 237 50.23 55.31 13.51
N ALA L 238 49.59 54.18 13.83
CA ALA L 238 49.07 53.32 12.75
C ALA L 238 47.95 52.42 13.25
N VAL L 239 47.05 52.10 12.36
CA VAL L 239 46.11 50.97 12.55
C VAL L 239 46.01 50.26 11.20
N ASP L 240 46.17 48.94 11.21
CA ASP L 240 45.96 48.19 9.96
C ASP L 240 45.16 46.94 10.28
N VAL L 241 43.90 47.14 10.57
CA VAL L 241 42.94 46.01 10.71
C VAL L 241 42.58 45.56 9.30
N CYS L 242 42.96 44.34 8.94
CA CYS L 242 42.81 43.95 7.52
C CYS L 242 41.46 43.31 7.24
N GLY L 243 40.83 42.82 8.28
CA GLY L 243 39.55 42.11 8.19
C GLY L 243 39.49 41.09 9.28
N MET L 244 38.62 40.11 9.12
CA MET L 244 38.49 39.03 10.10
C MET L 244 38.88 37.70 9.50
N PHE L 245 39.50 36.86 10.33
CA PHE L 245 39.76 35.45 10.03
C PHE L 245 38.61 34.62 10.60
N THR L 246 38.14 33.66 9.81
CA THR L 246 37.03 32.77 10.22
C THR L 246 37.61 31.38 10.43
N ASN L 247 37.51 30.85 11.64
CA ASN L 247 37.95 29.45 11.76
C ASN L 247 36.77 28.53 11.53
N ARG L 248 37.03 27.22 11.54
CA ARG L 248 36.03 26.27 11.02
C ARG L 248 34.70 26.40 11.78
N SER L 249 34.75 26.59 13.10
CA SER L 249 33.52 26.70 13.91
C SER L 249 32.69 27.93 13.52
N GLY L 250 33.28 28.87 12.80
CA GLY L 250 32.61 30.13 12.45
C GLY L 250 33.06 31.28 13.32
N SER L 251 33.80 31.02 14.40
CA SER L 251 34.23 32.14 15.26
C SER L 251 35.19 33.02 14.45
N GLN L 252 35.17 34.30 14.71
CA GLN L 252 35.99 35.24 13.90
C GLN L 252 36.84 36.12 14.78
N GLN L 253 38.00 36.42 14.22
CA GLN L 253 39.11 37.13 14.91
C GLN L 253 39.58 38.22 13.98
N TRP L 254 39.84 39.40 14.52
CA TRP L 254 40.46 40.48 13.72
C TRP L 254 41.87 40.04 13.34
N ARG L 255 42.32 40.39 12.14
CA ARG L 255 43.71 40.10 11.71
C ARG L 255 44.35 41.43 11.31
N GLY L 256 45.51 41.71 11.86
CA GLY L 256 46.21 42.95 11.55
C GLY L 256 47.59 42.71 10.99
N LEU L 257 48.14 43.74 10.36
CA LEU L 257 49.50 43.61 9.81
C LEU L 257 50.33 44.84 10.21
N SER L 258 51.65 44.70 10.14
CA SER L 258 52.57 45.80 10.48
C SER L 258 52.57 46.85 9.36
N ARG L 259 53.08 48.04 9.71
CA ARG L 259 53.18 49.15 8.74
C ARG L 259 54.60 49.70 8.78
N TYR L 260 55.16 49.84 7.60
CA TYR L 260 56.49 50.43 7.39
C TYR L 260 56.36 51.94 7.23
N PHE L 261 57.27 52.68 7.86
CA PHE L 261 57.37 54.13 7.69
C PHE L 261 58.81 54.47 7.30
N LYS L 262 58.95 55.35 6.33
CA LYS L 262 60.24 56.07 6.11
C LYS L 262 59.93 57.56 6.01
N VAL L 263 60.47 58.34 6.93
CA VAL L 263 60.21 59.79 6.99
C VAL L 263 61.53 60.54 6.76
N GLN L 264 61.52 61.50 5.85
CA GLN L 264 62.68 62.40 5.63
C GLN L 264 62.40 63.70 6.36
N LEU L 265 63.39 64.14 7.12
CA LEU L 265 63.26 65.35 7.93
C LEU L 265 64.39 66.31 7.56
N ARG L 266 64.13 67.58 7.83
CA ARG L 266 65.13 68.64 7.59
C ARG L 266 65.08 69.58 8.78
N LYS L 267 66.15 70.34 8.94
CA LYS L 267 66.26 71.27 10.09
C LYS L 267 65.61 72.58 9.70
N ARG L 268 64.79 73.10 10.60
CA ARG L 268 64.12 74.38 10.37
C ARG L 268 64.29 75.27 11.59
N ARG L 269 64.55 76.54 11.35
CA ARG L 269 64.66 77.51 12.47
C ARG L 269 63.28 78.02 12.85
N VAL L 270 63.08 78.21 14.14
CA VAL L 270 61.79 78.68 14.70
C VAL L 270 62.10 79.67 15.81
N LYS L 271 61.07 80.41 16.22
CA LYS L 271 61.16 81.28 17.42
C LYS L 271 59.90 81.14 18.27
N MET M 4 73.16 51.30 -6.21
CA MET M 4 72.58 52.66 -5.99
C MET M 4 73.34 53.38 -4.87
N GLY M 5 73.63 52.69 -3.77
CA GLY M 5 74.35 53.29 -2.64
C GLY M 5 75.76 52.74 -2.61
N GLY M 6 76.68 53.50 -2.04
CA GLY M 6 78.09 53.06 -2.09
C GLY M 6 78.69 53.38 -3.44
N VAL M 7 78.05 54.29 -4.18
CA VAL M 7 78.62 54.70 -5.48
C VAL M 7 78.14 56.12 -5.76
N GLU M 8 78.91 56.84 -6.56
CA GLU M 8 78.46 58.15 -7.08
C GLU M 8 77.94 57.92 -8.49
N VAL M 9 76.73 58.39 -8.75
CA VAL M 9 76.07 58.24 -10.07
C VAL M 9 76.34 59.51 -10.85
N LEU M 10 77.05 59.38 -11.95
CA LEU M 10 77.36 60.58 -12.77
C LEU M 10 76.48 60.62 -14.00
N GLU M 11 77.06 61.02 -15.13
CA GLU M 11 76.27 61.41 -16.30
C GLU M 11 75.85 60.18 -17.11
N VAL M 12 74.75 60.34 -17.83
CA VAL M 12 74.31 59.34 -18.83
C VAL M 12 75.22 59.44 -20.05
N LYS M 13 75.68 58.30 -20.52
CA LYS M 13 76.42 58.23 -21.80
C LYS M 13 75.41 58.36 -22.94
N THR M 14 75.71 59.21 -23.91
CA THR M 14 74.89 59.37 -25.12
C THR M 14 75.61 58.73 -26.29
N GLY M 15 74.97 58.75 -27.45
CA GLY M 15 75.52 58.11 -28.65
C GLY M 15 74.64 56.98 -29.12
N VAL M 16 75.07 56.37 -30.22
CA VAL M 16 74.21 55.40 -30.95
C VAL M 16 74.03 54.14 -30.08
N ASP M 17 75.13 53.59 -29.56
CA ASP M 17 75.07 52.32 -28.79
C ASP M 17 74.89 52.55 -27.29
N SER M 18 74.33 53.69 -26.88
CA SER M 18 74.21 53.99 -25.45
C SER M 18 72.91 53.42 -24.87
N ILE M 19 72.09 52.76 -25.67
CA ILE M 19 70.77 52.25 -25.17
C ILE M 19 70.62 50.80 -25.61
N THR M 20 69.80 50.09 -24.87
CA THR M 20 69.45 48.71 -25.24
C THR M 20 68.08 48.39 -24.65
N GLU M 21 67.53 47.28 -25.09
CA GLU M 21 66.14 46.89 -24.76
C GLU M 21 66.14 45.42 -24.37
N VAL M 22 65.36 45.10 -23.34
CA VAL M 22 65.18 43.71 -22.89
C VAL M 22 63.70 43.42 -23.01
N GLU M 23 63.38 42.29 -23.62
CA GLU M 23 61.97 41.86 -23.78
C GLU M 23 61.92 40.38 -23.41
N CYS M 24 60.98 40.01 -22.55
CA CYS M 24 60.84 38.60 -22.20
C CYS M 24 59.54 38.37 -21.42
N PHE M 25 59.26 37.11 -21.19
CA PHE M 25 58.10 36.75 -20.35
CA PHE M 25 58.08 36.66 -20.41
C PHE M 25 58.57 35.90 -19.17
N LEU M 26 57.84 36.03 -18.09
CA LEU M 26 58.02 35.20 -16.89
C LEU M 26 56.79 34.33 -16.76
N THR M 27 56.98 33.03 -16.73
CA THR M 27 55.81 32.15 -16.59
C THR M 27 55.48 31.99 -15.13
N PRO M 28 54.22 31.68 -14.80
CA PRO M 28 53.85 31.62 -13.39
C PRO M 28 54.27 30.28 -12.80
N GLU M 29 54.50 30.32 -11.50
CA GLU M 29 54.90 29.12 -10.73
C GLU M 29 53.81 28.92 -9.67
N MET M 30 52.74 28.27 -10.06
CA MET M 30 51.58 28.07 -9.17
C MET M 30 51.69 26.79 -8.36
N GLY M 31 52.67 25.93 -8.66
CA GLY M 31 52.79 24.67 -7.93
C GLY M 31 52.87 23.49 -8.89
N ASP M 32 52.19 23.54 -10.02
CA ASP M 32 52.33 22.54 -11.10
C ASP M 32 52.23 21.13 -10.52
N PRO M 33 51.04 20.73 -10.03
CA PRO M 33 50.94 19.45 -9.33
C PRO M 33 51.13 18.23 -10.25
N ASP M 34 50.96 18.44 -11.55
CA ASP M 34 50.96 17.32 -12.50
C ASP M 34 51.53 17.83 -13.83
N GLU M 35 51.97 16.91 -14.64
CA GLU M 35 52.53 17.29 -15.96
C GLU M 35 51.47 17.86 -16.90
N HIS M 36 50.18 17.79 -16.55
CA HIS M 36 49.13 18.39 -17.39
C HIS M 36 48.65 19.74 -16.85
N LEU M 37 49.11 20.16 -15.68
CA LEU M 37 48.47 21.27 -14.95
C LEU M 37 49.44 22.43 -14.71
N ARG M 38 50.36 22.64 -15.65
CA ARG M 38 51.15 23.88 -15.72
C ARG M 38 50.26 25.12 -15.60
N GLY M 39 50.60 26.01 -14.68
CA GLY M 39 49.78 27.21 -14.44
C GLY M 39 48.72 27.04 -13.37
N PHE M 40 48.51 25.84 -12.86
CA PHE M 40 47.55 25.54 -11.80
C PHE M 40 48.34 25.08 -10.58
N SER M 41 47.74 25.29 -9.41
CA SER M 41 48.22 24.60 -8.19
C SER M 41 47.47 23.29 -8.00
N LYS M 42 47.92 22.55 -7.01
CA LYS M 42 47.19 21.37 -6.49
C LYS M 42 45.93 21.86 -5.76
N SER M 43 44.97 21.00 -5.61
CA SER M 43 43.75 21.28 -4.82
C SER M 43 44.15 21.86 -3.46
N ILE M 44 43.46 22.90 -3.02
CA ILE M 44 43.81 23.49 -1.71
C ILE M 44 43.22 22.62 -0.62
N SER M 45 44.03 22.26 0.37
CA SER M 45 43.54 21.50 1.54
C SER M 45 43.71 22.34 2.79
N ILE M 46 42.81 22.13 3.76
CA ILE M 46 42.70 22.99 4.94
C ILE M 46 43.07 22.18 6.18
N SER M 47 44.05 22.65 6.91
CA SER M 47 44.47 21.97 8.16
C SER M 47 43.38 22.09 9.21
N ASP M 48 43.45 21.21 10.18
CA ASP M 48 42.46 21.16 11.29
C ASP M 48 42.82 22.11 12.41
N THR M 49 44.10 22.46 12.56
CA THR M 49 44.55 23.42 13.58
C THR M 49 45.66 24.23 12.95
N PHE M 50 46.06 25.33 13.61
CA PHE M 50 47.27 26.06 13.14
C PHE M 50 48.51 25.18 13.22
N GLU M 51 48.65 24.41 14.29
CA GLU M 51 49.90 23.66 14.51
C GLU M 51 50.07 22.52 13.53
N SER M 52 49.00 22.02 12.93
CA SER M 52 49.06 20.86 12.02
C SER M 52 49.08 21.29 10.56
N ASP M 53 49.25 22.58 10.28
CA ASP M 53 49.28 23.08 8.89
C ASP M 53 50.58 22.61 8.23
N SER M 54 50.48 21.71 7.25
CA SER M 54 51.64 21.21 6.49
C SER M 54 51.30 21.22 5.02
N PRO M 55 51.28 22.40 4.38
CA PRO M 55 50.89 22.46 2.97
C PRO M 55 51.89 21.74 2.06
N ASN M 56 51.35 20.97 1.13
CA ASN M 56 52.14 20.35 0.06
C ASN M 56 52.81 21.40 -0.81
N ARG M 57 54.00 21.10 -1.28
CA ARG M 57 54.76 22.02 -2.14
C ARG M 57 53.93 22.39 -3.37
N ASP M 58 53.17 21.45 -3.92
CA ASP M 58 52.46 21.71 -5.19
C ASP M 58 51.22 22.57 -4.99
N MET M 59 50.95 23.00 -3.76
CA MET M 59 49.79 23.83 -3.41
C MET M 59 50.21 25.28 -3.17
N LEU M 60 51.50 25.59 -3.28
CA LEU M 60 52.03 26.92 -2.85
C LEU M 60 52.59 27.67 -4.04
N PRO M 61 51.90 28.72 -4.53
CA PRO M 61 52.49 29.53 -5.59
C PRO M 61 53.77 30.19 -5.07
N CYS M 62 54.74 30.33 -5.95
CA CYS M 62 56.03 30.96 -5.68
C CYS M 62 56.25 32.20 -6.53
N TYR M 63 57.13 33.06 -6.06
CA TYR M 63 57.61 34.17 -6.90
C TYR M 63 58.38 33.62 -8.11
N SER M 64 58.19 34.23 -9.26
CA SER M 64 58.98 33.98 -10.47
C SER M 64 60.09 35.03 -10.56
N VAL M 65 61.25 34.62 -11.05
CA VAL M 65 62.41 35.53 -11.17
C VAL M 65 63.19 35.14 -12.42
N ALA M 66 63.71 36.14 -13.10
CA ALA M 66 64.66 35.91 -14.20
C ALA M 66 65.82 36.88 -14.01
N ARG M 67 67.03 36.38 -14.27
CA ARG M 67 68.25 37.19 -14.36
C ARG M 67 68.62 37.27 -15.82
N ILE M 68 68.63 38.46 -16.39
CA ILE M 68 68.86 38.63 -17.84
C ILE M 68 70.23 39.26 -18.03
N PRO M 69 71.19 38.54 -18.63
CA PRO M 69 72.49 39.14 -18.95
C PRO M 69 72.36 40.29 -19.96
N LEU M 70 73.06 41.38 -19.66
CA LEU M 70 73.07 42.55 -20.55
C LEU M 70 74.41 42.60 -21.28
N PRO M 71 74.53 43.39 -22.36
CA PRO M 71 75.80 43.46 -23.08
C PRO M 71 76.94 43.89 -22.16
N ASN M 72 78.03 43.13 -22.18
CA ASN M 72 79.15 43.35 -21.26
C ASN M 72 79.70 44.78 -21.42
N LEU M 73 79.83 45.46 -20.30
CA LEU M 73 80.43 46.80 -20.21
C LEU M 73 81.80 46.67 -19.53
N ASN M 74 82.61 47.70 -19.72
CA ASN M 74 83.92 47.85 -19.04
C ASN M 74 84.86 46.65 -19.33
N GLU M 75 84.46 45.78 -20.25
CA GLU M 75 85.24 44.56 -20.57
C GLU M 75 85.57 43.78 -19.30
N ASP M 76 86.76 44.00 -18.75
CA ASP M 76 87.11 43.41 -17.43
C ASP M 76 87.55 44.53 -16.50
N ASN M 81 85.65 54.54 -12.28
CA ASN M 81 84.76 55.17 -13.31
C ASN M 81 84.40 54.08 -14.34
N ILE M 82 83.38 53.31 -14.00
CA ILE M 82 82.86 52.26 -14.90
C ILE M 82 81.48 52.69 -15.39
N LEU M 83 81.00 51.97 -16.39
CA LEU M 83 79.63 52.18 -16.89
C LEU M 83 78.73 51.09 -16.32
N MET M 84 77.47 51.45 -16.13
CA MET M 84 76.43 50.47 -15.72
C MET M 84 75.20 50.70 -16.60
N TRP M 85 74.54 49.60 -16.93
CA TRP M 85 73.18 49.69 -17.53
C TRP M 85 72.20 50.20 -16.49
N GLU M 86 71.41 51.19 -16.87
CA GLU M 86 70.36 51.82 -16.05
C GLU M 86 69.01 51.54 -16.66
N ALA M 87 68.12 50.89 -15.91
CA ALA M 87 66.75 50.62 -16.41
C ALA M 87 65.94 51.90 -16.26
N VAL M 88 65.30 52.34 -17.33
CA VAL M 88 64.63 53.66 -17.37
C VAL M 88 63.11 53.51 -17.46
N THR M 89 62.62 52.64 -18.32
CA THR M 89 61.18 52.51 -18.57
C THR M 89 60.80 51.04 -18.56
N LEU M 90 59.52 50.80 -18.30
CA LEU M 90 58.96 49.44 -18.27
C LEU M 90 57.60 49.45 -18.96
N LYS M 91 57.41 48.53 -19.89
CA LYS M 91 56.06 48.14 -20.37
C LYS M 91 55.80 46.74 -19.85
N THR M 92 54.62 46.51 -19.32
CA THR M 92 54.34 45.16 -18.79
C THR M 92 52.87 44.85 -18.97
N GLU M 93 52.58 43.56 -19.09
CA GLU M 93 51.16 43.15 -18.94
C GLU M 93 51.07 41.64 -18.81
N VAL M 94 49.91 41.24 -18.33
CA VAL M 94 49.57 39.81 -18.15
C VAL M 94 49.25 39.25 -19.51
N ILE M 95 49.77 38.06 -19.79
CA ILE M 95 49.60 37.43 -21.12
C ILE M 95 48.59 36.32 -20.99
N GLY M 96 47.55 36.39 -21.79
CA GLY M 96 46.49 35.36 -21.86
C GLY M 96 45.28 35.68 -21.02
N VAL M 97 44.97 36.95 -20.83
CA VAL M 97 43.80 37.31 -19.97
C VAL M 97 42.52 36.70 -20.51
N THR M 98 42.39 36.53 -21.82
CA THR M 98 41.15 35.96 -22.36
C THR M 98 41.00 34.47 -22.07
N SER M 99 42.04 33.78 -21.65
CA SER M 99 41.87 32.35 -21.32
C SER M 99 40.86 32.18 -20.19
N LEU M 100 40.66 33.23 -19.38
CA LEU M 100 39.70 33.14 -18.27
C LEU M 100 38.26 33.10 -18.77
N MET M 101 38.04 33.34 -20.05
CA MET M 101 36.68 33.17 -20.59
C MET M 101 36.36 31.70 -20.92
N ASN M 102 37.27 30.77 -20.68
CA ASN M 102 36.92 29.35 -20.80
C ASN M 102 36.15 28.94 -19.55
N VAL M 103 34.83 29.07 -19.62
CA VAL M 103 33.91 28.56 -18.58
C VAL M 103 33.25 27.27 -19.02
N HIS M 104 33.85 26.52 -19.92
CA HIS M 104 33.25 25.29 -20.44
C HIS M 104 34.10 24.06 -20.11
N SER M 105 35.23 24.20 -19.44
CA SER M 105 36.23 23.14 -19.31
C SER M 105 36.33 22.65 -17.88
N ASN M 106 35.80 21.47 -17.61
CA ASN M 106 36.04 20.78 -16.32
C ASN M 106 35.48 21.60 -15.14
N GLY M 107 34.52 22.47 -15.36
CA GLY M 107 34.07 23.40 -14.33
C GLY M 107 32.89 22.93 -13.48
N GLN M 108 32.51 23.81 -12.56
CA GLN M 108 31.29 23.63 -11.73
C GLN M 108 30.22 24.54 -12.32
N ALA M 109 29.09 23.96 -12.66
CA ALA M 109 27.94 24.75 -13.15
C ALA M 109 27.57 25.78 -12.08
N THR M 110 27.36 27.02 -12.48
CA THR M 110 26.89 28.06 -11.53
C THR M 110 25.50 27.69 -11.01
N HIS M 111 24.70 27.06 -11.85
CA HIS M 111 23.38 26.51 -11.48
C HIS M 111 23.07 25.44 -12.51
N ASP M 112 21.96 24.75 -12.31
CA ASP M 112 21.56 23.67 -13.23
C ASP M 112 21.48 24.20 -14.66
N ASN M 113 22.16 23.52 -15.57
CA ASN M 113 22.26 23.86 -17.01
C ASN M 113 22.96 25.20 -17.27
N GLY M 114 23.67 25.75 -16.31
CA GLY M 114 24.39 27.02 -16.51
C GLY M 114 25.82 26.82 -17.00
N ALA M 115 26.49 27.93 -17.24
CA ALA M 115 27.92 27.95 -17.61
C ALA M 115 28.75 27.58 -16.37
N GLY M 116 30.02 27.27 -16.61
CA GLY M 116 30.94 26.99 -15.52
C GLY M 116 31.27 28.25 -14.73
N LYS M 117 31.58 28.06 -13.45
CA LYS M 117 32.05 29.18 -12.59
C LYS M 117 33.43 29.64 -13.03
N PRO M 118 33.63 30.93 -13.34
CA PRO M 118 34.94 31.39 -13.80
C PRO M 118 35.96 31.42 -12.66
N VAL M 119 37.22 31.61 -13.05
CA VAL M 119 38.30 31.86 -12.08
C VAL M 119 37.95 33.13 -11.30
N GLN M 120 38.10 33.06 -9.98
CA GLN M 120 37.76 34.24 -9.14
C GLN M 120 38.31 34.01 -7.75
N GLY M 121 38.19 35.02 -6.90
CA GLY M 121 38.73 34.94 -5.54
C GLY M 121 40.09 35.63 -5.44
N THR M 122 40.79 35.37 -4.34
CA THR M 122 41.99 36.14 -3.99
C THR M 122 42.98 36.19 -5.16
N SER M 123 43.48 37.37 -5.47
CA SER M 123 44.54 37.52 -6.50
C SER M 123 45.70 38.31 -5.94
N PHE M 124 46.86 38.10 -6.54
CA PHE M 124 48.05 38.91 -6.25
C PHE M 124 48.76 39.14 -7.58
N HIS M 125 48.95 40.41 -7.93
CA HIS M 125 49.61 40.84 -9.17
C HIS M 125 50.79 41.69 -8.75
N PHE M 126 51.99 41.28 -9.14
CA PHE M 126 53.22 41.86 -8.61
C PHE M 126 54.28 41.80 -9.69
N PHE M 127 55.06 42.86 -9.81
CA PHE M 127 56.23 42.82 -10.70
C PHE M 127 57.27 43.79 -10.17
N SER M 128 58.52 43.48 -10.48
CA SER M 128 59.64 44.36 -10.07
C SER M 128 60.74 44.28 -11.11
N VAL M 129 61.48 45.37 -11.18
CA VAL M 129 62.66 45.49 -12.08
C VAL M 129 63.77 46.04 -11.22
N GLY M 130 64.91 45.36 -11.19
CA GLY M 130 66.01 45.79 -10.33
C GLY M 130 67.36 45.48 -10.92
N GLY M 131 68.38 46.11 -10.35
CA GLY M 131 69.78 45.89 -10.73
C GLY M 131 70.42 44.73 -9.99
N GLU M 132 69.64 44.06 -9.15
CA GLU M 132 70.09 42.94 -8.28
C GLU M 132 68.82 42.24 -7.82
N ALA M 133 68.99 41.11 -7.16
CA ALA M 133 67.85 40.29 -6.73
C ALA M 133 66.89 41.12 -5.87
N LEU M 134 65.61 40.81 -5.99
CA LEU M 134 64.60 41.41 -5.10
C LEU M 134 64.92 40.98 -3.69
N GLU M 135 64.93 41.94 -2.78
CA GLU M 135 65.19 41.64 -1.37
C GLU M 135 63.85 41.39 -0.68
N LEU M 136 63.79 40.31 0.09
CA LEU M 136 62.51 39.84 0.67
C LEU M 136 62.54 39.93 2.17
N GLN M 137 61.35 40.11 2.74
CA GLN M 137 61.10 40.05 4.18
C GLN M 137 60.02 39.00 4.42
N GLY M 138 60.22 38.16 5.42
CA GLY M 138 59.28 37.10 5.73
C GLY M 138 58.18 37.58 6.65
N VAL M 139 56.93 37.25 6.32
CA VAL M 139 55.79 37.44 7.25
C VAL M 139 54.91 36.22 7.10
N LEU M 140 54.52 35.63 8.21
CA LEU M 140 53.75 34.36 8.18
C LEU M 140 52.34 34.63 8.68
N PHE M 141 51.37 34.05 8.01
CA PHE M 141 49.98 34.11 8.51
C PHE M 141 49.92 33.36 9.86
N ASN M 142 50.56 32.19 9.90
CA ASN M 142 50.52 31.23 11.01
C ASN M 142 51.97 30.80 11.20
N TYR M 143 52.59 31.18 12.30
CA TYR M 143 54.05 30.94 12.42
C TYR M 143 54.35 29.45 12.54
N ARG M 144 53.35 28.64 12.85
CA ARG M 144 53.57 27.19 13.07
C ARG M 144 53.39 26.40 11.78
N THR M 145 53.03 27.03 10.67
CA THR M 145 52.96 26.31 9.40
C THR M 145 54.28 25.59 9.17
N LYS M 146 54.19 24.32 8.79
CA LYS M 146 55.40 23.59 8.36
C LYS M 146 55.48 23.71 6.85
N TYR M 147 56.41 24.52 6.37
CA TYR M 147 56.58 24.64 4.92
C TYR M 147 57.35 23.44 4.40
N PRO M 148 57.03 23.02 3.14
CA PRO M 148 57.56 21.76 2.64
C PRO M 148 58.97 21.86 2.08
N ASP M 149 59.66 20.74 2.12
CA ASP M 149 60.98 20.58 1.47
C ASP M 149 60.88 20.98 0.00
N GLY M 150 61.91 21.69 -0.46
CA GLY M 150 61.95 22.21 -1.82
C GLY M 150 61.55 23.67 -1.88
N THR M 151 61.00 24.21 -0.79
CA THR M 151 60.69 25.66 -0.72
C THR M 151 61.72 26.30 0.18
N ILE M 152 61.91 27.60 -0.03
CA ILE M 152 62.74 28.43 0.88
C ILE M 152 61.80 29.33 1.63
N PHE M 153 61.83 29.25 2.95
CA PHE M 153 60.75 29.78 3.80
C PHE M 153 61.37 30.38 5.05
N PRO M 154 60.63 31.22 5.76
CA PRO M 154 61.16 31.83 6.97
C PRO M 154 61.50 30.79 8.06
N LYS M 155 62.76 30.81 8.47
CA LYS M 155 63.32 29.78 9.36
C LYS M 155 63.38 30.31 10.78
N ASN M 156 63.36 29.37 11.71
CA ASN M 156 63.36 29.70 13.16
C ASN M 156 62.19 30.62 13.46
N ALA M 157 61.03 30.28 12.88
CA ALA M 157 59.84 31.15 13.02
C ALA M 157 59.44 31.22 14.49
N THR M 158 59.02 32.40 14.93
CA THR M 158 58.44 32.59 16.28
C THR M 158 57.07 33.23 16.15
N VAL M 159 56.39 33.38 17.27
CA VAL M 159 55.07 34.04 17.21
C VAL M 159 55.24 35.45 16.65
N GLN M 160 56.39 36.09 16.86
CA GLN M 160 56.60 37.44 16.31
C GLN M 160 56.67 37.43 14.78
N SER M 161 56.97 36.28 14.19
CA SER M 161 56.97 36.13 12.72
C SER M 161 55.59 36.40 12.11
N GLN M 162 54.53 36.34 12.92
CA GLN M 162 53.17 36.60 12.43
C GLN M 162 52.94 38.09 12.19
N VAL M 163 53.80 38.97 12.68
CA VAL M 163 53.61 40.42 12.47
C VAL M 163 54.85 41.06 11.88
N MET M 164 56.02 40.77 12.46
CA MET M 164 57.32 41.24 11.92
C MET M 164 58.46 40.71 12.76
N ASN M 165 59.24 39.84 12.16
CA ASN M 165 60.51 39.30 12.73
C ASN M 165 61.60 39.66 11.74
N THR M 166 62.46 40.59 12.13
CA THR M 166 63.54 41.09 11.26
C THR M 166 64.61 40.03 10.95
N GLU M 167 64.49 38.84 11.54
CA GLU M 167 65.40 37.74 11.13
C GLU M 167 65.13 37.30 9.69
N HIS M 168 63.90 37.40 9.21
CA HIS M 168 63.51 36.72 7.95
C HIS M 168 63.85 37.60 6.75
N LYS M 169 65.13 37.63 6.40
CA LYS M 169 65.63 38.34 5.22
C LYS M 169 66.09 37.34 4.18
N ALA M 170 65.80 37.62 2.92
CA ALA M 170 66.21 36.71 1.84
C ALA M 170 66.29 37.49 0.54
N TYR M 171 66.91 36.86 -0.44
CA TYR M 171 67.00 37.35 -1.83
C TYR M 171 66.16 36.45 -2.70
N LEU M 172 65.35 37.05 -3.58
CA LEU M 172 64.65 36.24 -4.58
C LEU M 172 65.68 35.82 -5.63
N ASP M 173 66.35 34.70 -5.37
CA ASP M 173 67.50 34.26 -6.18
C ASP M 173 67.26 32.87 -6.77
N LYS M 174 66.04 32.38 -6.76
CA LYS M 174 65.76 31.04 -7.32
C LYS M 174 64.28 30.95 -7.68
N ASN M 175 63.99 30.25 -8.75
CA ASN M 175 62.59 30.02 -9.22
C ASN M 175 61.97 28.83 -8.50
N LYS M 176 60.66 28.82 -8.46
CA LYS M 176 59.88 27.69 -7.88
C LYS M 176 60.36 27.41 -6.46
N ALA M 177 60.68 28.45 -5.71
CA ALA M 177 61.31 28.21 -4.40
C ALA M 177 60.70 29.07 -3.29
N TYR M 178 60.40 30.34 -3.55
CA TYR M 178 60.00 31.25 -2.47
C TYR M 178 58.50 31.37 -2.52
N PRO M 179 57.77 30.78 -1.56
CA PRO M 179 56.31 30.85 -1.60
C PRO M 179 55.80 32.29 -1.49
N VAL M 180 54.78 32.63 -2.26
CA VAL M 180 54.22 34.00 -2.24
C VAL M 180 53.72 34.34 -0.84
N GLU M 181 53.05 33.41 -0.18
CA GLU M 181 52.41 33.70 1.13
C GLU M 181 53.40 33.98 2.28
N CYS M 182 54.66 33.58 2.15
CA CYS M 182 55.62 33.74 3.27
C CYS M 182 56.50 34.97 3.05
N TRP M 183 56.50 35.52 1.83
CA TRP M 183 57.48 36.59 1.53
C TRP M 183 56.85 37.81 0.87
N VAL M 184 57.38 38.98 1.20
CA VAL M 184 56.96 40.25 0.55
C VAL M 184 58.23 41.04 0.28
N PRO M 185 58.25 41.99 -0.66
CA PRO M 185 59.40 42.85 -0.83
C PRO M 185 59.74 43.56 0.48
N ASP M 186 61.02 43.62 0.84
CA ASP M 186 61.50 44.25 2.07
C ASP M 186 61.56 45.75 1.85
N PRO M 187 60.69 46.52 2.52
CA PRO M 187 60.68 47.97 2.31
C PRO M 187 61.88 48.68 2.90
N THR M 188 62.60 48.04 3.81
CA THR M 188 63.83 48.64 4.35
C THR M 188 64.98 48.50 3.39
N ARG M 189 64.85 47.67 2.37
CA ARG M 189 65.94 47.51 1.40
CA ARG M 189 65.93 47.48 1.38
C ARG M 189 65.43 47.85 -0.01
N ASN M 190 65.90 47.14 -1.02
CA ASN M 190 65.43 47.35 -2.40
C ASN M 190 65.66 48.77 -2.92
N GLU M 191 66.74 49.40 -2.50
CA GLU M 191 67.18 50.70 -3.06
C GLU M 191 67.38 50.60 -4.58
N ASN M 192 67.77 49.44 -5.08
CA ASN M 192 68.18 49.32 -6.50
C ASN M 192 67.13 48.54 -7.30
N THR M 193 65.90 48.58 -6.82
CA THR M 193 64.76 47.85 -7.41
C THR M 193 63.54 48.77 -7.37
N ARG M 194 62.68 48.65 -8.36
CA ARG M 194 61.33 49.25 -8.32
C ARG M 194 60.30 48.14 -8.36
N TYR M 195 59.41 48.11 -7.37
CA TYR M 195 58.43 47.00 -7.24
C TYR M 195 57.03 47.58 -7.08
N PHE M 196 56.06 46.82 -7.57
CA PHE M 196 54.63 47.20 -7.61
C PHE M 196 53.82 45.94 -7.37
N GLY M 197 52.84 46.01 -6.48
CA GLY M 197 52.00 44.85 -6.21
C GLY M 197 50.64 45.26 -5.70
N THR M 198 49.65 44.40 -5.96
CA THR M 198 48.28 44.56 -5.45
C THR M 198 47.74 43.20 -5.06
N LEU M 199 47.34 43.09 -3.80
CA LEU M 199 46.59 41.93 -3.28
C LEU M 199 45.12 42.35 -3.23
N THR M 200 44.28 41.54 -3.86
CA THR M 200 42.82 41.68 -3.76
C THR M 200 42.28 40.39 -3.15
N GLY M 201 41.78 40.46 -1.93
CA GLY M 201 41.33 39.26 -1.21
C GLY M 201 39.91 38.88 -1.58
N GLY M 202 39.34 38.00 -0.78
CA GLY M 202 37.93 37.58 -0.92
C GLY M 202 37.76 36.37 -1.81
N GLU M 203 36.84 35.47 -1.48
CA GLU M 203 36.71 34.27 -2.32
C GLU M 203 35.82 34.52 -3.54
N ASN M 204 35.11 35.63 -3.61
CA ASN M 204 34.25 35.86 -4.81
C ASN M 204 34.74 36.99 -5.70
N VAL M 205 35.91 37.56 -5.45
CA VAL M 205 36.27 38.81 -6.16
C VAL M 205 36.56 38.48 -7.62
N PRO M 206 36.02 39.27 -8.57
CA PRO M 206 36.27 39.00 -9.98
C PRO M 206 37.61 39.57 -10.42
N PRO M 207 38.34 38.84 -11.29
CA PRO M 207 39.53 39.42 -11.89
C PRO M 207 39.16 40.65 -12.73
N VAL M 208 40.03 41.65 -12.68
CA VAL M 208 39.94 42.82 -13.57
C VAL M 208 41.33 43.00 -14.15
N LEU M 209 41.48 42.69 -15.42
CA LEU M 209 42.81 42.64 -16.05
C LEU M 209 42.78 43.57 -17.26
N HIS M 210 43.68 44.53 -17.31
CA HIS M 210 43.77 45.50 -18.43
CA HIS M 210 43.75 45.48 -18.44
C HIS M 210 44.99 45.16 -19.27
N ILE M 211 44.85 45.30 -20.59
CA ILE M 211 45.97 45.08 -21.52
C ILE M 211 46.02 46.28 -22.43
N THR M 212 47.22 46.67 -22.79
CA THR M 212 47.43 47.74 -23.78
C THR M 212 48.92 47.82 -24.06
N ASN M 213 49.25 48.22 -25.27
CA ASN M 213 50.67 48.39 -25.60
C ASN M 213 51.02 49.89 -25.60
N THR M 214 50.24 50.72 -24.92
CA THR M 214 50.43 52.19 -24.95
C THR M 214 50.88 52.75 -23.62
N ALA M 215 51.11 51.92 -22.62
CA ALA M 215 51.35 52.41 -21.24
C ALA M 215 52.80 52.08 -20.89
N THR M 216 53.52 53.10 -20.41
CA THR M 216 54.92 52.99 -19.99
C THR M 216 55.04 53.44 -18.55
N THR M 217 55.82 52.73 -17.78
CA THR M 217 56.18 53.15 -16.40
C THR M 217 57.63 53.63 -16.39
N VAL M 218 57.84 54.80 -15.81
CA VAL M 218 59.21 55.36 -15.68
C VAL M 218 59.79 54.79 -14.39
N LEU M 219 60.99 54.27 -14.48
CA LEU M 219 61.62 53.58 -13.31
C LEU M 219 62.59 54.49 -12.57
N LEU M 220 62.72 55.75 -12.98
CA LEU M 220 63.70 56.64 -12.33
C LEU M 220 63.16 57.06 -10.96
N ASP M 221 64.05 57.22 -9.98
CA ASP M 221 63.63 57.74 -8.67
C ASP M 221 63.60 59.28 -8.71
N GLU M 222 63.43 59.91 -7.57
CA GLU M 222 63.28 61.39 -7.58
C GLU M 222 64.60 62.09 -7.87
N PHE M 223 65.72 61.37 -7.87
CA PHE M 223 67.01 61.95 -8.29
C PHE M 223 67.31 61.67 -9.75
N GLY M 224 66.36 61.08 -10.47
CA GLY M 224 66.54 60.76 -11.89
C GLY M 224 67.35 59.51 -12.13
N VAL M 225 67.46 58.62 -11.15
CA VAL M 225 68.32 57.41 -11.27
C VAL M 225 67.43 56.17 -11.27
N GLY M 226 67.58 55.34 -12.28
CA GLY M 226 66.88 54.06 -12.39
C GLY M 226 67.71 52.98 -11.70
N PRO M 227 67.14 51.76 -11.63
CA PRO M 227 67.93 50.61 -11.20
C PRO M 227 69.22 50.48 -12.02
N LEU M 228 70.32 50.22 -11.32
CA LEU M 228 71.66 50.12 -11.95
C LEU M 228 72.12 48.67 -11.86
N CYS M 229 72.44 48.10 -12.99
CA CYS M 229 72.53 46.62 -13.15
C CYS M 229 73.91 46.14 -12.75
N LYS M 230 74.02 45.59 -11.56
CA LYS M 230 75.32 45.09 -11.05
C LYS M 230 75.76 43.88 -11.87
N GLY M 231 76.99 43.92 -12.35
CA GLY M 231 77.49 42.82 -13.20
C GLY M 231 76.80 42.72 -14.55
N ASP M 232 76.15 43.77 -15.04
CA ASP M 232 75.41 43.72 -16.32
C ASP M 232 74.32 42.65 -16.28
N ASN M 233 73.62 42.55 -15.15
CA ASN M 233 72.48 41.61 -15.00
C ASN M 233 71.26 42.41 -14.59
N LEU M 234 70.14 42.16 -15.27
CA LEU M 234 68.84 42.77 -14.94
C LEU M 234 67.99 41.70 -14.27
N TYR M 235 67.37 42.04 -13.17
CA TYR M 235 66.48 41.09 -12.47
C TYR M 235 65.04 41.52 -12.61
N LEU M 236 64.23 40.60 -13.12
CA LEU M 236 62.77 40.75 -13.24
C LEU M 236 62.10 39.72 -12.35
N SER M 237 61.05 40.14 -11.68
CA SER M 237 60.32 39.25 -10.75
C SER M 237 58.84 39.50 -10.95
N ALA M 238 58.04 38.48 -10.73
CA ALA M 238 56.60 38.58 -11.00
C ALA M 238 55.83 37.54 -10.20
N VAL M 239 54.61 37.94 -9.86
CA VAL M 239 53.57 36.99 -9.40
C VAL M 239 52.29 37.45 -10.07
N ASP M 240 51.56 36.51 -10.67
CA ASP M 240 50.24 36.84 -11.24
C ASP M 240 49.30 35.70 -10.91
N VAL M 241 48.95 35.59 -9.65
CA VAL M 241 47.87 34.69 -9.18
C VAL M 241 46.56 35.36 -9.53
N CYS M 242 45.79 34.77 -10.44
CA CYS M 242 44.62 35.47 -10.97
C CYS M 242 43.37 35.17 -10.13
N GLY M 243 43.41 34.11 -9.33
CA GLY M 243 42.26 33.69 -8.54
C GLY M 243 42.24 32.17 -8.51
N MET M 244 41.13 31.58 -8.14
CA MET M 244 41.04 30.11 -8.08
C MET M 244 40.08 29.55 -9.11
N PHE M 245 40.40 28.36 -9.60
CA PHE M 245 39.54 27.57 -10.49
C PHE M 245 38.81 26.51 -9.64
N THR M 246 37.53 26.36 -9.86
CA THR M 246 36.69 25.43 -9.07
C THR M 246 36.29 24.26 -9.97
N ASN M 247 36.68 23.06 -9.55
CA ASN M 247 36.26 21.80 -10.19
C ASN M 247 34.80 21.50 -9.86
N ARG M 248 34.20 20.56 -10.58
CA ARG M 248 32.81 20.19 -10.29
C ARG M 248 32.63 19.77 -8.83
N SER M 249 33.57 18.97 -8.31
CA SER M 249 33.53 18.50 -6.91
C SER M 249 33.63 19.67 -5.92
N GLY M 250 34.11 20.84 -6.36
CA GLY M 250 34.31 21.97 -5.45
C GLY M 250 35.75 22.16 -5.03
N SER M 251 36.65 21.23 -5.36
CA SER M 251 38.08 21.43 -5.06
C SER M 251 38.57 22.66 -5.83
N GLN M 252 39.45 23.43 -5.19
CA GLN M 252 39.88 24.71 -5.77
C GLN M 252 41.38 24.74 -5.93
N GLN M 253 41.81 25.40 -6.99
CA GLN M 253 43.21 25.41 -7.47
C GLN M 253 43.59 26.82 -7.88
N TRP M 254 44.72 27.32 -7.41
CA TRP M 254 45.23 28.63 -7.92
C TRP M 254 45.46 28.54 -9.42
N ARG M 255 45.10 29.59 -10.14
CA ARG M 255 45.39 29.68 -11.58
C ARG M 255 46.23 30.93 -11.79
N GLY M 256 47.36 30.78 -12.48
CA GLY M 256 48.27 31.90 -12.73
C GLY M 256 48.47 32.17 -14.21
N LEU M 257 48.98 33.34 -14.55
CA LEU M 257 49.26 33.68 -15.97
C LEU M 257 50.65 34.25 -16.06
N SER M 258 51.19 34.23 -17.27
CA SER M 258 52.54 34.77 -17.54
C SER M 258 52.51 36.29 -17.54
N ARG M 259 53.68 36.90 -17.44
CA ARG M 259 53.83 38.36 -17.52
C ARG M 259 54.94 38.75 -18.49
N TYR M 260 54.63 39.65 -19.38
CA TYR M 260 55.52 40.25 -20.36
C TYR M 260 56.23 41.44 -19.73
N PHE M 261 57.52 41.56 -20.01
CA PHE M 261 58.31 42.75 -19.63
C PHE M 261 59.04 43.26 -20.86
N LYS M 262 59.03 44.56 -21.04
CA LYS M 262 59.95 45.26 -21.96
C LYS M 262 60.58 46.41 -21.21
N VAL M 263 61.89 46.33 -21.03
CA VAL M 263 62.66 47.33 -20.27
C VAL M 263 63.63 48.03 -21.22
N GLN M 264 63.58 49.35 -21.26
CA GLN M 264 64.59 50.17 -21.98
CA GLN M 264 64.59 50.17 -21.97
C GLN M 264 65.67 50.57 -20.99
N LEU M 265 66.92 50.42 -21.42
CA LEU M 265 68.08 50.72 -20.56
C LEU M 265 69.04 51.65 -21.30
N ARG M 266 69.82 52.37 -20.51
CA ARG M 266 70.83 53.31 -21.05
C ARG M 266 72.10 53.15 -20.24
N LYS M 267 73.20 53.58 -20.83
CA LYS M 267 74.52 53.51 -20.14
C LYS M 267 74.68 54.72 -19.23
N ARG M 268 75.14 54.46 -18.02
CA ARG M 268 75.31 55.48 -16.97
C ARG M 268 76.71 55.29 -16.39
N ARG M 269 77.44 56.38 -16.20
CA ARG M 269 78.76 56.31 -15.54
C ARG M 269 78.60 56.42 -14.03
N VAL M 270 79.26 55.52 -13.32
CA VAL M 270 79.33 55.54 -11.83
C VAL M 270 80.80 55.43 -11.42
N LYS M 271 81.05 55.66 -10.14
CA LYS M 271 82.41 55.38 -9.57
C LYS M 271 82.34 54.42 -8.38
N VAL N 7 62.01 51.02 -41.84
CA VAL N 7 61.63 52.27 -42.57
C VAL N 7 62.04 53.48 -41.74
N GLU N 8 62.37 54.58 -42.44
CA GLU N 8 62.56 55.89 -41.79
C GLU N 8 61.26 56.68 -41.93
N VAL N 9 60.80 57.22 -40.82
CA VAL N 9 59.54 58.00 -40.79
C VAL N 9 59.89 59.48 -40.88
N LEU N 10 59.51 60.12 -41.96
CA LEU N 10 59.91 61.53 -42.15
C LEU N 10 58.76 62.45 -41.81
N GLU N 11 58.60 63.52 -42.59
CA GLU N 11 57.70 64.64 -42.21
C GLU N 11 56.24 64.29 -42.52
N VAL N 12 55.37 64.92 -41.78
CA VAL N 12 53.92 64.91 -42.09
C VAL N 12 53.71 65.83 -43.27
N LYS N 13 52.87 65.34 -44.15
CA LYS N 13 52.44 66.13 -45.29
C LYS N 13 51.31 67.10 -44.93
N THR N 14 51.35 68.30 -45.48
CA THR N 14 50.28 69.32 -45.21
C THR N 14 49.51 69.63 -46.48
N GLY N 15 48.56 70.54 -46.39
CA GLY N 15 47.69 70.80 -47.54
C GLY N 15 46.30 70.22 -47.32
N VAL N 16 45.36 70.70 -48.13
CA VAL N 16 43.92 70.46 -47.88
C VAL N 16 43.61 68.97 -48.01
N ASP N 17 44.27 68.30 -48.95
CA ASP N 17 43.98 66.89 -49.30
C ASP N 17 44.79 65.92 -48.43
N SER N 18 45.55 66.41 -47.45
CA SER N 18 46.51 65.58 -46.69
C SER N 18 45.86 64.78 -45.54
N ILE N 19 44.55 64.92 -45.32
CA ILE N 19 43.90 64.22 -44.19
C ILE N 19 42.69 63.45 -44.71
N THR N 20 42.34 62.39 -43.98
CA THR N 20 41.10 61.65 -44.28
C THR N 20 40.60 61.02 -42.99
N GLU N 21 39.35 60.58 -43.03
CA GLU N 21 38.78 59.93 -41.83
C GLU N 21 38.07 58.65 -42.27
N VAL N 22 38.09 57.68 -41.38
CA VAL N 22 37.39 56.40 -41.57
C VAL N 22 36.34 56.31 -40.47
N GLU N 23 35.15 55.92 -40.86
CA GLU N 23 34.05 55.68 -39.91
C GLU N 23 33.43 54.33 -40.24
N CYS N 24 33.25 53.49 -39.24
CA CYS N 24 32.60 52.20 -39.51
C CYS N 24 32.20 51.54 -38.19
N PHE N 25 31.48 50.44 -38.32
CA PHE N 25 31.13 49.65 -37.12
C PHE N 25 31.54 48.21 -37.38
N LEU N 26 32.00 47.54 -36.33
CA LEU N 26 32.29 46.10 -36.37
C LEU N 26 31.18 45.40 -35.60
N THR N 27 30.51 44.46 -36.23
CA THR N 27 29.48 43.72 -35.50
C THR N 27 30.13 42.58 -34.74
N PRO N 28 29.45 42.11 -33.67
CA PRO N 28 30.02 41.05 -32.84
C PRO N 28 29.90 39.67 -33.49
N GLU N 29 30.82 38.81 -33.10
CA GLU N 29 30.78 37.39 -33.53
C GLU N 29 30.80 36.52 -32.28
N MET N 30 29.61 36.25 -31.74
CA MET N 30 29.48 35.47 -30.48
C MET N 30 29.29 34.00 -30.75
N GLY N 31 29.04 33.61 -31.99
CA GLY N 31 28.83 32.19 -32.30
C GLY N 31 27.64 32.01 -33.20
N ASP N 32 26.59 32.79 -32.98
CA ASP N 32 25.34 32.84 -33.81
C ASP N 32 24.82 31.43 -34.07
N PRO N 33 24.21 30.80 -33.05
CA PRO N 33 23.81 29.40 -33.19
C PRO N 33 22.69 29.16 -34.21
N ASP N 34 21.84 30.16 -34.47
CA ASP N 34 20.87 30.03 -35.58
C ASP N 34 20.56 31.42 -36.12
N GLU N 35 19.69 31.47 -37.13
CA GLU N 35 19.41 32.74 -37.83
C GLU N 35 18.57 33.68 -36.94
N HIS N 36 18.05 33.22 -35.82
CA HIS N 36 17.34 34.14 -34.92
C HIS N 36 18.24 34.72 -33.83
N LEU N 37 19.49 34.26 -33.73
CA LEU N 37 20.32 34.51 -32.53
C LEU N 37 21.63 35.18 -32.89
N ARG N 38 21.64 35.99 -33.93
CA ARG N 38 22.78 36.88 -34.22
C ARG N 38 23.08 37.75 -33.00
N GLY N 39 24.35 37.79 -32.59
CA GLY N 39 24.78 38.50 -31.37
C GLY N 39 24.80 37.67 -30.11
N PHE N 40 24.30 36.44 -30.17
CA PHE N 40 24.35 35.50 -29.03
C PHE N 40 25.25 34.32 -29.39
N SER N 41 25.72 33.64 -28.35
CA SER N 41 26.32 32.30 -28.52
C SER N 41 25.26 31.21 -28.32
N LYS N 42 25.64 30.00 -28.70
CA LYS N 42 24.93 28.79 -28.27
C LYS N 42 25.04 28.66 -26.77
N SER N 43 24.12 27.94 -26.16
CA SER N 43 24.17 27.60 -24.72
C SER N 43 25.55 27.03 -24.38
N ILE N 44 26.09 27.45 -23.25
CA ILE N 44 27.42 26.99 -22.80
C ILE N 44 27.26 25.60 -22.19
N SER N 45 28.03 24.65 -22.71
CA SER N 45 28.14 23.27 -22.14
C SER N 45 29.45 23.09 -21.40
N ILE N 46 29.42 22.34 -20.32
CA ILE N 46 30.59 22.14 -19.44
C ILE N 46 31.12 20.71 -19.58
N SER N 47 32.40 20.59 -19.89
CA SER N 47 33.05 19.27 -20.09
C SER N 47 33.29 18.58 -18.75
N ASP N 48 33.32 17.25 -18.78
CA ASP N 48 33.44 16.43 -17.54
C ASP N 48 34.88 16.37 -17.08
N THR N 49 35.84 16.60 -17.97
CA THR N 49 37.27 16.58 -17.65
C THR N 49 37.95 17.57 -18.57
N PHE N 50 39.17 17.95 -18.23
CA PHE N 50 39.95 18.79 -19.17
C PHE N 50 40.11 18.10 -20.53
N GLU N 51 40.40 16.82 -20.52
CA GLU N 51 40.68 16.06 -21.77
C GLU N 51 39.50 16.04 -22.73
N SER N 52 38.29 16.01 -22.20
CA SER N 52 37.08 15.80 -23.02
C SER N 52 36.43 17.12 -23.40
N ASP N 53 37.08 18.24 -23.13
CA ASP N 53 36.58 19.58 -23.54
C ASP N 53 36.54 19.68 -25.07
N SER N 54 35.35 19.70 -25.66
CA SER N 54 35.18 19.78 -27.13
CA SER N 54 35.17 19.76 -27.12
C SER N 54 34.08 20.78 -27.45
N PRO N 55 34.34 22.07 -27.25
CA PRO N 55 33.30 23.08 -27.46
C PRO N 55 32.88 23.19 -28.93
N ASN N 56 31.59 23.38 -29.13
CA ASN N 56 31.01 23.66 -30.45
C ASN N 56 31.47 25.02 -30.95
N ARG N 57 31.62 25.13 -32.25
CA ARG N 57 32.00 26.41 -32.87
C ARG N 57 31.01 27.52 -32.48
N ASP N 58 29.74 27.21 -32.44
CA ASP N 58 28.67 28.21 -32.17
C ASP N 58 28.71 28.69 -30.72
N MET N 59 29.51 28.06 -29.87
CA MET N 59 29.62 28.41 -28.45
C MET N 59 30.82 29.35 -28.18
N LEU N 60 31.65 29.65 -29.18
CA LEU N 60 32.91 30.39 -28.95
C LEU N 60 32.83 31.75 -29.63
N PRO N 61 32.78 32.85 -28.84
CA PRO N 61 32.94 34.17 -29.42
C PRO N 61 34.31 34.28 -30.10
N CYS N 62 34.36 35.00 -31.21
CA CYS N 62 35.59 35.29 -31.95
C CYS N 62 35.93 36.78 -31.99
N TYR N 63 37.19 37.09 -32.26
CA TYR N 63 37.56 38.48 -32.59
C TYR N 63 36.85 38.90 -33.86
N SER N 64 36.48 40.17 -33.93
CA SER N 64 35.96 40.87 -35.13
C SER N 64 37.11 41.66 -35.74
N VAL N 65 37.19 41.69 -37.07
CA VAL N 65 38.24 42.47 -37.78
C VAL N 65 37.63 43.07 -39.02
N ALA N 66 38.03 44.28 -39.35
CA ALA N 66 37.70 44.90 -40.64
C ALA N 66 38.99 45.47 -41.25
N ARG N 67 39.18 45.21 -42.54
CA ARG N 67 40.27 45.87 -43.29
C ARG N 67 39.65 46.95 -44.16
N ILE N 68 40.02 48.19 -43.92
CA ILE N 68 39.38 49.35 -44.59
C ILE N 68 40.35 49.92 -45.62
N PRO N 69 40.03 49.87 -46.91
CA PRO N 69 40.91 50.47 -47.92
C PRO N 69 40.89 51.99 -47.82
N LEU N 70 42.08 52.56 -47.86
CA LEU N 70 42.25 54.04 -47.82
C LEU N 70 42.50 54.55 -49.22
N PRO N 71 42.36 55.88 -49.45
CA PRO N 71 42.63 56.40 -50.79
C PRO N 71 44.06 56.08 -51.23
N ASN N 72 44.19 55.66 -52.48
CA ASN N 72 45.47 55.14 -52.99
C ASN N 72 46.51 56.26 -53.02
N LEU N 73 47.68 55.93 -52.48
CA LEU N 73 48.81 56.87 -52.51
C LEU N 73 49.89 56.29 -53.43
N ASN N 74 50.79 57.17 -53.86
CA ASN N 74 52.03 56.78 -54.58
C ASN N 74 51.71 56.24 -55.98
N GLU N 75 50.59 56.66 -56.57
CA GLU N 75 50.15 56.11 -57.87
C GLU N 75 50.12 54.57 -57.80
N ASP N 76 51.19 53.92 -58.25
CA ASP N 76 51.26 52.44 -58.18
C ASP N 76 52.62 51.96 -57.67
N LEU N 77 53.42 52.84 -57.07
CA LEU N 77 54.83 52.52 -56.71
C LEU N 77 54.93 51.36 -55.69
N ASN N 81 60.59 59.07 -50.51
CA ASN N 81 60.07 57.98 -51.38
C ASN N 81 58.54 58.04 -51.45
N ILE N 82 57.89 57.34 -50.54
CA ILE N 82 56.43 57.11 -50.65
C ILE N 82 55.73 57.73 -49.45
N LEU N 83 54.44 57.99 -49.67
CA LEU N 83 53.53 58.46 -48.59
C LEU N 83 52.79 57.25 -48.02
N MET N 84 52.45 57.36 -46.74
CA MET N 84 51.59 56.36 -46.07
C MET N 84 50.56 57.14 -45.26
N TRP N 85 49.37 56.57 -45.16
CA TRP N 85 48.36 57.08 -44.22
C TRP N 85 48.77 56.74 -42.80
N GLU N 86 48.67 57.72 -41.92
CA GLU N 86 49.05 57.59 -40.50
C GLU N 86 47.79 57.82 -39.66
N ALA N 87 47.44 56.85 -38.83
CA ALA N 87 46.26 56.98 -37.95
C ALA N 87 46.65 57.79 -36.75
N VAL N 88 45.91 58.84 -36.45
CA VAL N 88 46.31 59.80 -35.40
C VAL N 88 45.35 59.78 -34.21
N THR N 89 44.04 59.72 -34.45
CA THR N 89 43.07 59.77 -33.34
C THR N 89 42.00 58.72 -33.55
N LEU N 90 41.41 58.30 -32.44
CA LEU N 90 40.31 57.32 -32.45
C LEU N 90 39.19 57.83 -31.54
N LYS N 91 37.97 57.77 -32.05
CA LYS N 91 36.75 57.79 -31.23
C LYS N 91 36.08 56.43 -31.35
N THR N 92 35.64 55.89 -30.24
CA THR N 92 35.05 54.54 -30.26
C THR N 92 33.97 54.44 -29.21
N GLU N 93 32.98 53.60 -29.47
CA GLU N 93 32.06 53.22 -28.37
C GLU N 93 31.24 52.02 -28.78
N VAL N 94 30.69 51.39 -27.75
CA VAL N 94 29.79 50.24 -27.89
C VAL N 94 28.43 50.76 -28.33
N ILE N 95 27.87 50.11 -29.35
CA ILE N 95 26.58 50.52 -29.95
C ILE N 95 25.50 49.59 -29.42
N GLY N 96 24.48 50.17 -28.80
CA GLY N 96 23.29 49.45 -28.33
C GLY N 96 23.36 49.14 -26.85
N VAL N 97 24.02 49.97 -26.06
CA VAL N 97 24.21 49.60 -24.62
C VAL N 97 22.85 49.53 -23.94
N THR N 98 21.87 50.27 -24.43
CA THR N 98 20.54 50.26 -23.77
C THR N 98 19.76 48.98 -24.07
N SER N 99 20.14 48.22 -25.07
CA SER N 99 19.45 46.95 -25.33
C SER N 99 19.58 46.04 -24.10
N LEU N 100 20.58 46.28 -23.27
CA LEU N 100 20.74 45.43 -22.06
C LEU N 100 19.71 45.76 -20.99
N MET N 101 18.82 46.72 -21.23
CA MET N 101 17.70 46.96 -20.31
C MET N 101 16.45 46.14 -20.71
N ASN N 102 16.55 45.31 -21.73
CA ASN N 102 15.44 44.37 -22.00
C ASN N 102 15.58 43.22 -21.00
N VAL N 103 14.82 43.35 -19.93
CA VAL N 103 14.71 42.40 -18.81
C VAL N 103 13.38 41.62 -18.93
N HIS N 104 12.70 41.69 -20.07
CA HIS N 104 11.36 41.09 -20.21
C HIS N 104 11.30 40.01 -21.29
N SER N 105 12.40 39.72 -21.98
CA SER N 105 12.36 38.84 -23.17
C SER N 105 13.04 37.51 -22.85
N ASN N 106 12.25 36.46 -22.70
CA ASN N 106 12.75 35.06 -22.69
C ASN N 106 13.64 34.80 -21.49
N GLY N 107 13.48 35.55 -20.43
CA GLY N 107 14.45 35.49 -19.33
C GLY N 107 14.06 34.55 -18.21
N GLN N 108 14.93 34.52 -17.21
CA GLN N 108 14.69 33.87 -15.91
C GLN N 108 14.33 34.93 -14.89
N ALA N 109 13.22 34.75 -14.21
CA ALA N 109 12.79 35.64 -13.12
C ALA N 109 13.87 35.67 -12.03
N THR N 110 14.25 36.87 -11.59
CA THR N 110 15.18 36.96 -10.44
C THR N 110 14.56 36.27 -9.22
N HIS N 111 13.25 36.36 -9.10
CA HIS N 111 12.47 35.71 -8.05
C HIS N 111 11.03 35.68 -8.52
N ASP N 112 10.20 34.99 -7.76
CA ASP N 112 8.77 34.87 -8.14
C ASP N 112 8.16 36.25 -8.39
N ASN N 113 7.55 36.40 -9.56
CA ASN N 113 6.88 37.62 -10.03
C ASN N 113 7.84 38.78 -10.27
N GLY N 114 9.14 38.53 -10.29
CA GLY N 114 10.12 39.59 -10.53
C GLY N 114 10.42 39.81 -12.00
N ALA N 115 11.34 40.75 -12.25
CA ALA N 115 11.88 41.00 -13.60
C ALA N 115 12.86 39.89 -13.99
N GLY N 116 13.21 39.83 -15.25
CA GLY N 116 14.22 38.90 -15.74
C GLY N 116 15.60 39.24 -15.23
N LYS N 117 16.44 38.24 -15.14
CA LYS N 117 17.84 38.44 -14.78
C LYS N 117 18.52 39.13 -15.95
N PRO N 118 19.20 40.28 -15.75
CA PRO N 118 19.90 40.96 -16.83
C PRO N 118 21.16 40.20 -17.27
N VAL N 119 21.64 40.57 -18.44
CA VAL N 119 22.98 40.14 -18.92
C VAL N 119 24.02 40.53 -17.88
N GLN N 120 24.85 39.59 -17.51
CA GLN N 120 25.91 39.85 -16.51
C GLN N 120 26.93 38.72 -16.59
N GLY N 121 27.99 38.87 -15.82
CA GLY N 121 29.06 37.89 -15.79
C GLY N 121 30.25 38.34 -16.62
N THR N 122 31.12 37.39 -16.90
CA THR N 122 32.42 37.70 -17.54
C THR N 122 32.26 38.55 -18.79
N SER N 123 33.07 39.60 -18.88
CA SER N 123 33.04 40.49 -20.07
C SER N 123 34.46 40.72 -20.56
N PHE N 124 34.58 40.93 -21.86
CA PHE N 124 35.84 41.33 -22.49
C PHE N 124 35.53 42.45 -23.49
N HIS N 125 36.09 43.62 -23.28
CA HIS N 125 35.92 44.77 -24.19
C HIS N 125 37.30 45.10 -24.74
N PHE N 126 37.40 45.15 -26.06
CA PHE N 126 38.72 45.19 -26.70
C PHE N 126 38.59 45.92 -28.03
N PHE N 127 39.57 46.74 -28.34
CA PHE N 127 39.59 47.38 -29.66
C PHE N 127 41.04 47.72 -30.03
N SER N 128 41.30 47.74 -31.32
CA SER N 128 42.65 48.06 -31.80
C SER N 128 42.56 48.73 -33.16
N VAL N 129 43.56 49.59 -33.42
CA VAL N 129 43.72 50.30 -34.72
C VAL N 129 45.15 50.05 -35.14
N GLY N 130 45.35 49.60 -36.36
CA GLY N 130 46.72 49.31 -36.81
C GLY N 130 46.87 49.45 -38.31
N GLY N 131 48.12 49.58 -38.74
CA GLY N 131 48.42 49.67 -40.18
C GLY N 131 48.65 48.32 -40.83
N GLU N 132 48.36 47.26 -40.11
CA GLU N 132 48.46 45.87 -40.58
C GLU N 132 47.63 45.03 -39.62
N ALA N 133 47.50 43.76 -39.91
CA ALA N 133 46.67 42.88 -39.09
C ALA N 133 47.22 42.85 -37.66
N LEU N 134 46.30 42.77 -36.70
CA LEU N 134 46.67 42.55 -35.30
C LEU N 134 47.44 41.24 -35.19
N GLU N 135 48.51 41.27 -34.44
CA GLU N 135 49.36 40.08 -34.24
C GLU N 135 48.94 39.41 -32.93
N LEU N 136 48.69 38.11 -33.01
CA LEU N 136 48.09 37.34 -31.91
C LEU N 136 49.11 36.34 -31.34
N GLN N 137 49.00 36.14 -30.05
CA GLN N 137 49.71 35.11 -29.27
C GLN N 137 48.67 34.19 -28.66
N GLY N 138 48.84 32.88 -28.83
CA GLY N 138 47.91 31.90 -28.29
C GLY N 138 48.24 31.58 -26.85
N VAL N 139 47.20 31.56 -26.03
CA VAL N 139 47.31 31.07 -24.62
C VAL N 139 45.98 30.37 -24.36
N LEU N 140 46.04 29.18 -23.78
CA LEU N 140 44.85 28.32 -23.62
C LEU N 140 44.61 28.12 -22.13
N PHE N 141 43.35 28.18 -21.71
CA PHE N 141 43.04 27.82 -20.32
C PHE N 141 43.48 26.37 -20.05
N ASN N 142 43.23 25.50 -21.02
CA ASN N 142 43.36 24.02 -20.89
C ASN N 142 43.91 23.55 -22.24
N TYR N 143 45.14 23.05 -22.25
CA TYR N 143 45.77 22.73 -23.55
C TYR N 143 45.13 21.51 -24.21
N ARG N 144 44.41 20.72 -23.44
CA ARG N 144 43.71 19.53 -23.99
C ARG N 144 42.41 19.89 -24.68
N THR N 145 41.95 21.14 -24.65
CA THR N 145 40.71 21.52 -25.37
C THR N 145 40.82 21.12 -26.84
N LYS N 146 39.77 20.49 -27.37
CA LYS N 146 39.64 20.22 -28.80
C LYS N 146 38.86 21.35 -29.44
N TYR N 147 39.52 22.23 -30.15
CA TYR N 147 38.83 23.35 -30.80
C TYR N 147 38.21 22.87 -32.10
N PRO N 148 37.04 23.43 -32.44
CA PRO N 148 36.24 22.88 -33.54
C PRO N 148 36.70 23.32 -34.93
N ASP N 149 36.36 22.47 -35.90
CA ASP N 149 36.59 22.84 -37.31
C ASP N 149 35.89 24.16 -37.62
N GLY N 150 36.55 24.94 -38.44
CA GLY N 150 36.06 26.27 -38.84
C GLY N 150 36.63 27.36 -37.99
N THR N 151 37.30 27.05 -36.88
CA THR N 151 38.01 28.08 -36.10
C THR N 151 39.50 27.96 -36.38
N ILE N 152 40.20 29.05 -36.13
CA ILE N 152 41.68 29.07 -36.22
C ILE N 152 42.19 29.25 -34.81
N PHE N 153 42.88 28.24 -34.32
CA PHE N 153 43.16 28.06 -32.89
C PHE N 153 44.62 27.67 -32.75
N PRO N 154 45.20 27.81 -31.55
CA PRO N 154 46.58 27.37 -31.34
C PRO N 154 46.74 25.86 -31.59
N LYS N 155 47.50 25.53 -32.62
CA LYS N 155 47.60 24.15 -33.15
C LYS N 155 48.68 23.39 -32.43
N ASN N 156 48.51 22.07 -32.37
CA ASN N 156 49.48 21.12 -31.80
C ASN N 156 49.89 21.62 -30.41
N ALA N 157 48.91 21.89 -29.59
CA ALA N 157 49.16 22.46 -28.25
C ALA N 157 49.90 21.43 -27.39
N THR N 158 50.71 21.94 -26.49
CA THR N 158 51.40 21.18 -25.42
C THR N 158 51.04 21.80 -24.08
N VAL N 159 51.49 21.19 -23.00
CA VAL N 159 51.11 21.73 -21.68
C VAL N 159 51.67 23.14 -21.49
N GLN N 160 52.75 23.48 -22.18
CA GLN N 160 53.27 24.86 -22.10
C GLN N 160 52.32 25.86 -22.73
N SER N 161 51.43 25.43 -23.60
CA SER N 161 50.40 26.29 -24.21
C SER N 161 49.50 26.91 -23.11
N GLN N 162 49.47 26.36 -21.91
CA GLN N 162 48.60 26.86 -20.84
C GLN N 162 49.22 28.04 -20.10
N VAL N 163 50.49 28.37 -20.37
CA VAL N 163 51.13 29.53 -19.71
C VAL N 163 51.80 30.40 -20.76
N MET N 164 52.56 29.79 -21.67
CA MET N 164 53.25 30.56 -22.71
C MET N 164 54.03 29.64 -23.66
N ASN N 165 53.57 29.57 -24.90
CA ASN N 165 54.17 28.72 -25.94
C ASN N 165 54.41 29.66 -27.12
N THR N 166 55.65 30.09 -27.33
CA THR N 166 55.97 31.03 -28.42
C THR N 166 55.68 30.46 -29.80
N GLU N 167 55.35 29.18 -29.91
CA GLU N 167 54.92 28.65 -31.22
C GLU N 167 53.57 29.23 -31.65
N HIS N 168 52.73 29.69 -30.73
CA HIS N 168 51.34 30.04 -31.11
C HIS N 168 51.26 31.50 -31.53
N LYS N 169 51.56 31.74 -32.79
CA LYS N 169 51.63 33.11 -33.36
C LYS N 169 50.66 33.13 -34.52
N ALA N 170 49.85 34.18 -34.60
CA ALA N 170 48.90 34.29 -35.71
C ALA N 170 48.67 35.76 -36.04
N TYR N 171 48.02 35.97 -37.16
CA TYR N 171 47.50 37.29 -37.56
C TYR N 171 45.98 37.24 -37.48
N LEU N 172 45.37 38.30 -36.96
CA LEU N 172 43.90 38.43 -37.01
C LEU N 172 43.51 38.89 -38.41
N ASP N 173 43.38 37.93 -39.29
CA ASP N 173 43.21 38.21 -40.74
C ASP N 173 41.91 37.59 -41.27
N LYS N 174 40.98 37.22 -40.40
CA LYS N 174 39.73 36.59 -40.86
C LYS N 174 38.67 36.75 -39.77
N ASN N 175 37.46 37.03 -40.21
CA ASN N 175 36.31 37.17 -39.31
CA ASN N 175 36.30 37.16 -39.31
C ASN N 175 35.74 35.80 -38.95
N LYS N 176 35.03 35.74 -37.83
CA LYS N 176 34.32 34.51 -37.38
C LYS N 176 35.30 33.35 -37.21
N ALA N 177 36.56 33.61 -36.89
CA ALA N 177 37.51 32.48 -36.99
C ALA N 177 38.38 32.33 -35.74
N TYR N 178 38.83 33.45 -35.19
CA TYR N 178 39.79 33.43 -34.06
C TYR N 178 39.08 33.54 -32.72
N PRO N 179 39.01 32.45 -31.94
CA PRO N 179 38.27 32.47 -30.69
C PRO N 179 38.92 33.41 -29.66
N VAL N 180 38.09 34.22 -29.03
CA VAL N 180 38.59 35.17 -28.00
C VAL N 180 39.41 34.43 -26.95
N GLU N 181 38.91 33.33 -26.42
CA GLU N 181 39.57 32.62 -25.29
C GLU N 181 40.93 32.00 -25.65
N CYS N 182 41.21 31.82 -26.93
CA CYS N 182 42.46 31.16 -27.37
C CYS N 182 43.55 32.18 -27.62
N TRP N 183 43.17 33.42 -27.96
CA TRP N 183 44.19 34.38 -28.43
C TRP N 183 44.17 35.70 -27.69
N VAL N 184 45.34 36.31 -27.58
CA VAL N 184 45.43 37.66 -27.00
C VAL N 184 46.36 38.48 -27.91
N PRO N 185 46.36 39.84 -27.90
CA PRO N 185 47.37 40.56 -28.63
C PRO N 185 48.78 40.12 -28.19
N ASP N 186 49.69 39.95 -29.14
CA ASP N 186 51.08 39.54 -28.90
C ASP N 186 51.86 40.78 -28.51
N PRO N 187 52.27 40.92 -27.23
CA PRO N 187 52.95 42.12 -26.81
C PRO N 187 54.40 42.23 -27.31
N THR N 188 54.97 41.15 -27.82
CA THR N 188 56.32 41.19 -28.45
C THR N 188 56.23 41.71 -29.86
N ARG N 189 55.03 41.88 -30.41
CA ARG N 189 54.88 42.42 -31.77
C ARG N 189 53.98 43.65 -31.71
N ASN N 190 53.18 43.87 -32.73
CA ASN N 190 52.17 44.97 -32.76
C ASN N 190 52.84 46.33 -32.60
N GLU N 191 54.06 46.48 -33.14
CA GLU N 191 54.72 47.80 -33.18
C GLU N 191 53.84 48.81 -33.94
N ASN N 192 53.10 48.33 -34.92
CA ASN N 192 52.34 49.20 -35.84
C ASN N 192 50.85 49.19 -35.52
N THR N 193 50.49 48.88 -34.29
CA THR N 193 49.08 48.79 -33.86
C THR N 193 49.00 49.39 -32.46
N ARG N 194 47.86 50.00 -32.13
CA ARG N 194 47.56 50.32 -30.71
C ARG N 194 46.32 49.52 -30.30
N TYR N 195 46.42 48.85 -29.17
CA TYR N 195 45.34 47.98 -28.69
C TYR N 195 45.07 48.27 -27.23
N PHE N 196 43.80 48.06 -26.86
CA PHE N 196 43.31 48.32 -25.51
C PHE N 196 42.25 47.26 -25.21
N GLY N 197 42.32 46.64 -24.05
CA GLY N 197 41.38 45.62 -23.66
C GLY N 197 41.20 45.55 -22.16
N THR N 198 40.01 45.14 -21.74
CA THR N 198 39.74 44.87 -20.33
C THR N 198 38.92 43.61 -20.18
N LEU N 199 39.43 42.69 -19.36
CA LEU N 199 38.71 41.48 -19.00
C LEU N 199 38.15 41.68 -17.59
N THR N 200 36.86 41.50 -17.43
CA THR N 200 36.23 41.55 -16.09
C THR N 200 35.57 40.20 -15.84
N GLY N 201 36.14 39.41 -14.95
CA GLY N 201 35.65 38.06 -14.66
C GLY N 201 34.44 38.09 -13.72
N GLY N 202 34.04 36.91 -13.29
CA GLY N 202 32.97 36.82 -12.29
C GLY N 202 31.67 36.33 -12.87
N GLU N 203 31.02 35.42 -12.15
CA GLU N 203 29.63 34.94 -12.40
C GLU N 203 28.65 36.11 -12.50
N ASN N 204 28.72 37.08 -11.60
CA ASN N 204 27.60 38.04 -11.44
C ASN N 204 28.04 39.48 -11.70
N VAL N 205 29.19 39.72 -12.33
CA VAL N 205 29.65 41.13 -12.45
C VAL N 205 28.72 41.87 -13.41
N PRO N 206 28.31 43.10 -13.07
CA PRO N 206 27.43 43.84 -13.95
C PRO N 206 28.19 44.53 -15.06
N PRO N 207 27.59 44.63 -16.27
CA PRO N 207 28.13 45.51 -17.29
C PRO N 207 28.19 46.96 -16.79
N VAL N 208 29.29 47.64 -17.08
CA VAL N 208 29.41 49.10 -16.87
C VAL N 208 29.88 49.68 -18.18
N LEU N 209 28.96 50.32 -18.91
CA LEU N 209 29.23 50.74 -20.29
C LEU N 209 29.01 52.25 -20.39
N HIS N 210 30.03 52.98 -20.79
CA HIS N 210 29.94 54.45 -20.97
C HIS N 210 29.85 54.75 -22.45
N ILE N 211 29.02 55.73 -22.78
CA ILE N 211 28.95 56.25 -24.17
C ILE N 211 29.12 57.75 -24.10
N THR N 212 29.82 58.29 -25.08
CA THR N 212 29.90 59.75 -25.27
C THR N 212 30.54 60.00 -26.62
N ASN N 213 30.18 61.10 -27.24
CA ASN N 213 30.82 61.50 -28.51
C ASN N 213 31.87 62.59 -28.28
N THR N 214 32.34 62.78 -27.05
CA THR N 214 33.24 63.88 -26.72
C THR N 214 34.66 63.39 -26.36
N ALA N 215 34.93 62.09 -26.45
CA ALA N 215 36.20 61.51 -25.99
C ALA N 215 37.01 61.04 -27.18
N THR N 216 38.27 61.43 -27.22
CA THR N 216 39.19 61.06 -28.31
C THR N 216 40.43 60.41 -27.70
N THR N 217 40.91 59.36 -28.34
CA THR N 217 42.17 58.71 -27.98
C THR N 217 43.21 59.05 -29.04
N VAL N 218 44.36 59.53 -28.59
CA VAL N 218 45.48 59.82 -29.53
C VAL N 218 46.25 58.52 -29.74
N LEU N 219 46.58 58.23 -30.98
CA LEU N 219 47.21 56.94 -31.34
C LEU N 219 48.71 57.06 -31.55
N LEU N 220 49.28 58.24 -31.34
CA LEU N 220 50.71 58.48 -31.55
C LEU N 220 51.50 57.83 -30.44
N ASP N 221 52.64 57.25 -30.79
CA ASP N 221 53.56 56.68 -29.78
C ASP N 221 54.42 57.79 -29.19
N GLU N 222 55.41 57.43 -28.38
CA GLU N 222 56.25 58.45 -27.71
C GLU N 222 57.13 59.21 -28.70
N PHE N 223 57.27 58.72 -29.92
CA PHE N 223 58.02 59.44 -30.97
C PHE N 223 57.11 60.28 -31.87
N GLY N 224 55.83 60.40 -31.52
CA GLY N 224 54.89 61.17 -32.32
C GLY N 224 54.39 60.45 -33.56
N VAL N 225 54.49 59.13 -33.61
CA VAL N 225 54.15 58.37 -34.85
C VAL N 225 52.96 57.46 -34.55
N GLY N 226 51.93 57.55 -35.37
CA GLY N 226 50.77 56.66 -35.28
C GLY N 226 50.97 55.43 -36.15
N PRO N 227 50.00 54.50 -36.10
CA PRO N 227 50.02 53.38 -37.03
C PRO N 227 50.10 53.87 -38.49
N LEU N 228 50.97 53.22 -39.26
CA LEU N 228 51.22 53.55 -40.67
C LEU N 228 50.64 52.41 -41.52
N CYS N 229 49.79 52.79 -42.46
CA CYS N 229 48.89 51.84 -43.15
C CYS N 229 49.60 51.22 -44.35
N LYS N 230 50.07 49.98 -44.20
CA LYS N 230 50.73 49.27 -45.33
C LYS N 230 49.72 49.00 -46.44
N GLY N 231 50.10 49.32 -47.67
CA GLY N 231 49.20 49.07 -48.82
C GLY N 231 47.94 49.93 -48.75
N ASP N 232 47.93 50.99 -47.95
CA ASP N 232 46.76 51.89 -47.81
C ASP N 232 45.56 51.13 -47.23
N ASN N 233 45.82 50.23 -46.30
CA ASN N 233 44.75 49.49 -45.58
C ASN N 233 44.85 49.80 -44.09
N LEU N 234 43.71 50.12 -43.50
CA LEU N 234 43.60 50.32 -42.04
C LEU N 234 42.88 49.10 -41.44
N TYR N 235 43.44 48.54 -40.38
CA TYR N 235 42.88 47.37 -39.72
C TYR N 235 42.24 47.78 -38.39
N LEU N 236 40.99 47.43 -38.22
CA LEU N 236 40.22 47.68 -36.97
C LEU N 236 39.80 46.34 -36.42
N SER N 237 40.01 46.12 -35.14
CA SER N 237 39.68 44.84 -34.47
C SER N 237 38.92 45.13 -33.18
N ALA N 238 38.00 44.25 -32.82
CA ALA N 238 37.17 44.47 -31.61
C ALA N 238 36.68 43.15 -31.04
N VAL N 239 36.46 43.16 -29.74
CA VAL N 239 35.64 42.15 -29.03
C VAL N 239 34.81 42.93 -28.02
N ASP N 240 33.51 42.65 -27.97
CA ASP N 240 32.66 43.29 -26.94
C ASP N 240 31.70 42.23 -26.46
N VAL N 241 32.24 41.28 -25.71
CA VAL N 241 31.42 40.29 -24.98
C VAL N 241 30.92 40.99 -23.73
N CYS N 242 29.61 41.18 -23.61
CA CYS N 242 29.07 42.05 -22.53
C CYS N 242 28.79 41.25 -21.28
N GLY N 243 28.64 39.94 -21.41
CA GLY N 243 28.25 39.07 -20.31
C GLY N 243 27.46 37.91 -20.87
N MET N 244 26.72 37.23 -20.02
CA MET N 244 25.87 36.12 -20.47
C MET N 244 24.41 36.45 -20.26
N PHE N 245 23.59 35.97 -21.20
CA PHE N 245 22.13 35.97 -21.05
C PHE N 245 21.68 34.66 -20.45
N THR N 246 20.78 34.70 -19.49
CA THR N 246 20.26 33.48 -18.84
C THR N 246 18.80 33.29 -19.27
N ASN N 247 18.47 32.16 -19.87
CA ASN N 247 17.02 31.98 -20.11
C ASN N 247 16.40 31.18 -18.96
N ARG N 248 15.12 30.96 -19.05
CA ARG N 248 14.36 30.48 -17.88
C ARG N 248 14.95 29.17 -17.36
N SER N 249 15.34 28.26 -18.26
CA SER N 249 15.86 26.94 -17.85
C SER N 249 17.18 27.07 -17.11
N GLY N 250 17.83 28.23 -17.17
CA GLY N 250 19.17 28.37 -16.61
C GLY N 250 20.28 28.29 -17.64
N SER N 251 20.01 27.89 -18.87
CA SER N 251 21.09 27.83 -19.86
C SER N 251 21.61 29.24 -20.16
N GLN N 252 22.88 29.35 -20.45
CA GLN N 252 23.52 30.67 -20.52
C GLN N 252 24.22 30.86 -21.85
N GLN N 253 24.03 32.05 -22.41
CA GLN N 253 24.58 32.38 -23.76
C GLN N 253 25.38 33.67 -23.65
N TRP N 254 26.55 33.75 -24.28
CA TRP N 254 27.25 35.04 -24.44
C TRP N 254 26.38 36.02 -25.24
N ARG N 255 26.39 37.27 -24.83
CA ARG N 255 25.75 38.37 -25.58
C ARG N 255 26.82 39.40 -25.90
N GLY N 256 26.89 39.81 -27.15
CA GLY N 256 27.86 40.80 -27.62
C GLY N 256 27.16 41.97 -28.28
N LEU N 257 27.91 43.05 -28.43
CA LEU N 257 27.42 44.27 -29.11
C LEU N 257 28.46 44.75 -30.12
N SER N 258 27.98 45.53 -31.08
CA SER N 258 28.81 46.19 -32.10
C SER N 258 29.66 47.30 -31.50
N ARG N 259 30.72 47.64 -32.21
CA ARG N 259 31.62 48.74 -31.79
C ARG N 259 31.77 49.73 -32.94
N TYR N 260 31.60 50.99 -32.63
CA TYR N 260 31.80 52.11 -33.58
C TYR N 260 33.26 52.56 -33.53
N PHE N 261 33.82 52.85 -34.69
CA PHE N 261 35.15 53.46 -34.82
C PHE N 261 35.07 54.70 -35.72
N LYS N 262 35.73 55.78 -35.30
CA LYS N 262 36.06 56.90 -36.19
C LYS N 262 37.55 57.18 -36.05
N VAL N 263 38.29 57.02 -37.15
CA VAL N 263 39.75 57.23 -37.12
C VAL N 263 40.06 58.41 -38.03
N GLN N 264 40.84 59.36 -37.53
CA GLN N 264 41.41 60.46 -38.33
C GLN N 264 42.83 60.11 -38.75
N LEU N 265 43.14 60.33 -40.00
CA LEU N 265 44.45 59.95 -40.57
C LEU N 265 45.05 61.12 -41.33
N ARG N 266 46.38 61.08 -41.45
CA ARG N 266 47.13 62.12 -42.18
C ARG N 266 48.20 61.45 -43.02
N LYS N 267 48.64 62.14 -44.07
CA LYS N 267 49.70 61.59 -44.94
C LYS N 267 51.07 61.84 -44.31
N ARG N 268 51.90 60.82 -44.34
CA ARG N 268 53.24 60.82 -43.72
C ARG N 268 54.21 60.32 -44.79
N ARG N 269 55.33 61.01 -44.96
CA ARG N 269 56.37 60.49 -45.89
C ARG N 269 57.23 59.48 -45.17
N VAL N 270 57.57 58.38 -45.84
CA VAL N 270 58.49 57.37 -45.26
C VAL N 270 59.51 56.96 -46.32
N LYS N 271 60.60 56.38 -45.85
CA LYS N 271 61.54 55.68 -46.75
C LYS N 271 61.97 54.34 -46.12
N VAL O 7 27.80 74.81 -43.18
CA VAL O 7 27.94 76.12 -42.47
C VAL O 7 29.42 76.34 -42.12
N GLU O 8 29.93 77.54 -42.43
CA GLU O 8 31.25 77.98 -41.96
C GLU O 8 31.08 78.68 -40.62
N VAL O 9 31.88 78.29 -39.64
CA VAL O 9 31.73 78.85 -38.27
C VAL O 9 32.77 79.96 -38.09
N LEU O 10 32.28 81.17 -37.89
CA LEU O 10 33.17 82.36 -37.81
C LEU O 10 33.32 82.81 -36.36
N GLU O 11 33.51 84.10 -36.14
CA GLU O 11 33.92 84.59 -34.81
C GLU O 11 32.75 84.58 -33.81
N VAL O 12 33.11 84.46 -32.55
CA VAL O 12 32.17 84.68 -31.43
C VAL O 12 31.84 86.17 -31.35
N LYS O 13 30.56 86.47 -31.19
CA LYS O 13 30.10 87.85 -30.95
C LYS O 13 30.37 88.23 -29.49
N THR O 14 30.82 89.46 -29.28
CA THR O 14 31.01 90.03 -27.92
C THR O 14 29.98 91.13 -27.72
N GLY O 15 30.04 91.76 -26.54
CA GLY O 15 29.00 92.71 -26.15
C GLY O 15 28.10 92.14 -25.08
N VAL O 16 27.33 93.01 -24.45
CA VAL O 16 26.75 92.69 -23.12
C VAL O 16 25.57 91.73 -23.24
N ASP O 17 24.76 91.83 -24.29
CA ASP O 17 23.74 90.77 -24.48
C ASP O 17 24.17 89.81 -25.59
N SER O 18 25.43 89.41 -25.59
CA SER O 18 25.89 88.34 -26.50
C SER O 18 25.77 86.97 -25.82
N ILE O 19 25.27 86.91 -24.58
CA ILE O 19 25.15 85.62 -23.87
C ILE O 19 23.73 85.46 -23.36
N THR O 20 23.32 84.20 -23.18
CA THR O 20 22.05 83.91 -22.50
C THR O 20 22.20 82.57 -21.78
N GLU O 21 21.20 82.26 -20.99
CA GLU O 21 21.22 81.05 -20.14
C GLU O 21 19.85 80.37 -20.24
N VAL O 22 19.88 79.04 -20.22
CA VAL O 22 18.63 78.23 -20.20
C VAL O 22 18.69 77.35 -18.96
N GLU O 23 17.59 77.32 -18.23
CA GLU O 23 17.55 76.49 -17.00
C GLU O 23 16.23 75.73 -17.04
N CYS O 24 16.28 74.42 -16.85
CA CYS O 24 15.00 73.68 -16.81
C CYS O 24 15.18 72.27 -16.28
N PHE O 25 14.04 71.65 -16.02
CA PHE O 25 13.93 70.27 -15.52
C PHE O 25 13.37 69.43 -16.66
N LEU O 26 13.89 68.22 -16.84
CA LEU O 26 13.23 67.22 -17.68
C LEU O 26 12.72 66.11 -16.76
N THR O 27 11.47 65.81 -16.84
CA THR O 27 10.91 64.77 -15.95
C THR O 27 11.08 63.41 -16.62
N PRO O 28 11.13 62.33 -15.83
CA PRO O 28 11.35 61.02 -16.41
C PRO O 28 10.06 60.47 -17.04
N GLU O 29 10.25 59.64 -18.05
CA GLU O 29 9.10 58.97 -18.69
C GLU O 29 9.31 57.47 -18.51
N MET O 30 8.93 56.95 -17.36
CA MET O 30 9.19 55.53 -17.03
C MET O 30 8.07 54.62 -17.50
N GLY O 31 6.94 55.18 -17.91
CA GLY O 31 5.78 54.34 -18.27
C GLY O 31 4.50 54.87 -17.65
N ASP O 32 4.57 55.36 -16.40
CA ASP O 32 3.43 55.97 -15.67
C ASP O 32 2.16 55.14 -15.83
N PRO O 33 2.11 53.92 -15.25
CA PRO O 33 1.03 53.00 -15.54
C PRO O 33 -0.36 53.42 -15.01
N ASP O 34 -0.43 54.33 -14.03
CA ASP O 34 -1.74 54.84 -13.59
C ASP O 34 -1.53 56.18 -12.91
N GLU O 35 -2.62 56.73 -12.38
CA GLU O 35 -2.62 58.13 -11.91
C GLU O 35 -1.84 58.29 -10.59
N HIS O 36 -1.40 57.21 -9.97
CA HIS O 36 -0.63 57.30 -8.72
C HIS O 36 0.87 57.00 -8.94
N LEU O 37 1.28 56.69 -10.17
CA LEU O 37 2.58 56.03 -10.35
C LEU O 37 3.45 56.78 -11.35
N ARG O 38 3.26 58.08 -11.45
CA ARG O 38 4.21 58.96 -12.15
C ARG O 38 5.63 58.70 -11.66
N GLY O 39 6.56 58.48 -12.59
CA GLY O 39 7.94 58.15 -12.22
C GLY O 39 8.25 56.66 -12.09
N PHE O 40 7.26 55.78 -12.15
CA PHE O 40 7.43 54.32 -12.12
C PHE O 40 6.95 53.72 -13.45
N SER O 41 7.47 52.55 -13.77
CA SER O 41 6.86 51.75 -14.86
C SER O 41 5.78 50.85 -14.26
N LYS O 42 5.04 50.24 -15.17
CA LYS O 42 4.25 49.04 -14.86
C LYS O 42 5.18 47.90 -14.39
N SER O 43 4.64 46.99 -13.63
CA SER O 43 5.33 45.74 -13.25
C SER O 43 5.91 45.07 -14.51
N ILE O 44 7.13 44.56 -14.39
CA ILE O 44 7.83 43.93 -15.53
C ILE O 44 7.30 42.51 -15.68
N SER O 45 6.89 42.18 -16.89
CA SER O 45 6.45 40.81 -17.25
C SER O 45 7.46 40.16 -18.17
N ILE O 46 7.65 38.86 -18.03
CA ILE O 46 8.70 38.13 -18.78
C ILE O 46 8.04 37.19 -19.78
N SER O 47 8.38 37.35 -21.04
CA SER O 47 7.83 36.52 -22.13
C SER O 47 8.40 35.12 -22.04
N ASP O 48 7.64 34.16 -22.56
CA ASP O 48 8.00 32.73 -22.46
C ASP O 48 9.01 32.37 -23.56
N THR O 49 9.00 33.09 -24.68
CA THR O 49 10.00 32.91 -25.76
C THR O 49 10.43 34.27 -26.24
N PHE O 50 11.48 34.32 -27.04
CA PHE O 50 11.79 35.56 -27.79
C PHE O 50 10.66 35.95 -28.72
N GLU O 51 10.05 34.99 -29.43
CA GLU O 51 9.02 35.29 -30.46
C GLU O 51 7.78 35.94 -29.82
N SER O 52 7.48 35.55 -28.59
CA SER O 52 6.20 35.99 -27.97
C SER O 52 6.38 37.22 -27.08
N ASP O 53 7.52 37.90 -27.12
CA ASP O 53 7.73 39.12 -26.30
C ASP O 53 6.84 40.22 -26.83
N SER O 54 5.91 40.70 -26.02
CA SER O 54 4.96 41.77 -26.42
CA SER O 54 4.96 41.75 -26.42
C SER O 54 4.78 42.71 -25.24
N PRO O 55 5.78 43.54 -24.94
CA PRO O 55 5.70 44.41 -23.76
C PRO O 55 4.62 45.47 -23.89
N ASN O 56 3.96 45.71 -22.75
CA ASN O 56 3.02 46.83 -22.61
C ASN O 56 3.76 48.15 -22.74
N ARG O 57 3.11 49.12 -23.36
CA ARG O 57 3.68 50.47 -23.46
C ARG O 57 4.09 51.01 -22.08
N ASP O 58 3.24 50.78 -21.08
CA ASP O 58 3.49 51.35 -19.74
C ASP O 58 4.62 50.64 -19.02
N MET O 59 5.18 49.59 -19.62
CA MET O 59 6.31 48.88 -19.04
C MET O 59 7.65 49.39 -19.59
N LEU O 60 7.65 50.31 -20.56
CA LEU O 60 8.86 50.70 -21.29
C LEU O 60 9.27 52.12 -20.99
N PRO O 61 10.33 52.35 -20.21
CA PRO O 61 10.86 53.72 -20.08
C PRO O 61 11.28 54.28 -21.44
N CYS O 62 11.10 55.59 -21.59
CA CYS O 62 11.31 56.30 -22.85
C CYS O 62 12.29 57.44 -22.63
N TYR O 63 12.98 57.82 -23.69
CA TYR O 63 13.79 59.04 -23.64
C TYR O 63 12.92 60.26 -23.39
N SER O 64 13.43 61.18 -22.58
CA SER O 64 12.85 62.52 -22.37
C SER O 64 13.55 63.52 -23.27
N VAL O 65 12.79 64.49 -23.77
CA VAL O 65 13.35 65.53 -24.66
C VAL O 65 12.57 66.83 -24.44
N ALA O 66 13.29 67.94 -24.40
CA ALA O 66 12.67 69.28 -24.39
C ALA O 66 13.28 70.09 -25.52
N ARG O 67 12.45 70.86 -26.22
CA ARG O 67 12.91 71.81 -27.25
C ARG O 67 12.68 73.19 -26.67
N ILE O 68 13.74 73.96 -26.51
CA ILE O 68 13.65 75.23 -25.76
C ILE O 68 13.89 76.37 -26.74
N PRO O 69 12.87 77.19 -27.03
CA PRO O 69 13.09 78.34 -27.92
C PRO O 69 14.02 79.36 -27.26
N LEU O 70 14.92 79.91 -28.07
CA LEU O 70 15.89 80.91 -27.58
C LEU O 70 15.51 82.28 -28.16
N PRO O 71 16.09 83.37 -27.63
CA PRO O 71 15.80 84.70 -28.18
C PRO O 71 16.08 84.76 -29.69
N ASN O 72 15.12 85.28 -30.44
CA ASN O 72 15.22 85.26 -31.91
C ASN O 72 16.43 86.07 -32.38
N LEU O 73 17.21 85.48 -33.25
CA LEU O 73 18.34 86.18 -33.89
C LEU O 73 17.98 86.44 -35.36
N ASN O 74 18.72 87.37 -35.95
CA ASN O 74 18.66 87.61 -37.42
C ASN O 74 17.28 88.15 -37.83
N GLU O 75 16.73 89.08 -37.04
CA GLU O 75 15.48 89.81 -37.37
C GLU O 75 15.14 90.75 -36.21
N ASN O 81 25.40 85.74 -43.81
CA ASN O 81 26.00 85.84 -42.46
C ASN O 81 24.87 85.99 -41.43
N ILE O 82 24.65 84.93 -40.66
CA ILE O 82 23.65 84.99 -39.57
C ILE O 82 24.36 84.65 -38.28
N LEU O 83 23.69 85.02 -37.20
CA LEU O 83 24.12 84.62 -35.85
C LEU O 83 23.34 83.38 -35.43
N MET O 84 24.00 82.53 -34.66
CA MET O 84 23.37 81.36 -34.01
C MET O 84 23.80 81.34 -32.56
N TRP O 85 22.89 80.90 -31.69
CA TRP O 85 23.27 80.60 -30.30
C TRP O 85 24.16 79.36 -30.25
N GLU O 86 25.24 79.45 -29.49
CA GLU O 86 26.23 78.37 -29.33
C GLU O 86 26.21 77.97 -27.86
N ALA O 87 25.96 76.69 -27.59
CA ALA O 87 25.96 76.19 -26.20
C ALA O 87 27.41 75.92 -25.80
N VAL O 88 27.82 76.49 -24.68
CA VAL O 88 29.24 76.45 -24.25
C VAL O 88 29.42 75.60 -23.00
N THR O 89 28.54 75.72 -22.01
CA THR O 89 28.74 74.95 -20.77
C THR O 89 27.43 74.33 -20.31
N LEU O 90 27.58 73.28 -19.50
CA LEU O 90 26.42 72.58 -18.91
C LEU O 90 26.66 72.34 -17.43
N LYS O 91 25.65 72.61 -16.63
CA LYS O 91 25.54 72.07 -15.26
C LYS O 91 24.34 71.13 -15.26
N THR O 92 24.49 69.95 -14.69
CA THR O 92 23.37 69.00 -14.69
C THR O 92 23.44 68.18 -13.41
N GLU O 93 22.27 67.72 -12.97
CA GLU O 93 22.25 66.70 -11.89
C GLU O 93 20.84 66.12 -11.78
N VAL O 94 20.81 64.97 -11.16
CA VAL O 94 19.56 64.20 -10.92
C VAL O 94 18.87 64.85 -9.73
N ILE O 95 17.59 65.11 -9.88
CA ILE O 95 16.81 65.81 -8.82
C ILE O 95 16.00 64.82 -8.04
N GLY O 96 16.20 64.80 -6.74
CA GLY O 96 15.44 63.92 -5.86
C GLY O 96 16.19 62.66 -5.46
N VAL O 97 17.51 62.68 -5.42
CA VAL O 97 18.30 61.45 -5.15
C VAL O 97 17.96 60.91 -3.77
N THR O 98 17.63 61.78 -2.82
CA THR O 98 17.33 61.29 -1.45
C THR O 98 15.99 60.55 -1.36
N SER O 99 15.10 60.68 -2.34
CA SER O 99 13.83 59.93 -2.29
C SER O 99 14.06 58.43 -2.27
N LEU O 100 15.24 57.99 -2.70
CA LEU O 100 15.64 56.57 -2.68
C LEU O 100 15.96 56.08 -1.27
N MET O 101 15.91 56.94 -0.28
CA MET O 101 16.06 56.51 1.12
C MET O 101 14.72 56.12 1.74
N ASN O 102 13.64 56.26 0.99
CA ASN O 102 12.34 55.72 1.46
C ASN O 102 12.40 54.21 1.29
N VAL O 103 12.78 53.53 2.37
CA VAL O 103 12.70 52.06 2.45
C VAL O 103 11.54 51.61 3.33
N HIS O 104 10.53 52.44 3.51
CA HIS O 104 9.42 52.11 4.43
C HIS O 104 8.06 52.05 3.72
N SER O 105 8.03 52.21 2.41
CA SER O 105 6.75 52.44 1.69
C SER O 105 6.50 51.31 0.70
N ASN O 106 5.57 50.42 1.02
CA ASN O 106 5.03 49.45 0.06
C ASN O 106 6.13 48.50 -0.43
N GLY O 107 7.11 48.22 0.40
CA GLY O 107 8.32 47.48 -0.03
C GLY O 107 8.31 46.03 0.37
N GLN O 108 9.35 45.31 -0.06
CA GLN O 108 9.65 43.93 0.36
C GLN O 108 10.72 43.98 1.44
N ALA O 109 10.43 43.39 2.57
CA ALA O 109 11.42 43.30 3.66
C ALA O 109 12.68 42.57 3.18
N THR O 110 13.85 43.12 3.48
CA THR O 110 15.14 42.45 3.17
C THR O 110 15.21 41.10 3.89
N HIS O 111 14.62 41.03 5.07
CA HIS O 111 14.51 39.81 5.88
C HIS O 111 13.41 40.09 6.90
N ASP O 112 13.05 39.08 7.66
CA ASP O 112 11.97 39.23 8.67
C ASP O 112 12.28 40.38 9.65
N ASN O 113 11.35 41.32 9.76
CA ASN O 113 11.41 42.54 10.59
C ASN O 113 12.46 43.56 10.10
N GLY O 114 12.98 43.37 8.90
CA GLY O 114 13.96 44.30 8.33
C GLY O 114 13.30 45.51 7.68
N ALA O 115 14.14 46.40 7.19
CA ALA O 115 13.73 47.53 6.33
C ALA O 115 13.37 47.01 4.95
N GLY O 116 12.76 47.88 4.16
CA GLY O 116 12.45 47.55 2.77
C GLY O 116 13.68 47.55 1.88
N LYS O 117 13.66 46.66 0.89
CA LYS O 117 14.70 46.60 -0.17
C LYS O 117 14.67 47.91 -0.95
N PRO O 118 15.80 48.64 -1.03
CA PRO O 118 15.79 49.92 -1.75
C PRO O 118 15.76 49.69 -3.26
N VAL O 119 15.48 50.76 -3.97
CA VAL O 119 15.68 50.77 -5.44
C VAL O 119 17.09 50.34 -5.80
N GLN O 120 17.21 49.42 -6.74
CA GLN O 120 18.54 48.94 -7.16
C GLN O 120 18.39 48.19 -8.47
N GLY O 121 19.52 47.74 -9.00
CA GLY O 121 19.49 47.02 -10.26
C GLY O 121 19.84 47.92 -11.44
N THR O 122 19.62 47.41 -12.62
CA THR O 122 20.06 48.09 -13.86
C THR O 122 19.66 49.57 -13.83
N SER O 123 20.63 50.43 -14.11
CA SER O 123 20.37 51.87 -14.27
C SER O 123 20.90 52.34 -15.62
N PHE O 124 20.32 53.42 -16.11
CA PHE O 124 20.84 54.16 -17.28
C PHE O 124 20.69 55.64 -16.96
N HIS O 125 21.79 56.36 -17.01
CA HIS O 125 21.84 57.81 -16.76
C HIS O 125 22.43 58.47 -17.98
N PHE O 126 21.67 59.35 -18.62
CA PHE O 126 22.02 59.85 -19.96
C PHE O 126 21.56 61.29 -20.09
N PHE O 127 22.38 62.13 -20.69
CA PHE O 127 21.96 63.52 -20.97
C PHE O 127 22.68 64.01 -22.23
N SER O 128 22.02 64.89 -22.97
CA SER O 128 22.59 65.44 -24.21
C SER O 128 22.13 66.89 -24.36
N VAL O 129 23.00 67.68 -24.96
CA VAL O 129 22.69 69.09 -25.30
C VAL O 129 22.97 69.22 -26.77
N GLY O 130 22.03 69.76 -27.53
CA GLY O 130 22.31 69.88 -28.96
C GLY O 130 21.56 71.05 -29.57
N GLY O 131 21.99 71.38 -30.78
CA GLY O 131 21.38 72.45 -31.57
C GLY O 131 20.31 71.95 -32.50
N GLU O 132 19.99 70.65 -32.38
CA GLU O 132 18.92 69.99 -33.14
C GLU O 132 18.62 68.71 -32.38
N ALA O 133 17.55 68.03 -32.79
CA ALA O 133 17.11 66.80 -32.10
C ALA O 133 18.29 65.81 -32.08
N LEU O 134 18.35 65.04 -31.01
CA LEU O 134 19.31 63.92 -30.93
C LEU O 134 19.00 62.91 -32.01
N GLU O 135 20.03 62.45 -32.71
CA GLU O 135 19.86 61.44 -33.75
C GLU O 135 20.11 60.07 -33.15
N LEU O 136 19.18 59.17 -33.40
CA LEU O 136 19.14 57.84 -32.75
C LEU O 136 19.47 56.74 -33.75
N GLN O 137 20.06 55.68 -33.23
CA GLN O 137 20.30 54.41 -33.92
C GLN O 137 19.55 53.33 -33.17
N GLY O 138 18.80 52.50 -33.90
CA GLY O 138 18.04 51.42 -33.28
C GLY O 138 18.91 50.20 -33.08
N VAL O 139 18.84 49.60 -31.91
CA VAL O 139 19.48 48.29 -31.64
C VAL O 139 18.56 47.53 -30.69
N LEU O 140 18.17 46.32 -31.09
CA LEU O 140 17.20 45.53 -30.31
C LEU O 140 17.92 44.39 -29.58
N PHE O 141 17.55 44.14 -28.35
CA PHE O 141 18.02 42.93 -27.65
C PHE O 141 17.54 41.67 -28.39
N ASN O 142 16.30 41.70 -28.88
CA ASN O 142 15.58 40.55 -29.47
C ASN O 142 14.77 41.16 -30.62
N TYR O 143 15.15 40.83 -31.86
CA TYR O 143 14.48 41.54 -32.98
C TYR O 143 13.02 41.11 -33.14
N ARG O 144 12.61 40.06 -32.47
CA ARG O 144 11.22 39.58 -32.60
C ARG O 144 10.30 40.25 -31.59
N THR O 145 10.81 41.10 -30.71
CA THR O 145 9.95 41.83 -29.78
C THR O 145 8.86 42.56 -30.55
N LYS O 146 7.62 42.44 -30.08
CA LYS O 146 6.51 43.25 -30.63
C LYS O 146 6.41 44.51 -29.78
N TYR O 147 6.81 45.64 -30.30
CA TYR O 147 6.70 46.90 -29.56
C TYR O 147 5.29 47.45 -29.69
N PRO O 148 4.78 48.09 -28.63
CA PRO O 148 3.35 48.43 -28.59
C PRO O 148 3.01 49.72 -29.34
N ASP O 149 1.74 49.82 -29.71
CA ASP O 149 1.22 51.06 -30.32
C ASP O 149 1.41 52.24 -29.34
N GLY O 150 1.75 53.38 -29.90
CA GLY O 150 2.08 54.59 -29.13
C GLY O 150 3.57 54.80 -28.94
N THR O 151 4.39 53.77 -29.15
CA THR O 151 5.85 53.95 -29.10
C THR O 151 6.34 54.08 -30.53
N ILE O 152 7.49 54.74 -30.65
CA ILE O 152 8.23 54.79 -31.94
C ILE O 152 9.45 53.92 -31.76
N PHE O 153 9.51 52.87 -32.55
CA PHE O 153 10.46 51.76 -32.34
C PHE O 153 11.04 51.35 -33.67
N PRO O 154 12.14 50.60 -33.66
CA PRO O 154 12.75 50.15 -34.92
C PRO O 154 11.81 49.25 -35.72
N LYS O 155 11.42 49.74 -36.90
CA LYS O 155 10.39 49.11 -37.73
C LYS O 155 10.98 48.05 -38.66
N ASN O 156 10.16 47.05 -38.94
CA ASN O 156 10.48 45.94 -39.88
C ASN O 156 11.85 45.38 -39.52
N ALA O 157 11.99 45.02 -38.26
CA ALA O 157 13.26 44.52 -37.71
C ALA O 157 13.61 43.21 -38.39
N THR O 158 14.90 42.95 -38.50
CA THR O 158 15.45 41.68 -39.00
C THR O 158 16.42 41.16 -37.95
N VAL O 159 16.96 39.98 -38.16
CA VAL O 159 17.92 39.51 -37.15
C VAL O 159 19.14 40.44 -37.10
N GLN O 160 19.41 41.16 -38.16
CA GLN O 160 20.52 42.14 -38.12
C GLN O 160 20.23 43.26 -37.12
N SER O 161 18.97 43.51 -36.77
CA SER O 161 18.65 44.59 -35.81
C SER O 161 19.20 44.25 -34.42
N GLN O 162 19.55 43.02 -34.16
CA GLN O 162 20.10 42.64 -32.84
C GLN O 162 21.55 43.00 -32.68
N VAL O 163 22.24 43.42 -33.74
CA VAL O 163 23.67 43.77 -33.58
C VAL O 163 23.87 45.13 -34.21
N MET O 164 23.40 45.35 -35.45
CA MET O 164 23.56 46.66 -36.14
C MET O 164 22.82 46.64 -37.48
N ASN O 165 21.72 47.34 -37.56
CA ASN O 165 20.94 47.46 -38.81
C ASN O 165 20.88 48.95 -39.12
N THR O 166 21.63 49.40 -40.13
CA THR O 166 21.72 50.83 -40.48
C THR O 166 20.38 51.40 -40.93
N GLU O 167 19.38 50.57 -41.16
CA GLU O 167 18.04 51.13 -41.49
C GLU O 167 17.40 51.82 -40.28
N HIS O 168 17.79 51.49 -39.06
CA HIS O 168 17.06 52.03 -37.88
C HIS O 168 17.60 53.38 -37.45
N LYS O 169 17.13 54.43 -38.13
CA LYS O 169 17.56 55.81 -37.88
C LYS O 169 16.33 56.64 -37.52
N ALA O 170 16.43 57.41 -36.45
CA ALA O 170 15.32 58.29 -36.01
C ALA O 170 15.88 59.57 -35.41
N TYR O 171 14.99 60.52 -35.21
CA TYR O 171 15.25 61.75 -34.44
C TYR O 171 14.47 61.64 -33.13
N LEU O 172 15.11 62.03 -32.03
CA LEU O 172 14.40 62.13 -30.74
C LEU O 172 13.57 63.41 -30.77
N ASP O 173 12.38 63.30 -31.35
CA ASP O 173 11.59 64.53 -31.63
C ASP O 173 10.21 64.45 -30.95
N LYS O 174 10.03 63.57 -29.99
CA LYS O 174 8.73 63.40 -29.32
C LYS O 174 8.97 62.78 -27.96
N ASN O 175 8.26 63.28 -26.96
CA ASN O 175 8.29 62.71 -25.59
C ASN O 175 7.42 61.49 -25.44
N LYS O 176 7.78 60.66 -24.45
CA LYS O 176 7.01 59.46 -24.10
C LYS O 176 6.84 58.56 -25.31
N ALA O 177 7.84 58.50 -26.16
CA ALA O 177 7.60 57.81 -27.44
C ALA O 177 8.71 56.83 -27.79
N TYR O 178 9.97 57.20 -27.55
CA TYR O 178 11.12 56.41 -28.01
C TYR O 178 11.60 55.55 -26.85
N PRO O 179 11.41 54.24 -26.86
CA PRO O 179 11.82 53.42 -25.72
C PRO O 179 13.33 53.43 -25.56
N VAL O 180 13.78 53.55 -24.31
CA VAL O 180 15.21 53.53 -23.99
C VAL O 180 15.85 52.24 -24.53
N GLU O 181 15.22 51.09 -24.34
CA GLU O 181 15.83 49.79 -24.71
C GLU O 181 16.00 49.60 -26.23
N CYS O 182 15.33 50.40 -27.04
CA CYS O 182 15.34 50.20 -28.51
C CYS O 182 16.31 51.16 -29.20
N TRP O 183 16.69 52.24 -28.53
CA TRP O 183 17.45 53.29 -29.23
C TRP O 183 18.66 53.79 -28.46
N VAL O 184 19.71 54.14 -29.19
CA VAL O 184 20.90 54.80 -28.58
C VAL O 184 21.24 55.98 -29.47
N PRO O 185 22.03 56.95 -28.95
CA PRO O 185 22.57 57.97 -29.84
C PRO O 185 23.39 57.31 -30.95
N ASP O 186 23.17 57.85 -32.16
CA ASP O 186 23.82 57.40 -33.38
C ASP O 186 25.21 58.00 -33.43
N PRO O 187 26.26 57.21 -33.18
CA PRO O 187 27.61 57.77 -33.17
C PRO O 187 28.08 58.21 -34.57
N THR O 188 27.39 57.79 -35.62
CA THR O 188 27.74 58.22 -37.00
C THR O 188 27.18 59.59 -37.29
N ARG O 189 26.29 60.10 -36.44
CA ARG O 189 25.78 61.47 -36.65
CA ARG O 189 25.76 61.45 -36.63
C ARG O 189 26.02 62.25 -35.36
N ASN O 190 25.12 63.15 -35.01
CA ASN O 190 25.21 63.95 -33.79
C ASN O 190 26.44 64.84 -33.78
N GLU O 191 26.84 65.33 -34.94
CA GLU O 191 27.92 66.34 -35.06
C GLU O 191 27.59 67.60 -34.22
N ASN O 192 26.32 67.92 -34.08
CA ASN O 192 25.86 69.19 -33.47
C ASN O 192 25.24 68.95 -32.09
N THR O 193 25.63 67.86 -31.43
CA THR O 193 25.11 67.46 -30.12
C THR O 193 26.31 66.93 -29.32
N ARG O 194 26.27 67.10 -28.02
CA ARG O 194 27.20 66.45 -27.07
C ARG O 194 26.35 65.54 -26.21
N TYR O 195 26.66 64.24 -26.16
CA TYR O 195 25.87 63.31 -25.32
C TYR O 195 26.79 62.51 -24.41
N PHE O 196 26.22 62.01 -23.32
CA PHE O 196 26.97 61.33 -22.25
C PHE O 196 26.03 60.32 -21.61
N GLY O 197 26.48 59.08 -21.43
CA GLY O 197 25.60 58.05 -20.90
C GLY O 197 26.40 56.97 -20.19
N THR O 198 25.79 56.40 -19.18
CA THR O 198 26.35 55.21 -18.50
C THR O 198 25.25 54.22 -18.22
N LEU O 199 25.42 53.00 -18.73
CA LEU O 199 24.56 51.86 -18.36
C LEU O 199 25.34 51.07 -17.29
N THR O 200 24.68 50.80 -16.18
CA THR O 200 25.22 49.90 -15.16
C THR O 200 24.24 48.76 -14.99
N GLY O 201 24.56 47.57 -15.54
CA GLY O 201 23.64 46.43 -15.50
C GLY O 201 23.61 45.79 -14.11
N GLY O 202 23.02 44.62 -14.03
CA GLY O 202 23.02 43.79 -12.80
C GLY O 202 21.78 44.01 -11.95
N GLU O 203 21.20 42.94 -11.39
CA GLU O 203 19.93 43.15 -10.66
C GLU O 203 20.15 43.56 -9.20
N ASN O 204 21.37 43.57 -8.68
CA ASN O 204 21.56 44.03 -7.28
C ASN O 204 22.45 45.27 -7.21
N VAL O 205 22.84 45.85 -8.33
CA VAL O 205 23.82 46.96 -8.29
C VAL O 205 23.17 48.16 -7.60
N PRO O 206 23.88 48.81 -6.67
CA PRO O 206 23.28 49.91 -5.94
C PRO O 206 23.40 51.19 -6.76
N PRO O 207 22.39 52.07 -6.67
CA PRO O 207 22.53 53.38 -7.26
C PRO O 207 23.69 54.15 -6.60
N VAL O 208 24.48 54.85 -7.39
CA VAL O 208 25.49 55.80 -6.86
C VAL O 208 25.23 57.14 -7.53
N LEU O 209 24.74 58.10 -6.77
CA LEU O 209 24.25 59.38 -7.35
C LEU O 209 24.96 60.53 -6.65
N HIS O 210 25.66 61.34 -7.41
CA HIS O 210 26.39 62.52 -6.87
CA HIS O 210 26.38 62.52 -6.85
C HIS O 210 25.62 63.79 -7.21
N ILE O 211 25.54 64.72 -6.28
CA ILE O 211 24.94 66.06 -6.57
C ILE O 211 25.94 67.11 -6.12
N THR O 212 26.01 68.20 -6.86
CA THR O 212 26.82 69.38 -6.48
C THR O 212 26.44 70.50 -7.42
N ASN O 213 26.57 71.74 -6.95
CA ASN O 213 26.38 72.88 -7.86
C ASN O 213 27.72 73.48 -8.26
N THR O 214 28.82 72.77 -8.04
CA THR O 214 30.15 73.30 -8.35
C THR O 214 30.75 72.72 -9.64
N ALA O 215 30.05 71.84 -10.35
CA ALA O 215 30.65 71.08 -11.47
C ALA O 215 30.03 71.57 -12.78
N THR O 216 30.89 71.89 -13.75
CA THR O 216 30.51 72.44 -15.06
C THR O 216 31.16 71.56 -16.14
N THR O 217 30.40 71.22 -17.16
CA THR O 217 30.94 70.52 -18.35
C THR O 217 31.06 71.52 -19.50
N VAL O 218 32.23 71.55 -20.13
CA VAL O 218 32.41 72.41 -21.33
C VAL O 218 31.92 71.63 -22.53
N LEU O 219 31.15 72.31 -23.40
CA LEU O 219 30.51 71.64 -24.54
C LEU O 219 31.28 71.86 -25.84
N LEU O 220 32.39 72.58 -25.81
CA LEU O 220 33.15 72.86 -27.04
C LEU O 220 33.85 71.60 -27.52
N ASP O 221 33.90 71.41 -28.84
CA ASP O 221 34.64 70.27 -29.44
C ASP O 221 36.12 70.64 -29.60
N GLU O 222 36.86 69.84 -30.37
CA GLU O 222 38.30 70.08 -30.69
C GLU O 222 38.53 71.54 -31.09
N PHE O 223 37.63 72.06 -31.92
CA PHE O 223 37.86 73.33 -32.65
C PHE O 223 37.36 74.53 -31.88
N GLY O 224 36.92 74.35 -30.64
CA GLY O 224 36.34 75.46 -29.88
C GLY O 224 34.89 75.78 -30.23
N VAL O 225 34.15 74.83 -30.82
CA VAL O 225 32.76 75.12 -31.26
C VAL O 225 31.80 74.22 -30.48
N GLY O 226 30.81 74.83 -29.86
CA GLY O 226 29.76 74.09 -29.17
C GLY O 226 28.61 73.82 -30.12
N PRO O 227 27.58 73.10 -29.64
CA PRO O 227 26.35 72.97 -30.41
C PRO O 227 25.80 74.34 -30.85
N LEU O 228 25.43 74.43 -32.12
CA LEU O 228 24.83 75.65 -32.71
C LEU O 228 23.35 75.42 -32.95
N CYS O 229 22.52 76.30 -32.41
CA CYS O 229 21.06 76.05 -32.31
C CYS O 229 20.35 76.52 -33.58
N LYS O 230 19.96 75.56 -34.41
CA LYS O 230 19.22 75.83 -35.67
C LYS O 230 17.83 76.36 -35.35
N GLY O 231 17.47 77.45 -36.02
CA GLY O 231 16.16 78.10 -35.76
C GLY O 231 16.05 78.61 -34.33
N ASP O 232 17.16 78.83 -33.64
CA ASP O 232 17.13 79.38 -32.26
C ASP O 232 16.43 78.42 -31.29
N ASN O 233 16.68 77.13 -31.43
CA ASN O 233 16.11 76.11 -30.52
C ASN O 233 17.25 75.27 -29.92
N LEU O 234 17.20 75.10 -28.62
CA LEU O 234 18.10 74.19 -27.88
C LEU O 234 17.35 72.88 -27.57
N TYR O 235 17.98 71.77 -27.85
CA TYR O 235 17.43 70.43 -27.57
C TYR O 235 18.15 69.80 -26.38
N LEU O 236 17.39 69.48 -25.35
CA LEU O 236 17.91 68.75 -24.17
C LEU O 236 17.24 67.40 -24.12
N SER O 237 18.03 66.36 -23.87
CA SER O 237 17.51 65.00 -23.78
C SER O 237 18.06 64.33 -22.53
N ALA O 238 17.28 63.42 -21.95
CA ALA O 238 17.71 62.75 -20.71
C ALA O 238 17.05 61.38 -20.57
N VAL O 239 17.76 60.50 -19.87
CA VAL O 239 17.18 59.26 -19.30
C VAL O 239 17.85 59.10 -17.94
N ASP O 240 17.06 58.89 -16.91
CA ASP O 240 17.58 58.60 -15.55
C ASP O 240 16.74 57.49 -14.95
N VAL O 241 16.92 56.31 -15.48
CA VAL O 241 16.39 55.09 -14.87
C VAL O 241 17.33 54.77 -13.71
N CYS O 242 16.84 54.90 -12.50
CA CYS O 242 17.69 54.72 -11.30
C CYS O 242 17.85 53.27 -10.90
N GLY O 243 16.96 52.42 -11.35
CA GLY O 243 16.94 51.02 -10.95
C GLY O 243 15.51 50.55 -10.87
N MET O 244 15.27 49.49 -10.15
CA MET O 244 13.92 48.93 -10.00
C MET O 244 13.47 48.99 -8.55
N PHE O 245 12.20 49.27 -8.38
CA PHE O 245 11.53 49.15 -7.07
C PHE O 245 10.84 47.79 -6.95
N THR O 246 11.05 47.10 -5.84
CA THR O 246 10.47 45.77 -5.56
C THR O 246 9.29 45.88 -4.61
N ASN O 247 8.12 45.42 -5.06
CA ASN O 247 6.92 45.31 -4.19
C ASN O 247 7.05 44.13 -3.24
N ARG O 248 6.20 44.08 -2.22
CA ARG O 248 6.23 42.91 -1.30
C ARG O 248 6.01 41.59 -2.04
N SER O 249 5.10 41.57 -3.02
CA SER O 249 4.86 40.34 -3.82
C SER O 249 6.07 39.97 -4.66
N GLY O 250 7.05 40.86 -4.84
CA GLY O 250 8.20 40.53 -5.68
C GLY O 250 8.14 41.20 -7.04
N SER O 251 7.02 41.82 -7.36
CA SER O 251 6.91 42.47 -8.69
C SER O 251 7.86 43.65 -8.72
N GLN O 252 8.42 43.93 -9.87
CA GLN O 252 9.46 44.97 -9.96
C GLN O 252 9.06 46.01 -11.00
N GLN O 253 9.35 47.25 -10.67
CA GLN O 253 8.95 48.44 -11.47
C GLN O 253 10.18 49.34 -11.62
N TRP O 254 10.43 49.86 -12.82
CA TRP O 254 11.51 50.85 -12.99
C TRP O 254 11.14 52.11 -12.19
N ARG O 255 12.13 52.79 -11.67
CA ARG O 255 11.94 54.08 -10.97
C ARG O 255 12.92 55.08 -11.57
N GLY O 256 12.41 56.20 -12.04
CA GLY O 256 13.21 57.25 -12.67
C GLY O 256 13.14 58.53 -11.87
N LEU O 257 14.05 59.45 -12.16
CA LEU O 257 14.07 60.78 -11.51
C LEU O 257 14.27 61.84 -12.57
N SER O 258 13.96 63.09 -12.22
CA SER O 258 14.09 64.23 -13.13
C SER O 258 15.54 64.68 -13.22
N ARG O 259 15.84 65.42 -14.28
CA ARG O 259 17.21 65.94 -14.48
C ARG O 259 17.16 67.43 -14.70
N TYR O 260 17.97 68.16 -13.94
CA TYR O 260 18.17 69.61 -14.09
C TYR O 260 19.25 69.89 -15.12
N PHE O 261 19.02 70.92 -15.94
CA PHE O 261 19.98 71.42 -16.93
C PHE O 261 20.16 72.93 -16.71
N LYS O 262 21.40 73.39 -16.73
CA LYS O 262 21.65 74.82 -16.92
C LYS O 262 22.70 74.95 -18.01
N VAL O 263 22.34 75.62 -19.09
CA VAL O 263 23.19 75.73 -20.29
C VAL O 263 23.47 77.21 -20.49
N GLN O 264 24.76 77.54 -20.63
CA GLN O 264 25.18 78.92 -20.97
C GLN O 264 25.43 78.96 -22.47
N LEU O 265 24.88 79.96 -23.14
CA LEU O 265 25.05 80.12 -24.59
C LEU O 265 25.61 81.50 -24.93
N ARG O 266 26.27 81.57 -26.09
CA ARG O 266 26.81 82.83 -26.62
C ARG O 266 26.51 82.89 -28.10
N LYS O 267 26.48 84.11 -28.66
CA LYS O 267 26.22 84.28 -30.10
C LYS O 267 27.48 84.00 -30.90
N ARG O 268 27.29 83.37 -32.06
CA ARG O 268 28.37 82.91 -32.96
C ARG O 268 27.92 83.27 -34.36
N ARG O 269 28.79 83.89 -35.15
CA ARG O 269 28.44 84.16 -36.56
C ARG O 269 28.80 82.95 -37.40
N VAL O 270 27.90 82.64 -38.33
CA VAL O 270 28.10 81.52 -39.29
C VAL O 270 27.77 82.03 -40.69
N LYS O 271 28.31 81.35 -41.69
CA LYS O 271 28.03 81.66 -43.10
C LYS O 271 27.26 80.51 -43.75
N ASN O 272 26.47 80.86 -44.76
CA ASN O 272 25.64 79.88 -45.51
C ASN O 272 26.54 78.99 -46.36
N VAL P 7 -25.48 -78.01 40.77
CA VAL P 7 -26.82 -77.89 41.39
C VAL P 7 -27.81 -78.76 40.62
N GLU P 8 -28.65 -79.49 41.35
CA GLU P 8 -29.88 -80.07 40.77
C GLU P 8 -30.99 -79.04 40.98
N VAL P 9 -31.64 -78.64 39.89
CA VAL P 9 -32.79 -77.71 39.96
C VAL P 9 -34.06 -78.56 40.03
N LEU P 10 -34.78 -78.44 41.14
CA LEU P 10 -35.98 -79.24 41.39
C LEU P 10 -37.20 -78.36 41.22
N GLU P 11 -38.24 -78.61 42.00
CA GLU P 11 -39.59 -78.03 41.73
C GLU P 11 -39.66 -76.57 42.17
N VAL P 12 -40.54 -75.84 41.51
CA VAL P 12 -40.88 -74.46 41.88
C VAL P 12 -41.75 -74.48 43.14
N LYS P 13 -41.47 -73.59 44.07
CA LYS P 13 -42.30 -73.46 45.27
C LYS P 13 -43.53 -72.61 44.95
N THR P 14 -44.70 -73.13 45.31
CA THR P 14 -45.98 -72.39 45.12
C THR P 14 -46.48 -71.88 46.47
N GLY P 15 -47.56 -71.14 46.42
CA GLY P 15 -48.13 -70.52 47.63
C GLY P 15 -48.10 -69.01 47.53
N VAL P 16 -48.72 -68.39 48.53
CA VAL P 16 -48.92 -66.91 48.53
C VAL P 16 -47.56 -66.23 48.54
N ASP P 17 -46.62 -66.73 49.33
CA ASP P 17 -45.40 -65.96 49.65
C ASP P 17 -44.21 -66.35 48.76
N SER P 18 -44.48 -67.01 47.62
CA SER P 18 -43.43 -67.69 46.85
C SER P 18 -42.91 -66.82 45.68
N ILE P 19 -43.41 -65.61 45.52
CA ILE P 19 -42.98 -64.75 44.39
C ILE P 19 -42.62 -63.38 44.94
N THR P 20 -41.78 -62.67 44.23
CA THR P 20 -41.44 -61.27 44.59
C THR P 20 -41.08 -60.54 43.31
N GLU P 21 -40.96 -59.23 43.44
CA GLU P 21 -40.60 -58.38 42.29
C GLU P 21 -39.52 -57.40 42.70
N VAL P 22 -38.63 -57.13 41.76
CA VAL P 22 -37.56 -56.11 41.91
C VAL P 22 -37.86 -55.04 40.86
N GLU P 23 -37.92 -53.80 41.30
CA GLU P 23 -38.12 -52.68 40.36
C GLU P 23 -37.03 -51.67 40.66
N CYS P 24 -36.29 -51.25 39.65
CA CYS P 24 -35.25 -50.24 39.91
C CYS P 24 -34.77 -49.65 38.58
N PHE P 25 -33.86 -48.69 38.71
CA PHE P 25 -33.34 -47.99 37.53
C PHE P 25 -31.82 -47.89 37.69
N LEU P 26 -31.12 -48.08 36.58
CA LEU P 26 -29.65 -47.96 36.53
C LEU P 26 -29.33 -46.69 35.76
N THR P 27 -28.53 -45.85 36.35
CA THR P 27 -28.20 -44.60 35.67
C THR P 27 -26.97 -44.78 34.81
N PRO P 28 -26.83 -44.00 33.72
CA PRO P 28 -25.71 -44.21 32.82
C PRO P 28 -24.41 -43.65 33.42
N GLU P 29 -23.30 -44.24 32.97
CA GLU P 29 -21.96 -43.84 33.44
C GLU P 29 -21.14 -43.52 32.20
N MET P 30 -21.30 -42.31 31.68
CA MET P 30 -20.71 -41.92 30.39
C MET P 30 -19.32 -41.33 30.59
N GLY P 31 -18.96 -40.98 31.83
CA GLY P 31 -17.64 -40.42 32.10
C GLY P 31 -17.76 -39.26 33.06
N ASP P 32 -18.88 -38.54 32.99
CA ASP P 32 -19.25 -37.43 33.90
C ASP P 32 -18.04 -36.52 34.11
N PRO P 33 -17.69 -35.68 33.11
CA PRO P 33 -16.45 -34.93 33.20
C PRO P 33 -16.43 -33.85 34.29
N ASP P 34 -17.56 -33.18 34.53
CA ASP P 34 -17.66 -32.25 35.68
C ASP P 34 -19.02 -32.43 36.33
N GLU P 35 -19.26 -31.63 37.35
CA GLU P 35 -20.48 -31.79 38.18
C GLU P 35 -21.72 -31.31 37.44
N HIS P 36 -21.59 -30.65 36.29
CA HIS P 36 -22.77 -30.20 35.52
C HIS P 36 -23.09 -31.15 34.38
N LEU P 37 -22.29 -32.18 34.15
CA LEU P 37 -22.39 -32.96 32.89
C LEU P 37 -22.65 -34.44 33.17
N ARG P 38 -23.38 -34.71 34.23
CA ARG P 38 -23.92 -36.05 34.49
C ARG P 38 -24.69 -36.57 33.27
N GLY P 39 -24.34 -37.77 32.83
CA GLY P 39 -24.95 -38.37 31.63
C GLY P 39 -24.19 -38.11 30.35
N PHE P 40 -23.16 -37.26 30.37
CA PHE P 40 -22.31 -36.94 29.21
C PHE P 40 -20.89 -37.45 29.48
N SER P 41 -20.16 -37.69 28.41
CA SER P 41 -18.70 -37.91 28.53
C SER P 41 -17.95 -36.60 28.36
N LYS P 42 -16.66 -36.68 28.59
CA LYS P 42 -15.74 -35.61 28.14
C LYS P 42 -15.72 -35.54 26.62
N SER P 43 -15.34 -34.40 26.10
CA SER P 43 -15.00 -34.22 24.67
C SER P 43 -14.09 -35.36 24.21
N ILE P 44 -14.40 -35.92 23.05
CA ILE P 44 -13.62 -37.07 22.54
C ILE P 44 -12.40 -36.53 21.82
N SER P 45 -11.25 -37.05 22.18
CA SER P 45 -9.95 -36.67 21.55
C SER P 45 -9.41 -37.84 20.75
N ILE P 46 -8.73 -37.55 19.66
CA ILE P 46 -8.22 -38.58 18.72
C ILE P 46 -6.69 -38.60 18.78
N SER P 47 -6.13 -39.73 19.15
CA SER P 47 -4.67 -39.92 19.18
C SER P 47 -4.08 -39.87 17.77
N ASP P 48 -2.81 -39.49 17.70
CA ASP P 48 -2.06 -39.38 16.43
C ASP P 48 -1.57 -40.73 15.92
N THR P 49 -1.37 -41.71 16.81
CA THR P 49 -0.97 -43.07 16.43
C THR P 49 -1.70 -44.06 17.32
N PHE P 50 -1.66 -45.33 16.95
CA PHE P 50 -2.21 -46.38 17.84
C PHE P 50 -1.47 -46.42 19.18
N GLU P 51 -0.15 -46.21 19.13
CA GLU P 51 0.61 -46.40 20.40
CA GLU P 51 0.71 -46.34 20.34
C GLU P 51 0.46 -45.20 21.32
N SER P 52 0.13 -44.02 20.79
CA SER P 52 -0.07 -42.83 21.66
C SER P 52 -1.49 -42.70 22.17
N ASP P 53 -2.36 -43.67 21.93
CA ASP P 53 -3.77 -43.62 22.40
C ASP P 53 -3.80 -43.68 23.92
N SER P 54 -4.19 -42.59 24.55
CA SER P 54 -4.19 -42.46 26.04
CA SER P 54 -4.19 -42.46 26.03
C SER P 54 -5.50 -41.79 26.46
N PRO P 55 -6.64 -42.49 26.32
CA PRO P 55 -7.93 -41.86 26.61
C PRO P 55 -8.09 -41.50 28.09
N ASN P 56 -8.63 -40.31 28.30
CA ASN P 56 -8.97 -39.84 29.63
C ASN P 56 -10.10 -40.68 30.19
N ARG P 57 -10.07 -40.91 31.50
CA ARG P 57 -11.12 -41.71 32.15
C ARG P 57 -12.49 -41.06 31.91
N ASP P 58 -12.57 -39.74 31.91
CA ASP P 58 -13.88 -39.05 31.76
C ASP P 58 -14.43 -39.16 30.35
N MET P 59 -13.71 -39.77 29.42
CA MET P 59 -14.11 -39.88 28.01
C MET P 59 -14.63 -41.28 27.72
N LEU P 60 -14.54 -42.20 28.67
CA LEU P 60 -14.83 -43.63 28.44
C LEU P 60 -16.12 -44.02 29.14
N PRO P 61 -17.23 -44.29 28.40
CA PRO P 61 -18.40 -44.90 29.03
C PRO P 61 -18.06 -46.28 29.61
N CYS P 62 -18.68 -46.57 30.75
CA CYS P 62 -18.53 -47.83 31.50
C CYS P 62 -19.85 -48.57 31.60
N TYR P 63 -19.76 -49.86 31.83
CA TYR P 63 -20.94 -50.65 32.19
C TYR P 63 -21.51 -50.18 33.54
N SER P 64 -22.83 -50.13 33.62
CA SER P 64 -23.56 -49.92 34.90
C SER P 64 -23.92 -51.28 35.46
N VAL P 65 -23.89 -51.39 36.79
CA VAL P 65 -24.26 -52.66 37.46
C VAL P 65 -24.92 -52.33 38.80
N ALA P 66 -25.93 -53.11 39.14
CA ALA P 66 -26.55 -53.05 40.48
C ALA P 66 -26.66 -54.46 41.02
N ARG P 67 -26.33 -54.61 42.29
CA ARG P 67 -26.56 -55.87 43.01
C ARG P 67 -27.72 -55.60 43.96
N ILE P 68 -28.79 -56.37 43.83
CA ILE P 68 -30.04 -56.10 44.58
C ILE P 68 -30.31 -57.24 45.54
N PRO P 69 -30.29 -56.99 46.86
CA PRO P 69 -30.57 -58.06 47.81
C PRO P 69 -32.05 -58.47 47.76
N LEU P 70 -32.28 -59.77 47.78
CA LEU P 70 -33.65 -60.33 47.76
C LEU P 70 -33.98 -60.82 49.16
N PRO P 71 -35.27 -61.07 49.45
CA PRO P 71 -35.63 -61.54 50.79
C PRO P 71 -34.87 -62.82 51.15
N ASN P 72 -34.30 -62.83 52.35
CA ASN P 72 -33.46 -63.97 52.77
C ASN P 72 -34.30 -65.24 52.78
N LEU P 73 -33.69 -66.34 52.33
CA LEU P 73 -34.45 -67.59 52.10
C LEU P 73 -34.10 -68.67 53.11
N ASN P 74 -32.84 -68.85 53.48
CA ASN P 74 -32.52 -70.14 54.17
C ASN P 74 -32.00 -69.93 55.59
N GLU P 75 -32.74 -69.17 56.39
CA GLU P 75 -32.36 -68.89 57.81
C GLU P 75 -30.91 -68.38 57.92
N ILE P 82 -32.71 -76.41 50.24
CA ILE P 82 -32.19 -75.08 49.82
C ILE P 82 -33.15 -74.47 48.78
N LEU P 83 -33.61 -73.27 49.06
CA LEU P 83 -34.40 -72.49 48.08
C LEU P 83 -33.53 -71.38 47.51
N MET P 84 -33.78 -71.07 46.24
CA MET P 84 -33.12 -69.93 45.57
C MET P 84 -34.21 -69.13 44.85
N TRP P 85 -34.07 -67.83 44.85
CA TRP P 85 -34.90 -66.97 43.98
C TRP P 85 -34.54 -67.20 42.52
N GLU P 86 -35.56 -67.41 41.69
CA GLU P 86 -35.39 -67.59 40.24
C GLU P 86 -36.01 -66.40 39.52
N ALA P 87 -35.25 -65.80 38.62
CA ALA P 87 -35.78 -64.66 37.82
C ALA P 87 -36.50 -65.24 36.62
N VAL P 88 -37.74 -64.82 36.39
CA VAL P 88 -38.60 -65.46 35.37
C VAL P 88 -38.92 -64.46 34.25
N THR P 89 -39.18 -63.21 34.56
CA THR P 89 -39.60 -62.25 33.53
C THR P 89 -38.91 -60.91 33.77
N LEU P 90 -38.77 -60.15 32.70
CA LEU P 90 -38.15 -58.82 32.67
C LEU P 90 -39.04 -57.86 31.88
N LYS P 91 -39.31 -56.71 32.48
CA LYS P 91 -39.76 -55.51 31.72
C LYS P 91 -38.64 -54.48 31.80
N THR P 92 -38.30 -53.88 30.67
CA THR P 92 -37.19 -52.93 30.65
C THR P 92 -37.47 -51.83 29.64
N GLU P 93 -36.85 -50.68 29.89
CA GLU P 93 -37.14 -49.46 29.09
C GLU P 93 -36.07 -48.42 29.36
N VAL P 94 -35.69 -47.70 28.32
CA VAL P 94 -34.80 -46.54 28.45
C VAL P 94 -35.65 -45.38 28.96
N ILE P 95 -35.17 -44.71 29.98
CA ILE P 95 -35.94 -43.64 30.66
C ILE P 95 -35.44 -42.31 30.16
N GLY P 96 -36.36 -41.51 29.61
CA GLY P 96 -36.01 -40.15 29.17
C GLY P 96 -35.75 -40.02 27.69
N VAL P 97 -36.37 -40.83 26.86
CA VAL P 97 -36.06 -40.83 25.41
C VAL P 97 -36.42 -39.49 24.78
N THR P 98 -37.43 -38.80 25.31
CA THR P 98 -37.84 -37.50 24.75
C THR P 98 -36.84 -36.39 25.01
N SER P 99 -35.91 -36.59 25.94
CA SER P 99 -34.89 -35.55 26.20
C SER P 99 -34.04 -35.32 24.95
N LEU P 100 -33.97 -36.30 24.05
CA LEU P 100 -33.24 -36.14 22.78
C LEU P 100 -33.95 -35.18 21.82
N MET P 101 -35.14 -34.69 22.17
CA MET P 101 -35.78 -33.64 21.36
C MET P 101 -35.32 -32.22 21.72
N ASN P 102 -34.49 -32.05 22.74
CA ASN P 102 -33.86 -30.74 23.03
C ASN P 102 -32.76 -30.49 21.99
N VAL P 103 -33.14 -29.86 20.90
CA VAL P 103 -32.22 -29.38 19.84
C VAL P 103 -31.97 -27.89 19.99
N HIS P 104 -32.15 -27.35 21.17
CA HIS P 104 -32.06 -25.88 21.35
C HIS P 104 -30.98 -25.52 22.36
N SER P 105 -30.34 -26.50 22.97
CA SER P 105 -29.46 -26.30 24.14
C SER P 105 -28.00 -26.48 23.72
N ASN P 106 -27.27 -25.39 23.62
CA ASN P 106 -25.80 -25.42 23.52
C ASN P 106 -25.36 -26.19 22.27
N GLY P 107 -26.14 -26.16 21.22
CA GLY P 107 -25.94 -27.05 20.07
C GLY P 107 -25.19 -26.42 18.90
N GLN P 108 -25.02 -27.22 17.87
CA GLN P 108 -24.47 -26.77 16.57
C GLN P 108 -25.62 -26.65 15.58
N ALA P 109 -25.80 -25.47 15.01
CA ALA P 109 -26.83 -25.28 13.97
C ALA P 109 -26.58 -26.27 12.83
N THR P 110 -27.62 -26.96 12.41
CA THR P 110 -27.56 -27.83 11.22
C THR P 110 -27.22 -27.01 9.97
N HIS P 111 -27.72 -25.79 9.91
CA HIS P 111 -27.38 -24.81 8.86
C HIS P 111 -27.71 -23.45 9.44
N ASP P 112 -27.38 -22.41 8.69
CA ASP P 112 -27.66 -21.03 9.16
C ASP P 112 -29.16 -20.88 9.51
N ASN P 113 -29.42 -20.39 10.71
CA ASN P 113 -30.75 -20.14 11.31
C ASN P 113 -31.56 -21.42 11.51
N GLY P 114 -30.94 -22.59 11.47
CA GLY P 114 -31.63 -23.85 11.73
C GLY P 114 -31.57 -24.28 13.18
N ALA P 115 -32.21 -25.40 13.46
CA ALA P 115 -32.19 -26.03 14.79
C ALA P 115 -30.83 -26.68 15.02
N GLY P 116 -30.61 -27.08 16.27
CA GLY P 116 -29.39 -27.81 16.64
C GLY P 116 -29.37 -29.21 16.08
N LYS P 117 -28.18 -29.69 15.80
CA LYS P 117 -27.99 -31.12 15.44
C LYS P 117 -28.35 -31.97 16.64
N PRO P 118 -29.26 -32.95 16.49
CA PRO P 118 -29.62 -33.82 17.60
C PRO P 118 -28.52 -34.85 17.88
N VAL P 119 -28.68 -35.51 19.02
CA VAL P 119 -27.78 -36.62 19.41
C VAL P 119 -27.89 -37.68 18.32
N GLN P 120 -26.75 -38.19 17.90
CA GLN P 120 -26.73 -39.22 16.84
C GLN P 120 -25.34 -39.85 16.81
N GLY P 121 -25.20 -40.89 16.02
CA GLY P 121 -23.96 -41.65 15.90
C GLY P 121 -24.01 -42.97 16.62
N THR P 122 -22.85 -43.53 16.87
CA THR P 122 -22.72 -44.90 17.41
C THR P 122 -23.53 -45.01 18.71
N SER P 123 -24.29 -46.08 18.81
CA SER P 123 -25.07 -46.41 20.03
C SER P 123 -24.75 -47.82 20.47
N PHE P 124 -24.85 -48.05 21.77
CA PHE P 124 -24.83 -49.40 22.34
C PHE P 124 -25.92 -49.47 23.40
N HIS P 125 -26.84 -50.38 23.23
CA HIS P 125 -27.97 -50.61 24.17
C HIS P 125 -27.84 -52.04 24.65
N PHE P 126 -27.66 -52.19 25.94
CA PHE P 126 -27.31 -53.50 26.51
C PHE P 126 -27.98 -53.63 27.87
N PHE P 127 -28.48 -54.83 28.15
CA PHE P 127 -29.00 -55.11 29.51
C PHE P 127 -28.87 -56.60 29.80
N SER P 128 -28.69 -56.93 31.08
CA SER P 128 -28.58 -58.34 31.49
C SER P 128 -29.21 -58.51 32.86
N VAL P 129 -29.70 -59.72 33.13
CA VAL P 129 -30.28 -60.11 34.43
C VAL P 129 -29.62 -61.44 34.79
N GLY P 130 -29.01 -61.52 35.97
CA GLY P 130 -28.27 -62.72 36.35
C GLY P 130 -28.35 -63.01 37.84
N GLY P 131 -28.07 -64.25 38.17
CA GLY P 131 -27.99 -64.66 39.59
C GLY P 131 -26.62 -64.47 40.19
N GLU P 132 -25.72 -63.82 39.45
CA GLU P 132 -24.32 -63.53 39.82
C GLU P 132 -23.83 -62.44 38.87
N ALA P 133 -22.65 -61.91 39.14
CA ALA P 133 -22.07 -60.84 38.33
C ALA P 133 -21.94 -61.29 36.86
N LEU P 134 -22.18 -60.36 35.95
CA LEU P 134 -21.97 -60.64 34.51
C LEU P 134 -20.50 -60.99 34.33
N GLU P 135 -20.26 -62.03 33.56
CA GLU P 135 -18.88 -62.42 33.24
C GLU P 135 -18.48 -61.77 31.92
N LEU P 136 -17.30 -61.19 31.90
CA LEU P 136 -16.84 -60.34 30.79
C LEU P 136 -15.63 -60.98 30.12
N GLN P 137 -15.53 -60.74 28.84
CA GLN P 137 -14.37 -61.08 28.01
C GLN P 137 -13.82 -59.78 27.42
N GLY P 138 -12.51 -59.62 27.50
CA GLY P 138 -11.88 -58.40 26.99
C GLY P 138 -11.58 -58.53 25.52
N VAL P 139 -11.95 -57.52 24.75
CA VAL P 139 -11.51 -57.41 23.33
C VAL P 139 -11.14 -55.95 23.07
N LEU P 140 -9.96 -55.72 22.51
CA LEU P 140 -9.45 -54.33 22.34
C LEU P 140 -9.47 -53.94 20.86
N PHE P 141 -9.89 -52.72 20.60
CA PHE P 141 -9.81 -52.23 19.19
C PHE P 141 -8.34 -52.09 18.82
N ASN P 142 -7.55 -51.60 19.77
CA ASN P 142 -6.12 -51.27 19.61
C ASN P 142 -5.46 -51.79 20.87
N TYR P 143 -4.66 -52.85 20.77
CA TYR P 143 -4.10 -53.44 22.00
C TYR P 143 -3.13 -52.48 22.69
N ARG P 144 -2.63 -51.47 21.99
CA ARG P 144 -1.66 -50.55 22.59
C ARG P 144 -2.31 -49.40 23.33
N THR P 145 -3.63 -49.27 23.32
CA THR P 145 -4.30 -48.22 24.11
C THR P 145 -3.84 -48.30 25.56
N LYS P 146 -3.48 -47.15 26.11
CA LYS P 146 -3.21 -47.08 27.57
C LYS P 146 -4.51 -46.68 28.27
N TYR P 147 -5.13 -47.62 28.94
CA TYR P 147 -6.37 -47.24 29.66
C TYR P 147 -6.00 -46.58 30.97
N PRO P 148 -6.82 -45.61 31.41
CA PRO P 148 -6.40 -44.71 32.48
C PRO P 148 -6.63 -45.29 33.88
N ASP P 149 -5.86 -44.76 34.82
CA ASP P 149 -6.04 -45.09 36.26
C ASP P 149 -7.50 -44.93 36.66
N GLY P 150 -7.99 -45.89 37.42
CA GLY P 150 -9.37 -45.87 37.92
C GLY P 150 -10.33 -46.66 37.06
N THR P 151 -9.87 -47.16 35.92
CA THR P 151 -10.68 -48.12 35.14
C THR P 151 -10.08 -49.50 35.34
N ILE P 152 -10.91 -50.51 35.09
CA ILE P 152 -10.46 -51.92 35.11
C ILE P 152 -10.54 -52.42 33.68
N PHE P 153 -9.41 -52.85 33.15
CA PHE P 153 -9.23 -53.02 31.68
C PHE P 153 -8.40 -54.26 31.42
N PRO P 154 -8.44 -54.78 30.19
CA PRO P 154 -7.68 -55.99 29.87
C PRO P 154 -6.17 -55.76 30.06
N LYS P 155 -5.59 -56.57 30.94
CA LYS P 155 -4.20 -56.43 31.42
C LYS P 155 -3.29 -57.36 30.63
N ASN P 156 -2.04 -56.91 30.49
CA ASN P 156 -1.03 -57.66 29.69
C ASN P 156 -1.54 -57.87 28.27
N ALA P 157 -2.08 -56.80 27.67
CA ALA P 157 -2.61 -56.87 26.31
C ALA P 157 -1.49 -57.24 25.33
N THR P 158 -1.84 -58.07 24.37
CA THR P 158 -0.96 -58.41 23.25
C THR P 158 -1.71 -58.12 21.96
N VAL P 159 -1.03 -58.26 20.83
CA VAL P 159 -1.71 -58.03 19.55
C VAL P 159 -2.89 -59.00 19.44
N GLN P 160 -2.81 -60.19 20.04
CA GLN P 160 -3.92 -61.16 19.98
C GLN P 160 -5.16 -60.63 20.71
N SER P 161 -4.97 -59.73 21.65
CA SER P 161 -6.10 -59.09 22.36
C SER P 161 -7.01 -58.32 21.37
N GLN P 162 -6.53 -58.01 20.19
CA GLN P 162 -7.35 -57.30 19.19
C GLN P 162 -8.35 -58.24 18.53
N VAL P 163 -8.24 -59.54 18.74
CA VAL P 163 -9.25 -60.46 18.13
C VAL P 163 -9.81 -61.35 19.23
N MET P 164 -8.93 -62.01 20.01
CA MET P 164 -9.35 -62.93 21.07
C MET P 164 -8.15 -63.42 21.87
N ASN P 165 -8.05 -62.94 23.09
CA ASN P 165 -7.03 -63.40 24.05
C ASN P 165 -7.81 -63.89 25.27
N THR P 166 -7.82 -65.20 25.49
CA THR P 166 -8.67 -65.80 26.54
C THR P 166 -8.17 -65.46 27.94
N GLU P 167 -7.03 -64.79 28.06
CA GLU P 167 -6.57 -64.29 29.38
C GLU P 167 -7.52 -63.23 29.93
N HIS P 168 -8.17 -62.44 29.09
CA HIS P 168 -8.92 -61.25 29.58
C HIS P 168 -10.31 -61.66 30.06
N LYS P 169 -10.37 -62.22 31.26
CA LYS P 169 -11.63 -62.62 31.92
C LYS P 169 -11.87 -61.74 33.13
N ALA P 170 -13.09 -61.27 33.30
CA ALA P 170 -13.45 -60.43 34.45
C ALA P 170 -14.91 -60.60 34.81
N TYR P 171 -15.25 -60.12 36.00
CA TYR P 171 -16.64 -60.00 36.48
C TYR P 171 -17.01 -58.52 36.52
N LEU P 172 -18.22 -58.21 36.07
CA LEU P 172 -18.73 -56.83 36.19
C LEU P 172 -19.18 -56.64 37.63
N ASP P 173 -18.22 -56.26 38.47
CA ASP P 173 -18.42 -56.29 39.94
C ASP P 173 -18.23 -54.90 40.55
N LYS P 174 -18.16 -53.85 39.74
CA LYS P 174 -17.92 -52.49 40.26
C LYS P 174 -18.48 -51.49 39.26
N ASN P 175 -19.04 -50.41 39.77
CA ASN P 175 -19.59 -49.33 38.91
CA ASN P 175 -19.59 -49.33 38.91
C ASN P 175 -18.49 -48.37 38.51
N LYS P 176 -18.71 -47.67 37.40
CA LYS P 176 -17.78 -46.63 36.90
C LYS P 176 -16.39 -47.18 36.71
N ALA P 177 -16.27 -48.44 36.29
CA ALA P 177 -14.94 -49.07 36.30
C ALA P 177 -14.64 -49.76 34.97
N TYR P 178 -15.58 -50.51 34.42
CA TYR P 178 -15.29 -51.37 33.26
C TYR P 178 -15.70 -50.64 31.98
N PRO P 179 -14.76 -50.12 31.18
CA PRO P 179 -15.14 -49.38 29.97
C PRO P 179 -15.88 -50.28 28.99
N VAL P 180 -16.92 -49.73 28.38
CA VAL P 180 -17.74 -50.44 27.37
C VAL P 180 -16.85 -50.92 26.24
N GLU P 181 -15.93 -50.09 25.77
CA GLU P 181 -15.15 -50.43 24.55
C GLU P 181 -14.18 -51.60 24.74
N CYS P 182 -13.83 -51.97 25.96
CA CYS P 182 -12.81 -53.06 26.08
C CYS P 182 -13.40 -54.35 26.61
N TRP P 183 -14.68 -54.37 26.94
CA TRP P 183 -15.27 -55.57 27.55
C TRP P 183 -16.60 -55.93 26.88
N VAL P 184 -16.85 -57.22 26.72
CA VAL P 184 -18.15 -57.70 26.21
C VAL P 184 -18.59 -58.88 27.08
N PRO P 185 -19.89 -59.25 27.21
CA PRO P 185 -20.27 -60.50 27.87
C PRO P 185 -19.49 -61.66 27.25
N ASP P 186 -19.00 -62.52 28.13
CA ASP P 186 -18.25 -63.72 27.75
C ASP P 186 -19.24 -64.80 27.38
N PRO P 187 -19.31 -65.18 26.08
CA PRO P 187 -20.29 -66.18 25.66
C PRO P 187 -19.92 -67.60 26.11
N THR P 188 -18.72 -67.82 26.58
CA THR P 188 -18.30 -69.14 27.07
C THR P 188 -18.71 -69.33 28.52
N ARG P 189 -19.14 -68.26 29.18
CA ARG P 189 -19.63 -68.38 30.57
C ARG P 189 -21.06 -67.88 30.60
N ASN P 190 -21.44 -67.21 31.68
CA ASN P 190 -22.75 -66.55 31.81
C ASN P 190 -23.90 -67.55 31.70
N GLU P 191 -23.72 -68.78 32.19
CA GLU P 191 -24.83 -69.75 32.19
C GLU P 191 -25.96 -69.31 33.13
N ASN P 192 -25.68 -68.43 34.09
CA ASN P 192 -26.66 -68.03 35.11
C ASN P 192 -27.10 -66.57 34.88
N THR P 193 -26.97 -66.09 33.65
CA THR P 193 -27.29 -64.72 33.27
C THR P 193 -27.97 -64.76 31.90
N ARG P 194 -28.90 -63.84 31.69
CA ARG P 194 -29.47 -63.62 30.35
C ARG P 194 -29.07 -62.22 29.92
N TYR P 195 -28.46 -62.09 28.75
CA TYR P 195 -27.94 -60.78 28.32
C TYR P 195 -28.40 -60.50 26.88
N PHE P 196 -28.57 -59.22 26.59
CA PHE P 196 -29.10 -58.74 25.30
C PHE P 196 -28.44 -57.41 24.97
N GLY P 197 -27.92 -57.27 23.75
CA GLY P 197 -27.25 -56.03 23.39
C GLY P 197 -27.29 -55.78 21.90
N THR P 198 -27.26 -54.51 21.53
CA THR P 198 -27.20 -54.10 20.11
C THR P 198 -26.25 -52.94 19.96
N LEU P 199 -25.26 -53.11 19.10
CA LEU P 199 -24.34 -52.04 18.68
C LEU P 199 -24.81 -51.56 17.30
N THR P 200 -25.03 -50.27 17.19
CA THR P 200 -25.31 -49.62 15.90
C THR P 200 -24.22 -48.57 15.70
N GLY P 201 -23.35 -48.80 14.73
CA GLY P 201 -22.21 -47.90 14.48
C GLY P 201 -22.57 -46.76 13.54
N GLY P 202 -21.57 -45.98 13.17
CA GLY P 202 -21.75 -44.90 12.18
C GLY P 202 -21.93 -43.54 12.83
N GLU P 203 -21.38 -42.48 12.25
CA GLU P 203 -21.40 -41.18 12.97
C GLU P 203 -22.70 -40.42 12.72
N ASN P 204 -23.55 -40.86 11.79
CA ASN P 204 -24.80 -40.12 11.55
C ASN P 204 -26.03 -40.96 11.84
N VAL P 205 -25.89 -42.13 12.45
CA VAL P 205 -27.09 -43.01 12.57
C VAL P 205 -28.02 -42.43 13.62
N PRO P 206 -29.32 -42.39 13.32
CA PRO P 206 -30.26 -41.75 14.24
C PRO P 206 -30.63 -42.71 15.35
N PRO P 207 -30.85 -42.21 16.57
CA PRO P 207 -31.39 -43.05 17.62
C PRO P 207 -32.80 -43.52 17.22
N VAL P 208 -33.10 -44.78 17.52
CA VAL P 208 -34.48 -45.33 17.40
C VAL P 208 -34.79 -46.00 18.72
N LEU P 209 -35.67 -45.39 19.51
CA LEU P 209 -35.93 -45.85 20.90
C LEU P 209 -37.43 -46.05 21.07
N HIS P 210 -37.82 -47.24 21.45
CA HIS P 210 -39.23 -47.61 21.68
CA HIS P 210 -39.24 -47.59 21.68
C HIS P 210 -39.50 -47.68 23.18
N ILE P 211 -40.67 -47.19 23.58
CA ILE P 211 -41.08 -47.33 24.99
C ILE P 211 -42.49 -47.92 24.98
N THR P 212 -42.75 -48.76 25.97
CA THR P 212 -44.10 -49.30 26.21
C THR P 212 -44.05 -50.06 27.52
N ASN P 213 -45.19 -50.12 28.18
CA ASN P 213 -45.23 -50.92 29.41
C ASN P 213 -45.96 -52.23 29.17
N THR P 214 -46.08 -52.67 27.93
CA THR P 214 -46.85 -53.88 27.57
C THR P 214 -45.95 -55.05 27.16
N ALA P 215 -44.64 -54.89 27.13
CA ALA P 215 -43.73 -55.93 26.58
C ALA P 215 -42.98 -56.59 27.74
N THR P 216 -43.02 -57.91 27.78
CA THR P 216 -42.30 -58.72 28.79
C THR P 216 -41.34 -59.68 28.09
N THR P 217 -40.16 -59.84 28.64
CA THR P 217 -39.17 -60.84 28.18
C THR P 217 -39.13 -61.99 29.18
N VAL P 218 -39.29 -63.21 28.68
CA VAL P 218 -39.20 -64.41 29.55
C VAL P 218 -37.72 -64.78 29.66
N LEU P 219 -37.28 -65.02 30.88
CA LEU P 219 -35.85 -65.26 31.17
C LEU P 219 -35.53 -66.73 31.34
N LEU P 220 -36.52 -67.60 31.19
CA LEU P 220 -36.30 -69.05 31.30
C LEU P 220 -35.49 -69.55 30.10
N ASP P 221 -34.57 -70.48 30.36
CA ASP P 221 -33.83 -71.15 29.27
C ASP P 221 -34.68 -72.30 28.72
N GLU P 222 -34.11 -73.11 27.85
CA GLU P 222 -34.90 -74.15 27.16
C GLU P 222 -35.33 -75.26 28.13
N PHE P 223 -34.72 -75.35 29.30
CA PHE P 223 -35.13 -76.33 30.33
C PHE P 223 -36.13 -75.73 31.30
N GLY P 224 -36.63 -74.53 31.03
CA GLY P 224 -37.57 -73.88 31.95
C GLY P 224 -36.93 -73.31 33.19
N VAL P 225 -35.65 -72.98 33.17
CA VAL P 225 -34.95 -72.46 34.37
C VAL P 225 -34.48 -71.03 34.09
N GLY P 226 -34.78 -70.12 35.00
CA GLY P 226 -34.32 -68.74 34.93
C GLY P 226 -33.04 -68.59 35.72
N PRO P 227 -32.45 -67.39 35.71
CA PRO P 227 -31.31 -67.12 36.58
C PRO P 227 -31.65 -67.42 38.04
N LEU P 228 -30.70 -68.07 38.73
CA LEU P 228 -30.85 -68.46 40.15
C LEU P 228 -29.94 -67.58 40.98
N CYS P 229 -30.51 -66.88 41.94
CA CYS P 229 -29.79 -65.79 42.63
C CYS P 229 -28.95 -66.36 43.77
N LYS P 230 -27.65 -66.43 43.56
CA LYS P 230 -26.71 -66.89 44.60
C LYS P 230 -26.67 -65.88 45.75
N GLY P 231 -26.76 -66.39 46.97
CA GLY P 231 -26.75 -65.53 48.17
C GLY P 231 -27.96 -64.61 48.26
N ASP P 232 -29.01 -64.86 47.46
CA ASP P 232 -30.22 -64.01 47.43
C ASP P 232 -29.88 -62.62 46.89
N ASN P 233 -29.02 -62.58 45.87
CA ASN P 233 -28.67 -61.30 45.21
C ASN P 233 -28.99 -61.44 43.72
N LEU P 234 -29.69 -60.43 43.19
CA LEU P 234 -29.95 -60.30 41.73
C LEU P 234 -28.99 -59.26 41.16
N TYR P 235 -28.39 -59.57 40.03
CA TYR P 235 -27.45 -58.66 39.35
C TYR P 235 -28.07 -58.12 38.08
N LEU P 236 -28.20 -56.80 38.00
CA LEU P 236 -28.65 -56.10 36.79
C LEU P 236 -27.49 -55.29 36.23
N SER P 237 -27.31 -55.35 34.92
CA SER P 237 -26.25 -54.56 34.25
C SER P 237 -26.87 -53.87 33.05
N ALA P 238 -26.29 -52.76 32.64
CA ALA P 238 -26.86 -51.97 31.53
C ALA P 238 -25.77 -51.13 30.89
N VAL P 239 -25.97 -50.85 29.63
CA VAL P 239 -25.28 -49.74 28.93
C VAL P 239 -26.31 -49.14 27.98
N ASP P 240 -26.41 -47.82 27.99
CA ASP P 240 -27.34 -47.15 27.05
C ASP P 240 -26.66 -45.90 26.51
N VAL P 241 -25.58 -46.11 25.76
CA VAL P 241 -24.95 -45.01 24.99
C VAL P 241 -25.91 -44.71 23.84
N CYS P 242 -26.49 -43.52 23.82
CA CYS P 242 -27.50 -43.20 22.81
C CYS P 242 -26.88 -42.64 21.53
N GLY P 243 -25.68 -42.09 21.62
CA GLY P 243 -25.03 -41.41 20.50
C GLY P 243 -24.17 -40.31 21.04
N MET P 244 -23.81 -39.35 20.19
CA MET P 244 -22.98 -38.22 20.61
C MET P 244 -23.74 -36.92 20.48
N PHE P 245 -23.46 -36.02 21.42
CA PHE P 245 -23.91 -34.62 21.35
C PHE P 245 -22.78 -33.78 20.74
N THR P 246 -23.14 -32.90 19.85
CA THR P 246 -22.18 -32.02 19.16
C THR P 246 -22.44 -30.59 19.64
N ASN P 247 -21.44 -29.96 20.22
CA ASN P 247 -21.68 -28.54 20.51
C ASN P 247 -21.16 -27.69 19.37
N ARG P 248 -21.33 -26.39 19.50
CA ARG P 248 -21.16 -25.48 18.36
C ARG P 248 -19.77 -25.62 17.75
N SER P 249 -18.75 -25.75 18.59
CA SER P 249 -17.34 -25.86 18.10
C SER P 249 -17.12 -27.16 17.35
N GLY P 250 -18.00 -28.15 17.51
CA GLY P 250 -17.82 -29.45 16.85
C GLY P 250 -17.29 -30.51 17.80
N SER P 251 -16.89 -30.14 19.01
CA SER P 251 -16.46 -31.16 20.01
C SER P 251 -17.66 -32.08 20.29
N GLN P 252 -17.39 -33.35 20.49
CA GLN P 252 -18.45 -34.37 20.60
C GLN P 252 -18.31 -35.11 21.91
N GLN P 253 -19.48 -35.49 22.46
CA GLN P 253 -19.61 -36.06 23.82
C GLN P 253 -20.60 -37.19 23.76
N TRP P 254 -20.28 -38.36 24.34
CA TRP P 254 -21.29 -39.40 24.49
C TRP P 254 -22.43 -38.90 25.36
N ARG P 255 -23.63 -39.30 25.00
CA ARG P 255 -24.84 -39.03 25.83
C ARG P 255 -25.50 -40.36 26.13
N GLY P 256 -25.85 -40.56 27.40
CA GLY P 256 -26.45 -41.82 27.83
C GLY P 256 -27.72 -41.55 28.62
N LEU P 257 -28.49 -42.61 28.81
CA LEU P 257 -29.78 -42.49 29.52
C LEU P 257 -29.88 -43.65 30.50
N SER P 258 -30.73 -43.46 31.50
CA SER P 258 -30.99 -44.50 32.50
C SER P 258 -31.81 -45.62 31.89
N ARG P 259 -31.82 -46.75 32.56
CA ARG P 259 -32.64 -47.92 32.16
C ARG P 259 -33.45 -48.42 33.34
N TYR P 260 -34.74 -48.61 33.11
CA TYR P 260 -35.66 -49.19 34.09
C TYR P 260 -35.65 -50.71 33.98
N PHE P 261 -35.68 -51.37 35.13
CA PHE P 261 -35.81 -52.84 35.23
C PHE P 261 -36.98 -53.18 36.15
N LYS P 262 -37.79 -54.13 35.74
CA LYS P 262 -38.74 -54.82 36.65
C LYS P 262 -38.64 -56.31 36.42
N VAL P 263 -38.17 -57.02 37.44
CA VAL P 263 -37.94 -58.48 37.36
C VAL P 263 -38.91 -59.16 38.33
N GLN P 264 -39.64 -60.13 37.83
CA GLN P 264 -40.46 -61.00 38.71
C GLN P 264 -39.69 -62.28 39.01
N LEU P 265 -39.71 -62.66 40.28
CA LEU P 265 -38.96 -63.85 40.74
C LEU P 265 -39.90 -64.80 41.47
N ARG P 266 -39.53 -66.08 41.43
CA ARG P 266 -40.25 -67.12 42.20
C ARG P 266 -39.22 -67.96 42.94
N LYS P 267 -39.69 -68.70 43.93
CA LYS P 267 -38.82 -69.57 44.75
C LYS P 267 -38.68 -70.92 44.07
N ARG P 268 -37.43 -71.40 44.01
CA ARG P 268 -37.09 -72.67 43.34
C ARG P 268 -36.25 -73.48 44.32
N ARG P 269 -36.53 -74.78 44.42
CA ARG P 269 -35.73 -75.67 45.27
C ARG P 269 -34.57 -76.22 44.47
N VAL P 270 -33.37 -76.19 45.06
CA VAL P 270 -32.17 -76.81 44.45
C VAL P 270 -31.44 -77.62 45.52
N LYS P 271 -30.62 -78.55 45.07
CA LYS P 271 -29.76 -79.33 45.98
C LYS P 271 -28.30 -79.22 45.55
N ASN P 272 -27.43 -79.83 46.36
CA ASN P 272 -25.96 -79.84 46.14
C ASN P 272 -25.40 -78.42 46.17
N VAL Q 7 -57.87 -52.71 44.82
CA VAL Q 7 -59.14 -53.25 44.26
C VAL Q 7 -58.94 -54.71 43.86
N GLU Q 8 -60.01 -55.48 44.01
CA GLU Q 8 -60.07 -56.87 43.50
C GLU Q 8 -60.94 -56.87 42.24
N VAL Q 9 -60.43 -57.45 41.16
CA VAL Q 9 -61.09 -57.40 39.84
C VAL Q 9 -61.87 -58.69 39.66
N LEU Q 10 -63.19 -58.57 39.62
CA LEU Q 10 -64.02 -59.80 39.52
C LEU Q 10 -64.47 -60.01 38.08
N GLU Q 11 -65.69 -60.47 37.89
CA GLU Q 11 -66.12 -60.98 36.56
C GLU Q 11 -66.54 -59.81 35.66
N VAL Q 12 -66.47 -60.07 34.36
CA VAL Q 12 -67.02 -59.16 33.34
C VAL Q 12 -68.53 -59.28 33.33
N LYS Q 13 -69.20 -58.14 33.19
CA LYS Q 13 -70.65 -58.10 33.00
C LYS Q 13 -71.01 -58.39 31.54
N THR Q 14 -71.98 -59.26 31.33
CA THR Q 14 -72.57 -59.47 29.99
C THR Q 14 -73.95 -58.83 29.94
N GLY Q 15 -74.62 -58.99 28.80
CA GLY Q 15 -75.81 -58.19 28.51
C GLY Q 15 -75.50 -57.11 27.50
N VAL Q 16 -76.55 -56.63 26.84
CA VAL Q 16 -76.34 -55.90 25.57
C VAL Q 16 -75.86 -54.47 25.87
N ASP Q 17 -76.23 -53.91 27.02
CA ASP Q 17 -75.69 -52.58 27.39
C ASP Q 17 -74.39 -52.68 28.19
N SER Q 18 -73.72 -53.82 28.15
CA SER Q 18 -72.47 -54.03 28.93
C SER Q 18 -71.23 -53.51 28.18
N ILE Q 19 -71.40 -52.93 26.99
CA ILE Q 19 -70.23 -52.47 26.19
C ILE Q 19 -70.52 -51.07 25.68
N THR Q 20 -69.45 -50.35 25.40
CA THR Q 20 -69.57 -49.00 24.83
C THR Q 20 -68.27 -48.69 24.09
N GLU Q 21 -68.32 -47.69 23.23
CA GLU Q 21 -67.11 -47.31 22.48
C GLU Q 21 -66.90 -45.80 22.60
N VAL Q 22 -65.64 -45.41 22.55
CA VAL Q 22 -65.26 -43.98 22.54
C VAL Q 22 -64.50 -43.74 21.26
N GLU Q 23 -64.89 -42.69 20.55
CA GLU Q 23 -64.17 -42.27 19.33
C GLU Q 23 -63.80 -40.80 19.52
N CYS Q 24 -62.56 -40.46 19.32
CA CYS Q 24 -62.21 -39.02 19.33
C CYS Q 24 -60.89 -38.80 18.64
N PHE Q 25 -60.54 -37.53 18.51
CA PHE Q 25 -59.23 -37.16 17.94
C PHE Q 25 -58.59 -36.18 18.91
N LEU Q 26 -57.28 -36.27 19.04
CA LEU Q 26 -56.46 -35.35 19.84
C LEU Q 26 -55.65 -34.51 18.87
N THR Q 27 -55.79 -33.22 18.97
CA THR Q 27 -55.02 -32.36 18.08
C THR Q 27 -53.64 -32.11 18.69
N PRO Q 28 -52.63 -31.82 17.87
CA PRO Q 28 -51.30 -31.66 18.39
C PRO Q 28 -51.12 -30.27 19.03
N GLU Q 29 -50.20 -30.21 19.97
CA GLU Q 29 -49.82 -28.97 20.67
C GLU Q 29 -48.33 -28.74 20.45
N MET Q 30 -47.98 -28.15 19.31
CA MET Q 30 -46.57 -27.96 18.91
C MET Q 30 -46.01 -26.63 19.39
N GLY Q 31 -46.87 -25.73 19.89
CA GLY Q 31 -46.42 -24.44 20.46
C GLY Q 31 -47.24 -23.33 19.87
N ASP Q 32 -47.73 -23.49 18.64
CA ASP Q 32 -48.71 -22.57 17.97
C ASP Q 32 -48.30 -21.12 18.19
N PRO Q 33 -47.23 -20.66 17.50
CA PRO Q 33 -46.67 -19.35 17.80
C PRO Q 33 -47.55 -18.14 17.41
N ASP Q 34 -48.32 -18.26 16.33
CA ASP Q 34 -49.32 -17.21 16.01
C ASP Q 34 -50.61 -17.91 15.57
N GLU Q 35 -51.59 -17.11 15.17
CA GLU Q 35 -52.89 -17.72 14.83
C GLU Q 35 -52.92 -18.25 13.40
N HIS Q 36 -51.83 -18.16 12.64
CA HIS Q 36 -51.82 -18.84 11.33
C HIS Q 36 -51.05 -20.16 11.39
N LEU Q 37 -50.47 -20.50 12.54
CA LEU Q 37 -49.47 -21.58 12.60
C LEU Q 37 -49.90 -22.66 13.59
N ARG Q 38 -51.19 -22.86 13.75
CA ARG Q 38 -51.66 -24.05 14.48
C ARG Q 38 -51.05 -25.31 13.88
N GLY Q 39 -50.50 -26.17 14.74
CA GLY Q 39 -49.80 -27.39 14.33
C GLY Q 39 -48.32 -27.20 14.07
N PHE Q 40 -47.82 -25.99 14.11
CA PHE Q 40 -46.37 -25.71 14.04
C PHE Q 40 -45.85 -25.16 15.36
N SER Q 41 -44.57 -25.34 15.60
CA SER Q 41 -43.86 -24.57 16.64
C SER Q 41 -43.35 -23.26 16.09
N LYS Q 42 -42.88 -22.42 17.01
CA LYS Q 42 -42.03 -21.26 16.65
C LYS Q 42 -40.69 -21.77 16.11
N SER Q 43 -39.99 -20.91 15.38
CA SER Q 43 -38.60 -21.17 14.91
C SER Q 43 -37.75 -21.65 16.09
N ILE Q 44 -36.92 -22.66 15.86
CA ILE Q 44 -36.05 -23.17 16.94
C ILE Q 44 -34.86 -22.24 17.09
N SER Q 45 -34.59 -21.81 18.32
CA SER Q 45 -33.43 -20.96 18.69
C SER Q 45 -32.43 -21.78 19.52
N ILE Q 46 -31.15 -21.60 19.26
CA ILE Q 46 -30.06 -22.39 19.91
C ILE Q 46 -29.33 -21.51 20.90
N SER Q 47 -29.32 -21.93 22.17
CA SER Q 47 -28.61 -21.21 23.23
C SER Q 47 -27.10 -21.32 23.06
N ASP Q 48 -26.38 -20.33 23.59
CA ASP Q 48 -24.91 -20.23 23.47
C ASP Q 48 -24.22 -21.15 24.47
N THR Q 49 -24.88 -21.49 25.56
CA THR Q 49 -24.30 -22.35 26.62
C THR Q 49 -25.47 -23.15 27.19
N PHE Q 50 -25.14 -24.19 27.95
CA PHE Q 50 -26.22 -24.92 28.66
C PHE Q 50 -26.92 -24.00 29.66
N GLU Q 51 -26.16 -23.16 30.35
CA GLU Q 51 -26.75 -22.35 31.44
C GLU Q 51 -27.68 -21.25 30.90
N SER Q 52 -27.50 -20.82 29.67
CA SER Q 52 -28.32 -19.70 29.13
C SER Q 52 -29.51 -20.19 28.29
N ASP Q 53 -29.73 -21.49 28.21
CA ASP Q 53 -30.89 -22.06 27.50
C ASP Q 53 -32.18 -21.56 28.15
N SER Q 54 -32.96 -20.74 27.44
CA SER Q 54 -34.24 -20.22 27.96
CA SER Q 54 -34.23 -20.21 27.96
C SER Q 54 -35.25 -20.25 26.83
N PRO Q 55 -35.74 -21.46 26.47
CA PRO Q 55 -36.64 -21.58 25.32
C PRO Q 55 -37.99 -20.90 25.55
N ASN Q 56 -38.48 -20.28 24.49
CA ASN Q 56 -39.82 -19.69 24.46
C ASN Q 56 -40.88 -20.79 24.53
N ARG Q 57 -41.95 -20.52 25.24
CA ARG Q 57 -43.06 -21.51 25.36
C ARG Q 57 -43.57 -21.94 23.98
N ASP Q 58 -43.62 -21.02 23.02
CA ASP Q 58 -44.16 -21.35 21.69
C ASP Q 58 -43.19 -22.24 20.88
N MET Q 59 -42.00 -22.48 21.38
CA MET Q 59 -41.01 -23.37 20.71
C MET Q 59 -41.09 -24.81 21.23
N LEU Q 60 -41.97 -25.11 22.17
CA LEU Q 60 -41.89 -26.38 22.90
C LEU Q 60 -43.16 -27.19 22.69
N PRO Q 61 -43.11 -28.27 21.90
CA PRO Q 61 -44.27 -29.16 21.80
C PRO Q 61 -44.64 -29.75 23.16
N CYS Q 62 -45.94 -29.91 23.37
CA CYS Q 62 -46.44 -30.48 24.64
C CYS Q 62 -47.19 -31.78 24.39
N TYR Q 63 -47.33 -32.58 25.43
CA TYR Q 63 -48.24 -33.73 25.39
C TYR Q 63 -49.67 -33.24 25.21
N SER Q 64 -50.45 -33.97 24.44
CA SER Q 64 -51.90 -33.78 24.28
C SER Q 64 -52.62 -34.77 25.18
N VAL Q 65 -53.75 -34.36 25.74
CA VAL Q 65 -54.52 -35.24 26.64
C VAL Q 65 -55.99 -34.90 26.53
N ALA Q 66 -56.81 -35.95 26.55
CA ALA Q 66 -58.28 -35.79 26.66
C ALA Q 66 -58.79 -36.69 27.76
N ARG Q 67 -59.70 -36.14 28.57
CA ARG Q 67 -60.45 -36.94 29.57
C ARG Q 67 -61.86 -37.09 29.05
N ILE Q 68 -62.26 -38.32 28.78
CA ILE Q 68 -63.56 -38.62 28.13
C ILE Q 68 -64.48 -39.19 29.20
N PRO Q 69 -65.60 -38.52 29.52
CA PRO Q 69 -66.56 -39.07 30.47
C PRO Q 69 -67.34 -40.23 29.84
N LEU Q 70 -67.48 -41.30 30.61
CA LEU Q 70 -68.16 -42.51 30.17
C LEU Q 70 -69.55 -42.57 30.82
N PRO Q 71 -70.44 -43.44 30.33
CA PRO Q 71 -71.76 -43.58 30.97
C PRO Q 71 -71.65 -43.93 32.45
N ASN Q 72 -72.33 -43.16 33.29
CA ASN Q 72 -72.26 -43.34 34.75
C ASN Q 72 -72.78 -44.72 35.12
N LEU Q 73 -72.12 -45.36 36.09
CA LEU Q 73 -72.34 -46.79 36.35
C LEU Q 73 -73.00 -47.07 37.70
N ASN Q 74 -72.70 -46.30 38.75
CA ASN Q 74 -73.05 -46.81 40.10
C ASN Q 74 -74.02 -45.86 40.81
N GLU Q 75 -74.96 -45.29 40.06
CA GLU Q 75 -75.84 -44.22 40.57
C GLU Q 75 -74.98 -43.15 41.26
N ASP Q 76 -75.01 -43.10 42.58
CA ASP Q 76 -74.12 -42.21 43.35
C ASP Q 76 -72.77 -42.90 43.57
N LEU Q 77 -72.80 -44.07 44.19
CA LEU Q 77 -71.63 -44.99 44.19
C LEU Q 77 -72.14 -46.41 44.49
N ILE Q 82 -69.17 -52.47 42.99
CA ILE Q 82 -69.40 -51.44 41.93
C ILE Q 82 -68.84 -51.95 40.60
N LEU Q 83 -69.37 -51.38 39.53
CA LEU Q 83 -68.89 -51.68 38.16
C LEU Q 83 -67.93 -50.58 37.70
N MET Q 84 -66.97 -50.97 36.87
CA MET Q 84 -66.07 -50.00 36.22
C MET Q 84 -66.00 -50.31 34.73
N TRP Q 85 -65.90 -49.27 33.93
CA TRP Q 85 -65.59 -49.45 32.50
C TRP Q 85 -64.16 -49.93 32.36
N GLU Q 86 -63.96 -50.96 31.54
CA GLU Q 86 -62.64 -51.54 31.25
C GLU Q 86 -62.33 -51.34 29.78
N ALA Q 87 -61.18 -50.74 29.49
CA ALA Q 87 -60.75 -50.56 28.09
C ALA Q 87 -60.15 -51.85 27.59
N VAL Q 88 -60.64 -52.33 26.45
CA VAL Q 88 -60.24 -53.67 25.95
C VAL Q 88 -59.44 -53.56 24.66
N THR Q 89 -59.88 -52.72 23.72
CA THR Q 89 -59.17 -52.64 22.44
C THR Q 89 -58.98 -51.21 22.00
N LEU Q 90 -57.98 -51.00 21.16
CA LEU Q 90 -57.69 -49.65 20.61
C LEU Q 90 -57.45 -49.76 19.11
N LYS Q 91 -58.09 -48.87 18.37
CA LYS Q 91 -57.68 -48.53 16.99
C LYS Q 91 -57.14 -47.10 17.03
N THR Q 92 -56.00 -46.88 16.42
CA THR Q 92 -55.45 -45.51 16.42
C THR Q 92 -54.72 -45.27 15.11
N GLU Q 93 -54.66 -44.00 14.70
CA GLU Q 93 -53.77 -43.62 13.59
C GLU Q 93 -53.61 -42.13 13.50
N VAL Q 94 -52.52 -41.72 12.85
CA VAL Q 94 -52.21 -40.29 12.64
C VAL Q 94 -53.12 -39.79 11.50
N ILE Q 95 -53.72 -38.65 11.70
CA ILE Q 95 -54.69 -38.10 10.75
C ILE Q 95 -54.03 -37.00 9.95
N GLY Q 96 -54.08 -37.14 8.64
CA GLY Q 96 -53.51 -36.09 7.78
C GLY Q 96 -52.14 -36.44 7.26
N VAL Q 97 -51.78 -37.72 7.14
CA VAL Q 97 -50.36 -38.01 6.83
C VAL Q 97 -50.01 -37.44 5.45
N THR Q 98 -50.98 -37.32 4.56
CA THR Q 98 -50.71 -36.86 3.19
C THR Q 98 -50.39 -35.37 3.13
N SER Q 99 -50.73 -34.62 4.17
CA SER Q 99 -50.42 -33.18 4.18
C SER Q 99 -48.92 -32.96 4.06
N LEU Q 100 -48.12 -33.94 4.49
CA LEU Q 100 -46.65 -33.86 4.37
C LEU Q 100 -46.17 -33.94 2.91
N MET Q 101 -47.07 -34.18 1.97
CA MET Q 101 -46.68 -34.10 0.56
C MET Q 101 -46.76 -32.67 0.00
N ASN Q 102 -47.13 -31.70 0.82
CA ASN Q 102 -47.09 -30.30 0.36
C ASN Q 102 -45.62 -29.85 0.47
N VAL Q 103 -44.91 -29.95 -0.65
CA VAL Q 103 -43.52 -29.45 -0.75
C VAL Q 103 -43.52 -28.24 -1.66
N HIS Q 104 -44.63 -27.52 -1.71
CA HIS Q 104 -44.68 -26.30 -2.55
C HIS Q 104 -45.00 -25.04 -1.72
N SER Q 105 -45.16 -25.14 -0.42
CA SER Q 105 -45.68 -24.00 0.37
C SER Q 105 -44.57 -23.44 1.26
N ASN Q 106 -44.08 -22.26 0.95
CA ASN Q 106 -43.21 -21.48 1.86
C ASN Q 106 -41.92 -22.23 2.16
N GLY Q 107 -41.47 -23.10 1.28
CA GLY Q 107 -40.37 -24.01 1.61
C GLY Q 107 -39.03 -23.52 1.14
N GLN Q 108 -38.01 -24.30 1.48
CA GLN Q 108 -36.65 -24.07 0.94
C GLN Q 108 -36.42 -25.10 -0.17
N ALA Q 109 -35.94 -24.63 -1.31
CA ALA Q 109 -35.64 -25.52 -2.45
C ALA Q 109 -34.56 -26.53 -2.05
N THR Q 110 -34.76 -27.79 -2.38
CA THR Q 110 -33.71 -28.82 -2.15
C THR Q 110 -32.45 -28.43 -2.93
N HIS Q 111 -32.64 -27.81 -4.07
CA HIS Q 111 -31.56 -27.28 -4.91
C HIS Q 111 -32.22 -26.29 -5.87
N ASP Q 112 -31.42 -25.64 -6.69
CA ASP Q 112 -31.93 -24.62 -7.62
C ASP Q 112 -33.02 -25.22 -8.53
N ASN Q 113 -34.19 -24.58 -8.53
CA ASN Q 113 -35.37 -24.95 -9.32
C ASN Q 113 -36.00 -26.28 -8.90
N GLY Q 114 -35.60 -26.81 -7.76
CA GLY Q 114 -36.16 -28.05 -7.25
C GLY Q 114 -37.41 -27.82 -6.42
N ALA Q 115 -37.97 -28.91 -5.92
CA ALA Q 115 -39.12 -28.90 -5.01
C ALA Q 115 -38.62 -28.48 -3.61
N GLY Q 116 -39.59 -28.24 -2.74
CA GLY Q 116 -39.28 -27.82 -1.38
C GLY Q 116 -38.81 -29.02 -0.56
N LYS Q 117 -38.02 -28.72 0.43
CA LYS Q 117 -37.56 -29.76 1.37
C LYS Q 117 -38.75 -30.18 2.21
N PRO Q 118 -39.05 -31.48 2.31
CA PRO Q 118 -40.21 -31.94 3.06
C PRO Q 118 -39.91 -31.94 4.56
N VAL Q 119 -40.97 -32.10 5.33
CA VAL Q 119 -40.84 -32.29 6.79
C VAL Q 119 -39.98 -33.53 7.07
N GLN Q 120 -38.99 -33.37 7.91
CA GLN Q 120 -38.09 -34.49 8.23
C GLN Q 120 -37.35 -34.16 9.52
N GLY Q 121 -36.63 -35.15 10.01
CA GLY Q 121 -35.88 -34.96 11.25
C GLY Q 121 -36.56 -35.63 12.43
N THR Q 122 -36.12 -35.27 13.62
CA THR Q 122 -36.51 -35.99 14.84
C THR Q 122 -38.03 -36.04 14.96
N SER Q 123 -38.54 -37.24 15.22
CA SER Q 123 -39.99 -37.44 15.43
C SER Q 123 -40.22 -38.19 16.73
N PHE Q 124 -41.40 -37.97 17.29
CA PHE Q 124 -41.84 -38.71 18.49
C PHE Q 124 -43.31 -39.00 18.26
N HIS Q 125 -43.66 -40.28 18.21
CA HIS Q 125 -45.06 -40.72 18.05
C HIS Q 125 -45.43 -41.55 19.27
N PHE Q 126 -46.47 -41.14 19.96
CA PHE Q 126 -46.75 -41.67 21.31
C PHE Q 126 -48.26 -41.68 21.49
N PHE Q 127 -48.78 -42.73 22.09
CA PHE Q 127 -50.19 -42.71 22.53
C PHE Q 127 -50.35 -43.59 23.77
N SER Q 128 -51.38 -43.28 24.53
CA SER Q 128 -51.67 -44.10 25.72
C SER Q 128 -53.17 -44.08 25.95
N VAL Q 129 -53.64 -45.15 26.60
CA VAL Q 129 -55.06 -45.30 27.01
C VAL Q 129 -55.01 -45.70 28.47
N GLY Q 130 -55.75 -44.98 29.31
CA GLY Q 130 -55.69 -45.27 30.75
C GLY Q 130 -56.97 -44.92 31.46
N GLY Q 131 -57.12 -45.53 32.63
CA GLY Q 131 -58.27 -45.32 33.51
C GLY Q 131 -58.07 -44.18 34.49
N GLU Q 132 -56.99 -43.43 34.30
CA GLU Q 132 -56.60 -42.27 35.12
C GLU Q 132 -55.53 -41.54 34.32
N ALA Q 133 -55.08 -40.41 34.83
CA ALA Q 133 -54.10 -39.58 34.12
C ALA Q 133 -52.80 -40.35 33.93
N LEU Q 134 -52.18 -40.15 32.76
CA LEU Q 134 -50.82 -40.71 32.53
C LEU Q 134 -49.87 -40.14 33.58
N GLU Q 135 -49.10 -41.03 34.18
CA GLU Q 135 -48.12 -40.65 35.20
C GLU Q 135 -46.78 -40.41 34.51
N LEU Q 136 -46.19 -39.26 34.79
CA LEU Q 136 -44.98 -38.79 34.11
C LEU Q 136 -43.79 -38.77 35.07
N GLN Q 137 -42.63 -39.02 34.49
CA GLN Q 137 -41.30 -38.89 35.10
C GLN Q 137 -40.52 -37.84 34.32
N GLY Q 138 -39.90 -36.91 35.01
CA GLY Q 138 -39.10 -35.86 34.37
C GLY Q 138 -37.68 -36.33 34.13
N VAL Q 139 -37.19 -36.07 32.93
CA VAL Q 139 -35.77 -36.28 32.56
C VAL Q 139 -35.41 -35.12 31.65
N LEU Q 140 -34.34 -34.40 31.99
CA LEU Q 140 -33.95 -33.19 31.24
C LEU Q 140 -32.68 -33.46 30.45
N PHE Q 141 -32.62 -32.96 29.23
CA PHE Q 141 -31.35 -33.05 28.47
C PHE Q 141 -30.26 -32.24 29.15
N ASN Q 142 -30.64 -31.08 29.69
CA ASN Q 142 -29.72 -30.09 30.29
C ASN Q 142 -30.45 -29.52 31.50
N TYR Q 143 -30.00 -29.85 32.71
CA TYR Q 143 -30.80 -29.45 33.89
C TYR Q 143 -30.81 -27.94 34.08
N ARG Q 144 -29.93 -27.21 33.43
CA ARG Q 144 -29.90 -25.76 33.61
C ARG Q 144 -30.84 -25.02 32.67
N THR Q 145 -31.55 -25.73 31.80
CA THR Q 145 -32.60 -25.12 30.99
C THR Q 145 -33.56 -24.36 31.92
N LYS Q 146 -33.87 -23.13 31.55
CA LYS Q 146 -34.95 -22.38 32.22
C LYS Q 146 -36.21 -22.56 31.40
N TYR Q 147 -37.14 -23.37 31.89
CA TYR Q 147 -38.39 -23.58 31.14
C TYR Q 147 -39.33 -22.40 31.39
N PRO Q 148 -40.19 -22.09 30.41
CA PRO Q 148 -40.93 -20.82 30.47
C PRO Q 148 -42.22 -20.89 31.26
N ASP Q 149 -42.62 -19.71 31.73
CA ASP Q 149 -43.95 -19.56 32.36
C ASP Q 149 -45.05 -20.09 31.43
N GLY Q 150 -46.03 -20.73 32.02
CA GLY Q 150 -47.16 -21.36 31.32
C GLY Q 150 -46.89 -22.82 30.99
N THR Q 151 -45.68 -23.33 31.24
CA THR Q 151 -45.44 -24.79 31.11
C THR Q 151 -45.32 -25.38 32.50
N ILE Q 152 -45.61 -26.66 32.61
CA ILE Q 152 -45.36 -27.44 33.85
C ILE Q 152 -44.17 -28.35 33.56
N PHE Q 153 -43.08 -28.11 34.28
CA PHE Q 153 -41.76 -28.69 33.94
C PHE Q 153 -41.14 -29.22 35.22
N PRO Q 154 -40.11 -30.06 35.11
CA PRO Q 154 -39.45 -30.56 36.31
C PRO Q 154 -38.81 -29.41 37.11
N LYS Q 155 -39.37 -29.16 38.30
CA LYS Q 155 -39.02 -27.96 39.10
C LYS Q 155 -37.81 -28.25 39.99
N ASN Q 156 -37.06 -27.20 40.26
CA ASN Q 156 -35.89 -27.25 41.16
C ASN Q 156 -34.94 -28.36 40.71
N ALA Q 157 -34.59 -28.30 39.43
CA ALA Q 157 -33.77 -29.38 38.85
C ALA Q 157 -32.37 -29.35 39.45
N THR Q 158 -31.77 -30.50 39.54
CA THR Q 158 -30.34 -30.66 39.88
C THR Q 158 -29.65 -31.42 38.77
N VAL Q 159 -28.35 -31.62 38.91
CA VAL Q 159 -27.64 -32.32 37.83
C VAL Q 159 -28.12 -33.76 37.72
N GLN Q 160 -28.64 -34.36 38.78
CA GLN Q 160 -29.24 -35.72 38.67
C GLN Q 160 -30.49 -35.70 37.79
N SER Q 161 -31.11 -34.55 37.57
CA SER Q 161 -32.29 -34.48 36.69
C SER Q 161 -31.92 -34.83 35.25
N GLN Q 162 -30.65 -34.78 34.91
CA GLN Q 162 -30.19 -35.13 33.56
C GLN Q 162 -30.12 -36.64 33.35
N VAL Q 163 -30.24 -37.45 34.40
CA VAL Q 163 -30.20 -38.93 34.20
C VAL Q 163 -31.38 -39.59 34.89
N MET Q 164 -31.65 -39.22 36.13
CA MET Q 164 -32.84 -39.77 36.83
C MET Q 164 -32.96 -39.16 38.21
N ASN Q 165 -33.92 -38.27 38.36
CA ASN Q 165 -34.24 -37.60 39.64
C ASN Q 165 -35.66 -38.03 40.00
N THR Q 166 -35.78 -38.93 40.97
CA THR Q 166 -37.09 -39.45 41.42
C THR Q 166 -38.01 -38.36 41.96
N GLU Q 167 -37.52 -37.17 42.22
CA GLU Q 167 -38.45 -36.09 42.64
C GLU Q 167 -39.39 -35.64 41.52
N HIS Q 168 -39.00 -35.82 40.26
CA HIS Q 168 -39.77 -35.20 39.15
C HIS Q 168 -40.89 -36.15 38.73
N LYS Q 169 -41.96 -36.12 39.49
CA LYS Q 169 -43.18 -36.93 39.27
C LYS Q 169 -44.35 -35.98 38.97
N ALA Q 170 -45.16 -36.32 37.98
CA ALA Q 170 -46.32 -35.49 37.62
C ALA Q 170 -47.42 -36.34 37.00
N TYR Q 171 -48.61 -35.75 36.90
CA TYR Q 171 -49.74 -36.31 36.17
C TYR Q 171 -49.96 -35.47 34.91
N LEU Q 172 -50.17 -36.14 33.78
CA LEU Q 172 -50.57 -35.44 32.54
C LEU Q 172 -52.03 -35.06 32.71
N ASP Q 173 -52.25 -33.93 33.37
CA ASP Q 173 -53.63 -33.54 33.75
C ASP Q 173 -54.03 -32.22 33.09
N LYS Q 174 -53.31 -31.79 32.06
CA LYS Q 174 -53.61 -30.48 31.45
C LYS Q 174 -53.04 -30.43 30.05
N ASN Q 175 -53.74 -29.75 29.16
CA ASN Q 175 -53.27 -29.60 27.76
CA ASN Q 175 -53.25 -29.60 27.76
C ASN Q 175 -52.36 -28.39 27.62
N LYS Q 176 -51.53 -28.43 26.57
CA LYS Q 176 -50.60 -27.34 26.20
C LYS Q 176 -49.71 -26.96 27.38
N ALA Q 177 -49.26 -27.93 28.16
CA ALA Q 177 -48.63 -27.57 29.45
C ALA Q 177 -47.35 -28.38 29.67
N TYR Q 178 -47.39 -29.69 29.43
CA TYR Q 178 -46.24 -30.55 29.78
C TYR Q 178 -45.38 -30.73 28.55
N PRO Q 179 -44.19 -30.13 28.49
CA PRO Q 179 -43.35 -30.23 27.30
C PRO Q 179 -42.88 -31.65 27.05
N VAL Q 180 -42.95 -32.03 25.80
CA VAL Q 180 -42.53 -33.41 25.42
C VAL Q 180 -41.09 -33.66 25.87
N GLU Q 181 -40.20 -32.71 25.68
CA GLU Q 181 -38.77 -32.95 25.92
C GLU Q 181 -38.46 -33.10 27.42
N CYS Q 182 -39.36 -32.73 28.32
CA CYS Q 182 -39.15 -32.76 29.77
C CYS Q 182 -39.60 -34.04 30.45
N TRP Q 183 -40.55 -34.75 29.84
CA TRP Q 183 -41.37 -35.75 30.54
C TRP Q 183 -41.46 -37.00 29.70
N VAL Q 184 -41.43 -38.15 30.35
CA VAL Q 184 -41.79 -39.45 29.73
C VAL Q 184 -42.74 -40.18 30.67
N PRO Q 185 -43.47 -41.17 30.15
CA PRO Q 185 -44.23 -42.08 31.01
C PRO Q 185 -43.30 -42.69 32.07
N ASP Q 186 -43.79 -42.65 33.30
CA ASP Q 186 -43.07 -43.16 34.47
C ASP Q 186 -43.24 -44.65 34.50
N PRO Q 187 -42.19 -45.43 34.18
CA PRO Q 187 -42.32 -46.89 34.13
C PRO Q 187 -42.54 -47.53 35.51
N THR Q 188 -42.27 -46.81 36.58
CA THR Q 188 -42.53 -47.32 37.95
C THR Q 188 -43.98 -47.18 38.32
N ARG Q 189 -44.78 -46.46 37.54
CA ARG Q 189 -46.22 -46.37 37.82
C ARG Q 189 -46.98 -46.85 36.59
N ASN Q 190 -48.08 -46.17 36.27
CA ASN Q 190 -48.90 -46.46 35.10
C ASN Q 190 -49.41 -47.90 35.09
N GLU Q 191 -49.74 -48.45 36.27
CA GLU Q 191 -50.34 -49.80 36.31
C GLU Q 191 -51.70 -49.82 35.58
N ASN Q 192 -52.40 -48.69 35.55
CA ASN Q 192 -53.78 -48.62 35.03
C ASN Q 192 -53.82 -47.93 33.66
N THR Q 193 -52.70 -47.97 32.94
CA THR Q 193 -52.50 -47.31 31.64
C THR Q 193 -51.69 -48.25 30.76
N ARG Q 194 -51.95 -48.19 29.46
CA ARG Q 194 -51.07 -48.83 28.45
C ARG Q 194 -50.54 -47.72 27.55
N TYR Q 195 -49.23 -47.67 27.41
CA TYR Q 195 -48.61 -46.57 26.63
C TYR Q 195 -47.62 -47.17 25.65
N PHE Q 196 -47.45 -46.49 24.52
CA PHE Q 196 -46.56 -46.92 23.43
C PHE Q 196 -45.95 -45.69 22.80
N GLY Q 197 -44.64 -45.69 22.57
CA GLY Q 197 -44.00 -44.54 21.95
C GLY Q 197 -42.77 -44.94 21.19
N THR Q 198 -42.43 -44.14 20.20
CA THR Q 198 -41.18 -44.32 19.43
C THR Q 198 -40.55 -42.98 19.16
N LEU Q 199 -39.31 -42.85 19.59
CA LEU Q 199 -38.49 -41.67 19.25
C LEU Q 199 -37.57 -42.10 18.10
N THR Q 200 -37.59 -41.34 17.03
CA THR Q 200 -36.63 -41.53 15.93
C THR Q 200 -35.84 -40.22 15.77
N GLY Q 201 -34.59 -40.24 16.17
CA GLY Q 201 -33.75 -39.04 16.11
C GLY Q 201 -33.22 -38.80 14.70
N GLY Q 202 -32.24 -37.92 14.62
CA GLY Q 202 -31.58 -37.61 13.34
C GLY Q 202 -32.14 -36.36 12.67
N GLU Q 203 -31.28 -35.52 12.15
CA GLU Q 203 -31.76 -34.26 11.52
C GLU Q 203 -32.37 -34.54 10.14
N ASN Q 204 -32.08 -35.67 9.52
CA ASN Q 204 -32.57 -35.91 8.14
C ASN Q 204 -33.50 -37.12 8.05
N VAL Q 205 -33.88 -37.73 9.16
CA VAL Q 205 -34.67 -38.99 9.07
C VAL Q 205 -36.03 -38.68 8.46
N PRO Q 206 -36.55 -39.55 7.58
CA PRO Q 206 -37.83 -39.27 6.94
C PRO Q 206 -38.98 -39.82 7.76
N PRO Q 207 -40.13 -39.14 7.73
CA PRO Q 207 -41.33 -39.72 8.33
C PRO Q 207 -41.68 -41.04 7.62
N VAL Q 208 -42.04 -42.05 8.42
CA VAL Q 208 -42.65 -43.29 7.89
C VAL Q 208 -43.96 -43.46 8.64
N LEU Q 209 -45.08 -43.16 7.97
CA LEU Q 209 -46.40 -43.14 8.63
C LEU Q 209 -47.32 -44.12 7.94
N HIS Q 210 -47.88 -45.05 8.71
CA HIS Q 210 -48.79 -46.09 8.18
CA HIS Q 210 -48.79 -46.06 8.16
C HIS Q 210 -50.21 -45.77 8.64
N ILE Q 211 -51.15 -45.96 7.75
CA ILE Q 211 -52.59 -45.79 8.08
C ILE Q 211 -53.31 -47.04 7.62
N THR Q 212 -54.31 -47.45 8.39
CA THR Q 212 -55.21 -48.55 8.02
C THR Q 212 -56.34 -48.55 9.03
N ASN Q 213 -57.49 -49.06 8.62
CA ASN Q 213 -58.60 -49.24 9.57
C ASN Q 213 -58.79 -50.71 9.90
N THR Q 214 -57.78 -51.52 9.62
CA THR Q 214 -57.87 -52.97 9.88
C THR Q 214 -57.05 -53.42 11.10
N ALA Q 215 -56.38 -52.52 11.81
CA ALA Q 215 -55.42 -52.93 12.88
C ALA Q 215 -56.01 -52.58 14.24
N THR Q 216 -55.91 -53.52 15.17
CA THR Q 216 -56.47 -53.40 16.53
C THR Q 216 -55.39 -53.77 17.53
N THR Q 217 -55.29 -52.98 18.61
CA THR Q 217 -54.38 -53.29 19.72
C THR Q 217 -55.22 -53.73 20.91
N VAL Q 218 -54.88 -54.89 21.47
CA VAL Q 218 -55.58 -55.38 22.69
C VAL Q 218 -54.90 -54.76 23.91
N LEU Q 219 -55.72 -54.25 24.83
CA LEU Q 219 -55.23 -53.47 25.98
C LEU Q 219 -55.17 -54.29 27.26
N LEU Q 220 -55.52 -55.56 27.21
CA LEU Q 220 -55.50 -56.43 28.41
C LEU Q 220 -54.06 -56.73 28.78
N ASP Q 221 -53.80 -56.78 30.08
CA ASP Q 221 -52.48 -57.19 30.58
C ASP Q 221 -52.40 -58.71 30.71
N GLU Q 222 -51.34 -59.21 31.33
CA GLU Q 222 -51.10 -60.65 31.51
C GLU Q 222 -52.27 -61.34 32.24
N PHE Q 223 -53.03 -60.61 33.05
CA PHE Q 223 -54.14 -61.21 33.80
C PHE Q 223 -55.48 -61.07 33.09
N GLY Q 224 -55.48 -60.61 31.85
CA GLY Q 224 -56.72 -60.36 31.11
C GLY Q 224 -57.48 -59.12 31.56
N VAL Q 225 -56.79 -58.13 32.12
CA VAL Q 225 -57.46 -56.93 32.67
C VAL Q 225 -56.93 -55.70 31.93
N GLY Q 226 -57.85 -54.91 31.40
CA GLY Q 226 -57.52 -53.65 30.73
C GLY Q 226 -57.56 -52.52 31.75
N PRO Q 227 -57.23 -51.30 31.28
CA PRO Q 227 -57.38 -50.12 32.11
C PRO Q 227 -58.83 -50.00 32.64
N LEU Q 228 -58.93 -49.65 33.92
CA LEU Q 228 -60.21 -49.52 34.63
C LEU Q 228 -60.45 -48.05 34.95
N CYS Q 229 -61.55 -47.52 34.43
CA CYS Q 229 -61.78 -46.05 34.43
C CYS Q 229 -62.30 -45.56 35.77
N LYS Q 230 -61.42 -44.91 36.52
CA LYS Q 230 -61.82 -44.33 37.82
C LYS Q 230 -62.78 -43.16 37.58
N GLY Q 231 -63.92 -43.20 38.25
CA GLY Q 231 -64.94 -42.14 38.11
C GLY Q 231 -65.56 -42.15 36.73
N ASP Q 232 -65.55 -43.28 36.03
CA ASP Q 232 -66.14 -43.36 34.67
C ASP Q 232 -65.49 -42.35 33.72
N ASN Q 233 -64.17 -42.18 33.83
CA ASN Q 233 -63.41 -41.29 32.93
C ASN Q 233 -62.31 -42.08 32.24
N LEU Q 234 -62.21 -41.90 30.93
CA LEU Q 234 -61.14 -42.51 30.11
C LEU Q 234 -60.13 -41.43 29.75
N TYR Q 235 -58.86 -41.75 29.92
CA TYR Q 235 -57.78 -40.79 29.62
C TYR Q 235 -57.05 -41.25 28.37
N LEU Q 236 -57.00 -40.37 27.39
CA LEU Q 236 -56.23 -40.60 26.15
C LEU Q 236 -55.16 -39.53 26.06
N SER Q 237 -53.95 -39.94 25.70
CA SER Q 237 -52.83 -39.00 25.59
C SER Q 237 -52.10 -39.29 24.29
N ALA Q 238 -51.47 -38.28 23.74
CA ALA Q 238 -50.76 -38.46 22.44
C ALA Q 238 -49.68 -37.42 22.26
N VAL Q 239 -48.66 -37.81 21.51
CA VAL Q 239 -47.69 -36.87 20.88
C VAL Q 239 -47.47 -37.37 19.47
N ASP Q 240 -47.54 -36.48 18.49
CA ASP Q 240 -47.19 -36.85 17.10
C ASP Q 240 -46.38 -35.72 16.47
N VAL Q 241 -45.16 -35.55 16.93
CA VAL Q 241 -44.22 -34.60 16.32
C VAL Q 241 -43.68 -35.32 15.10
N CYS Q 242 -43.98 -34.83 13.90
CA CYS Q 242 -43.62 -35.58 12.69
C CYS Q 242 -42.22 -35.26 12.17
N GLY Q 243 -41.65 -34.17 12.62
CA GLY Q 243 -40.32 -33.73 12.19
C GLY Q 243 -40.35 -32.23 12.12
N MET Q 244 -39.44 -31.66 11.36
CA MET Q 244 -39.37 -30.17 11.27
C MET Q 244 -39.68 -29.71 9.85
N PHE Q 245 -40.36 -28.58 9.77
CA PHE Q 245 -40.53 -27.85 8.50
C PHE Q 245 -39.41 -26.82 8.39
N THR Q 246 -38.77 -26.74 7.23
CA THR Q 246 -37.70 -25.74 6.97
C THR Q 246 -38.24 -24.68 6.02
N ASN Q 247 -38.21 -23.42 6.42
CA ASN Q 247 -38.60 -22.44 5.38
C ASN Q 247 -37.35 -21.90 4.71
N ARG Q 248 -37.56 -20.99 3.77
CA ARG Q 248 -36.46 -20.66 2.83
C ARG Q 248 -35.24 -20.12 3.58
N SER Q 249 -35.45 -19.30 4.59
CA SER Q 249 -34.34 -18.76 5.40
C SER Q 249 -33.53 -19.87 6.04
N GLY Q 250 -34.09 -21.06 6.20
CA GLY Q 250 -33.42 -22.12 6.98
C GLY Q 250 -33.99 -22.28 8.38
N SER Q 251 -34.78 -21.35 8.88
CA SER Q 251 -35.40 -21.53 10.21
C SER Q 251 -36.28 -22.79 10.19
N GLN Q 252 -36.28 -23.52 11.30
CA GLN Q 252 -37.03 -24.77 11.39
C GLN Q 252 -38.07 -24.74 12.50
N GLN Q 253 -39.17 -25.43 12.23
CA GLN Q 253 -40.37 -25.42 13.08
C GLN Q 253 -40.80 -26.88 13.23
N TRP Q 254 -41.14 -27.30 14.44
CA TRP Q 254 -41.78 -28.63 14.60
C TRP Q 254 -43.13 -28.63 13.89
N ARG Q 255 -43.48 -29.77 13.30
CA ARG Q 255 -44.82 -29.93 12.69
C ARG Q 255 -45.43 -31.18 13.27
N GLY Q 256 -46.64 -31.06 13.78
CA GLY Q 256 -47.34 -32.18 14.38
C GLY Q 256 -48.65 -32.44 13.68
N LEU Q 257 -49.19 -33.60 13.97
CA LEU Q 257 -50.49 -34.01 13.39
C LEU Q 257 -51.38 -34.56 14.49
N SER Q 258 -52.66 -34.57 14.19
CA SER Q 258 -53.71 -35.11 15.09
C SER Q 258 -53.66 -36.63 15.14
N ARG Q 259 -54.23 -37.21 16.20
CA ARG Q 259 -54.32 -38.67 16.35
C ARG Q 259 -55.75 -39.06 16.66
N TYR Q 260 -56.24 -40.04 15.93
CA TYR Q 260 -57.56 -40.68 16.11
C TYR Q 260 -57.46 -41.84 17.09
N PHE Q 261 -58.46 -41.94 17.97
CA PHE Q 261 -58.59 -43.06 18.92
C PHE Q 261 -59.99 -43.64 18.79
N LYS Q 262 -60.08 -44.96 18.75
CA LYS Q 262 -61.36 -45.67 19.00
C LYS Q 262 -61.12 -46.75 20.04
N VAL Q 263 -61.78 -46.63 21.17
CA VAL Q 263 -61.59 -47.58 22.30
C VAL Q 263 -62.90 -48.30 22.51
N GLN Q 264 -62.85 -49.62 22.58
CA GLN Q 264 -64.01 -50.45 23.00
C GLN Q 264 -63.84 -50.77 24.47
N LEU Q 265 -64.93 -50.62 25.21
CA LEU Q 265 -64.90 -50.85 26.66
C LEU Q 265 -66.03 -51.81 27.04
N ARG Q 266 -65.83 -52.52 28.15
CA ARG Q 266 -66.85 -53.42 28.70
C ARG Q 266 -66.96 -53.18 30.20
N LYS Q 267 -68.08 -53.56 30.77
CA LYS Q 267 -68.30 -53.35 32.22
C LYS Q 267 -67.66 -54.51 32.99
N ARG Q 268 -67.05 -54.16 34.11
CA ARG Q 268 -66.27 -55.11 34.91
C ARG Q 268 -66.66 -54.87 36.36
N ARG Q 269 -66.86 -55.95 37.12
CA ARG Q 269 -67.15 -55.78 38.55
C ARG Q 269 -65.85 -55.79 39.34
N VAL Q 270 -65.75 -54.85 40.27
CA VAL Q 270 -64.58 -54.76 41.19
C VAL Q 270 -65.10 -54.57 42.61
N LYS Q 271 -64.28 -54.98 43.57
CA LYS Q 271 -64.67 -54.86 45.00
C LYS Q 271 -63.56 -54.21 45.83
N VAL R 7 -78.34 -53.83 7.18
CA VAL R 7 -78.03 -53.42 8.58
C VAL R 7 -77.78 -54.68 9.41
N GLU R 8 -78.57 -55.72 9.18
CA GLU R 8 -78.35 -57.05 9.80
C GLU R 8 -77.69 -57.96 8.75
N VAL R 9 -76.56 -58.54 9.12
CA VAL R 9 -75.76 -59.36 8.17
C VAL R 9 -75.97 -60.81 8.55
N LEU R 10 -76.63 -61.56 7.67
CA LEU R 10 -76.95 -62.97 7.97
C LEU R 10 -75.92 -63.89 7.30
N GLU R 11 -76.37 -65.01 6.77
CA GLU R 11 -75.46 -66.10 6.35
C GLU R 11 -74.89 -65.84 4.96
N VAL R 12 -73.75 -66.45 4.72
CA VAL R 12 -73.15 -66.50 3.37
C VAL R 12 -73.94 -67.49 2.52
N LYS R 13 -74.28 -67.09 1.31
CA LYS R 13 -74.86 -68.04 0.34
C LYS R 13 -73.77 -68.98 -0.19
N THR R 14 -74.15 -70.23 -0.42
CA THR R 14 -73.27 -71.20 -1.12
C THR R 14 -73.88 -71.56 -2.48
N GLY R 15 -73.22 -72.48 -3.16
CA GLY R 15 -73.55 -72.81 -4.55
C GLY R 15 -72.43 -72.38 -5.49
N VAL R 16 -72.43 -72.99 -6.67
CA VAL R 16 -71.38 -72.73 -7.69
C VAL R 16 -71.46 -71.28 -8.17
N ASP R 17 -72.65 -70.71 -8.13
CA ASP R 17 -72.96 -69.36 -8.66
C ASP R 17 -72.73 -68.27 -7.59
N SER R 18 -72.27 -68.64 -6.41
CA SER R 18 -72.28 -67.75 -5.23
C SER R 18 -71.02 -66.89 -5.13
N ILE R 19 -70.03 -67.05 -6.03
CA ILE R 19 -68.79 -66.26 -5.94
C ILE R 19 -68.58 -65.54 -7.25
N THR R 20 -67.73 -64.51 -7.21
CA THR R 20 -67.37 -63.77 -8.45
C THR R 20 -66.02 -63.10 -8.22
N GLU R 21 -65.45 -62.60 -9.31
CA GLU R 21 -64.08 -62.05 -9.32
C GLU R 21 -64.07 -60.72 -10.07
N VAL R 22 -63.29 -59.79 -9.56
CA VAL R 22 -63.10 -58.48 -10.23
C VAL R 22 -61.61 -58.30 -10.38
N GLU R 23 -61.19 -57.93 -11.58
CA GLU R 23 -59.76 -57.75 -11.86
C GLU R 23 -59.65 -56.43 -12.61
N CYS R 24 -58.76 -55.55 -12.17
CA CYS R 24 -58.64 -54.30 -12.94
C CYS R 24 -57.39 -53.55 -12.58
N PHE R 25 -57.11 -52.53 -13.38
CA PHE R 25 -55.97 -51.64 -13.09
CA PHE R 25 -55.96 -51.62 -13.19
C PHE R 25 -56.51 -50.23 -12.88
N LEU R 26 -55.90 -49.53 -11.94
CA LEU R 26 -56.21 -48.10 -11.72
C LEU R 26 -54.96 -47.33 -12.11
N THR R 27 -55.10 -46.40 -13.04
CA THR R 27 -53.94 -45.64 -13.51
C THR R 27 -53.71 -44.47 -12.57
N PRO R 28 -52.46 -43.97 -12.49
CA PRO R 28 -52.20 -42.89 -11.54
C PRO R 28 -52.73 -41.56 -12.10
N GLU R 29 -52.98 -40.62 -11.19
CA GLU R 29 -53.40 -39.26 -11.63
C GLU R 29 -52.44 -38.26 -11.01
N MET R 30 -51.30 -38.07 -11.65
CA MET R 30 -50.22 -37.26 -11.06
C MET R 30 -50.33 -35.79 -11.45
N GLY R 31 -51.17 -35.45 -12.42
CA GLY R 31 -51.29 -34.08 -12.87
C GLY R 31 -51.31 -34.00 -14.39
N ASP R 32 -50.51 -34.84 -15.05
CA ASP R 32 -50.47 -34.95 -16.53
C ASP R 32 -50.41 -33.57 -17.18
N PRO R 33 -49.28 -32.85 -17.04
CA PRO R 33 -49.23 -31.46 -17.49
C PRO R 33 -49.31 -31.26 -19.00
N ASP R 34 -48.96 -32.27 -19.79
CA ASP R 34 -49.13 -32.11 -21.25
C ASP R 34 -49.27 -33.50 -21.88
N GLU R 35 -49.37 -33.50 -23.20
CA GLU R 35 -49.77 -34.75 -23.91
C GLU R 35 -48.62 -35.77 -23.94
N HIS R 36 -47.44 -35.42 -23.48
CA HIS R 36 -46.31 -36.38 -23.42
C HIS R 36 -46.04 -36.88 -22.00
N LEU R 37 -46.77 -36.42 -21.00
CA LEU R 37 -46.29 -36.59 -19.61
C LEU R 37 -47.33 -37.25 -18.72
N ARG R 38 -48.17 -38.11 -19.28
CA ARG R 38 -49.06 -38.97 -18.49
C ARG R 38 -48.23 -39.74 -17.43
N GLY R 39 -48.71 -39.73 -16.19
CA GLY R 39 -47.95 -40.37 -15.10
C GLY R 39 -46.98 -39.47 -14.36
N PHE R 40 -46.77 -38.24 -14.81
CA PHE R 40 -45.93 -37.22 -14.19
C PHE R 40 -46.79 -36.04 -13.75
N SER R 41 -46.30 -35.30 -12.77
CA SER R 41 -46.88 -33.97 -12.46
C SER R 41 -46.12 -32.89 -13.25
N LYS R 42 -46.68 -31.69 -13.25
CA LYS R 42 -45.91 -30.50 -13.63
C LYS R 42 -44.73 -30.32 -12.68
N SER R 43 -43.72 -29.58 -13.12
CA SER R 43 -42.61 -29.13 -12.25
C SER R 43 -43.15 -28.47 -10.99
N ILE R 44 -42.60 -28.86 -9.84
CA ILE R 44 -43.04 -28.29 -8.54
C ILE R 44 -42.52 -26.87 -8.42
N SER R 45 -43.41 -25.94 -8.10
CA SER R 45 -43.06 -24.54 -7.79
C SER R 45 -43.26 -24.26 -6.31
N ILE R 46 -42.40 -23.40 -5.74
CA ILE R 46 -42.39 -23.14 -4.29
C ILE R 46 -42.89 -21.71 -4.04
N SER R 47 -43.96 -21.58 -3.28
CA SER R 47 -44.48 -20.24 -2.95
C SER R 47 -43.52 -19.54 -2.00
N ASP R 48 -43.59 -18.22 -2.03
CA ASP R 48 -42.71 -17.32 -1.24
C ASP R 48 -43.21 -17.15 0.20
N THR R 49 -44.51 -17.34 0.44
CA THR R 49 -45.10 -17.30 1.80
C THR R 49 -46.17 -18.39 1.85
N PHE R 50 -46.66 -18.68 3.04
CA PHE R 50 -47.85 -19.57 3.16
C PHE R 50 -49.06 -18.95 2.45
N GLU R 51 -49.26 -17.65 2.60
CA GLU R 51 -50.50 -17.04 2.08
C GLU R 51 -50.53 -16.95 0.55
N SER R 52 -49.38 -16.96 -0.09
CA SER R 52 -49.30 -16.83 -1.57
C SER R 52 -49.24 -18.19 -2.28
N ASP R 53 -49.32 -19.31 -1.57
CA ASP R 53 -49.32 -20.67 -2.16
C ASP R 53 -50.52 -20.86 -3.09
N SER R 54 -50.32 -20.91 -4.41
CA SER R 54 -51.42 -21.13 -5.37
CA SER R 54 -51.41 -21.12 -5.38
C SER R 54 -50.97 -22.17 -6.39
N PRO R 55 -50.90 -23.46 -5.98
CA PRO R 55 -50.43 -24.50 -6.89
C PRO R 55 -51.36 -24.70 -8.11
N ASN R 56 -50.74 -24.93 -9.25
CA ASN R 56 -51.41 -25.30 -10.50
C ASN R 56 -52.05 -26.68 -10.36
N ARG R 57 -53.20 -26.84 -10.97
CA ARG R 57 -53.90 -28.14 -10.92
C ARG R 57 -52.96 -29.26 -11.37
N ASP R 58 -52.16 -29.01 -12.40
CA ASP R 58 -51.30 -30.05 -13.00
C ASP R 58 -50.11 -30.40 -12.09
N MET R 59 -49.93 -29.68 -10.99
CA MET R 59 -48.85 -29.97 -10.04
C MET R 59 -49.33 -30.85 -8.89
N LEU R 60 -50.61 -31.21 -8.86
CA LEU R 60 -51.21 -31.84 -7.65
C LEU R 60 -51.64 -33.25 -7.97
N PRO R 61 -50.93 -34.27 -7.46
CA PRO R 61 -51.43 -35.63 -7.66
C PRO R 61 -52.77 -35.78 -6.94
N CYS R 62 -53.63 -36.64 -7.50
CA CYS R 62 -55.00 -36.87 -7.02
C CYS R 62 -55.22 -38.35 -6.73
N TYR R 63 -56.16 -38.62 -5.84
CA TYR R 63 -56.62 -40.01 -5.60
C TYR R 63 -57.21 -40.58 -6.88
N SER R 64 -56.92 -41.85 -7.14
CA SER R 64 -57.57 -42.59 -8.23
C SER R 64 -58.75 -43.35 -7.65
N VAL R 65 -59.81 -43.49 -8.42
CA VAL R 65 -60.99 -44.27 -7.98
C VAL R 65 -61.65 -44.94 -9.17
N ALA R 66 -62.12 -46.16 -8.96
CA ALA R 66 -62.96 -46.87 -9.96
C ALA R 66 -64.19 -47.43 -9.27
N ARG R 67 -65.32 -47.27 -9.91
CA ARG R 67 -66.58 -47.90 -9.45
C ARG R 67 -66.86 -49.04 -10.42
N ILE R 68 -66.86 -50.25 -9.92
CA ILE R 68 -66.98 -51.47 -10.75
C ILE R 68 -68.37 -52.05 -10.53
N PRO R 69 -69.22 -52.09 -11.57
CA PRO R 69 -70.52 -52.76 -11.42
C PRO R 69 -70.36 -54.27 -11.33
N LEU R 70 -71.13 -54.87 -10.42
CA LEU R 70 -71.09 -56.33 -10.18
C LEU R 70 -72.36 -56.96 -10.73
N PRO R 71 -72.40 -58.30 -10.86
CA PRO R 71 -73.63 -58.95 -11.34
C PRO R 71 -74.84 -58.56 -10.48
N ASN R 72 -75.93 -58.20 -11.16
CA ASN R 72 -77.13 -57.69 -10.49
C ASN R 72 -77.73 -58.76 -9.57
N LEU R 73 -78.00 -58.37 -8.33
CA LEU R 73 -78.67 -59.27 -7.37
C LEU R 73 -80.10 -58.77 -7.16
N ASN R 74 -80.95 -59.68 -6.69
CA ASN R 74 -82.32 -59.35 -6.20
C ASN R 74 -83.28 -58.97 -7.32
N GLU R 75 -82.78 -58.45 -8.44
CA GLU R 75 -83.62 -57.88 -9.52
C GLU R 75 -84.60 -56.87 -8.91
N ASP R 76 -84.07 -55.97 -8.08
CA ASP R 76 -84.87 -54.99 -7.31
C ASP R 76 -85.94 -55.67 -6.46
N ASN R 81 -84.87 -58.64 3.15
CA ASN R 81 -84.03 -59.85 2.96
C ASN R 81 -83.53 -59.88 1.51
N ILE R 82 -82.36 -59.28 1.28
CA ILE R 82 -81.72 -59.24 -0.05
C ILE R 82 -80.31 -59.75 0.08
N LEU R 83 -79.71 -60.03 -1.06
CA LEU R 83 -78.31 -60.45 -1.15
C LEU R 83 -77.43 -59.27 -1.53
N MET R 84 -76.22 -59.29 -1.01
CA MET R 84 -75.17 -58.33 -1.41
C MET R 84 -73.89 -59.11 -1.68
N TRP R 85 -73.13 -58.62 -2.65
CA TRP R 85 -71.75 -59.10 -2.85
C TRP R 85 -70.88 -58.61 -1.67
N GLU R 86 -70.11 -59.50 -1.08
CA GLU R 86 -69.14 -59.12 -0.03
C GLU R 86 -67.75 -59.43 -0.55
N ALA R 87 -66.87 -58.43 -0.43
CA ALA R 87 -65.46 -58.58 -0.85
C ALA R 87 -64.75 -59.34 0.27
N VAL R 88 -64.08 -60.43 -0.08
CA VAL R 88 -63.42 -61.29 0.91
C VAL R 88 -61.90 -61.19 0.82
N THR R 89 -61.34 -61.20 -0.38
CA THR R 89 -59.85 -61.20 -0.48
C THR R 89 -59.41 -60.19 -1.53
N LEU R 90 -58.16 -59.76 -1.38
CA LEU R 90 -57.54 -58.81 -2.31
C LEU R 90 -56.12 -59.27 -2.65
N LYS R 91 -55.81 -59.30 -3.95
CA LYS R 91 -54.42 -59.29 -4.42
C LYS R 91 -54.15 -57.95 -5.07
N THR R 92 -53.04 -57.33 -4.75
CA THR R 92 -52.76 -56.01 -5.36
C THR R 92 -51.26 -55.88 -5.57
N GLU R 93 -50.91 -55.06 -6.54
CA GLU R 93 -49.48 -54.65 -6.65
C GLU R 93 -49.33 -53.49 -7.61
N VAL R 94 -48.20 -52.82 -7.48
CA VAL R 94 -47.85 -51.68 -8.36
C VAL R 94 -47.38 -52.24 -9.69
N ILE R 95 -47.83 -51.66 -10.78
CA ILE R 95 -47.53 -52.20 -12.13
C ILE R 95 -46.48 -51.34 -12.79
N GLY R 96 -45.39 -51.97 -13.21
CA GLY R 96 -44.33 -51.21 -13.89
C GLY R 96 -43.22 -50.74 -12.99
N VAL R 97 -42.90 -51.49 -11.94
CA VAL R 97 -41.88 -51.04 -10.97
C VAL R 97 -40.52 -50.95 -11.64
N THR R 98 -40.26 -51.77 -12.65
CA THR R 98 -38.95 -51.76 -13.34
C THR R 98 -38.74 -50.49 -14.17
N SER R 99 -39.79 -49.76 -14.51
CA SER R 99 -39.66 -48.53 -15.30
C SER R 99 -38.80 -47.53 -14.55
N LEU R 100 -38.75 -47.63 -13.22
CA LEU R 100 -37.87 -46.74 -12.42
C LEU R 100 -36.40 -47.06 -12.62
N MET R 101 -36.07 -48.10 -13.36
CA MET R 101 -34.64 -48.35 -13.68
C MET R 101 -34.19 -47.56 -14.92
N ASN R 102 -35.06 -46.78 -15.54
CA ASN R 102 -34.64 -45.86 -16.62
C ASN R 102 -33.96 -44.65 -15.98
N VAL R 103 -32.63 -44.71 -15.88
CA VAL R 103 -31.76 -43.61 -15.43
C VAL R 103 -30.98 -43.03 -16.60
N HIS R 104 -31.50 -43.14 -17.81
CA HIS R 104 -30.77 -42.65 -19.00
C HIS R 104 -31.59 -41.63 -19.79
N SER R 105 -32.73 -41.21 -19.25
CA SER R 105 -33.71 -40.46 -20.07
C SER R 105 -33.98 -39.10 -19.44
N ASN R 106 -33.42 -38.04 -20.01
CA ASN R 106 -33.77 -36.64 -19.66
C ASN R 106 -33.38 -36.37 -18.21
N GLY R 107 -32.42 -37.10 -17.68
CA GLY R 107 -32.10 -37.02 -16.25
C GLY R 107 -30.99 -36.03 -15.92
N GLN R 108 -30.74 -35.91 -14.62
CA GLN R 108 -29.62 -35.15 -14.05
C GLN R 108 -28.55 -36.16 -13.64
N ALA R 109 -27.33 -35.91 -14.10
CA ALA R 109 -26.24 -36.86 -13.77
C ALA R 109 -26.02 -36.84 -12.26
N THR R 110 -25.81 -37.99 -11.67
CA THR R 110 -25.46 -38.02 -10.22
C THR R 110 -24.14 -37.29 -9.99
N HIS R 111 -23.26 -37.36 -10.99
CA HIS R 111 -21.96 -36.67 -10.98
C HIS R 111 -21.48 -36.66 -12.42
N ASP R 112 -20.37 -35.99 -12.64
CA ASP R 112 -19.81 -35.88 -14.01
C ASP R 112 -19.65 -37.28 -14.61
N ASN R 113 -20.18 -37.46 -15.80
CA ASN R 113 -20.15 -38.74 -16.55
C ASN R 113 -20.86 -39.89 -15.83
N GLY R 114 -21.69 -39.60 -14.84
CA GLY R 114 -22.44 -40.63 -14.13
C GLY R 114 -23.79 -40.93 -14.77
N ALA R 115 -24.48 -41.90 -14.19
CA ALA R 115 -25.86 -42.23 -14.62
C ALA R 115 -26.80 -41.15 -14.11
N GLY R 116 -28.04 -41.19 -14.58
CA GLY R 116 -29.06 -40.26 -14.12
C GLY R 116 -29.52 -40.56 -12.71
N LYS R 117 -29.94 -39.52 -12.01
CA LYS R 117 -30.54 -39.65 -10.66
C LYS R 117 -31.88 -40.35 -10.80
N PRO R 118 -32.12 -41.45 -10.07
CA PRO R 118 -33.39 -42.16 -10.21
C PRO R 118 -34.51 -41.43 -9.46
N VAL R 119 -35.73 -41.84 -9.75
CA VAL R 119 -36.92 -41.40 -8.99
C VAL R 119 -36.71 -41.67 -7.52
N GLN R 120 -36.92 -40.64 -6.70
CA GLN R 120 -36.73 -40.84 -5.25
C GLN R 120 -37.42 -39.69 -4.53
N GLY R 121 -37.42 -39.78 -3.21
CA GLY R 121 -38.07 -38.74 -2.40
C GLY R 121 -39.42 -39.22 -1.90
N THR R 122 -40.21 -38.28 -1.41
CA THR R 122 -41.47 -38.61 -0.74
C THR R 122 -42.35 -39.51 -1.59
N SER R 123 -42.89 -40.54 -0.97
CA SER R 123 -43.80 -41.47 -1.67
C SER R 123 -45.05 -41.65 -0.83
N PHE R 124 -46.13 -42.03 -1.50
CA PHE R 124 -47.40 -42.40 -0.82
C PHE R 124 -48.02 -43.53 -1.64
N HIS R 125 -48.15 -44.69 -1.00
CA HIS R 125 -48.76 -45.88 -1.63
C HIS R 125 -50.01 -46.20 -0.82
N PHE R 126 -51.16 -46.20 -1.48
CA PHE R 126 -52.43 -46.37 -0.76
C PHE R 126 -53.37 -47.20 -1.62
N PHE R 127 -54.18 -48.03 -0.98
CA PHE R 127 -55.21 -48.78 -1.73
C PHE R 127 -56.40 -49.02 -0.79
N SER R 128 -57.60 -49.02 -1.36
CA SER R 128 -58.81 -49.27 -0.56
C SER R 128 -59.81 -50.10 -1.36
N VAL R 129 -60.53 -50.97 -0.67
CA VAL R 129 -61.61 -51.77 -1.31
C VAL R 129 -62.85 -51.57 -0.42
N GLY R 130 -63.93 -51.08 -1.01
CA GLY R 130 -65.14 -50.81 -0.24
C GLY R 130 -66.40 -51.08 -1.02
N GLY R 131 -67.50 -51.17 -0.27
CA GLY R 131 -68.84 -51.35 -0.83
C GLY R 131 -69.53 -50.03 -1.15
N GLU R 132 -68.81 -48.93 -1.01
CA GLU R 132 -69.26 -47.56 -1.28
C GLU R 132 -68.01 -46.71 -1.41
N ALA R 133 -68.20 -45.48 -1.84
CA ALA R 133 -67.09 -44.53 -2.04
C ALA R 133 -66.31 -44.43 -0.72
N LEU R 134 -65.00 -44.30 -0.86
CA LEU R 134 -64.14 -44.02 0.29
C LEU R 134 -64.55 -42.68 0.88
N GLU R 135 -64.66 -42.65 2.20
CA GLU R 135 -65.00 -41.40 2.92
C GLU R 135 -63.72 -40.67 3.30
N LEU R 136 -63.66 -39.39 3.00
CA LEU R 136 -62.42 -38.61 3.15
C LEU R 136 -62.57 -37.57 4.26
N GLN R 137 -61.46 -37.30 4.93
CA GLN R 137 -61.29 -36.18 5.88
C GLN R 137 -60.21 -35.25 5.34
N GLY R 138 -60.46 -33.95 5.37
CA GLY R 138 -59.51 -32.97 4.88
C GLY R 138 -58.58 -32.50 5.96
N VAL R 139 -57.30 -32.43 5.65
CA VAL R 139 -56.27 -31.89 6.55
C VAL R 139 -55.28 -31.16 5.66
N LEU R 140 -55.04 -29.88 5.93
CA LEU R 140 -54.16 -29.09 5.04
C LEU R 140 -52.81 -28.89 5.72
N PHE R 141 -51.75 -28.95 4.95
CA PHE R 141 -50.44 -28.58 5.49
C PHE R 141 -50.46 -27.10 5.88
N ASN R 142 -51.10 -26.28 5.03
CA ASN R 142 -51.11 -24.79 5.13
C ASN R 142 -52.53 -24.35 4.79
N TYR R 143 -53.29 -23.81 5.75
CA TYR R 143 -54.72 -23.58 5.45
C TYR R 143 -54.91 -22.44 4.46
N ARG R 144 -53.88 -21.67 4.20
CA ARG R 144 -54.03 -20.51 3.30
C ARG R 144 -53.76 -20.89 1.84
N THR R 145 -53.42 -22.15 1.56
CA THR R 145 -53.19 -22.58 0.17
C THR R 145 -54.44 -22.27 -0.66
N LYS R 146 -54.25 -21.66 -1.82
CA LYS R 146 -55.37 -21.55 -2.76
C LYS R 146 -55.32 -22.74 -3.71
N TYR R 147 -56.27 -23.66 -3.56
CA TYR R 147 -56.33 -24.83 -4.45
C TYR R 147 -57.03 -24.44 -5.74
N PRO R 148 -56.61 -25.04 -6.87
CA PRO R 148 -57.07 -24.55 -8.16
C PRO R 148 -58.43 -25.08 -8.59
N ASP R 149 -59.05 -24.32 -9.49
CA ASP R 149 -60.26 -24.76 -10.19
C ASP R 149 -60.06 -26.13 -10.84
N GLY R 150 -61.10 -26.96 -10.74
CA GLY R 150 -61.06 -28.33 -11.27
C GLY R 150 -60.65 -29.35 -10.21
N THR R 151 -60.18 -28.92 -9.03
CA THR R 151 -59.97 -29.87 -7.92
C THR R 151 -61.12 -29.72 -6.94
N ILE R 152 -61.33 -30.77 -6.15
CA ILE R 152 -62.28 -30.74 -5.01
C ILE R 152 -61.45 -30.79 -3.76
N PHE R 153 -61.52 -29.73 -2.97
CA PHE R 153 -60.53 -29.50 -1.89
C PHE R 153 -61.30 -29.03 -0.66
N PRO R 154 -60.67 -29.03 0.52
CA PRO R 154 -61.36 -28.59 1.73
C PRO R 154 -61.73 -27.10 1.64
N LYS R 155 -63.03 -26.85 1.67
CA LYS R 155 -63.60 -25.49 1.39
C LYS R 155 -63.64 -24.64 2.68
N ASN R 156 -63.50 -23.36 2.48
CA ASN R 156 -63.59 -22.33 3.56
C ASN R 156 -62.70 -22.75 4.74
N ALA R 157 -61.44 -22.99 4.41
CA ALA R 157 -60.48 -23.51 5.40
C ALA R 157 -60.28 -22.44 6.46
N THR R 158 -59.94 -22.91 7.65
CA THR R 158 -59.57 -22.04 8.75
C THR R 158 -58.27 -22.58 9.31
N VAL R 159 -57.71 -21.86 10.25
CA VAL R 159 -56.43 -22.32 10.83
C VAL R 159 -56.63 -23.72 11.41
N GLN R 160 -57.81 -24.04 11.90
CA GLN R 160 -58.05 -25.40 12.42
C GLN R 160 -57.94 -26.46 11.32
N SER R 161 -58.10 -26.08 10.05
CA SER R 161 -57.94 -27.05 8.94
C SER R 161 -56.54 -27.65 8.92
N GLN R 162 -55.60 -27.01 9.54
CA GLN R 162 -54.18 -27.43 9.56
C GLN R 162 -53.94 -28.55 10.57
N VAL R 163 -54.89 -28.85 11.46
CA VAL R 163 -54.69 -29.98 12.41
C VAL R 163 -55.93 -30.90 12.38
N MET R 164 -57.13 -30.33 12.44
CA MET R 164 -58.36 -31.17 12.38
C MET R 164 -59.61 -30.28 12.40
N ASN R 165 -60.25 -30.16 11.25
CA ASN R 165 -61.49 -29.40 11.07
C ASN R 165 -62.54 -30.43 10.64
N THR R 166 -63.46 -30.77 11.53
CA THR R 166 -64.46 -31.82 11.22
C THR R 166 -65.42 -31.38 10.10
N GLU R 167 -65.41 -30.12 9.67
CA GLU R 167 -66.26 -29.76 8.52
C GLU R 167 -65.75 -30.35 7.20
N HIS R 168 -64.49 -30.75 7.13
CA HIS R 168 -63.90 -31.18 5.84
C HIS R 168 -64.16 -32.66 5.61
N LYS R 169 -65.33 -32.97 5.09
CA LYS R 169 -65.81 -34.34 4.86
C LYS R 169 -66.20 -34.45 3.40
N ALA R 170 -65.76 -35.52 2.73
CA ALA R 170 -66.09 -35.71 1.33
C ALA R 170 -66.15 -37.20 1.04
N TYR R 171 -66.71 -37.53 -0.11
CA TYR R 171 -66.65 -38.88 -0.69
C TYR R 171 -65.71 -38.86 -1.88
N LEU R 172 -64.87 -39.89 -1.99
CA LEU R 172 -63.98 -40.04 -3.17
C LEU R 172 -64.84 -40.59 -4.31
N ASP R 173 -65.47 -39.67 -5.01
CA ASP R 173 -66.55 -40.02 -5.96
C ASP R 173 -66.22 -39.50 -7.35
N LYS R 174 -65.00 -39.06 -7.58
CA LYS R 174 -64.64 -38.49 -8.89
C LYS R 174 -63.15 -38.69 -9.07
N ASN R 175 -62.79 -39.10 -10.27
CA ASN R 175 -61.36 -39.29 -10.61
CA ASN R 175 -61.37 -39.30 -10.63
C ASN R 175 -60.73 -37.94 -10.94
N LYS R 176 -59.42 -37.86 -10.74
CA LYS R 176 -58.62 -36.68 -11.12
C LYS R 176 -59.11 -35.43 -10.41
N ALA R 177 -59.58 -35.55 -9.19
CA ALA R 177 -60.29 -34.40 -8.62
C ALA R 177 -59.84 -34.11 -7.19
N TYR R 178 -59.62 -35.13 -6.36
CA TYR R 178 -59.31 -34.93 -4.94
C TYR R 178 -57.81 -35.00 -4.77
N PRO R 179 -57.14 -33.88 -4.44
CA PRO R 179 -55.68 -33.89 -4.31
C PRO R 179 -55.24 -34.74 -3.12
N VAL R 180 -54.21 -35.54 -3.35
CA VAL R 180 -53.66 -36.41 -2.29
C VAL R 180 -53.31 -35.59 -1.07
N GLU R 181 -52.71 -34.42 -1.26
CA GLU R 181 -52.15 -33.66 -0.13
C GLU R 181 -53.22 -33.05 0.78
N CYS R 182 -54.47 -33.03 0.34
CA CYS R 182 -55.61 -32.37 1.02
C CYS R 182 -56.46 -33.34 1.82
N TRP R 183 -56.41 -34.63 1.52
CA TRP R 183 -57.45 -35.59 1.94
C TRP R 183 -56.78 -36.86 2.42
N VAL R 184 -57.33 -37.43 3.48
CA VAL R 184 -56.96 -38.79 3.95
C VAL R 184 -58.26 -39.54 4.18
N PRO R 185 -58.19 -40.88 4.26
CA PRO R 185 -59.37 -41.64 4.67
C PRO R 185 -59.83 -41.17 6.06
N ASP R 186 -61.14 -41.06 6.20
CA ASP R 186 -61.74 -40.54 7.45
C ASP R 186 -61.85 -41.72 8.40
N PRO R 187 -61.04 -41.76 9.45
CA PRO R 187 -61.06 -42.91 10.36
C PRO R 187 -62.34 -42.99 11.21
N THR R 188 -63.10 -41.91 11.29
CA THR R 188 -64.41 -41.93 11.99
C THR R 188 -65.49 -42.56 11.14
N ARG R 189 -65.21 -42.79 9.86
CA ARG R 189 -66.21 -43.46 9.02
C ARG R 189 -65.56 -44.71 8.38
N ASN R 190 -65.90 -44.96 7.13
CA ASN R 190 -65.31 -46.08 6.37
C ASN R 190 -65.55 -47.41 7.06
N GLU R 191 -66.69 -47.57 7.72
CA GLU R 191 -66.99 -48.91 8.28
C GLU R 191 -67.12 -49.96 7.17
N ASN R 192 -67.50 -49.59 5.97
CA ASN R 192 -67.77 -50.54 4.87
C ASN R 192 -66.62 -50.52 3.85
N THR R 193 -65.42 -50.16 4.29
CA THR R 193 -64.21 -50.06 3.44
C THR R 193 -63.02 -50.61 4.25
N ARG R 194 -62.07 -51.22 3.55
CA ARG R 194 -60.75 -51.53 4.09
C ARG R 194 -59.72 -50.71 3.33
N TYR R 195 -58.94 -49.92 4.05
CA TYR R 195 -57.90 -49.06 3.43
C TYR R 195 -56.56 -49.30 4.09
N PHE R 196 -55.51 -49.14 3.29
CA PHE R 196 -54.11 -49.34 3.71
C PHE R 196 -53.26 -48.28 3.03
N GLY R 197 -52.41 -47.58 3.78
CA GLY R 197 -51.53 -46.55 3.19
C GLY R 197 -50.23 -46.42 3.94
N THR R 198 -49.19 -46.01 3.21
CA THR R 198 -47.89 -45.68 3.81
C THR R 198 -47.30 -44.43 3.17
N LEU R 199 -47.04 -43.42 3.98
CA LEU R 199 -46.30 -42.22 3.56
C LEU R 199 -44.86 -42.43 4.00
N THR R 200 -43.94 -42.30 3.05
CA THR R 200 -42.51 -42.27 3.36
C THR R 200 -41.98 -40.93 2.89
N GLY R 201 -41.64 -40.05 3.84
CA GLY R 201 -41.21 -38.69 3.52
C GLY R 201 -39.74 -38.68 3.14
N GLY R 202 -39.16 -37.49 3.02
CA GLY R 202 -37.73 -37.32 2.77
C GLY R 202 -37.39 -37.04 1.33
N GLU R 203 -36.39 -36.19 1.09
CA GLU R 203 -36.01 -35.79 -0.28
C GLU R 203 -35.17 -36.87 -0.97
N ASN R 204 -34.53 -37.77 -0.21
CA ASN R 204 -33.66 -38.75 -0.88
C ASN R 204 -34.07 -40.19 -0.61
N VAL R 205 -35.25 -40.42 -0.02
CA VAL R 205 -35.61 -41.82 0.32
C VAL R 205 -35.79 -42.62 -0.96
N PRO R 206 -35.25 -43.84 -1.01
CA PRO R 206 -35.37 -44.65 -2.22
C PRO R 206 -36.69 -45.39 -2.24
N PRO R 207 -37.28 -45.58 -3.43
CA PRO R 207 -38.44 -46.46 -3.54
C PRO R 207 -38.08 -47.90 -3.16
N VAL R 208 -38.96 -48.57 -2.43
CA VAL R 208 -38.86 -50.02 -2.20
C VAL R 208 -40.19 -50.62 -2.62
N LEU R 209 -40.18 -51.32 -3.74
CA LEU R 209 -41.41 -51.83 -4.35
C LEU R 209 -41.28 -53.35 -4.47
N HIS R 210 -42.23 -54.05 -3.89
CA HIS R 210 -42.29 -55.52 -3.95
CA HIS R 210 -42.26 -55.52 -3.98
C HIS R 210 -43.41 -55.94 -4.89
N ILE R 211 -43.16 -56.96 -5.70
CA ILE R 211 -44.21 -57.53 -6.56
C ILE R 211 -44.20 -59.04 -6.34
N THR R 212 -45.39 -59.64 -6.36
CA THR R 212 -45.52 -61.10 -6.34
C THR R 212 -46.99 -61.40 -6.62
N ASN R 213 -47.25 -62.58 -7.14
CA ASN R 213 -48.66 -62.98 -7.32
C ASN R 213 -49.04 -64.03 -6.28
N THR R 214 -48.28 -64.14 -5.20
CA THR R 214 -48.53 -65.18 -4.18
C THR R 214 -49.14 -64.60 -2.91
N ALA R 215 -49.38 -63.30 -2.83
CA ALA R 215 -49.80 -62.66 -1.56
C ALA R 215 -51.28 -62.25 -1.69
N THR R 216 -52.04 -62.57 -0.65
CA THR R 216 -53.47 -62.27 -0.57
C THR R 216 -53.72 -61.53 0.75
N THR R 217 -54.53 -60.48 0.69
CA THR R 217 -55.01 -59.81 1.91
C THR R 217 -56.46 -60.21 2.17
N VAL R 218 -56.75 -60.63 3.38
CA VAL R 218 -58.15 -60.95 3.77
C VAL R 218 -58.85 -59.66 4.18
N LEU R 219 -60.06 -59.46 3.65
CA LEU R 219 -60.79 -58.17 3.84
C LEU R 219 -61.87 -58.29 4.93
N LEU R 220 -61.97 -59.44 5.58
CA LEU R 220 -63.01 -59.63 6.62
C LEU R 220 -62.59 -58.89 7.88
N ASP R 221 -63.57 -58.31 8.58
CA ASP R 221 -63.29 -57.65 9.88
C ASP R 221 -63.33 -58.70 10.99
N GLU R 222 -63.27 -58.25 12.24
CA GLU R 222 -63.21 -59.18 13.39
C GLU R 222 -64.52 -59.98 13.54
N PHE R 223 -65.59 -59.60 12.85
CA PHE R 223 -66.84 -60.39 12.87
C PHE R 223 -66.97 -61.29 11.65
N GLY R 224 -65.92 -61.41 10.83
CA GLY R 224 -66.00 -62.24 9.63
C GLY R 224 -66.76 -61.61 8.48
N VAL R 225 -66.94 -60.29 8.47
CA VAL R 225 -67.72 -59.59 7.43
C VAL R 225 -66.77 -58.70 6.63
N GLY R 226 -66.82 -58.81 5.31
CA GLY R 226 -66.06 -57.94 4.43
C GLY R 226 -66.93 -56.79 3.97
N PRO R 227 -66.35 -55.89 3.17
CA PRO R 227 -67.12 -54.81 2.55
C PRO R 227 -68.32 -55.36 1.76
N LEU R 228 -69.48 -54.75 1.97
CA LEU R 228 -70.76 -55.15 1.35
C LEU R 228 -71.16 -54.11 0.31
N CYS R 229 -71.35 -54.56 -0.92
CA CYS R 229 -71.45 -53.66 -2.10
C CYS R 229 -72.86 -53.11 -2.26
N LYS R 230 -73.05 -51.86 -1.90
CA LYS R 230 -74.35 -51.18 -2.08
C LYS R 230 -74.63 -51.00 -3.56
N GLY R 231 -75.83 -51.37 -3.98
CA GLY R 231 -76.20 -51.20 -5.40
C GLY R 231 -75.44 -52.13 -6.31
N ASP R 232 -74.77 -53.16 -5.78
CA ASP R 232 -73.93 -54.09 -6.56
C ASP R 232 -72.76 -53.35 -7.21
N ASN R 233 -72.17 -52.42 -6.46
CA ASN R 233 -70.99 -51.67 -6.96
C ASN R 233 -69.80 -51.87 -6.01
N LEU R 234 -68.63 -52.11 -6.60
CA LEU R 234 -67.34 -52.21 -5.84
C LEU R 234 -66.53 -50.94 -6.09
N TYR R 235 -66.04 -50.35 -5.03
CA TYR R 235 -65.18 -49.15 -5.10
C TYR R 235 -63.74 -49.52 -4.83
N LEU R 236 -62.89 -49.27 -5.81
CA LEU R 236 -61.43 -49.41 -5.66
C LEU R 236 -60.84 -48.01 -5.66
N SER R 237 -59.95 -47.74 -4.71
CA SER R 237 -59.19 -46.47 -4.69
C SER R 237 -57.71 -46.74 -4.53
N ALA R 238 -56.89 -45.85 -5.07
CA ALA R 238 -55.44 -46.03 -5.00
C ALA R 238 -54.73 -44.68 -5.11
N VAL R 239 -53.55 -44.62 -4.54
CA VAL R 239 -52.52 -43.61 -4.88
C VAL R 239 -51.19 -44.32 -4.87
N ASP R 240 -50.38 -44.08 -5.91
CA ASP R 240 -49.02 -44.67 -5.90
C ASP R 240 -48.07 -43.60 -6.42
N VAL R 241 -47.83 -42.59 -5.61
CA VAL R 241 -46.76 -41.58 -5.87
C VAL R 241 -45.47 -42.26 -5.50
N CYS R 242 -44.63 -42.56 -6.48
CA CYS R 242 -43.41 -43.33 -6.20
C CYS R 242 -42.27 -42.43 -5.72
N GLY R 243 -42.38 -41.13 -5.94
CA GLY R 243 -41.25 -40.22 -5.70
C GLY R 243 -41.25 -39.13 -6.75
N MET R 244 -40.12 -38.46 -6.83
CA MET R 244 -39.97 -37.37 -7.79
C MET R 244 -38.90 -37.65 -8.83
N PHE R 245 -39.19 -37.32 -10.07
CA PHE R 245 -38.18 -37.34 -11.14
C PHE R 245 -37.48 -35.98 -11.22
N THR R 246 -36.16 -35.99 -11.28
CA THR R 246 -35.36 -34.74 -11.37
C THR R 246 -34.80 -34.61 -12.80
N ASN R 247 -35.14 -33.53 -13.47
CA ASN R 247 -34.52 -33.33 -14.80
C ASN R 247 -33.19 -32.58 -14.65
N ARG R 248 -32.45 -32.43 -15.75
CA ARG R 248 -31.10 -31.82 -15.66
C ARG R 248 -31.10 -30.45 -14.97
N SER R 249 -32.05 -29.58 -15.32
CA SER R 249 -32.17 -28.22 -14.73
C SER R 249 -32.31 -28.30 -13.21
N GLY R 250 -32.84 -29.41 -12.70
CA GLY R 250 -33.08 -29.54 -11.26
C GLY R 250 -34.56 -29.49 -10.96
N SER R 251 -35.38 -29.20 -11.96
CA SER R 251 -36.84 -29.19 -11.72
C SER R 251 -37.29 -30.59 -11.39
N GLN R 252 -38.30 -30.71 -10.56
CA GLN R 252 -38.74 -32.06 -10.14
C GLN R 252 -40.23 -32.21 -10.32
N GLN R 253 -40.59 -33.45 -10.65
CA GLN R 253 -41.95 -33.84 -11.07
C GLN R 253 -42.29 -35.08 -10.30
N TRP R 254 -43.50 -35.15 -9.75
CA TRP R 254 -43.98 -36.40 -9.15
C TRP R 254 -44.10 -37.44 -10.26
N ARG R 255 -43.74 -38.68 -9.95
CA ARG R 255 -43.91 -39.81 -10.88
C ARG R 255 -44.76 -40.89 -10.22
N GLY R 256 -45.79 -41.34 -10.90
CA GLY R 256 -46.74 -42.32 -10.35
C GLY R 256 -46.86 -43.54 -11.22
N LEU R 257 -47.41 -44.61 -10.64
CA LEU R 257 -47.58 -45.88 -11.38
C LEU R 257 -48.98 -46.40 -11.13
N SER R 258 -49.46 -47.24 -12.04
CA SER R 258 -50.76 -47.93 -11.95
C SER R 258 -50.77 -48.99 -10.85
N ARG R 259 -51.97 -49.34 -10.38
CA ARG R 259 -52.13 -50.41 -9.37
C ARG R 259 -53.11 -51.45 -9.88
N TYR R 260 -52.75 -52.71 -9.76
CA TYR R 260 -53.62 -53.86 -10.10
C TYR R 260 -54.40 -54.29 -8.87
N PHE R 261 -55.65 -54.65 -9.08
CA PHE R 261 -56.54 -55.18 -8.03
C PHE R 261 -57.15 -56.47 -8.56
N LYS R 262 -57.15 -57.50 -7.73
CA LYS R 262 -58.02 -58.67 -7.95
C LYS R 262 -58.79 -58.91 -6.66
N VAL R 263 -60.11 -58.80 -6.73
CA VAL R 263 -60.99 -58.94 -5.55
C VAL R 263 -61.87 -60.17 -5.75
N GLN R 264 -61.88 -61.06 -4.77
CA GLN R 264 -62.81 -62.21 -4.74
CA GLN R 264 -62.81 -62.21 -4.74
C GLN R 264 -64.01 -61.82 -3.89
N LEU R 265 -65.21 -62.10 -4.40
CA LEU R 265 -66.45 -61.72 -3.71
C LEU R 265 -67.37 -62.93 -3.56
N ARG R 266 -68.25 -62.87 -2.57
CA ARG R 266 -69.24 -63.93 -2.33
C ARG R 266 -70.57 -63.28 -1.97
N LYS R 267 -71.64 -64.03 -2.17
CA LYS R 267 -73.01 -63.53 -1.87
C LYS R 267 -73.29 -63.68 -0.38
N ARG R 268 -73.85 -62.62 0.18
CA ARG R 268 -74.14 -62.52 1.63
C ARG R 268 -75.59 -62.07 1.74
N ARG R 269 -76.39 -62.76 2.54
CA ARG R 269 -77.75 -62.26 2.82
C ARG R 269 -77.71 -61.19 3.90
N VAL R 270 -78.44 -60.10 3.67
CA VAL R 270 -78.62 -59.05 4.70
C VAL R 270 -80.11 -58.74 4.81
N LYS R 271 -80.48 -58.01 5.84
CA LYS R 271 -81.89 -57.65 6.10
C LYS R 271 -82.02 -56.18 6.45
N ASN R 272 -83.25 -55.68 6.30
CA ASN R 272 -83.62 -54.30 6.71
C ASN R 272 -82.71 -53.29 6.02
N VAL S 7 -57.91 -77.39 -17.78
CA VAL S 7 -57.68 -78.73 -17.17
C VAL S 7 -58.33 -78.77 -15.78
N GLU S 8 -58.88 -79.93 -15.43
CA GLU S 8 -59.25 -80.24 -14.04
C GLU S 8 -58.03 -80.87 -13.37
N VAL S 9 -57.73 -80.43 -12.16
CA VAL S 9 -56.52 -80.91 -11.45
C VAL S 9 -56.97 -81.95 -10.45
N LEU S 10 -56.41 -83.15 -10.55
CA LEU S 10 -56.83 -84.27 -9.67
C LEU S 10 -55.72 -84.63 -8.70
N GLU S 11 -55.58 -85.92 -8.40
CA GLU S 11 -54.74 -86.32 -7.25
C GLU S 11 -53.26 -86.33 -7.63
N VAL S 12 -52.42 -86.23 -6.59
CA VAL S 12 -50.95 -86.32 -6.76
C VAL S 12 -50.59 -87.80 -6.82
N LYS S 13 -49.82 -88.20 -7.82
CA LYS S 13 -49.35 -89.60 -7.91
C LYS S 13 -48.33 -89.84 -6.80
N THR S 14 -48.48 -90.92 -6.05
CA THR S 14 -47.49 -91.28 -5.02
C THR S 14 -46.57 -92.36 -5.58
N GLY S 15 -45.58 -92.78 -4.80
CA GLY S 15 -44.60 -93.75 -5.33
C GLY S 15 -43.21 -93.17 -5.33
N VAL S 16 -42.20 -93.96 -5.64
CA VAL S 16 -40.79 -93.49 -5.53
C VAL S 16 -40.42 -92.72 -6.79
N ASP S 17 -40.90 -93.18 -7.95
CA ASP S 17 -40.58 -92.52 -9.24
C ASP S 17 -41.46 -91.28 -9.41
N SER S 18 -42.29 -90.94 -8.45
CA SER S 18 -43.27 -89.84 -8.58
C SER S 18 -42.64 -88.45 -8.36
N ILE S 19 -41.36 -88.39 -8.05
CA ILE S 19 -40.74 -87.07 -7.70
C ILE S 19 -39.50 -86.82 -8.56
N THR S 20 -39.20 -85.55 -8.85
CA THR S 20 -37.94 -85.18 -9.54
C THR S 20 -37.44 -83.85 -8.99
N GLU S 21 -36.20 -83.52 -9.28
CA GLU S 21 -35.57 -82.25 -8.85
C GLU S 21 -34.85 -81.62 -10.04
N VAL S 22 -34.96 -80.30 -10.15
CA VAL S 22 -34.18 -79.50 -11.12
C VAL S 22 -33.25 -78.58 -10.35
N GLU S 23 -32.02 -78.50 -10.80
CA GLU S 23 -31.01 -77.60 -10.19
C GLU S 23 -30.32 -76.86 -11.33
N CYS S 24 -30.24 -75.55 -11.22
CA CYS S 24 -29.83 -74.72 -12.38
C CYS S 24 -29.28 -73.37 -11.88
N PHE S 25 -28.32 -72.84 -12.62
CA PHE S 25 -27.88 -71.42 -12.50
C PHE S 25 -28.43 -70.65 -13.70
N LEU S 26 -28.97 -69.47 -13.45
CA LEU S 26 -29.28 -68.52 -14.55
C LEU S 26 -28.25 -67.39 -14.45
N THR S 27 -27.55 -67.14 -15.52
CA THR S 27 -26.53 -66.09 -15.52
C THR S 27 -27.22 -64.78 -15.86
N PRO S 28 -26.67 -63.65 -15.38
CA PRO S 28 -27.30 -62.37 -15.65
C PRO S 28 -27.00 -61.89 -17.06
N GLU S 29 -27.88 -61.02 -17.55
CA GLU S 29 -27.75 -60.41 -18.89
C GLU S 29 -27.81 -58.91 -18.73
N MET S 30 -26.68 -58.31 -18.39
CA MET S 30 -26.61 -56.86 -18.08
C MET S 30 -26.32 -56.02 -19.30
N GLY S 31 -25.95 -56.63 -20.42
CA GLY S 31 -25.60 -55.90 -21.65
C GLY S 31 -24.33 -56.41 -22.28
N ASP S 32 -23.37 -56.85 -21.46
CA ASP S 32 -22.09 -57.46 -21.90
C ASP S 32 -21.46 -56.65 -23.03
N PRO S 33 -20.95 -55.45 -22.73
CA PRO S 33 -20.50 -54.54 -23.78
C PRO S 33 -19.26 -55.00 -24.57
N ASP S 34 -18.43 -55.84 -23.99
CA ASP S 34 -17.29 -56.41 -24.76
C ASP S 34 -16.90 -57.74 -24.12
N GLU S 35 -15.86 -58.34 -24.67
CA GLU S 35 -15.44 -59.72 -24.32
C GLU S 35 -14.88 -59.79 -22.89
N HIS S 36 -14.63 -58.67 -22.23
CA HIS S 36 -14.10 -58.69 -20.85
C HIS S 36 -15.17 -58.35 -19.82
N LEU S 37 -16.39 -58.00 -20.23
CA LEU S 37 -17.29 -57.31 -19.29
C LEU S 37 -18.58 -58.08 -19.09
N ARG S 38 -18.53 -59.41 -19.22
CA ARG S 38 -19.66 -60.28 -18.86
C ARG S 38 -20.16 -59.95 -17.44
N GLY S 39 -21.44 -59.71 -17.31
CA GLY S 39 -22.01 -59.33 -16.01
C GLY S 39 -22.11 -57.82 -15.79
N PHE S 40 -21.59 -57.02 -16.69
CA PHE S 40 -21.64 -55.55 -16.60
C PHE S 40 -22.45 -55.02 -17.77
N SER S 41 -23.01 -53.84 -17.58
CA SER S 41 -23.54 -53.09 -18.73
C SER S 41 -22.45 -52.18 -19.26
N LYS S 42 -22.72 -51.64 -20.44
CA LYS S 42 -22.03 -50.46 -20.97
C LYS S 42 -22.25 -49.28 -20.01
N SER S 43 -21.35 -48.31 -20.09
CA SER S 43 -21.52 -47.00 -19.41
C SER S 43 -22.93 -46.43 -19.65
N ILE S 44 -23.57 -45.96 -18.58
CA ILE S 44 -24.92 -45.35 -18.74
C ILE S 44 -24.74 -43.94 -19.31
N SER S 45 -25.42 -43.66 -20.40
CA SER S 45 -25.44 -42.28 -20.98
C SER S 45 -26.86 -41.71 -20.91
N ILE S 46 -26.93 -40.40 -20.74
CA ILE S 46 -28.19 -39.73 -20.34
C ILE S 46 -28.65 -38.84 -21.48
N SER S 47 -29.86 -39.04 -21.94
CA SER S 47 -30.38 -38.27 -23.09
C SER S 47 -30.69 -36.84 -22.66
N ASP S 48 -30.66 -35.94 -23.63
CA ASP S 48 -30.88 -34.50 -23.37
C ASP S 48 -32.37 -34.17 -23.24
N THR S 49 -33.24 -34.93 -23.86
CA THR S 49 -34.70 -34.81 -23.78
C THR S 49 -35.26 -36.22 -23.70
N PHE S 50 -36.51 -36.35 -23.23
CA PHE S 50 -37.20 -37.65 -23.36
C PHE S 50 -37.25 -38.11 -24.81
N GLU S 51 -37.53 -37.18 -25.69
CA GLU S 51 -37.73 -37.49 -27.12
C GLU S 51 -36.46 -38.06 -27.74
N SER S 52 -35.28 -37.71 -27.24
CA SER S 52 -34.02 -38.13 -27.91
C SER S 52 -33.37 -39.32 -27.20
N ASP S 53 -34.05 -39.97 -26.26
CA ASP S 53 -33.58 -41.16 -25.53
C ASP S 53 -33.41 -42.33 -26.53
N SER S 54 -32.18 -42.68 -26.89
CA SER S 54 -31.85 -43.82 -27.77
C SER S 54 -30.81 -44.71 -27.13
N PRO S 55 -31.16 -45.47 -26.08
CA PRO S 55 -30.14 -46.25 -25.37
C PRO S 55 -29.57 -47.36 -26.25
N ASN S 56 -28.26 -47.56 -26.09
CA ASN S 56 -27.55 -48.67 -26.76
C ASN S 56 -28.01 -49.99 -26.16
N ARG S 57 -28.10 -51.01 -26.99
CA ARG S 57 -28.54 -52.34 -26.52
C ARG S 57 -27.65 -52.81 -25.36
N ASP S 58 -26.37 -52.50 -25.41
CA ASP S 58 -25.42 -53.03 -24.41
C ASP S 58 -25.56 -52.30 -23.07
N MET S 59 -26.35 -51.23 -23.03
CA MET S 59 -26.59 -50.49 -21.75
C MET S 59 -27.86 -50.99 -21.03
N LEU S 60 -28.61 -51.91 -21.60
CA LEU S 60 -29.94 -52.30 -21.09
C LEU S 60 -29.91 -53.72 -20.54
N PRO S 61 -29.98 -53.89 -19.21
CA PRO S 61 -30.15 -55.22 -18.65
C PRO S 61 -31.47 -55.83 -19.13
N CYS S 62 -31.44 -57.15 -19.32
CA CYS S 62 -32.57 -57.95 -19.81
C CYS S 62 -32.96 -59.03 -18.81
N TYR S 63 -34.20 -59.52 -18.92
CA TYR S 63 -34.62 -60.68 -18.12
C TYR S 63 -33.85 -61.93 -18.59
N SER S 64 -33.43 -62.75 -17.64
CA SER S 64 -32.85 -64.09 -17.94
C SER S 64 -33.96 -65.13 -17.87
N VAL S 65 -33.90 -66.13 -18.77
CA VAL S 65 -34.89 -67.22 -18.79
C VAL S 65 -34.18 -68.52 -19.20
N ALA S 66 -34.62 -69.61 -18.62
CA ALA S 66 -34.17 -70.97 -19.02
C ALA S 66 -35.41 -71.85 -19.10
N ARG S 67 -35.47 -72.67 -20.14
CA ARG S 67 -36.52 -73.69 -20.27
C ARG S 67 -35.86 -75.03 -20.03
N ILE S 68 -36.33 -75.76 -19.02
CA ILE S 68 -35.65 -76.99 -18.55
C ILE S 68 -36.53 -78.17 -18.90
N PRO S 69 -36.07 -79.09 -19.78
CA PRO S 69 -36.88 -80.28 -20.07
C PRO S 69 -36.91 -81.22 -18.85
N LEU S 70 -38.10 -81.74 -18.60
CA LEU S 70 -38.35 -82.71 -17.51
C LEU S 70 -38.54 -84.11 -18.11
N PRO S 71 -38.47 -85.16 -17.28
CA PRO S 71 -38.75 -86.52 -17.77
C PRO S 71 -40.10 -86.60 -18.49
N ASN S 72 -40.07 -87.12 -19.70
CA ASN S 72 -41.31 -87.30 -20.50
C ASN S 72 -42.27 -88.19 -19.72
N LEU S 73 -43.53 -87.80 -19.66
CA LEU S 73 -44.51 -88.46 -18.77
C LEU S 73 -45.54 -89.31 -19.49
N ASN S 74 -46.02 -88.88 -20.65
CA ASN S 74 -47.18 -89.57 -21.26
C ASN S 74 -46.76 -90.27 -22.55
N GLU S 75 -45.52 -90.71 -22.63
CA GLU S 75 -44.91 -91.30 -23.85
C GLU S 75 -45.26 -90.46 -25.07
N ASP S 76 -46.33 -90.80 -25.79
CA ASP S 76 -46.71 -90.03 -27.00
C ASP S 76 -47.89 -89.08 -26.77
N LEU S 77 -48.75 -89.35 -25.78
CA LEU S 77 -50.02 -88.60 -25.63
C LEU S 77 -49.83 -87.13 -25.26
N ASN S 81 -56.55 -87.54 -19.95
CA ASN S 81 -56.21 -88.14 -18.64
C ASN S 81 -54.69 -88.40 -18.60
N ILE S 82 -53.94 -87.34 -18.34
CA ILE S 82 -52.45 -87.41 -18.42
C ILE S 82 -51.85 -86.96 -17.09
N LEU S 83 -50.54 -87.18 -16.98
CA LEU S 83 -49.77 -86.69 -15.82
C LEU S 83 -48.98 -85.44 -16.22
N MET S 84 -48.83 -84.53 -15.26
CA MET S 84 -47.95 -83.35 -15.41
C MET S 84 -47.05 -83.25 -14.18
N TRP S 85 -45.84 -82.72 -14.40
CA TRP S 85 -44.96 -82.37 -13.27
C TRP S 85 -45.49 -81.09 -12.63
N GLU S 86 -45.61 -81.08 -11.31
CA GLU S 86 -46.01 -79.84 -10.59
C GLU S 86 -44.87 -79.39 -9.69
N ALA S 87 -44.52 -78.13 -9.81
CA ALA S 87 -43.40 -77.57 -9.02
C ALA S 87 -43.94 -77.27 -7.63
N VAL S 88 -43.31 -77.81 -6.61
CA VAL S 88 -43.83 -77.72 -5.22
C VAL S 88 -42.99 -76.77 -4.38
N THR S 89 -41.67 -76.86 -4.45
CA THR S 89 -40.81 -76.04 -3.57
C THR S 89 -39.68 -75.45 -4.39
N LEU S 90 -39.14 -74.36 -3.85
CA LEU S 90 -38.02 -73.64 -4.48
C LEU S 90 -37.02 -73.30 -3.38
N LYS S 91 -35.75 -73.57 -3.65
CA LYS S 91 -34.62 -72.92 -2.95
C LYS S 91 -33.90 -72.06 -3.97
N THR S 92 -33.54 -70.83 -3.58
CA THR S 92 -32.87 -69.92 -4.51
C THR S 92 -31.92 -69.00 -3.74
N GLU S 93 -30.84 -68.59 -4.40
CA GLU S 93 -30.06 -67.46 -3.86
C GLU S 93 -29.17 -66.91 -4.96
N VAL S 94 -28.69 -65.70 -4.69
CA VAL S 94 -27.74 -65.01 -5.57
C VAL S 94 -26.35 -65.63 -5.37
N ILE S 95 -25.64 -65.86 -6.45
CA ILE S 95 -24.34 -66.55 -6.40
C ILE S 95 -23.24 -65.54 -6.63
N GLY S 96 -22.32 -65.49 -5.68
CA GLY S 96 -21.13 -64.63 -5.74
C GLY S 96 -21.34 -63.32 -5.03
N VAL S 97 -22.13 -63.29 -3.97
CA VAL S 97 -22.39 -61.99 -3.29
C VAL S 97 -21.09 -61.40 -2.76
N THR S 98 -20.11 -62.22 -2.39
CA THR S 98 -18.85 -61.69 -1.86
C THR S 98 -17.99 -61.01 -2.91
N SER S 99 -18.26 -61.20 -4.20
CA SER S 99 -17.50 -60.49 -5.24
C SER S 99 -17.70 -58.99 -5.11
N LEU S 100 -18.78 -58.55 -4.45
CA LEU S 100 -19.00 -57.11 -4.23
C LEU S 100 -18.04 -56.51 -3.21
N MET S 101 -17.24 -57.34 -2.54
CA MET S 101 -16.20 -56.81 -1.65
C MET S 101 -14.91 -56.43 -2.39
N ASN S 102 -14.87 -56.60 -3.70
CA ASN S 102 -13.71 -56.13 -4.47
C ASN S 102 -13.86 -54.62 -4.65
N VAL S 103 -13.32 -53.88 -3.70
CA VAL S 103 -13.23 -52.41 -3.76
C VAL S 103 -11.83 -51.96 -4.18
N HIS S 104 -11.09 -52.80 -4.86
CA HIS S 104 -9.69 -52.48 -5.21
C HIS S 104 -9.49 -52.53 -6.73
N SER S 105 -10.51 -52.83 -7.50
CA SER S 105 -10.33 -53.10 -8.93
C SER S 105 -10.97 -51.97 -9.75
N ASN S 106 -10.16 -51.09 -10.31
CA ASN S 106 -10.59 -50.16 -11.37
C ASN S 106 -11.64 -49.20 -10.86
N GLY S 107 -11.61 -48.91 -9.57
CA GLY S 107 -12.68 -48.13 -8.91
C GLY S 107 -12.35 -46.66 -8.77
N GLN S 108 -13.30 -45.95 -8.20
CA GLN S 108 -13.14 -44.54 -7.79
C GLN S 108 -12.89 -44.50 -6.29
N ALA S 109 -11.83 -43.83 -5.89
CA ALA S 109 -11.54 -43.66 -4.45
C ALA S 109 -12.73 -42.96 -3.78
N THR S 110 -13.12 -43.44 -2.62
CA THR S 110 -14.19 -42.74 -1.86
C THR S 110 -13.68 -41.35 -1.46
N HIS S 111 -12.38 -41.23 -1.24
CA HIS S 111 -11.71 -39.95 -0.93
C HIS S 111 -10.23 -40.21 -1.14
N ASP S 112 -9.43 -39.16 -0.94
CA ASP S 112 -7.97 -39.25 -1.18
C ASP S 112 -7.37 -40.39 -0.35
N ASN S 113 -6.75 -41.35 -1.03
CA ASN S 113 -6.09 -42.55 -0.46
C ASN S 113 -7.07 -43.55 0.18
N GLY S 114 -8.35 -43.41 -0.06
CA GLY S 114 -9.30 -44.38 0.47
C GLY S 114 -9.46 -45.61 -0.41
N ALA S 115 -10.35 -46.49 0.01
CA ALA S 115 -10.76 -47.66 -0.79
C ALA S 115 -11.65 -47.19 -1.96
N GLY S 116 -11.91 -48.11 -2.85
CA GLY S 116 -12.83 -47.85 -3.97
C GLY S 116 -14.27 -47.86 -3.52
N LYS S 117 -15.08 -47.11 -4.24
CA LYS S 117 -16.53 -47.07 -4.00
C LYS S 117 -17.14 -48.40 -4.42
N PRO S 118 -17.91 -49.06 -3.53
CA PRO S 118 -18.51 -50.35 -3.89
C PRO S 118 -19.70 -50.17 -4.84
N VAL S 119 -20.12 -51.30 -5.37
CA VAL S 119 -21.39 -51.39 -6.13
C VAL S 119 -22.56 -50.96 -5.24
N GLN S 120 -23.40 -50.11 -5.77
CA GLN S 120 -24.50 -49.53 -4.99
C GLN S 120 -25.43 -48.81 -5.96
N GLY S 121 -26.58 -48.41 -5.44
CA GLY S 121 -27.61 -47.77 -6.26
C GLY S 121 -28.72 -48.76 -6.61
N THR S 122 -29.53 -48.36 -7.56
CA THR S 122 -30.78 -49.09 -7.87
C THR S 122 -30.48 -50.58 -8.08
N SER S 123 -31.31 -51.40 -7.46
CA SER S 123 -31.22 -52.86 -7.60
C SER S 123 -32.59 -53.42 -7.93
N PHE S 124 -32.60 -54.51 -8.67
CA PHE S 124 -33.84 -55.26 -8.93
C PHE S 124 -33.48 -56.72 -8.78
N HIS S 125 -34.15 -57.40 -7.87
CA HIS S 125 -33.98 -58.85 -7.65
C HIS S 125 -35.31 -59.53 -7.91
N PHE S 126 -35.34 -60.44 -8.86
CA PHE S 126 -36.60 -61.01 -9.35
C PHE S 126 -36.36 -62.46 -9.69
N PHE S 127 -37.35 -63.31 -9.38
CA PHE S 127 -37.25 -64.71 -9.85
C PHE S 127 -38.65 -65.27 -9.97
N SER S 128 -38.79 -66.23 -10.89
CA SER S 128 -40.10 -66.87 -11.09
C SER S 128 -39.89 -68.33 -11.48
N VAL S 129 -40.87 -69.14 -11.13
CA VAL S 129 -40.93 -70.58 -11.47
C VAL S 129 -42.29 -70.83 -12.07
N GLY S 130 -42.34 -71.33 -13.29
CA GLY S 130 -43.62 -71.51 -13.98
C GLY S 130 -43.64 -72.78 -14.82
N GLY S 131 -44.85 -73.20 -15.15
CA GLY S 131 -45.11 -74.32 -16.06
C GLY S 131 -45.22 -73.89 -17.52
N GLU S 132 -44.97 -72.62 -17.81
CA GLU S 132 -44.96 -72.01 -19.14
C GLU S 132 -44.19 -70.71 -19.01
N ALA S 133 -43.96 -70.04 -20.14
CA ALA S 133 -43.17 -68.80 -20.17
C ALA S 133 -43.85 -67.75 -19.27
N LEU S 134 -43.02 -66.93 -18.65
CA LEU S 134 -43.53 -65.80 -17.87
C LEU S 134 -44.29 -64.85 -18.79
N GLU S 135 -45.47 -64.44 -18.37
CA GLU S 135 -46.24 -63.47 -19.19
C GLU S 135 -45.92 -62.06 -18.72
N LEU S 136 -45.67 -61.16 -19.67
CA LEU S 136 -45.12 -59.83 -19.41
C LEU S 136 -46.12 -58.77 -19.86
N GLN S 137 -46.12 -57.67 -19.11
CA GLN S 137 -46.88 -56.45 -19.44
C GLN S 137 -45.86 -55.33 -19.58
N GLY S 138 -45.97 -54.57 -20.66
CA GLY S 138 -45.02 -53.49 -20.90
C GLY S 138 -45.48 -52.21 -20.23
N VAL S 139 -44.53 -51.52 -19.61
CA VAL S 139 -44.73 -50.19 -18.99
C VAL S 139 -43.46 -49.40 -19.21
N LEU S 140 -43.57 -48.21 -19.76
CA LEU S 140 -42.39 -47.40 -20.16
C LEU S 140 -42.24 -46.21 -19.24
N PHE S 141 -41.03 -45.94 -18.78
CA PHE S 141 -40.78 -44.68 -18.05
C PHE S 141 -41.15 -43.50 -18.95
N ASN S 142 -40.80 -43.61 -20.22
CA ASN S 142 -40.83 -42.53 -21.23
C ASN S 142 -41.26 -43.19 -22.52
N TYR S 143 -42.47 -42.91 -23.01
CA TYR S 143 -42.95 -43.71 -24.17
C TYR S 143 -42.19 -43.34 -25.45
N ARG S 144 -41.42 -42.27 -25.42
CA ARG S 144 -40.69 -41.86 -26.63
C ARG S 144 -39.28 -42.43 -26.66
N THR S 145 -38.90 -43.27 -25.70
CA THR S 145 -37.63 -43.99 -25.80
C THR S 145 -37.61 -44.78 -27.11
N LYS S 146 -36.52 -44.67 -27.85
CA LYS S 146 -36.26 -45.59 -28.98
C LYS S 146 -35.45 -46.76 -28.44
N TYR S 147 -36.07 -47.92 -28.36
CA TYR S 147 -35.33 -49.12 -27.92
C TYR S 147 -34.57 -49.72 -29.11
N PRO S 148 -33.39 -50.29 -28.86
CA PRO S 148 -32.46 -50.61 -29.93
C PRO S 148 -32.80 -51.93 -30.63
N ASP S 149 -32.32 -52.06 -31.87
CA ASP S 149 -32.41 -53.33 -32.60
C ASP S 149 -31.81 -54.47 -31.77
N GLY S 150 -32.45 -55.62 -31.82
CA GLY S 150 -32.03 -56.78 -31.03
C GLY S 150 -32.78 -56.88 -29.72
N THR S 151 -33.48 -55.84 -29.28
CA THR S 151 -34.34 -56.00 -28.09
C THR S 151 -35.77 -56.21 -28.54
N ILE S 152 -36.54 -56.81 -27.66
CA ILE S 152 -37.99 -56.93 -27.87
C ILE S 152 -38.62 -56.01 -26.84
N PHE S 153 -39.38 -55.03 -27.33
CA PHE S 153 -39.84 -53.88 -26.51
C PHE S 153 -41.29 -53.61 -26.85
N PRO S 154 -41.99 -52.85 -25.99
CA PRO S 154 -43.38 -52.52 -26.27
C PRO S 154 -43.48 -51.69 -27.56
N LYS S 155 -44.28 -52.20 -28.50
CA LYS S 155 -44.41 -51.62 -29.84
C LYS S 155 -45.63 -50.70 -29.89
N ASN S 156 -45.64 -49.82 -30.89
CA ASN S 156 -46.69 -48.81 -31.07
C ASN S 156 -46.95 -48.11 -29.73
N ALA S 157 -45.88 -47.69 -29.09
CA ALA S 157 -45.98 -47.03 -27.78
C ALA S 157 -46.73 -45.71 -27.95
N THR S 158 -47.58 -45.41 -26.98
CA THR S 158 -48.31 -44.13 -26.90
C THR S 158 -48.06 -43.56 -25.51
N VAL S 159 -48.52 -42.35 -25.28
CA VAL S 159 -48.32 -41.74 -23.95
C VAL S 159 -48.99 -42.60 -22.89
N GLN S 160 -50.04 -43.34 -23.23
CA GLN S 160 -50.70 -44.21 -22.24
C GLN S 160 -49.78 -45.36 -21.83
N SER S 161 -48.80 -45.69 -22.64
CA SER S 161 -47.82 -46.75 -22.30
C SER S 161 -46.98 -46.36 -21.07
N GLN S 162 -46.95 -45.10 -20.70
CA GLN S 162 -46.23 -44.65 -19.49
C GLN S 162 -46.98 -44.96 -18.21
N VAL S 163 -48.23 -45.40 -18.27
CA VAL S 163 -48.95 -45.84 -17.03
C VAL S 163 -49.57 -47.22 -17.21
N MET S 164 -50.31 -47.44 -18.29
CA MET S 164 -50.91 -48.77 -18.58
C MET S 164 -51.53 -48.79 -19.98
N ASN S 165 -50.89 -49.51 -20.90
CA ASN S 165 -51.40 -49.73 -22.27
C ASN S 165 -51.51 -51.23 -22.42
N THR S 166 -52.71 -51.76 -22.37
CA THR S 166 -52.93 -53.22 -22.39
C THR S 166 -52.56 -53.86 -23.73
N GLU S 167 -52.16 -53.09 -24.74
CA GLU S 167 -51.63 -53.75 -25.96
C GLU S 167 -50.26 -54.40 -25.69
N HIS S 168 -49.49 -53.90 -24.73
CA HIS S 168 -48.11 -54.38 -24.54
C HIS S 168 -48.09 -55.70 -23.76
N LYS S 169 -48.43 -56.79 -24.44
CA LYS S 169 -48.40 -58.14 -23.83
C LYS S 169 -47.36 -59.00 -24.53
N ALA S 170 -46.61 -59.80 -23.77
CA ALA S 170 -45.53 -60.60 -24.34
C ALA S 170 -45.23 -61.79 -23.43
N TYR S 171 -44.52 -62.76 -23.99
CA TYR S 171 -44.01 -63.93 -23.26
C TYR S 171 -42.50 -63.80 -23.11
N LEU S 172 -41.98 -64.09 -21.92
CA LEU S 172 -40.52 -64.09 -21.77
C LEU S 172 -40.02 -65.39 -22.38
N ASP S 173 -39.77 -65.35 -23.67
CA ASP S 173 -39.50 -66.56 -24.47
C ASP S 173 -38.15 -66.47 -25.19
N LYS S 174 -37.26 -65.58 -24.79
CA LYS S 174 -35.96 -65.40 -25.46
C LYS S 174 -35.01 -64.72 -24.50
N ASN S 175 -33.79 -65.19 -24.47
CA ASN S 175 -32.74 -64.61 -23.58
CA ASN S 175 -32.74 -64.60 -23.59
C ASN S 175 -32.11 -63.37 -24.22
N LYS S 176 -31.64 -62.48 -23.36
CA LYS S 176 -30.92 -61.25 -23.79
C LYS S 176 -31.77 -60.44 -24.76
N ALA S 177 -33.07 -60.38 -24.53
CA ALA S 177 -33.92 -59.71 -25.51
C ALA S 177 -34.92 -58.77 -24.86
N TYR S 178 -35.44 -59.11 -23.68
CA TYR S 178 -36.52 -58.34 -23.03
C TYR S 178 -35.92 -57.41 -21.98
N PRO S 179 -35.81 -56.10 -22.25
CA PRO S 179 -35.17 -55.22 -21.29
C PRO S 179 -35.97 -55.14 -19.97
N VAL S 180 -35.25 -55.21 -18.87
CA VAL S 180 -35.86 -55.14 -17.53
C VAL S 180 -36.73 -53.88 -17.40
N GLU S 181 -36.25 -52.74 -17.91
CA GLU S 181 -36.96 -51.45 -17.71
C GLU S 181 -38.30 -51.33 -18.46
N CYS S 182 -38.56 -52.14 -19.49
CA CYS S 182 -39.80 -51.95 -20.27
C CYS S 182 -40.85 -52.99 -19.89
N TRP S 183 -40.45 -54.04 -19.18
CA TRP S 183 -41.39 -55.14 -18.95
C TRP S 183 -41.52 -55.53 -17.48
N VAL S 184 -42.73 -55.89 -17.10
CA VAL S 184 -42.95 -56.42 -15.73
C VAL S 184 -43.83 -57.68 -15.84
N PRO S 185 -43.84 -58.63 -14.87
CA PRO S 185 -44.83 -59.71 -14.88
C PRO S 185 -46.23 -59.11 -14.99
N ASP S 186 -47.04 -59.73 -15.83
CA ASP S 186 -48.44 -59.32 -16.04
C ASP S 186 -49.28 -59.92 -14.93
N PRO S 187 -49.76 -59.10 -13.97
CA PRO S 187 -50.56 -59.65 -12.89
C PRO S 187 -51.96 -60.13 -13.33
N THR S 188 -52.41 -59.76 -14.53
CA THR S 188 -53.68 -60.28 -15.08
C THR S 188 -53.53 -61.68 -15.66
N ARG S 189 -52.31 -62.18 -15.76
CA ARG S 189 -52.12 -63.57 -16.27
C ARG S 189 -51.25 -64.30 -15.26
N ASN S 190 -50.37 -65.15 -15.74
CA ASN S 190 -49.40 -65.89 -14.89
C ASN S 190 -50.11 -66.74 -13.85
N GLU S 191 -51.27 -67.31 -14.20
CA GLU S 191 -51.93 -68.26 -13.27
C GLU S 191 -51.02 -69.48 -12.99
N ASN S 192 -50.16 -69.82 -13.92
CA ASN S 192 -49.37 -71.09 -13.85
C ASN S 192 -47.90 -70.79 -13.51
N THR S 193 -47.64 -69.62 -12.91
CA THR S 193 -46.29 -69.17 -12.54
C THR S 193 -46.38 -68.53 -11.16
N ARG S 194 -45.34 -68.71 -10.36
CA ARG S 194 -45.15 -67.92 -9.13
C ARG S 194 -43.96 -66.98 -9.38
N TYR S 195 -44.11 -65.70 -9.06
CA TYR S 195 -43.01 -64.73 -9.27
C TYR S 195 -42.90 -63.83 -8.06
N PHE S 196 -41.68 -63.35 -7.84
CA PHE S 196 -41.30 -62.60 -6.64
C PHE S 196 -40.27 -61.57 -7.08
N GLY S 197 -40.44 -60.31 -6.69
CA GLY S 197 -39.43 -59.31 -7.09
C GLY S 197 -39.41 -58.13 -6.15
N THR S 198 -38.25 -57.51 -6.04
CA THR S 198 -38.08 -56.30 -5.23
C THR S 198 -37.23 -55.32 -6.01
N LEU S 199 -37.77 -54.12 -6.22
CA LEU S 199 -37.03 -52.96 -6.76
C LEU S 199 -36.66 -52.09 -5.57
N THR S 200 -35.37 -51.75 -5.47
CA THR S 200 -34.91 -50.77 -4.48
C THR S 200 -34.22 -49.65 -5.23
N GLY S 201 -34.81 -48.47 -5.24
CA GLY S 201 -34.27 -47.35 -6.02
C GLY S 201 -33.18 -46.61 -5.25
N GLY S 202 -32.80 -45.47 -5.76
CA GLY S 202 -31.86 -44.56 -5.07
C GLY S 202 -30.45 -44.79 -5.56
N GLU S 203 -29.65 -43.74 -5.69
CA GLU S 203 -28.32 -43.94 -6.31
C GLU S 203 -27.28 -44.34 -5.28
N ASN S 204 -27.56 -44.20 -3.99
CA ASN S 204 -26.54 -44.63 -3.00
C ASN S 204 -27.01 -45.83 -2.19
N VAL S 205 -28.13 -46.44 -2.53
CA VAL S 205 -28.66 -47.51 -1.66
C VAL S 205 -27.68 -48.70 -1.68
N PRO S 206 -27.34 -49.28 -0.51
CA PRO S 206 -26.37 -50.36 -0.48
C PRO S 206 -27.04 -51.69 -0.80
N PRO S 207 -26.33 -52.60 -1.47
CA PRO S 207 -26.84 -53.95 -1.61
C PRO S 207 -26.96 -54.63 -0.24
N VAL S 208 -28.04 -55.37 -0.08
CA VAL S 208 -28.25 -56.23 1.11
C VAL S 208 -28.61 -57.61 0.57
N LEU S 209 -27.68 -58.55 0.69
CA LEU S 209 -27.83 -59.88 0.04
C LEU S 209 -27.63 -60.97 1.08
N HIS S 210 -28.64 -61.79 1.27
CA HIS S 210 -28.61 -62.91 2.23
C HIS S 210 -28.41 -64.20 1.45
N ILE S 211 -27.58 -65.08 2.01
CA ILE S 211 -27.40 -66.46 1.47
C ILE S 211 -27.58 -67.45 2.62
N THR S 212 -28.15 -68.59 2.30
CA THR S 212 -28.35 -69.72 3.22
C THR S 212 -28.85 -70.90 2.41
N ASN S 213 -28.54 -72.09 2.88
CA ASN S 213 -29.11 -73.27 2.20
C ASN S 213 -30.26 -73.86 3.04
N THR S 214 -30.75 -73.13 4.03
CA THR S 214 -31.79 -73.66 4.94
C THR S 214 -33.18 -73.09 4.62
N ALA S 215 -33.36 -72.31 3.57
CA ALA S 215 -34.64 -71.61 3.33
C ALA S 215 -35.32 -72.23 2.10
N THR S 216 -36.58 -72.60 2.26
CA THR S 216 -37.41 -73.19 1.18
C THR S 216 -38.66 -72.34 1.01
N THR S 217 -39.02 -72.08 -0.23
CA THR S 217 -40.29 -71.40 -0.57
C THR S 217 -41.26 -72.43 -1.16
N VAL S 218 -42.46 -72.49 -0.60
CA VAL S 218 -43.53 -73.38 -1.11
C VAL S 218 -44.22 -72.68 -2.30
N LEU S 219 -44.40 -73.40 -3.39
CA LEU S 219 -44.96 -72.85 -4.65
C LEU S 219 -46.45 -73.16 -4.82
N LEU S 220 -47.05 -73.84 -3.85
CA LEU S 220 -48.47 -74.21 -3.94
C LEU S 220 -49.35 -72.97 -3.76
N ASP S 221 -50.41 -72.90 -4.54
CA ASP S 221 -51.38 -71.80 -4.38
C ASP S 221 -52.37 -72.11 -3.27
N GLU S 222 -53.43 -71.31 -3.23
CA GLU S 222 -54.52 -71.36 -2.23
C GLU S 222 -55.16 -72.75 -2.23
N PHE S 223 -55.13 -73.43 -3.37
CA PHE S 223 -55.80 -74.72 -3.52
C PHE S 223 -54.82 -75.88 -3.44
N GLY S 224 -53.60 -75.64 -3.00
CA GLY S 224 -52.58 -76.70 -2.96
C GLY S 224 -52.03 -77.09 -4.32
N VAL S 225 -52.11 -76.21 -5.32
CA VAL S 225 -51.65 -76.57 -6.68
C VAL S 225 -50.44 -75.69 -7.03
N GLY S 226 -49.39 -76.33 -7.51
CA GLY S 226 -48.21 -75.60 -7.98
C GLY S 226 -48.27 -75.42 -9.48
N PRO S 227 -47.26 -74.71 -10.03
CA PRO S 227 -47.09 -74.66 -11.48
C PRO S 227 -47.11 -76.06 -12.09
N LEU S 228 -47.90 -76.22 -13.14
CA LEU S 228 -48.02 -77.49 -13.89
C LEU S 228 -47.28 -77.34 -15.21
N CYS S 229 -46.31 -78.20 -15.43
CA CYS S 229 -45.34 -78.01 -16.52
C CYS S 229 -45.91 -78.51 -17.85
N LYS S 230 -46.38 -77.59 -18.68
CA LYS S 230 -46.93 -77.97 -20.01
C LYS S 230 -45.80 -78.52 -20.88
N GLY S 231 -46.07 -79.67 -21.50
CA GLY S 231 -45.07 -80.31 -22.37
C GLY S 231 -43.85 -80.81 -21.61
N ASP S 232 -43.93 -80.96 -20.30
CA ASP S 232 -42.80 -81.43 -19.47
C ASP S 232 -41.63 -80.45 -19.55
N ASN S 233 -41.93 -79.17 -19.43
CA ASN S 233 -40.90 -78.10 -19.44
C ASN S 233 -41.15 -77.16 -18.26
N LEU S 234 -40.09 -76.92 -17.49
CA LEU S 234 -40.09 -75.95 -16.38
C LEU S 234 -39.46 -74.65 -16.87
N TYR S 235 -40.11 -73.53 -16.58
CA TYR S 235 -39.56 -72.20 -16.90
C TYR S 235 -39.06 -71.50 -15.64
N LEU S 236 -37.80 -71.10 -15.68
CA LEU S 236 -37.18 -70.28 -14.63
C LEU S 236 -36.78 -68.95 -15.25
N SER S 237 -37.07 -67.88 -14.53
CA SER S 237 -36.68 -66.53 -14.94
C SER S 237 -36.05 -65.80 -13.77
N ALA S 238 -35.17 -64.84 -14.06
CA ALA S 238 -34.48 -64.08 -13.01
C ALA S 238 -34.01 -62.73 -13.54
N VAL S 239 -33.89 -61.79 -12.62
CA VAL S 239 -33.10 -60.55 -12.78
C VAL S 239 -32.40 -60.32 -11.46
N ASP S 240 -31.10 -60.09 -11.50
CA ASP S 240 -30.37 -59.73 -10.28
C ASP S 240 -29.41 -58.61 -10.63
N VAL S 241 -29.99 -57.43 -10.89
CA VAL S 241 -29.19 -56.19 -11.02
C VAL S 241 -28.83 -55.78 -9.60
N CYS S 242 -27.55 -55.77 -9.28
CA CYS S 242 -27.14 -55.58 -7.87
C CYS S 242 -26.94 -54.10 -7.54
N GLY S 243 -26.79 -53.29 -8.55
CA GLY S 243 -26.51 -51.86 -8.39
C GLY S 243 -25.52 -51.48 -9.47
N MET S 244 -24.84 -50.36 -9.28
CA MET S 244 -23.91 -49.91 -10.33
C MET S 244 -22.48 -49.88 -9.82
N PHE S 245 -21.56 -50.19 -10.71
CA PHE S 245 -20.12 -50.01 -10.48
C PHE S 245 -19.70 -48.66 -11.06
N THR S 246 -18.89 -47.94 -10.31
CA THR S 246 -18.42 -46.59 -10.68
C THR S 246 -16.93 -46.68 -11.03
N ASN S 247 -16.58 -46.29 -12.25
CA ASN S 247 -15.17 -46.16 -12.68
C ASN S 247 -14.56 -44.91 -12.07
N ARG S 248 -13.23 -44.82 -12.11
CA ARG S 248 -12.54 -43.64 -11.60
C ARG S 248 -13.09 -42.36 -12.25
N SER S 249 -13.34 -42.39 -13.56
CA SER S 249 -13.86 -41.23 -14.30
C SER S 249 -15.25 -40.81 -13.82
N GLY S 250 -15.98 -41.74 -13.20
CA GLY S 250 -17.36 -41.49 -12.75
C GLY S 250 -18.36 -42.20 -13.61
N SER S 251 -17.94 -42.79 -14.74
CA SER S 251 -18.91 -43.52 -15.57
C SER S 251 -19.45 -44.68 -14.75
N GLN S 252 -20.70 -45.04 -15.00
CA GLN S 252 -21.36 -46.05 -14.16
C GLN S 252 -21.88 -47.17 -15.01
N GLN S 253 -21.78 -48.39 -14.50
CA GLN S 253 -22.20 -49.61 -15.21
C GLN S 253 -23.04 -50.48 -14.28
N TRP S 254 -24.18 -50.99 -14.78
CA TRP S 254 -24.95 -52.00 -14.03
C TRP S 254 -24.06 -53.24 -13.79
N ARG S 255 -24.15 -53.81 -12.61
CA ARG S 255 -23.47 -55.09 -12.30
C ARG S 255 -24.52 -56.09 -11.84
N GLY S 256 -24.52 -57.27 -12.45
CA GLY S 256 -25.47 -58.33 -12.12
C GLY S 256 -24.76 -59.58 -11.63
N LEU S 257 -25.52 -60.46 -11.02
CA LEU S 257 -25.00 -61.77 -10.56
C LEU S 257 -25.94 -62.86 -10.97
N SER S 258 -25.43 -64.09 -10.98
CA SER S 258 -26.17 -65.30 -11.30
C SER S 258 -27.11 -65.67 -10.14
N ARG S 259 -28.13 -66.44 -10.48
CA ARG S 259 -29.11 -66.94 -9.50
C ARG S 259 -29.20 -68.45 -9.59
N TYR S 260 -29.02 -69.11 -8.46
CA TYR S 260 -29.22 -70.58 -8.33
C TYR S 260 -30.68 -70.89 -8.04
N PHE S 261 -31.19 -71.94 -8.67
CA PHE S 261 -32.54 -72.46 -8.45
C PHE S 261 -32.42 -73.95 -8.10
N LYS S 262 -33.21 -74.39 -7.14
CA LYS S 262 -33.48 -75.83 -6.92
C LYS S 262 -34.97 -76.01 -6.73
N VAL S 263 -35.59 -76.73 -7.63
CA VAL S 263 -37.06 -76.94 -7.66
C VAL S 263 -37.34 -78.43 -7.47
N GLN S 264 -38.19 -78.75 -6.51
CA GLN S 264 -38.72 -80.12 -6.34
C GLN S 264 -40.06 -80.21 -7.05
N LEU S 265 -40.23 -81.27 -7.83
CA LEU S 265 -41.48 -81.48 -8.57
C LEU S 265 -42.05 -82.87 -8.24
N ARG S 266 -43.36 -82.99 -8.43
CA ARG S 266 -44.07 -84.26 -8.21
C ARG S 266 -45.07 -84.43 -9.34
N LYS S 267 -45.45 -85.67 -9.60
CA LYS S 267 -46.39 -85.99 -10.68
C LYS S 267 -47.82 -85.72 -10.20
N ARG S 268 -48.60 -85.08 -11.05
CA ARG S 268 -49.99 -84.68 -10.76
C ARG S 268 -50.84 -85.13 -11.94
N ARG S 269 -51.97 -85.76 -11.67
CA ARG S 269 -52.87 -86.14 -12.77
C ARG S 269 -53.84 -85.00 -13.05
N VAL S 270 -54.09 -84.78 -14.32
CA VAL S 270 -55.02 -83.72 -14.79
C VAL S 270 -55.94 -84.35 -15.84
N LYS S 271 -56.97 -83.61 -16.19
CA LYS S 271 -57.93 -84.03 -17.23
C LYS S 271 -58.11 -82.89 -18.22
N ASN S 272 -58.00 -83.20 -19.51
CA ASN S 272 -58.09 -82.21 -20.62
C ASN S 272 -56.86 -81.28 -20.55
N MET T 4 -24.40 -87.00 4.56
CA MET T 4 -25.86 -86.90 4.35
C MET T 4 -26.25 -87.75 3.16
N GLY T 5 -25.61 -87.50 2.02
CA GLY T 5 -25.92 -88.26 0.80
C GLY T 5 -25.11 -89.52 0.72
N GLY T 6 -25.74 -90.61 0.30
CA GLY T 6 -25.03 -91.88 0.09
C GLY T 6 -25.10 -92.81 1.29
N VAL T 7 -25.78 -92.40 2.35
CA VAL T 7 -25.89 -93.25 3.58
C VAL T 7 -27.37 -93.37 3.97
N GLU T 8 -27.68 -94.33 4.84
CA GLU T 8 -29.06 -94.51 5.34
C GLU T 8 -29.11 -93.97 6.77
N VAL T 9 -29.83 -92.88 6.98
CA VAL T 9 -29.86 -92.25 8.34
C VAL T 9 -30.92 -92.95 9.17
N LEU T 10 -30.50 -93.63 10.23
CA LEU T 10 -31.47 -94.42 11.03
C LEU T 10 -31.83 -93.68 12.32
N GLU T 11 -31.97 -94.40 13.44
CA GLU T 11 -32.47 -93.78 14.68
C GLU T 11 -31.40 -93.00 15.47
N VAL T 12 -31.85 -92.07 16.32
CA VAL T 12 -30.94 -91.31 17.22
C VAL T 12 -30.68 -92.17 18.46
N LYS T 13 -29.42 -92.33 18.84
CA LYS T 13 -29.07 -93.09 20.05
C LYS T 13 -29.40 -92.25 21.29
N THR T 14 -30.20 -92.80 22.19
CA THR T 14 -30.57 -92.08 23.43
C THR T 14 -29.71 -92.58 24.59
N GLY T 15 -29.94 -92.05 25.77
CA GLY T 15 -29.17 -92.45 26.96
C GLY T 15 -28.14 -91.41 27.32
N VAL T 16 -27.33 -91.70 28.33
CA VAL T 16 -26.24 -90.77 28.74
C VAL T 16 -25.11 -90.99 27.74
N ASP T 17 -24.14 -90.09 27.70
CA ASP T 17 -23.00 -90.19 26.75
C ASP T 17 -23.45 -90.05 25.29
N SER T 18 -24.76 -89.98 25.04
CA SER T 18 -25.29 -89.87 23.66
C SER T 18 -25.24 -88.42 23.18
N ILE T 19 -24.84 -87.49 24.04
CA ILE T 19 -24.85 -86.04 23.72
C ILE T 19 -23.45 -85.50 23.95
N THR T 20 -23.06 -84.53 23.12
CA THR T 20 -21.79 -83.83 23.38
C THR T 20 -21.97 -82.38 22.94
N GLU T 21 -21.04 -81.54 23.38
CA GLU T 21 -21.08 -80.09 23.10
C GLU T 21 -19.70 -79.65 22.63
N VAL T 22 -19.68 -78.76 21.65
CA VAL T 22 -18.44 -78.11 21.17
C VAL T 22 -18.60 -76.61 21.36
N GLU T 23 -17.57 -75.98 21.92
CA GLU T 23 -17.57 -74.53 22.15
C GLU T 23 -16.21 -73.98 21.74
N CYS T 24 -16.20 -72.92 20.94
CA CYS T 24 -14.91 -72.35 20.51
C CYS T 24 -15.10 -70.98 19.87
N PHE T 25 -13.96 -70.32 19.68
CA PHE T 25 -13.83 -69.03 18.97
C PHE T 25 -13.10 -69.30 17.66
N LEU T 26 -13.58 -68.70 16.58
CA LEU T 26 -12.84 -68.61 15.33
C LEU T 26 -12.39 -67.16 15.16
N THR T 27 -11.10 -66.94 15.06
CA THR T 27 -10.59 -65.56 14.93
C THR T 27 -10.67 -65.15 13.47
N PRO T 28 -10.76 -63.82 13.20
CA PRO T 28 -10.85 -63.37 11.81
C PRO T 28 -9.48 -63.39 11.14
N GLU T 29 -9.51 -63.43 9.83
CA GLU T 29 -8.28 -63.41 9.00
C GLU T 29 -8.45 -62.31 7.96
N MET T 30 -8.21 -61.08 8.39
CA MET T 30 -8.41 -59.87 7.55
C MET T 30 -7.17 -59.59 6.70
N GLY T 31 -6.02 -60.19 7.01
CA GLY T 31 -4.81 -59.97 6.21
C GLY T 31 -3.60 -59.76 7.10
N ASP T 32 -3.83 -59.13 8.24
CA ASP T 32 -2.83 -59.01 9.32
C ASP T 32 -1.50 -58.49 8.77
N PRO T 33 -1.49 -57.25 8.25
CA PRO T 33 -0.31 -56.78 7.50
C PRO T 33 0.97 -56.66 8.34
N ASP T 34 0.89 -56.50 9.66
CA ASP T 34 2.12 -56.50 10.47
C ASP T 34 1.81 -56.94 11.91
N GLU T 35 2.84 -56.90 12.73
CA GLU T 35 2.81 -57.44 14.11
C GLU T 35 1.87 -56.65 15.03
N HIS T 36 1.37 -55.50 14.62
CA HIS T 36 0.52 -54.66 15.47
C HIS T 36 -0.94 -54.68 15.02
N LEU T 37 -1.25 -55.34 13.90
CA LEU T 37 -2.49 -55.08 13.16
C LEU T 37 -3.30 -56.36 12.95
N ARG T 38 -3.12 -57.34 13.82
CA ARG T 38 -4.04 -58.48 13.91
C ARG T 38 -5.49 -58.00 13.95
N GLY T 39 -6.32 -58.57 13.09
CA GLY T 39 -7.72 -58.16 12.95
C GLY T 39 -7.95 -57.07 11.90
N PHE T 40 -6.89 -56.49 11.33
CA PHE T 40 -7.01 -55.47 10.29
C PHE T 40 -6.46 -56.02 8.97
N SER T 41 -6.89 -55.42 7.87
CA SER T 41 -6.19 -55.65 6.59
C SER T 41 -5.09 -54.61 6.43
N LYS T 42 -4.26 -54.85 5.44
CA LYS T 42 -3.43 -53.77 4.86
C LYS T 42 -4.36 -52.71 4.26
N SER T 43 -3.86 -51.50 4.16
CA SER T 43 -4.65 -50.42 3.51
C SER T 43 -5.02 -50.83 2.09
N ILE T 44 -6.22 -50.45 1.68
CA ILE T 44 -6.77 -50.81 0.36
C ILE T 44 -6.13 -49.93 -0.71
N SER T 45 -5.63 -50.56 -1.75
CA SER T 45 -5.06 -49.91 -2.95
C SER T 45 -5.97 -50.19 -4.15
N ILE T 46 -6.16 -49.19 -5.00
CA ILE T 46 -7.12 -49.30 -6.12
C ILE T 46 -6.35 -49.39 -7.44
N SER T 47 -6.58 -50.45 -8.21
CA SER T 47 -5.92 -50.61 -9.51
C SER T 47 -6.44 -49.60 -10.52
N ASP T 48 -5.60 -49.30 -11.50
CA ASP T 48 -5.93 -48.28 -12.52
C ASP T 48 -6.81 -48.83 -13.62
N THR T 49 -6.79 -50.13 -13.84
CA THR T 49 -7.63 -50.82 -14.85
C THR T 49 -8.00 -52.17 -14.26
N PHE T 50 -8.97 -52.83 -14.86
CA PHE T 50 -9.25 -54.24 -14.44
C PHE T 50 -8.04 -55.15 -14.65
N GLU T 51 -7.33 -55.02 -15.76
CA GLU T 51 -6.25 -56.00 -16.03
C GLU T 51 -5.06 -55.83 -15.08
N SER T 52 -4.86 -54.64 -14.55
CA SER T 52 -3.69 -54.38 -13.68
C SER T 52 -3.99 -54.61 -12.19
N ASP T 53 -5.16 -55.14 -11.84
CA ASP T 53 -5.53 -55.42 -10.44
C ASP T 53 -4.64 -56.55 -9.90
N SER T 54 -3.78 -56.23 -8.95
CA SER T 54 -2.84 -57.19 -8.33
C SER T 54 -2.82 -56.96 -6.83
N PRO T 55 -3.89 -57.34 -6.13
CA PRO T 55 -3.97 -57.06 -4.70
C PRO T 55 -2.92 -57.84 -3.89
N ASN T 56 -2.41 -57.17 -2.89
CA ASN T 56 -1.48 -57.77 -1.91
C ASN T 56 -2.24 -58.80 -1.07
N ARG T 57 -1.57 -59.91 -0.74
CA ARG T 57 -2.17 -60.94 0.10
C ARG T 57 -2.73 -60.31 1.39
N ASP T 58 -1.99 -59.40 1.97
CA ASP T 58 -2.35 -58.83 3.28
C ASP T 58 -3.52 -57.86 3.18
N MET T 59 -4.02 -57.60 1.98
CA MET T 59 -5.19 -56.73 1.73
C MET T 59 -6.48 -57.55 1.58
N LEU T 60 -6.41 -58.89 1.55
CA LEU T 60 -7.56 -59.74 1.20
C LEU T 60 -8.03 -60.52 2.40
N PRO T 61 -9.22 -60.20 2.97
CA PRO T 61 -9.79 -61.08 3.98
C PRO T 61 -10.05 -62.48 3.40
N CYS T 62 -9.86 -63.46 4.27
CA CYS T 62 -10.01 -64.88 3.96
C CYS T 62 -11.09 -65.49 4.84
N TYR T 63 -11.72 -66.54 4.36
CA TYR T 63 -12.56 -67.40 5.22
C TYR T 63 -11.74 -68.02 6.36
N SER T 64 -12.35 -68.02 7.55
CA SER T 64 -11.81 -68.73 8.75
C SER T 64 -12.45 -70.11 8.80
N VAL T 65 -11.67 -71.10 9.20
CA VAL T 65 -12.20 -72.47 9.33
C VAL T 65 -11.50 -73.15 10.52
N ALA T 66 -12.26 -73.99 11.21
CA ALA T 66 -11.71 -74.86 12.27
C ALA T 66 -12.27 -76.25 12.07
N ARG T 67 -11.40 -77.24 12.17
CA ARG T 67 -11.85 -78.65 12.23
C ARG T 67 -11.70 -79.11 13.66
N ILE T 68 -12.81 -79.57 14.25
CA ILE T 68 -12.83 -79.89 15.69
C ILE T 68 -13.04 -81.38 15.83
N PRO T 69 -12.06 -82.12 16.37
CA PRO T 69 -12.25 -83.56 16.60
C PRO T 69 -13.29 -83.81 17.69
N LEU T 70 -14.10 -84.82 17.45
CA LEU T 70 -15.18 -85.21 18.39
C LEU T 70 -14.81 -86.56 19.01
N PRO T 71 -15.47 -86.95 20.11
CA PRO T 71 -15.17 -88.25 20.72
C PRO T 71 -15.32 -89.41 19.74
N ASN T 72 -14.30 -90.24 19.68
CA ASN T 72 -14.26 -91.39 18.74
C ASN T 72 -15.46 -92.30 19.02
N LEU T 73 -16.10 -92.76 17.94
CA LEU T 73 -17.41 -93.42 18.08
C LEU T 73 -17.40 -94.91 17.78
N ASN T 74 -16.65 -95.35 16.77
CA ASN T 74 -16.79 -96.79 16.37
C ASN T 74 -15.49 -97.58 16.54
N GLU T 75 -14.83 -97.45 17.68
CA GLU T 75 -13.55 -98.18 17.95
C GLU T 75 -12.78 -98.39 16.65
N ASN T 81 -22.71 -100.31 9.54
CA ASN T 81 -23.65 -99.99 10.64
C ASN T 81 -22.87 -99.31 11.77
N ILE T 82 -22.79 -97.99 11.70
CA ILE T 82 -21.94 -97.21 12.62
C ILE T 82 -22.74 -96.04 13.18
N LEU T 83 -22.16 -95.41 14.19
CA LEU T 83 -22.70 -94.17 14.76
C LEU T 83 -21.94 -92.96 14.18
N MET T 84 -22.64 -91.83 14.12
CA MET T 84 -22.06 -90.54 13.72
C MET T 84 -22.61 -89.46 14.63
N TRP T 85 -21.77 -88.48 14.96
CA TRP T 85 -22.28 -87.27 15.67
C TRP T 85 -23.10 -86.42 14.70
N GLU T 86 -24.28 -85.99 15.11
CA GLU T 86 -25.10 -85.05 14.29
C GLU T 86 -25.23 -83.76 15.06
N ALA T 87 -24.89 -82.66 14.40
CA ALA T 87 -25.05 -81.31 15.00
C ALA T 87 -26.54 -80.97 14.94
N VAL T 88 -27.07 -80.52 16.06
CA VAL T 88 -28.54 -80.28 16.17
C VAL T 88 -28.82 -78.80 16.33
N THR T 89 -28.07 -78.11 17.17
CA THR T 89 -28.34 -76.71 17.49
C THR T 89 -27.04 -75.93 17.47
N LEU T 90 -27.19 -74.64 17.19
CA LEU T 90 -26.05 -73.69 17.18
C LEU T 90 -26.43 -72.47 18.00
N LYS T 91 -25.52 -72.02 18.84
CA LYS T 91 -25.54 -70.64 19.37
C LYS T 91 -24.30 -69.94 18.85
N THR T 92 -24.44 -68.73 18.33
CA THR T 92 -23.28 -68.02 17.78
C THR T 92 -23.43 -66.52 18.02
N GLU T 93 -22.28 -65.85 18.13
CA GLU T 93 -22.31 -64.37 18.10
C GLU T 93 -20.92 -63.84 17.83
N VAL T 94 -20.91 -62.58 17.41
CA VAL T 94 -19.65 -61.82 17.18
C VAL T 94 -19.12 -61.38 18.53
N ILE T 95 -17.82 -61.57 18.75
CA ILE T 95 -17.19 -61.25 20.03
C ILE T 95 -16.38 -59.97 19.92
N GLY T 96 -16.67 -59.03 20.81
CA GLY T 96 -15.94 -57.75 20.86
C GLY T 96 -16.68 -56.64 20.12
N VAL T 97 -17.99 -56.71 20.03
CA VAL T 97 -18.73 -55.70 19.20
C VAL T 97 -18.53 -54.31 19.81
N THR T 98 -18.32 -54.21 21.11
CA THR T 98 -18.14 -52.87 21.68
C THR T 98 -16.79 -52.27 21.31
N SER T 99 -15.84 -53.07 20.83
CA SER T 99 -14.54 -52.49 20.42
C SER T 99 -14.74 -51.43 19.32
N LEU T 100 -15.84 -51.51 18.58
CA LEU T 100 -16.11 -50.53 17.51
C LEU T 100 -16.54 -49.18 18.07
N MET T 101 -16.65 -49.04 19.37
CA MET T 101 -16.86 -47.71 19.99
C MET T 101 -15.54 -46.98 20.26
N ASN T 102 -14.40 -47.62 20.04
CA ASN T 102 -13.13 -46.89 20.08
C ASN T 102 -13.09 -45.94 18.88
N VAL T 103 -13.47 -44.71 19.16
CA VAL T 103 -13.53 -43.63 18.16
C VAL T 103 -12.41 -42.61 18.42
N HIS T 104 -11.41 -42.99 19.20
CA HIS T 104 -10.38 -42.05 19.68
C HIS T 104 -8.97 -42.49 19.31
N SER T 105 -8.82 -43.57 18.56
CA SER T 105 -7.50 -44.21 18.35
C SER T 105 -7.14 -44.08 16.87
N ASN T 106 -6.18 -43.21 16.57
CA ASN T 106 -5.52 -43.17 15.25
C ASN T 106 -6.52 -42.83 14.15
N GLY T 107 -7.65 -42.23 14.50
CA GLY T 107 -8.71 -42.08 13.51
C GLY T 107 -8.63 -40.78 12.72
N GLN T 108 -9.59 -40.61 11.83
CA GLN T 108 -9.87 -39.37 11.09
C GLN T 108 -11.03 -38.66 11.77
N ALA T 109 -10.82 -37.39 12.14
CA ALA T 109 -11.90 -36.56 12.70
C ALA T 109 -13.05 -36.49 11.72
N THR T 110 -14.27 -36.74 12.18
CA THR T 110 -15.46 -36.53 11.33
C THR T 110 -15.52 -35.07 10.88
N HIS T 111 -15.04 -34.17 11.71
CA HIS T 111 -14.98 -32.74 11.39
C HIS T 111 -14.06 -32.11 12.42
N ASP T 112 -13.72 -30.85 12.20
CA ASP T 112 -12.73 -30.18 13.09
C ASP T 112 -13.19 -30.30 14.56
N ASN T 113 -12.31 -30.84 15.39
CA ASN T 113 -12.51 -31.11 16.83
C ASN T 113 -13.57 -32.17 17.12
N GLY T 114 -14.00 -32.94 16.14
CA GLY T 114 -14.96 -34.02 16.40
C GLY T 114 -14.29 -35.30 16.85
N ALA T 115 -15.11 -36.31 17.06
CA ALA T 115 -14.67 -37.69 17.33
C ALA T 115 -14.15 -38.32 16.03
N GLY T 116 -13.45 -39.44 16.17
CA GLY T 116 -12.99 -40.17 14.99
C GLY T 116 -14.13 -40.80 14.22
N LYS T 117 -13.92 -41.04 12.94
CA LYS T 117 -14.95 -41.75 12.14
C LYS T 117 -14.93 -43.21 12.57
N PRO T 118 -16.09 -43.80 12.91
CA PRO T 118 -16.11 -45.20 13.33
C PRO T 118 -15.96 -46.16 12.14
N VAL T 119 -15.69 -47.42 12.46
CA VAL T 119 -15.71 -48.50 11.45
C VAL T 119 -17.07 -48.52 10.77
N GLN T 120 -17.06 -48.53 9.44
CA GLN T 120 -18.30 -48.54 8.66
C GLN T 120 -17.97 -48.92 7.24
N GLY T 121 -19.00 -49.14 6.43
CA GLY T 121 -18.81 -49.61 5.07
C GLY T 121 -19.15 -51.07 4.94
N THR T 122 -18.75 -51.63 3.80
CA THR T 122 -19.18 -52.99 3.41
C THR T 122 -18.88 -53.99 4.52
N SER T 123 -19.87 -54.78 4.89
CA SER T 123 -19.68 -55.88 5.85
C SER T 123 -20.08 -57.21 5.20
N PHE T 124 -19.51 -58.27 5.73
CA PHE T 124 -19.91 -59.65 5.38
C PHE T 124 -19.83 -60.45 6.67
N HIS T 125 -20.98 -60.95 7.10
CA HIS T 125 -21.11 -61.79 8.31
C HIS T 125 -21.61 -63.13 7.85
N PHE T 126 -20.85 -64.18 8.16
CA PHE T 126 -21.06 -65.50 7.58
C PHE T 126 -20.65 -66.55 8.60
N PHE T 127 -21.42 -67.64 8.65
CA PHE T 127 -21.01 -68.78 9.51
C PHE T 127 -21.67 -70.04 8.97
N SER T 128 -20.99 -71.17 9.17
CA SER T 128 -21.46 -72.48 8.70
C SER T 128 -21.07 -73.53 9.74
N VAL T 129 -21.86 -74.59 9.78
CA VAL T 129 -21.63 -75.78 10.62
C VAL T 129 -21.87 -76.96 9.71
N GLY T 130 -20.90 -77.86 9.60
CA GLY T 130 -21.01 -78.99 8.68
C GLY T 130 -20.26 -80.21 9.16
N GLY T 131 -20.62 -81.35 8.59
CA GLY T 131 -19.97 -82.62 8.89
C GLY T 131 -18.74 -82.90 8.04
N GLU T 132 -18.29 -81.91 7.29
CA GLU T 132 -17.19 -81.97 6.32
C GLU T 132 -16.91 -80.53 5.90
N ALA T 133 -15.80 -80.31 5.22
CA ALA T 133 -15.38 -78.96 4.82
C ALA T 133 -16.49 -78.30 3.99
N LEU T 134 -16.70 -77.01 4.24
CA LEU T 134 -17.59 -76.18 3.41
C LEU T 134 -17.12 -76.27 1.95
N GLU T 135 -18.07 -76.49 1.06
CA GLU T 135 -17.76 -76.56 -0.37
C GLU T 135 -18.01 -75.19 -1.01
N LEU T 136 -17.05 -74.76 -1.81
CA LEU T 136 -17.00 -73.39 -2.33
C LEU T 136 -17.17 -73.40 -3.85
N GLN T 137 -17.74 -72.30 -4.32
CA GLN T 137 -17.85 -71.98 -5.76
C GLN T 137 -17.18 -70.64 -5.98
N GLY T 138 -16.35 -70.55 -7.01
CA GLY T 138 -15.63 -69.30 -7.30
C GLY T 138 -16.47 -68.39 -8.16
N VAL T 139 -16.51 -67.12 -7.79
CA VAL T 139 -17.11 -66.05 -8.63
C VAL T 139 -16.21 -64.83 -8.45
N LEU T 140 -15.79 -64.25 -9.55
CA LEU T 140 -14.85 -63.12 -9.54
C LEU T 140 -15.55 -61.82 -9.93
N PHE T 141 -15.27 -60.76 -9.19
CA PHE T 141 -15.74 -59.42 -9.62
C PHE T 141 -15.14 -59.09 -10.99
N ASN T 142 -13.87 -59.39 -11.16
CA ASN T 142 -13.05 -59.02 -12.33
C ASN T 142 -12.19 -60.25 -12.65
N TYR T 143 -12.43 -60.92 -13.77
CA TYR T 143 -11.72 -62.20 -13.97
C TYR T 143 -10.23 -61.98 -14.22
N ARG T 144 -9.83 -60.75 -14.49
CA ARG T 144 -8.41 -60.45 -14.76
C ARG T 144 -7.62 -60.11 -13.51
N THR T 145 -8.25 -60.11 -12.33
CA THR T 145 -7.50 -59.91 -11.09
C THR T 145 -6.38 -60.95 -10.97
N LYS T 146 -5.19 -60.51 -10.60
CA LYS T 146 -4.11 -61.45 -10.26
C LYS T 146 -4.11 -61.65 -8.76
N TYR T 147 -4.53 -62.82 -8.31
CA TYR T 147 -4.52 -63.13 -6.87
C TYR T 147 -3.12 -63.53 -6.44
N PRO T 148 -2.71 -63.13 -5.23
CA PRO T 148 -1.30 -63.28 -4.86
C PRO T 148 -0.94 -64.69 -4.41
N ASP T 149 0.34 -64.99 -4.53
CA ASP T 149 0.90 -66.26 -3.97
C ASP T 149 0.51 -66.39 -2.52
N GLY T 150 0.20 -67.61 -2.12
CA GLY T 150 -0.21 -67.90 -0.74
C GLY T 150 -1.71 -67.89 -0.59
N THR T 151 -2.47 -67.40 -1.57
CA THR T 151 -3.92 -67.54 -1.55
C THR T 151 -4.32 -68.70 -2.47
N ILE T 152 -5.48 -69.24 -2.20
CA ILE T 152 -6.09 -70.26 -3.09
C ILE T 152 -7.30 -69.60 -3.72
N PHE T 153 -7.31 -69.55 -5.04
CA PHE T 153 -8.19 -68.67 -5.81
C PHE T 153 -8.65 -69.39 -7.06
N PRO T 154 -9.75 -68.95 -7.68
CA PRO T 154 -10.23 -69.59 -8.90
C PRO T 154 -9.16 -69.56 -9.98
N LYS T 155 -8.82 -70.74 -10.49
CA LYS T 155 -7.72 -70.89 -11.46
C LYS T 155 -8.28 -70.98 -12.87
N ASN T 156 -7.43 -70.65 -13.84
CA ASN T 156 -7.82 -70.64 -15.27
C ASN T 156 -9.09 -69.79 -15.45
N ALA T 157 -9.12 -68.64 -14.81
CA ALA T 157 -10.32 -67.78 -14.88
C ALA T 157 -10.53 -67.33 -16.32
N THR T 158 -11.79 -67.21 -16.69
CA THR T 158 -12.20 -66.66 -18.00
C THR T 158 -13.22 -65.57 -17.74
N VAL T 159 -13.66 -64.89 -18.79
CA VAL T 159 -14.69 -63.85 -18.57
C VAL T 159 -15.95 -64.49 -17.99
N GLN T 160 -16.21 -65.75 -18.28
CA GLN T 160 -17.39 -66.42 -17.68
C GLN T 160 -17.25 -66.53 -16.17
N SER T 161 -16.02 -66.50 -15.64
CA SER T 161 -15.82 -66.57 -14.19
C SER T 161 -16.41 -65.34 -13.50
N GLN T 162 -16.79 -64.32 -14.26
CA GLN T 162 -17.40 -63.11 -13.68
C GLN T 162 -18.87 -63.29 -13.41
N VAL T 163 -19.51 -64.33 -13.93
CA VAL T 163 -20.92 -64.59 -13.60
C VAL T 163 -21.08 -66.00 -13.05
N MET T 164 -20.52 -67.00 -13.75
CA MET T 164 -20.60 -68.39 -13.26
C MET T 164 -19.74 -69.31 -14.14
N ASN T 165 -18.69 -69.87 -13.54
CA ASN T 165 -17.82 -70.84 -14.25
C ASN T 165 -17.75 -72.05 -13.33
N THR T 166 -18.42 -73.12 -13.72
CA THR T 166 -18.54 -74.29 -12.83
C THR T 166 -17.20 -74.99 -12.63
N GLU T 167 -16.13 -74.56 -13.29
CA GLU T 167 -14.79 -75.16 -13.02
C GLU T 167 -14.31 -74.79 -11.62
N HIS T 168 -14.73 -73.66 -11.08
CA HIS T 168 -14.16 -73.14 -9.81
C HIS T 168 -14.86 -73.76 -8.61
N LYS T 169 -14.44 -74.98 -8.28
CA LYS T 169 -14.96 -75.72 -7.12
C LYS T 169 -13.82 -75.96 -6.15
N ALA T 170 -14.08 -75.81 -4.86
CA ALA T 170 -13.01 -75.99 -3.86
C ALA T 170 -13.64 -76.34 -2.54
N TYR T 171 -12.81 -76.82 -1.64
CA TYR T 171 -13.17 -77.11 -0.24
C TYR T 171 -12.51 -76.07 0.64
N LEU T 172 -13.24 -75.58 1.64
CA LEU T 172 -12.62 -74.64 2.60
C LEU T 172 -11.81 -75.48 3.59
N ASP T 173 -10.58 -75.79 3.19
CA ASP T 173 -9.77 -76.82 3.89
C ASP T 173 -8.46 -76.23 4.39
N LYS T 174 -8.36 -74.91 4.47
CA LYS T 174 -7.12 -74.27 4.96
C LYS T 174 -7.48 -72.88 5.46
N ASN T 175 -6.87 -72.49 6.56
CA ASN T 175 -7.03 -71.13 7.11
C ASN T 175 -6.15 -70.14 6.36
N LYS T 176 -6.54 -68.86 6.43
CA LYS T 176 -5.75 -67.74 5.88
C LYS T 176 -5.43 -67.96 4.40
N ALA T 177 -6.33 -68.59 3.67
CA ALA T 177 -5.97 -68.99 2.30
C ALA T 177 -7.02 -68.60 1.29
N TYR T 178 -8.30 -68.80 1.58
CA TYR T 178 -9.38 -68.61 0.58
C TYR T 178 -9.94 -67.21 0.71
N PRO T 179 -9.66 -66.30 -0.22
CA PRO T 179 -10.16 -64.94 -0.07
C PRO T 179 -11.68 -64.85 -0.18
N VAL T 180 -12.24 -64.09 0.74
CA VAL T 180 -13.70 -63.90 0.83
C VAL T 180 -14.23 -63.46 -0.52
N GLU T 181 -13.52 -62.56 -1.19
CA GLU T 181 -14.09 -61.91 -2.39
C GLU T 181 -14.14 -62.84 -3.62
N CYS T 182 -13.46 -63.97 -3.64
CA CYS T 182 -13.60 -64.80 -4.86
C CYS T 182 -14.33 -66.12 -4.62
N TRP T 183 -14.81 -66.41 -3.42
CA TRP T 183 -15.44 -67.69 -3.11
C TRP T 183 -16.74 -67.49 -2.37
N VAL T 184 -17.74 -68.30 -2.68
CA VAL T 184 -19.01 -68.37 -1.92
C VAL T 184 -19.32 -69.84 -1.67
N PRO T 185 -20.15 -70.13 -0.65
CA PRO T 185 -20.72 -71.47 -0.53
C PRO T 185 -21.34 -71.89 -1.85
N ASP T 186 -21.04 -73.14 -2.25
CA ASP T 186 -21.58 -73.74 -3.48
C ASP T 186 -22.98 -74.28 -3.18
N PRO T 187 -24.04 -73.64 -3.71
CA PRO T 187 -25.40 -74.09 -3.40
C PRO T 187 -25.77 -75.43 -4.06
N THR T 188 -25.01 -75.88 -5.06
CA THR T 188 -25.21 -77.21 -5.69
C THR T 188 -24.66 -78.31 -4.81
N ARG T 189 -23.89 -77.98 -3.79
CA ARG T 189 -23.35 -79.02 -2.88
CA ARG T 189 -23.35 -79.01 -2.88
C ARG T 189 -23.78 -78.66 -1.46
N ASN T 190 -22.93 -78.93 -0.49
CA ASN T 190 -23.17 -78.57 0.91
C ASN T 190 -24.44 -79.24 1.43
N GLU T 191 -24.69 -80.46 1.01
CA GLU T 191 -25.82 -81.25 1.57
C GLU T 191 -25.58 -81.53 3.06
N ASN T 192 -24.32 -81.59 3.49
CA ASN T 192 -24.00 -81.98 4.88
C ASN T 192 -23.55 -80.75 5.70
N THR T 193 -23.95 -79.55 5.29
CA THR T 193 -23.55 -78.31 5.98
C THR T 193 -24.77 -77.39 6.01
N ARG T 194 -24.88 -76.59 7.05
CA ARG T 194 -25.81 -75.45 7.09
C ARG T 194 -25.01 -74.16 7.10
N TYR T 195 -25.32 -73.26 6.19
CA TYR T 195 -24.58 -71.97 6.09
C TYR T 195 -25.55 -70.82 6.02
N PHE T 196 -25.08 -69.68 6.50
CA PHE T 196 -25.87 -68.44 6.62
C PHE T 196 -24.91 -67.28 6.44
N GLY T 197 -25.25 -66.34 5.58
CA GLY T 197 -24.41 -65.15 5.40
C GLY T 197 -25.23 -63.97 4.95
N THR T 198 -24.73 -62.80 5.29
CA THR T 198 -25.32 -61.52 4.86
C THR T 198 -24.21 -60.60 4.42
N LEU T 199 -24.30 -60.11 3.20
CA LEU T 199 -23.44 -59.05 2.65
C LEU T 199 -24.26 -57.76 2.68
N THR T 200 -23.70 -56.74 3.31
CA THR T 200 -24.27 -55.39 3.32
C THR T 200 -23.24 -54.46 2.67
N GLY T 201 -23.55 -53.97 1.48
CA GLY T 201 -22.61 -53.13 0.71
C GLY T 201 -22.68 -51.67 1.15
N GLY T 202 -22.05 -50.82 0.36
CA GLY T 202 -22.11 -49.37 0.56
C GLY T 202 -20.97 -48.81 1.40
N GLU T 203 -20.49 -47.64 1.03
CA GLU T 203 -19.30 -47.05 1.66
C GLU T 203 -19.60 -46.47 3.04
N ASN T 204 -20.84 -46.19 3.38
CA ASN T 204 -21.12 -45.55 4.70
C ASN T 204 -22.08 -46.39 5.54
N VAL T 205 -22.35 -47.64 5.17
CA VAL T 205 -23.37 -48.40 5.93
C VAL T 205 -22.85 -48.68 7.33
N PRO T 206 -23.70 -48.53 8.37
CA PRO T 206 -23.23 -48.72 9.73
C PRO T 206 -23.30 -50.17 10.16
N PRO T 207 -22.31 -50.64 10.95
CA PRO T 207 -22.44 -51.96 11.54
C PRO T 207 -23.69 -52.00 12.42
N VAL T 208 -24.42 -53.10 12.34
CA VAL T 208 -25.56 -53.38 13.25
C VAL T 208 -25.31 -54.77 13.80
N LEU T 209 -24.87 -54.86 15.04
CA LEU T 209 -24.44 -56.17 15.61
C LEU T 209 -25.24 -56.48 16.86
N HIS T 210 -25.95 -57.59 16.86
CA HIS T 210 -26.76 -58.02 18.03
CA HIS T 210 -26.74 -58.01 18.05
C HIS T 210 -25.99 -59.11 18.79
N ILE T 211 -26.09 -59.09 20.10
CA ILE T 211 -25.50 -60.18 20.92
C ILE T 211 -26.56 -60.60 21.94
N THR T 212 -26.61 -61.89 22.18
CA THR T 212 -27.46 -62.45 23.25
C THR T 212 -27.03 -63.89 23.43
N ASN T 213 -27.19 -64.37 24.64
CA ASN T 213 -26.96 -65.80 24.90
C ASN T 213 -28.30 -66.55 24.96
N THR T 214 -29.37 -65.97 24.44
CA THR T 214 -30.71 -66.59 24.54
C THR T 214 -31.22 -67.14 23.21
N ALA T 215 -30.48 -67.03 22.13
CA ALA T 215 -30.98 -67.37 20.79
C ALA T 215 -30.26 -68.65 20.29
N THR T 216 -31.06 -69.61 19.86
CA THR T 216 -30.59 -70.91 19.33
C THR T 216 -31.08 -71.10 17.90
N THR T 217 -30.22 -71.65 17.05
CA THR T 217 -30.59 -72.04 15.68
C THR T 217 -30.63 -73.56 15.60
N VAL T 218 -31.73 -74.08 15.09
CA VAL T 218 -31.85 -75.55 14.88
C VAL T 218 -31.20 -75.88 13.55
N LEU T 219 -30.38 -76.92 13.53
CA LEU T 219 -29.59 -77.26 12.33
C LEU T 219 -30.20 -78.44 11.55
N LEU T 220 -31.29 -79.00 12.03
CA LEU T 220 -31.98 -80.10 11.33
C LEU T 220 -32.58 -79.61 10.02
N ASP T 221 -32.54 -80.44 8.99
CA ASP T 221 -33.18 -80.12 7.70
C ASP T 221 -34.65 -80.56 7.71
N GLU T 222 -35.27 -80.56 6.54
CA GLU T 222 -36.71 -80.90 6.36
C GLU T 222 -37.02 -82.29 6.92
N PHE T 223 -36.04 -83.19 6.92
CA PHE T 223 -36.26 -84.58 7.36
C PHE T 223 -35.79 -84.82 8.80
N GLY T 224 -35.51 -83.76 9.55
CA GLY T 224 -35.07 -83.90 10.95
C GLY T 224 -33.62 -84.38 11.08
N VAL T 225 -32.80 -84.17 10.05
CA VAL T 225 -31.42 -84.67 10.06
C VAL T 225 -30.50 -83.45 10.08
N GLY T 226 -29.56 -83.44 11.00
CA GLY T 226 -28.55 -82.39 11.08
C GLY T 226 -27.31 -82.83 10.31
N PRO T 227 -26.29 -81.95 10.25
CA PRO T 227 -25.00 -82.36 9.70
C PRO T 227 -24.43 -83.58 10.45
N LEU T 228 -24.00 -84.57 9.68
CA LEU T 228 -23.38 -85.79 10.24
C LEU T 228 -21.88 -85.77 10.03
N CYS T 229 -21.13 -85.90 11.11
CA CYS T 229 -19.69 -85.54 11.16
C CYS T 229 -18.84 -86.70 10.66
N LYS T 230 -18.39 -86.62 9.41
CA LYS T 230 -17.55 -87.69 8.83
C LYS T 230 -16.23 -87.77 9.58
N GLY T 231 -15.87 -88.97 10.00
CA GLY T 231 -14.60 -89.15 10.73
C GLY T 231 -14.62 -88.58 12.14
N ASP T 232 -15.79 -88.25 12.69
CA ASP T 232 -15.91 -87.60 14.03
C ASP T 232 -15.23 -86.23 14.04
N ASN T 233 -15.42 -85.47 12.96
CA ASN T 233 -14.89 -84.10 12.86
C ASN T 233 -16.06 -83.15 12.55
N LEU T 234 -16.11 -82.08 13.31
CA LEU T 234 -17.06 -80.96 13.05
C LEU T 234 -16.30 -79.81 12.37
N TYR T 235 -16.84 -79.30 11.27
CA TYR T 235 -16.26 -78.15 10.56
C TYR T 235 -17.07 -76.88 10.84
N LEU T 236 -16.38 -75.86 11.34
CA LEU T 236 -16.93 -74.52 11.60
C LEU T 236 -16.20 -73.54 10.70
N SER T 237 -16.96 -72.63 10.06
CA SER T 237 -16.39 -71.62 9.16
C SER T 237 -17.05 -70.28 9.44
N ALA T 238 -16.34 -69.19 9.18
CA ALA T 238 -16.81 -67.86 9.59
C ALA T 238 -16.14 -66.79 8.77
N VAL T 239 -16.90 -65.75 8.48
CA VAL T 239 -16.32 -64.46 8.07
C VAL T 239 -17.07 -63.38 8.83
N ASP T 240 -16.35 -62.46 9.42
CA ASP T 240 -17.01 -61.33 10.10
C ASP T 240 -16.21 -60.07 9.77
N VAL T 241 -16.32 -59.66 8.53
CA VAL T 241 -15.79 -58.34 8.10
C VAL T 241 -16.80 -57.30 8.57
N CYS T 242 -16.43 -56.50 9.56
CA CYS T 242 -17.39 -55.56 10.17
C CYS T 242 -17.50 -54.26 9.37
N GLY T 243 -16.47 -53.91 8.62
CA GLY T 243 -16.42 -52.64 7.92
C GLY T 243 -14.98 -52.25 7.71
N MET T 244 -14.76 -50.99 7.40
CA MET T 244 -13.41 -50.45 7.23
C MET T 244 -13.10 -49.42 8.30
N PHE T 245 -11.87 -49.46 8.78
CA PHE T 245 -11.32 -48.39 9.64
C PHE T 245 -10.64 -47.35 8.75
N THR T 246 -10.90 -46.08 9.03
CA THR T 246 -10.26 -44.96 8.29
C THR T 246 -9.27 -44.28 9.21
N ASN T 247 -8.00 -44.26 8.83
CA ASN T 247 -7.11 -43.42 9.67
C ASN T 247 -6.97 -42.04 9.05
N ARG T 248 -6.17 -41.21 9.70
CA ARG T 248 -6.26 -39.75 9.46
C ARG T 248 -5.96 -39.41 8.01
N SER T 249 -4.99 -40.09 7.40
CA SER T 249 -4.61 -39.82 5.99
C SER T 249 -5.75 -40.15 5.03
N GLY T 250 -6.72 -40.96 5.47
CA GLY T 250 -7.80 -41.42 4.60
C GLY T 250 -7.64 -42.88 4.18
N SER T 251 -6.46 -43.48 4.35
CA SER T 251 -6.29 -44.91 4.02
C SER T 251 -7.30 -45.75 4.83
N GLN T 252 -7.78 -46.82 4.23
CA GLN T 252 -8.82 -47.66 4.85
C GLN T 252 -8.39 -49.10 4.86
N GLN T 253 -8.72 -49.73 5.96
CA GLN T 253 -8.34 -51.13 6.27
C GLN T 253 -9.61 -51.86 6.70
N TRP T 254 -9.80 -53.06 6.21
CA TRP T 254 -10.84 -53.95 6.75
C TRP T 254 -10.57 -54.23 8.23
N ARG T 255 -11.64 -54.35 9.01
CA ARG T 255 -11.57 -54.69 10.45
C ARG T 255 -12.53 -55.83 10.68
N GLY T 256 -12.03 -56.91 11.28
CA GLY T 256 -12.84 -58.10 11.55
C GLY T 256 -12.87 -58.42 13.02
N LEU T 257 -13.79 -59.30 13.38
CA LEU T 257 -13.93 -59.74 14.78
C LEU T 257 -14.11 -61.25 14.80
N SER T 258 -13.81 -61.82 15.96
CA SER T 258 -13.97 -63.26 16.20
C SER T 258 -15.44 -63.63 16.31
N ARG T 259 -15.72 -64.91 16.12
CA ARG T 259 -17.09 -65.46 16.22
C ARG T 259 -17.06 -66.64 17.17
N TYR T 260 -17.94 -66.60 18.15
CA TYR T 260 -18.20 -67.71 19.05
C TYR T 260 -19.16 -68.72 18.41
N PHE T 261 -18.89 -70.00 18.63
CA PHE T 261 -19.78 -71.10 18.26
C PHE T 261 -20.01 -71.98 19.47
N LYS T 262 -21.25 -72.39 19.69
CA LYS T 262 -21.55 -73.51 20.60
C LYS T 262 -22.49 -74.46 19.86
N VAL T 263 -22.04 -75.68 19.64
CA VAL T 263 -22.81 -76.67 18.86
C VAL T 263 -23.16 -77.83 19.80
N GLN T 264 -24.45 -78.16 19.86
CA GLN T 264 -24.92 -79.38 20.55
C GLN T 264 -25.03 -80.51 19.55
N LEU T 265 -24.49 -81.68 19.92
CA LEU T 265 -24.50 -82.83 18.99
C LEU T 265 -25.08 -84.06 19.69
N ARG T 266 -25.53 -85.01 18.88
CA ARG T 266 -26.10 -86.27 19.40
C ARG T 266 -25.70 -87.42 18.50
N LYS T 267 -25.64 -88.60 19.08
CA LYS T 267 -25.24 -89.81 18.31
C LYS T 267 -26.42 -90.30 17.48
N ARG T 268 -26.13 -90.61 16.22
CA ARG T 268 -27.12 -91.02 15.23
C ARG T 268 -26.59 -92.28 14.57
N ARG T 269 -27.43 -93.31 14.45
CA ARG T 269 -27.01 -94.51 13.69
C ARG T 269 -27.24 -94.29 12.20
N VAL T 270 -26.26 -94.72 11.42
CA VAL T 270 -26.32 -94.66 9.94
C VAL T 270 -25.86 -96.01 9.42
N LYS T 271 -26.00 -96.19 8.11
CA LYS T 271 -25.71 -97.50 7.50
C LYS T 271 -25.13 -97.27 6.11
N ASN T 272 -24.03 -97.98 5.83
CA ASN T 272 -23.20 -97.79 4.61
C ASN T 272 -22.53 -96.41 4.68
#